data_6I3R
#
_entry.id   6I3R
#
_entity_poly.entity_id   1
_entity_poly.type   'polypeptide(L)'
_entity_poly.pdbx_seq_one_letter_code
;GAMDIKSFLYQFCAKSQIEPKFDIRQTGPKNRQRFLCEVRVEPNTYIGVGNSTNKKDAEKNACRDFVNYLVRVGKLNTND
VPADAGASGGGPRTGLEGAGMAGGSGQQKRVFDGQSGPQDLGEAYRPLNHDGGDGGNRYSVIDRIQEQRDMNEAEAFDVN
AAIHGNWTIENAKERLNIYKQTNNIRDDYKYTPVGPEHARSFLAELSIYVPALNRTVTARESGSNKKSASKSCALSLVRQ
LFHLNVIEPFSGTLKKKKD
;
_entity_poly.pdbx_strand_id   A
#
# COMPACT_ATOMS: atom_id res chain seq x y z
N GLY A 1 4.22 15.00 -45.21
CA GLY A 1 4.47 13.64 -45.64
C GLY A 1 3.74 12.63 -44.78
N ALA A 2 3.62 12.95 -43.50
CA ALA A 2 2.91 12.10 -42.56
C ALA A 2 1.66 12.80 -42.07
N MET A 3 0.71 12.02 -41.55
CA MET A 3 -0.56 12.59 -41.08
C MET A 3 -0.52 12.84 -39.58
N ASP A 4 -1.32 13.79 -39.13
CA ASP A 4 -1.41 14.10 -37.70
C ASP A 4 -2.79 13.71 -37.16
N ILE A 5 -2.96 13.75 -35.86
CA ILE A 5 -4.23 13.37 -35.24
C ILE A 5 -5.35 14.30 -35.68
N LYS A 6 -5.01 15.56 -35.94
CA LYS A 6 -5.97 16.54 -36.42
C LYS A 6 -6.33 16.26 -37.88
N SER A 7 -5.37 15.69 -38.60
CA SER A 7 -5.56 15.35 -39.99
C SER A 7 -6.56 14.20 -40.16
N PHE A 8 -6.59 13.31 -39.17
CA PHE A 8 -7.47 12.14 -39.21
C PHE A 8 -8.94 12.55 -39.24
N LEU A 9 -9.30 13.54 -38.43
CA LEU A 9 -10.67 14.02 -38.39
C LEU A 9 -11.05 14.69 -39.69
N TYR A 10 -10.08 15.37 -40.31
CA TYR A 10 -10.30 15.99 -41.61
C TYR A 10 -10.66 14.93 -42.64
N GLN A 11 -9.84 13.88 -42.69
CA GLN A 11 -10.01 12.81 -43.66
C GLN A 11 -11.29 12.01 -43.38
N PHE A 12 -11.72 12.01 -42.12
CA PHE A 12 -12.94 11.32 -41.74
C PHE A 12 -14.15 11.99 -42.41
N CYS A 13 -14.29 13.29 -42.17
CA CYS A 13 -15.42 14.04 -42.73
C CYS A 13 -15.23 14.29 -44.23
N ALA A 14 -14.00 14.18 -44.70
CA ALA A 14 -13.67 14.41 -46.10
C ALA A 14 -14.43 13.46 -47.02
N LYS A 15 -14.86 12.33 -46.46
CA LYS A 15 -15.63 11.35 -47.23
C LYS A 15 -17.01 11.90 -47.58
N SER A 16 -17.45 12.87 -46.78
CA SER A 16 -18.70 13.57 -47.03
C SER A 16 -18.40 14.97 -47.60
N GLN A 17 -17.14 15.17 -48.02
CA GLN A 17 -16.70 16.42 -48.64
C GLN A 17 -16.81 17.59 -47.66
N ILE A 18 -16.64 17.30 -46.38
CA ILE A 18 -16.65 18.33 -45.35
C ILE A 18 -15.49 18.13 -44.39
N GLU A 19 -15.39 19.00 -43.39
CA GLU A 19 -14.36 18.88 -42.37
C GLU A 19 -14.96 19.18 -41.01
N PRO A 20 -14.31 18.72 -39.94
CA PRO A 20 -14.75 18.99 -38.57
C PRO A 20 -14.86 20.47 -38.29
N LYS A 21 -15.97 20.87 -37.72
CA LYS A 21 -16.19 22.27 -37.36
C LYS A 21 -15.62 22.53 -35.98
N PHE A 22 -14.68 23.44 -35.87
CA PHE A 22 -14.00 23.67 -34.61
C PHE A 22 -14.53 24.91 -33.90
N ASP A 23 -15.08 24.70 -32.72
CA ASP A 23 -15.54 25.78 -31.86
C ASP A 23 -14.58 25.88 -30.71
N ILE A 24 -13.64 26.79 -30.82
CA ILE A 24 -12.58 26.88 -29.85
C ILE A 24 -12.80 28.08 -28.95
N ARG A 25 -13.31 27.83 -27.75
CA ARG A 25 -13.63 28.89 -26.83
C ARG A 25 -12.45 29.23 -25.96
N GLN A 26 -12.02 30.47 -26.02
CA GLN A 26 -10.94 30.92 -25.17
C GLN A 26 -11.47 31.21 -23.78
N THR A 27 -11.18 30.32 -22.85
CA THR A 27 -11.60 30.47 -21.48
C THR A 27 -10.43 30.98 -20.66
N GLY A 28 -10.65 32.08 -19.95
CA GLY A 28 -9.57 32.70 -19.20
C GLY A 28 -9.60 32.34 -17.73
N PRO A 29 -8.69 31.47 -17.27
CA PRO A 29 -8.51 31.19 -15.86
C PRO A 29 -7.62 32.24 -15.19
N LYS A 30 -7.34 32.07 -13.91
CA LYS A 30 -6.53 33.06 -13.19
C LYS A 30 -5.04 32.84 -13.45
N ASN A 31 -4.65 31.59 -13.69
CA ASN A 31 -3.23 31.24 -13.80
C ASN A 31 -2.63 31.66 -15.15
N ARG A 32 -3.41 31.57 -16.21
CA ARG A 32 -2.93 31.82 -17.58
C ARG A 32 -4.13 31.98 -18.52
N GLN A 33 -4.10 31.25 -19.62
CA GLN A 33 -5.20 31.21 -20.57
C GLN A 33 -5.44 29.78 -20.99
N ARG A 34 -6.62 29.50 -21.52
CA ARG A 34 -6.94 28.15 -22.00
C ARG A 34 -7.88 28.21 -23.19
N PHE A 35 -7.52 27.51 -24.24
CA PHE A 35 -8.37 27.39 -25.41
C PHE A 35 -9.08 26.05 -25.38
N LEU A 36 -10.38 26.08 -25.17
CA LEU A 36 -11.18 24.86 -25.18
C LEU A 36 -11.67 24.59 -26.58
N CYS A 37 -11.11 23.57 -27.18
CA CYS A 37 -11.42 23.24 -28.55
C CYS A 37 -12.54 22.21 -28.59
N GLU A 38 -13.75 22.68 -28.84
CA GLU A 38 -14.91 21.81 -28.96
C GLU A 38 -15.18 21.54 -30.42
N VAL A 39 -15.10 20.30 -30.82
CA VAL A 39 -15.19 19.97 -32.25
C VAL A 39 -16.57 19.42 -32.62
N ARG A 40 -17.15 19.98 -33.67
CA ARG A 40 -18.41 19.50 -34.23
C ARG A 40 -18.09 18.47 -35.31
N VAL A 41 -18.50 17.25 -35.10
CA VAL A 41 -18.18 16.16 -36.02
C VAL A 41 -19.44 15.38 -36.35
N GLU A 42 -19.40 14.59 -37.42
CA GLU A 42 -20.48 13.68 -37.78
C GLU A 42 -20.86 12.84 -36.55
N PRO A 43 -21.99 12.08 -36.59
CA PRO A 43 -22.80 11.79 -35.44
C PRO A 43 -22.35 12.50 -34.16
N ASN A 44 -22.94 13.68 -33.99
CA ASN A 44 -22.51 14.68 -33.01
C ASN A 44 -23.06 14.34 -31.62
N THR A 45 -23.55 13.11 -31.46
CA THR A 45 -24.08 12.65 -30.18
C THR A 45 -23.08 12.86 -29.03
N TYR A 46 -21.81 13.00 -29.37
CA TYR A 46 -20.78 13.33 -28.41
C TYR A 46 -19.87 14.43 -28.98
N ILE A 47 -19.60 15.45 -28.17
CA ILE A 47 -18.73 16.54 -28.61
C ILE A 47 -17.33 16.33 -28.06
N GLY A 48 -16.33 16.40 -28.94
CA GLY A 48 -14.95 16.26 -28.53
C GLY A 48 -14.41 17.53 -27.91
N VAL A 49 -13.86 17.42 -26.71
CA VAL A 49 -13.41 18.59 -25.97
C VAL A 49 -11.91 18.51 -25.71
N GLY A 50 -11.16 19.43 -26.30
CA GLY A 50 -9.74 19.48 -26.07
C GLY A 50 -9.33 20.73 -25.31
N ASN A 51 -8.47 20.57 -24.32
CA ASN A 51 -8.08 21.70 -23.48
C ASN A 51 -6.57 21.92 -23.52
N SER A 52 -6.16 23.02 -24.13
CA SER A 52 -4.76 23.40 -24.12
C SER A 52 -4.65 24.89 -23.78
N THR A 53 -3.45 25.32 -23.45
CA THR A 53 -3.21 26.69 -23.07
C THR A 53 -3.37 27.63 -24.27
N ASN A 54 -2.95 27.15 -25.43
CA ASN A 54 -2.98 27.95 -26.66
C ASN A 54 -3.87 27.29 -27.70
N LYS A 55 -4.26 28.06 -28.73
CA LYS A 55 -5.13 27.53 -29.77
C LYS A 55 -4.40 26.47 -30.60
N LYS A 56 -3.14 26.75 -30.90
CA LYS A 56 -2.33 25.93 -31.78
C LYS A 56 -2.31 24.47 -31.33
N ASP A 57 -2.14 24.27 -30.03
CA ASP A 57 -2.05 22.92 -29.49
C ASP A 57 -3.42 22.40 -29.06
N ALA A 58 -4.37 23.30 -28.82
CA ALA A 58 -5.74 22.89 -28.50
C ALA A 58 -6.35 22.05 -29.63
N GLU A 59 -5.96 22.38 -30.86
CA GLU A 59 -6.39 21.60 -32.02
C GLU A 59 -5.96 20.15 -31.90
N LYS A 60 -4.78 19.95 -31.33
CA LYS A 60 -4.23 18.62 -31.12
C LYS A 60 -5.05 17.86 -30.08
N ASN A 61 -5.39 18.55 -28.99
CA ASN A 61 -6.12 17.95 -27.88
C ASN A 61 -7.53 17.54 -28.28
N ALA A 62 -8.25 18.44 -28.95
CA ALA A 62 -9.63 18.18 -29.35
C ALA A 62 -9.72 16.94 -30.21
N CYS A 63 -8.85 16.87 -31.22
CA CYS A 63 -8.84 15.75 -32.13
C CYS A 63 -8.50 14.46 -31.39
N ARG A 64 -7.44 14.49 -30.58
CA ARG A 64 -7.04 13.31 -29.80
C ARG A 64 -8.18 12.84 -28.91
N ASP A 65 -8.87 13.78 -28.29
CA ASP A 65 -9.94 13.47 -27.35
C ASP A 65 -11.09 12.72 -28.04
N PHE A 66 -11.60 13.27 -29.13
CA PHE A 66 -12.79 12.73 -29.77
C PHE A 66 -12.53 11.34 -30.36
N VAL A 67 -11.26 11.04 -30.65
CA VAL A 67 -10.87 9.74 -31.19
C VAL A 67 -11.24 8.61 -30.23
N ASN A 68 -11.29 8.90 -28.93
CA ASN A 68 -11.59 7.86 -27.95
C ASN A 68 -13.01 7.35 -28.16
N TYR A 69 -13.87 8.20 -28.68
CA TYR A 69 -15.23 7.82 -29.02
C TYR A 69 -15.27 7.26 -30.44
N LEU A 70 -14.50 7.89 -31.32
CA LEU A 70 -14.40 7.51 -32.72
C LEU A 70 -13.92 6.07 -32.88
N VAL A 71 -12.97 5.67 -32.03
CA VAL A 71 -12.46 4.31 -32.06
C VAL A 71 -13.42 3.34 -31.35
N ARG A 72 -14.13 3.84 -30.35
CA ARG A 72 -15.07 3.00 -29.61
C ARG A 72 -16.29 2.67 -30.44
N VAL A 73 -16.72 3.61 -31.29
CA VAL A 73 -17.80 3.35 -32.21
C VAL A 73 -17.32 2.49 -33.39
N GLY A 74 -16.01 2.31 -33.46
CA GLY A 74 -15.43 1.49 -34.51
C GLY A 74 -15.42 2.19 -35.85
N LYS A 75 -15.49 3.52 -35.82
CA LYS A 75 -15.47 4.31 -37.04
C LYS A 75 -14.04 4.67 -37.43
N LEU A 76 -13.21 4.92 -36.42
CA LEU A 76 -11.81 5.16 -36.64
C LEU A 76 -11.01 3.99 -36.08
N ASN A 77 -9.69 4.03 -36.21
CA ASN A 77 -8.87 2.89 -35.83
C ASN A 77 -8.04 3.20 -34.59
N THR A 78 -7.63 2.17 -33.87
CA THR A 78 -6.81 2.32 -32.67
C THR A 78 -5.38 2.70 -33.05
N ASN A 79 -5.08 2.60 -34.35
CA ASN A 79 -3.78 3.00 -34.87
C ASN A 79 -3.67 4.52 -34.92
N ASP A 80 -4.82 5.18 -34.90
CA ASP A 80 -4.87 6.63 -35.00
C ASP A 80 -4.72 7.27 -33.62
N VAL A 81 -4.90 6.46 -32.58
CA VAL A 81 -4.86 6.97 -31.21
C VAL A 81 -3.42 7.11 -30.71
N PRO A 82 -2.99 8.35 -30.38
CA PRO A 82 -1.63 8.63 -29.92
C PRO A 82 -1.40 8.20 -28.47
N ALA A 83 -0.57 7.19 -28.29
CA ALA A 83 -0.21 6.69 -26.97
C ALA A 83 1.16 7.20 -26.53
N ASP A 84 1.64 8.20 -27.26
CA ASP A 84 3.00 8.75 -27.08
C ASP A 84 3.40 8.93 -25.62
N ALA A 85 4.68 8.71 -25.36
CA ALA A 85 5.23 8.76 -24.00
C ALA A 85 6.02 10.03 -23.75
N GLY A 86 5.71 11.08 -24.52
CA GLY A 86 6.43 12.34 -24.42
C GLY A 86 6.33 12.96 -23.04
N ALA A 87 5.22 12.75 -22.36
CA ALA A 87 5.03 13.28 -21.01
C ALA A 87 5.31 12.21 -19.98
N SER A 88 5.80 12.63 -18.81
CA SER A 88 6.09 11.69 -17.74
C SER A 88 5.10 11.89 -16.59
N GLY A 89 5.21 11.05 -15.57
CA GLY A 89 4.30 11.11 -14.45
C GLY A 89 2.99 10.42 -14.75
N GLY A 90 3.07 9.20 -15.27
CA GLY A 90 1.89 8.46 -15.62
C GLY A 90 1.91 7.04 -15.08
N GLY A 91 3.03 6.66 -14.46
CA GLY A 91 3.14 5.32 -13.91
C GLY A 91 3.15 5.33 -12.39
N PRO A 92 2.07 4.87 -11.76
CA PRO A 92 1.96 4.80 -10.31
C PRO A 92 2.50 3.48 -9.76
N ARG A 93 2.54 3.34 -8.45
CA ARG A 93 2.97 2.10 -7.82
C ARG A 93 1.76 1.31 -7.35
N THR A 94 1.84 -0.01 -7.43
CA THR A 94 0.72 -0.87 -7.07
C THR A 94 0.55 -0.98 -5.56
N GLY A 95 1.63 -1.28 -4.86
CA GLY A 95 1.58 -1.40 -3.42
C GLY A 95 1.46 -2.85 -2.96
N LEU A 96 2.39 -3.28 -2.14
CA LEU A 96 2.38 -4.64 -1.60
C LEU A 96 2.11 -4.62 -0.10
N GLU A 97 0.93 -5.06 0.30
CA GLU A 97 0.58 -5.14 1.72
C GLU A 97 0.14 -6.55 2.09
N GLY A 98 0.57 -7.01 3.26
CA GLY A 98 0.20 -8.34 3.71
C GLY A 98 1.22 -8.96 4.65
N ALA A 99 1.40 -8.35 5.81
CA ALA A 99 2.31 -8.88 6.82
C ALA A 99 1.53 -9.60 7.91
N GLY A 100 2.13 -10.60 8.55
CA GLY A 100 1.45 -11.31 9.60
C GLY A 100 2.40 -12.01 10.56
N MET A 101 2.37 -11.63 11.82
CA MET A 101 3.18 -12.28 12.84
C MET A 101 2.29 -13.06 13.81
N ALA A 102 2.85 -14.11 14.39
CA ALA A 102 2.13 -14.96 15.33
C ALA A 102 3.11 -15.74 16.19
N GLY A 103 2.61 -16.47 17.17
CA GLY A 103 3.49 -17.25 18.02
C GLY A 103 2.82 -17.68 19.33
N GLY A 104 2.60 -18.98 19.46
CA GLY A 104 2.05 -19.53 20.68
C GLY A 104 3.13 -20.04 21.60
N SER A 105 2.85 -20.12 22.89
CA SER A 105 3.86 -20.52 23.86
C SER A 105 3.76 -22.02 24.16
N GLY A 106 2.56 -22.48 24.50
CA GLY A 106 2.38 -23.88 24.88
C GLY A 106 3.02 -24.18 26.22
N GLN A 107 2.36 -23.75 27.29
CA GLN A 107 2.89 -23.92 28.64
C GLN A 107 2.31 -25.16 29.31
N GLN A 108 2.02 -26.16 28.48
CA GLN A 108 1.43 -27.43 28.92
C GLN A 108 2.39 -28.21 29.84
N LYS A 109 3.67 -27.91 29.74
CA LYS A 109 4.69 -28.70 30.45
C LYS A 109 4.71 -28.41 31.94
N ARG A 110 3.98 -29.22 32.67
CA ARG A 110 4.03 -29.20 34.12
C ARG A 110 4.30 -30.62 34.61
N VAL A 111 5.40 -30.79 35.33
CA VAL A 111 5.82 -32.12 35.76
C VAL A 111 5.89 -32.19 37.27
N PHE A 112 6.05 -33.40 37.79
CA PHE A 112 6.21 -33.62 39.20
C PHE A 112 7.32 -34.64 39.43
N ASP A 113 7.95 -34.59 40.60
CA ASP A 113 9.07 -35.49 40.89
C ASP A 113 8.56 -36.88 41.21
N GLY A 114 7.53 -36.95 42.04
CA GLY A 114 7.03 -38.23 42.47
C GLY A 114 7.99 -38.93 43.41
N GLN A 115 8.60 -38.16 44.29
CA GLN A 115 9.62 -38.66 45.19
C GLN A 115 9.02 -39.05 46.53
N SER A 116 9.56 -40.11 47.12
CA SER A 116 9.14 -40.56 48.44
C SER A 116 10.22 -40.19 49.46
N GLY A 117 9.83 -40.06 50.72
CA GLY A 117 10.77 -39.71 51.77
C GLY A 117 11.79 -40.80 52.03
N PRO A 118 13.09 -40.44 52.01
CA PRO A 118 14.17 -41.40 52.23
C PRO A 118 14.30 -41.81 53.69
N GLN A 119 14.18 -43.10 53.95
CA GLN A 119 14.37 -43.64 55.29
C GLN A 119 15.83 -44.04 55.47
N ASP A 120 16.35 -43.89 56.68
CA ASP A 120 17.75 -44.18 56.92
C ASP A 120 17.92 -45.27 57.97
N LEU A 121 18.20 -46.47 57.50
CA LEU A 121 18.55 -47.57 58.39
C LEU A 121 20.07 -47.77 58.40
N GLY A 122 20.75 -46.96 57.59
CA GLY A 122 22.17 -47.13 57.37
C GLY A 122 23.00 -46.53 58.48
N GLU A 123 22.52 -45.43 59.08
CA GLU A 123 23.25 -44.78 60.17
C GLU A 123 23.31 -45.67 61.40
N ALA A 124 22.46 -46.70 61.43
CA ALA A 124 22.47 -47.67 62.51
C ALA A 124 23.56 -48.72 62.30
N TYR A 125 24.23 -48.63 61.16
CA TYR A 125 25.30 -49.57 60.81
C TYR A 125 26.54 -48.80 60.37
N ARG A 126 26.87 -47.74 61.11
CA ARG A 126 28.03 -46.91 60.79
C ARG A 126 29.32 -47.74 60.82
N PRO A 127 30.16 -47.61 59.78
CA PRO A 127 31.42 -48.36 59.67
C PRO A 127 32.36 -48.11 60.84
N LEU A 128 33.24 -49.07 61.10
CA LEU A 128 34.19 -48.96 62.19
C LEU A 128 35.62 -48.87 61.65
N ASN A 129 36.52 -48.37 62.48
CA ASN A 129 37.92 -48.26 62.09
C ASN A 129 38.68 -49.48 62.57
N HIS A 130 39.58 -49.98 61.73
CA HIS A 130 40.41 -51.11 62.09
C HIS A 130 41.86 -50.82 61.73
N ASP A 131 42.77 -51.20 62.62
CA ASP A 131 44.19 -50.98 62.39
C ASP A 131 44.80 -52.20 61.70
N GLY A 132 45.34 -51.99 60.52
CA GLY A 132 45.91 -53.08 59.76
C GLY A 132 47.42 -52.98 59.69
N GLY A 133 48.10 -53.54 60.68
CA GLY A 133 49.55 -53.51 60.72
C GLY A 133 50.13 -54.88 60.95
N ASP A 134 51.31 -55.12 60.38
CA ASP A 134 51.98 -56.42 60.48
C ASP A 134 52.57 -56.63 61.87
N GLY A 135 52.64 -55.55 62.65
CA GLY A 135 53.27 -55.61 63.95
C GLY A 135 54.71 -55.14 63.87
N GLY A 136 54.88 -53.82 63.83
CA GLY A 136 56.20 -53.25 63.65
C GLY A 136 57.10 -53.35 64.86
N ASN A 137 56.66 -54.14 65.84
CA ASN A 137 57.47 -54.43 67.01
C ASN A 137 58.82 -54.97 66.61
N ARG A 138 58.81 -56.21 66.09
CA ARG A 138 59.99 -56.88 65.51
C ARG A 138 61.32 -56.43 66.12
N TYR A 139 61.51 -56.70 67.40
CA TYR A 139 62.76 -56.37 68.06
C TYR A 139 63.67 -57.60 68.05
N SER A 140 63.48 -58.42 67.03
CA SER A 140 64.24 -59.65 66.86
C SER A 140 65.61 -59.38 66.24
N VAL A 141 66.04 -58.12 66.30
CA VAL A 141 67.28 -57.70 65.65
C VAL A 141 68.26 -57.14 66.68
N ILE A 142 67.86 -57.14 67.95
CA ILE A 142 68.69 -56.60 69.02
C ILE A 142 69.27 -57.75 69.86
N ASP A 143 70.59 -57.91 69.76
CA ASP A 143 71.28 -59.00 70.45
C ASP A 143 72.18 -58.46 71.56
N ARG A 144 72.86 -57.36 71.28
CA ARG A 144 73.93 -56.86 72.12
C ARG A 144 73.39 -56.36 73.47
N ILE A 145 72.12 -55.99 73.51
CA ILE A 145 71.50 -55.54 74.76
C ILE A 145 70.69 -56.67 75.39
N GLN A 146 70.67 -57.82 74.72
CA GLN A 146 69.92 -58.98 75.20
C GLN A 146 70.83 -59.87 76.03
N GLU A 147 72.13 -59.62 75.92
CA GLU A 147 73.13 -60.32 76.71
C GLU A 147 73.15 -59.74 78.13
N GLN A 148 72.23 -58.83 78.41
CA GLN A 148 72.18 -58.15 79.69
C GLN A 148 71.59 -59.03 80.77
N ARG A 149 72.33 -59.17 81.86
CA ARG A 149 71.88 -59.96 83.00
C ARG A 149 70.86 -59.19 83.83
N ASP A 150 71.03 -57.87 83.88
CA ASP A 150 70.28 -57.02 84.81
C ASP A 150 68.80 -56.96 84.46
N MET A 151 68.45 -57.22 83.21
CA MET A 151 67.05 -57.26 82.81
C MET A 151 66.31 -58.34 83.59
N ASN A 152 66.86 -59.55 83.53
CA ASN A 152 66.27 -60.69 84.23
C ASN A 152 66.36 -60.45 85.73
N GLU A 153 67.50 -59.92 86.15
CA GLU A 153 67.80 -59.63 87.55
C GLU A 153 66.78 -58.66 88.15
N ALA A 154 66.38 -57.68 87.34
CA ALA A 154 65.38 -56.70 87.76
C ALA A 154 63.99 -57.31 87.79
N GLU A 155 63.73 -58.18 86.82
CA GLU A 155 62.42 -58.77 86.66
C GLU A 155 62.08 -59.66 87.85
N ALA A 156 62.88 -60.69 88.07
CA ALA A 156 62.71 -61.58 89.21
C ALA A 156 63.87 -62.53 89.33
N PHE A 157 63.61 -63.68 89.94
CA PHE A 157 64.66 -64.63 90.26
C PHE A 157 64.75 -65.79 89.31
N ASP A 158 65.99 -66.20 89.08
CA ASP A 158 66.28 -67.32 88.21
C ASP A 158 65.80 -68.62 88.83
N VAL A 159 65.77 -68.65 90.16
CA VAL A 159 65.37 -69.84 90.90
C VAL A 159 63.93 -70.24 90.56
N ASN A 160 63.11 -69.27 90.20
CA ASN A 160 61.73 -69.56 89.82
C ASN A 160 61.64 -69.83 88.32
N ALA A 161 62.49 -69.14 87.56
CA ALA A 161 62.54 -69.33 86.12
C ALA A 161 63.05 -70.72 85.77
N ALA A 162 63.89 -71.27 86.64
CA ALA A 162 64.49 -72.58 86.44
C ALA A 162 63.43 -73.67 86.25
N ILE A 163 62.33 -73.56 86.98
CA ILE A 163 61.27 -74.57 86.92
C ILE A 163 60.45 -74.42 85.64
N HIS A 164 60.61 -73.30 84.96
CA HIS A 164 59.95 -73.07 83.68
C HIS A 164 60.88 -73.44 82.54
N GLY A 165 62.17 -73.49 82.84
CA GLY A 165 63.16 -73.75 81.82
C GLY A 165 63.95 -72.50 81.49
N ASN A 166 64.26 -71.71 82.54
CA ASN A 166 64.98 -70.45 82.40
C ASN A 166 64.09 -69.41 81.71
N TRP A 167 62.78 -69.64 81.77
CA TRP A 167 61.83 -68.77 81.12
C TRP A 167 61.32 -67.71 82.06
N THR A 168 61.58 -66.46 81.71
CA THR A 168 61.09 -65.33 82.47
C THR A 168 59.99 -64.62 81.68
N ILE A 169 59.55 -63.46 82.16
CA ILE A 169 58.37 -62.79 81.62
C ILE A 169 58.60 -62.20 80.23
N GLU A 170 59.37 -61.11 80.15
CA GLU A 170 59.52 -60.39 78.88
C GLU A 170 60.35 -61.18 77.87
N ASN A 171 61.20 -62.08 78.36
CA ASN A 171 62.01 -62.91 77.47
C ASN A 171 61.13 -63.87 76.67
N ALA A 172 59.96 -64.18 77.22
CA ALA A 172 59.04 -65.12 76.59
C ALA A 172 58.25 -64.46 75.47
N LYS A 173 58.11 -63.14 75.53
CA LYS A 173 57.26 -62.42 74.58
C LYS A 173 57.81 -62.50 73.16
N GLU A 174 59.12 -62.31 73.01
CA GLU A 174 59.74 -62.38 71.69
C GLU A 174 59.75 -63.81 71.18
N ARG A 175 59.81 -64.77 72.09
CA ARG A 175 59.77 -66.18 71.72
C ARG A 175 58.37 -66.53 71.22
N LEU A 176 57.36 -65.90 71.79
CA LEU A 176 55.99 -66.05 71.35
C LEU A 176 55.83 -65.46 69.96
N ASN A 177 56.52 -64.35 69.73
CA ASN A 177 56.56 -63.71 68.41
C ASN A 177 57.02 -64.69 67.34
N ILE A 178 57.93 -65.56 67.73
CA ILE A 178 58.48 -66.54 66.84
C ILE A 178 57.53 -67.73 66.67
N TYR A 179 56.78 -68.05 67.71
CA TYR A 179 55.80 -69.13 67.63
C TYR A 179 54.71 -68.78 66.61
N LYS A 180 54.22 -67.55 66.69
CA LYS A 180 53.20 -67.07 65.77
C LYS A 180 53.74 -66.95 64.35
N GLN A 181 55.00 -66.55 64.20
CA GLN A 181 55.57 -66.37 62.87
C GLN A 181 55.84 -67.71 62.21
N THR A 182 56.22 -68.70 63.02
CA THR A 182 56.49 -70.04 62.51
C THR A 182 55.19 -70.77 62.15
N ASN A 183 54.16 -70.57 62.96
CA ASN A 183 52.87 -71.21 62.71
C ASN A 183 52.02 -70.42 61.72
N ASN A 184 52.50 -69.23 61.36
CA ASN A 184 51.84 -68.39 60.37
C ASN A 184 50.43 -68.00 60.84
N ILE A 185 50.30 -67.75 62.13
CA ILE A 185 49.02 -67.41 62.71
C ILE A 185 48.92 -65.91 62.96
N ARG A 186 47.70 -65.38 62.86
CA ARG A 186 47.45 -63.96 63.05
C ARG A 186 46.61 -63.73 64.30
N ASP A 187 47.19 -63.07 65.29
CA ASP A 187 46.49 -62.76 66.52
C ASP A 187 47.09 -61.50 67.14
N ASP A 188 46.64 -61.15 68.33
CA ASP A 188 47.08 -59.94 69.02
C ASP A 188 46.50 -59.95 70.44
N TYR A 189 47.16 -59.24 71.34
CA TYR A 189 46.69 -59.17 72.72
C TYR A 189 45.39 -58.40 72.79
N LYS A 190 44.35 -59.02 73.31
CA LYS A 190 43.09 -58.33 73.51
C LYS A 190 43.22 -57.42 74.72
N TYR A 191 43.66 -56.21 74.46
CA TYR A 191 43.82 -55.23 75.51
C TYR A 191 42.48 -54.67 75.93
N THR A 192 41.91 -55.26 76.96
CA THR A 192 40.61 -54.87 77.47
C THR A 192 40.76 -53.73 78.50
N PRO A 193 40.30 -52.52 78.12
CA PRO A 193 40.43 -51.34 78.96
C PRO A 193 39.46 -51.34 80.14
N VAL A 194 39.98 -50.99 81.31
CA VAL A 194 39.18 -50.93 82.53
C VAL A 194 38.83 -49.46 82.81
N GLY A 195 37.96 -49.24 83.79
CA GLY A 195 37.57 -47.89 84.14
C GLY A 195 38.71 -46.99 84.57
N PRO A 196 38.43 -45.70 84.84
CA PRO A 196 39.45 -44.70 85.19
C PRO A 196 40.06 -44.91 86.59
N GLU A 197 40.53 -43.82 87.20
CA GLU A 197 41.24 -43.85 88.48
C GLU A 197 40.55 -44.73 89.52
N HIS A 198 39.23 -44.72 89.55
CA HIS A 198 38.45 -45.49 90.52
C HIS A 198 38.73 -47.00 90.39
N ALA A 199 39.14 -47.42 89.20
CA ALA A 199 39.43 -48.83 88.94
C ALA A 199 40.62 -48.94 88.00
N ARG A 200 41.63 -48.12 88.25
CA ARG A 200 42.79 -48.00 87.37
C ARG A 200 43.52 -49.34 87.23
N SER A 201 43.28 -50.02 86.12
CA SER A 201 43.95 -51.27 85.80
C SER A 201 43.79 -51.54 84.31
N PHE A 202 44.35 -52.63 83.83
CA PHE A 202 44.17 -53.02 82.43
C PHE A 202 44.20 -54.53 82.29
N LEU A 203 43.31 -55.05 81.46
CA LEU A 203 43.27 -56.48 81.18
C LEU A 203 43.85 -56.77 79.79
N ALA A 204 44.42 -57.94 79.64
CA ALA A 204 44.97 -58.35 78.36
C ALA A 204 44.94 -59.86 78.21
N GLU A 205 44.01 -60.35 77.42
CA GLU A 205 43.96 -61.77 77.11
C GLU A 205 44.57 -62.03 75.74
N LEU A 206 45.46 -63.00 75.68
CA LEU A 206 46.09 -63.37 74.43
C LEU A 206 45.75 -64.81 74.07
N SER A 207 45.63 -65.08 72.79
CA SER A 207 45.32 -66.40 72.32
C SER A 207 46.29 -66.80 71.22
N ILE A 208 46.62 -68.07 71.16
CA ILE A 208 47.31 -68.59 70.00
C ILE A 208 46.28 -69.25 69.13
N TYR A 209 46.33 -68.96 67.84
CA TYR A 209 45.34 -69.45 66.91
C TYR A 209 45.65 -70.91 66.64
N VAL A 210 44.62 -71.70 66.35
CA VAL A 210 44.72 -73.16 66.34
C VAL A 210 45.97 -73.64 65.61
N PRO A 211 46.95 -74.13 66.38
CA PRO A 211 48.24 -74.54 65.84
C PRO A 211 48.15 -75.83 65.02
N ALA A 212 49.30 -76.30 64.54
CA ALA A 212 49.36 -77.53 63.75
C ALA A 212 48.99 -78.75 64.58
N LEU A 213 48.93 -78.58 65.90
CA LEU A 213 48.56 -79.66 66.80
C LEU A 213 47.06 -79.61 67.12
N ASN A 214 46.37 -78.66 66.49
CA ASN A 214 44.93 -78.44 66.68
C ASN A 214 44.55 -78.45 68.16
N ARG A 215 44.90 -77.38 68.84
CA ARG A 215 44.57 -77.23 70.26
C ARG A 215 44.15 -75.81 70.54
N THR A 216 43.67 -75.57 71.74
CA THR A 216 43.24 -74.25 72.15
C THR A 216 44.14 -73.73 73.28
N VAL A 217 45.05 -72.84 72.95
CA VAL A 217 45.97 -72.29 73.94
C VAL A 217 45.78 -70.78 74.06
N THR A 218 45.31 -70.34 75.22
CA THR A 218 45.04 -68.94 75.45
C THR A 218 45.24 -68.62 76.94
N ALA A 219 45.50 -67.35 77.23
CA ALA A 219 45.67 -66.91 78.61
C ALA A 219 45.03 -65.54 78.82
N ARG A 220 44.42 -65.37 79.98
CA ARG A 220 43.73 -64.14 80.30
C ARG A 220 44.28 -63.58 81.60
N GLU A 221 45.06 -62.51 81.52
CA GLU A 221 45.68 -61.91 82.69
C GLU A 221 45.45 -60.42 82.75
N SER A 222 45.94 -59.82 83.83
CA SER A 222 45.72 -58.41 84.10
C SER A 222 47.03 -57.71 84.46
N GLY A 223 47.02 -56.39 84.44
CA GLY A 223 48.18 -55.63 84.84
C GLY A 223 47.81 -54.21 85.23
N SER A 224 48.78 -53.49 85.79
CA SER A 224 48.55 -52.10 86.22
C SER A 224 48.72 -51.14 85.04
N ASN A 225 49.10 -51.69 83.89
CA ASN A 225 49.36 -50.90 82.69
C ASN A 225 49.05 -51.76 81.48
N LYS A 226 48.66 -51.12 80.38
CA LYS A 226 48.35 -51.80 79.13
C LYS A 226 49.50 -52.72 78.70
N LYS A 227 50.72 -52.23 78.91
CA LYS A 227 51.91 -53.00 78.56
C LYS A 227 52.25 -54.03 79.64
N SER A 228 51.92 -53.70 80.89
CA SER A 228 52.20 -54.59 82.01
C SER A 228 51.27 -55.79 82.00
N ALA A 229 50.04 -55.59 81.52
CA ALA A 229 49.10 -56.69 81.38
C ALA A 229 49.61 -57.68 80.34
N SER A 230 50.29 -57.14 79.34
CA SER A 230 50.88 -57.93 78.27
C SER A 230 52.06 -58.74 78.80
N LYS A 231 52.62 -58.32 79.94
CA LYS A 231 53.73 -59.04 80.55
C LYS A 231 53.22 -60.36 81.15
N SER A 232 52.29 -60.23 82.09
CA SER A 232 51.74 -61.39 82.80
C SER A 232 51.04 -62.35 81.84
N CYS A 233 50.46 -61.80 80.78
CA CYS A 233 49.70 -62.59 79.83
C CYS A 233 50.61 -63.55 79.06
N ALA A 234 51.85 -63.14 78.84
CA ALA A 234 52.79 -63.93 78.05
C ALA A 234 53.46 -64.99 78.91
N LEU A 235 53.69 -64.67 80.17
CA LEU A 235 54.39 -65.56 81.09
C LEU A 235 53.50 -66.75 81.45
N SER A 236 52.20 -66.51 81.52
CA SER A 236 51.26 -67.56 81.85
C SER A 236 51.07 -68.51 80.67
N LEU A 237 51.25 -68.00 79.46
CA LEU A 237 51.11 -68.80 78.25
C LEU A 237 52.21 -69.85 78.13
N VAL A 238 53.31 -69.63 78.84
CA VAL A 238 54.44 -70.58 78.82
C VAL A 238 53.97 -71.97 79.22
N ARG A 239 53.08 -72.05 80.21
CA ARG A 239 52.54 -73.32 80.67
C ARG A 239 51.50 -73.86 79.69
N GLN A 240 50.75 -72.96 79.10
CA GLN A 240 49.70 -73.32 78.15
C GLN A 240 50.31 -73.85 76.85
N LEU A 241 51.43 -73.26 76.43
CA LEU A 241 52.12 -73.72 75.24
C LEU A 241 52.93 -74.97 75.54
N PHE A 242 53.27 -75.15 76.82
CA PHE A 242 53.95 -76.34 77.28
C PHE A 242 53.02 -77.56 77.12
N HIS A 243 51.74 -77.28 76.93
CA HIS A 243 50.76 -78.32 76.68
C HIS A 243 51.03 -78.97 75.33
N LEU A 244 51.48 -78.16 74.37
CA LEU A 244 51.91 -78.70 73.08
C LEU A 244 53.35 -79.18 73.21
N ASN A 245 54.03 -78.63 74.21
CA ASN A 245 55.38 -79.05 74.60
C ASN A 245 56.36 -78.54 73.56
N VAL A 246 56.07 -77.35 73.07
CA VAL A 246 56.78 -76.78 71.96
C VAL A 246 57.38 -75.41 72.27
N ILE A 247 58.68 -75.37 72.47
CA ILE A 247 59.40 -74.12 72.55
C ILE A 247 60.88 -74.37 72.80
N GLU A 248 61.72 -73.60 72.13
CA GLU A 248 63.17 -73.74 72.25
C GLU A 248 63.61 -73.34 73.66
N PRO A 249 64.15 -74.31 74.43
CA PRO A 249 64.50 -74.10 75.84
C PRO A 249 65.44 -72.92 76.06
N PHE A 250 65.21 -72.18 77.12
CA PHE A 250 66.00 -71.01 77.43
C PHE A 250 67.18 -71.40 78.33
N SER A 251 68.15 -70.51 78.45
CA SER A 251 69.31 -70.76 79.29
C SER A 251 69.80 -69.46 79.93
N GLY A 252 69.69 -69.39 81.26
CA GLY A 252 70.14 -68.22 81.97
C GLY A 252 71.40 -68.50 82.76
N THR A 253 72.41 -67.68 82.56
CA THR A 253 73.66 -67.82 83.27
C THR A 253 73.63 -67.05 84.59
N LEU A 254 73.23 -67.74 85.66
CA LEU A 254 73.22 -67.15 86.99
C LEU A 254 74.66 -66.84 87.42
N LYS A 255 74.95 -65.56 87.60
CA LYS A 255 76.29 -65.14 87.95
C LYS A 255 76.43 -64.94 89.45
N LYS A 256 75.48 -64.24 90.05
CA LYS A 256 75.56 -63.93 91.47
C LYS A 256 74.42 -64.59 92.23
N LYS A 257 74.74 -65.18 93.38
CA LYS A 257 73.72 -65.70 94.26
C LYS A 257 73.89 -65.08 95.65
N LYS A 258 72.83 -64.43 96.11
CA LYS A 258 72.89 -63.63 97.32
C LYS A 258 72.59 -64.49 98.55
N ASP A 259 73.62 -64.75 99.34
CA ASP A 259 73.50 -65.57 100.54
C ASP A 259 72.76 -64.82 101.64
N GLY A 1 5.88 12.28 -45.85
CA GLY A 1 4.78 11.98 -44.96
C GLY A 1 4.37 13.17 -44.13
N ALA A 2 4.61 13.08 -42.82
CA ALA A 2 4.28 14.15 -41.88
C ALA A 2 2.79 14.50 -41.95
N MET A 3 1.97 13.67 -41.34
CA MET A 3 0.53 13.90 -41.32
C MET A 3 0.13 14.48 -39.97
N ASP A 4 -1.03 15.12 -39.94
CA ASP A 4 -1.53 15.75 -38.73
C ASP A 4 -2.74 14.97 -38.21
N ILE A 5 -2.94 14.97 -36.91
CA ILE A 5 -4.06 14.27 -36.32
C ILE A 5 -5.38 14.93 -36.71
N LYS A 6 -5.35 16.25 -36.92
CA LYS A 6 -6.57 16.97 -37.31
C LYS A 6 -6.90 16.68 -38.76
N SER A 7 -5.89 16.26 -39.51
CA SER A 7 -6.09 15.84 -40.89
C SER A 7 -6.98 14.60 -40.95
N PHE A 8 -6.86 13.75 -39.91
CA PHE A 8 -7.67 12.54 -39.83
C PHE A 8 -9.13 12.88 -39.57
N LEU A 9 -9.37 13.99 -38.86
CA LEU A 9 -10.73 14.45 -38.63
C LEU A 9 -11.34 14.94 -39.93
N TYR A 10 -10.54 15.62 -40.75
CA TYR A 10 -10.97 16.03 -42.08
C TYR A 10 -11.21 14.80 -42.95
N GLN A 11 -10.34 13.81 -42.84
CA GLN A 11 -10.46 12.56 -43.58
C GLN A 11 -11.71 11.80 -43.14
N PHE A 12 -12.03 11.90 -41.86
CA PHE A 12 -13.23 11.27 -41.31
C PHE A 12 -14.46 11.98 -41.87
N CYS A 13 -14.38 13.30 -42.00
CA CYS A 13 -15.44 14.09 -42.60
C CYS A 13 -15.57 13.78 -44.10
N ALA A 14 -14.47 13.36 -44.71
CA ALA A 14 -14.46 13.03 -46.13
C ALA A 14 -15.28 11.78 -46.42
N LYS A 15 -15.69 11.08 -45.37
CA LYS A 15 -16.58 9.94 -45.51
C LYS A 15 -17.98 10.43 -45.91
N SER A 16 -18.24 11.69 -45.61
CA SER A 16 -19.48 12.35 -45.99
C SER A 16 -19.18 13.48 -46.98
N GLN A 17 -17.90 13.62 -47.32
CA GLN A 17 -17.42 14.66 -48.25
C GLN A 17 -17.71 16.07 -47.73
N ILE A 18 -17.71 16.22 -46.41
CA ILE A 18 -17.92 17.51 -45.78
C ILE A 18 -16.71 17.90 -44.93
N GLU A 19 -16.78 19.05 -44.27
CA GLU A 19 -15.63 19.54 -43.52
C GLU A 19 -15.98 19.72 -42.04
N PRO A 20 -14.99 19.53 -41.15
CA PRO A 20 -15.16 19.68 -39.70
C PRO A 20 -15.18 21.14 -39.27
N LYS A 21 -16.06 21.49 -38.33
CA LYS A 21 -16.11 22.84 -37.81
C LYS A 21 -15.30 22.95 -36.52
N PHE A 22 -14.14 23.57 -36.60
CA PHE A 22 -13.33 23.81 -35.41
C PHE A 22 -13.71 25.15 -34.79
N ASP A 23 -13.88 25.15 -33.47
CA ASP A 23 -14.27 26.35 -32.76
C ASP A 23 -13.36 26.54 -31.57
N ILE A 24 -12.38 27.39 -31.73
CA ILE A 24 -11.44 27.68 -30.67
C ILE A 24 -12.05 28.69 -29.70
N ARG A 25 -12.39 28.21 -28.52
CA ARG A 25 -13.04 29.02 -27.52
C ARG A 25 -12.10 29.24 -26.33
N GLN A 26 -11.64 30.46 -26.17
CA GLN A 26 -10.72 30.78 -25.09
C GLN A 26 -11.49 31.08 -23.81
N THR A 27 -11.54 30.10 -22.92
CA THR A 27 -12.14 30.31 -21.62
C THR A 27 -11.09 30.87 -20.66
N GLY A 28 -11.19 32.15 -20.37
CA GLY A 28 -10.19 32.81 -19.57
C GLY A 28 -10.61 33.00 -18.12
N PRO A 29 -9.99 32.25 -17.20
CA PRO A 29 -10.11 32.50 -15.76
C PRO A 29 -9.19 33.65 -15.34
N LYS A 30 -9.21 33.98 -14.06
CA LYS A 30 -8.34 35.04 -13.56
C LYS A 30 -6.93 34.49 -13.31
N ASN A 31 -6.87 33.23 -12.90
CA ASN A 31 -5.59 32.63 -12.49
C ASN A 31 -4.70 32.29 -13.69
N ARG A 32 -5.32 31.92 -14.81
CA ARG A 32 -4.59 31.53 -16.00
C ARG A 32 -5.49 31.67 -17.22
N GLN A 33 -5.18 30.90 -18.24
CA GLN A 33 -5.98 30.83 -19.45
C GLN A 33 -6.04 29.39 -19.93
N ARG A 34 -7.14 29.02 -20.57
CA ARG A 34 -7.27 27.69 -21.14
C ARG A 34 -8.10 27.73 -22.41
N PHE A 35 -7.55 27.20 -23.48
CA PHE A 35 -8.22 27.16 -24.77
C PHE A 35 -9.02 25.86 -24.91
N LEU A 36 -10.26 25.99 -25.31
CA LEU A 36 -11.09 24.84 -25.63
C LEU A 36 -11.38 24.83 -27.11
N CYS A 37 -11.08 23.72 -27.77
CA CYS A 37 -11.38 23.60 -29.18
C CYS A 37 -12.54 22.64 -29.37
N GLU A 38 -13.72 23.20 -29.58
CA GLU A 38 -14.91 22.41 -29.82
C GLU A 38 -14.96 22.02 -31.29
N VAL A 39 -14.77 20.74 -31.58
CA VAL A 39 -14.72 20.28 -32.96
C VAL A 39 -16.06 19.69 -33.39
N ARG A 40 -16.64 20.27 -34.42
CA ARG A 40 -17.89 19.76 -34.96
C ARG A 40 -17.64 18.83 -36.13
N VAL A 41 -17.63 17.56 -35.80
CA VAL A 41 -17.76 16.48 -36.75
C VAL A 41 -18.85 15.62 -36.18
N GLU A 42 -19.90 15.33 -36.93
CA GLU A 42 -21.11 14.85 -36.30
C GLU A 42 -21.27 13.34 -36.23
N PRO A 43 -21.02 12.77 -35.04
CA PRO A 43 -21.84 11.76 -34.47
C PRO A 43 -22.57 12.41 -33.30
N ASN A 44 -23.83 12.80 -33.51
CA ASN A 44 -24.52 13.77 -32.63
C ASN A 44 -24.66 13.32 -31.17
N THR A 45 -24.06 12.19 -30.83
CA THR A 45 -24.01 11.76 -29.45
C THR A 45 -22.84 12.43 -28.70
N TYR A 46 -21.78 12.77 -29.43
CA TYR A 46 -20.58 13.31 -28.80
C TYR A 46 -19.95 14.44 -29.62
N ILE A 47 -19.50 15.49 -28.93
CA ILE A 47 -18.77 16.58 -29.55
C ILE A 47 -17.34 16.60 -28.97
N GLY A 48 -16.34 16.85 -29.81
CA GLY A 48 -14.97 16.79 -29.34
C GLY A 48 -14.50 18.10 -28.75
N VAL A 49 -14.56 18.20 -27.43
CA VAL A 49 -14.08 19.38 -26.72
C VAL A 49 -12.65 19.15 -26.24
N GLY A 50 -11.69 19.71 -26.97
CA GLY A 50 -10.31 19.56 -26.61
C GLY A 50 -9.81 20.76 -25.82
N ASN A 51 -9.39 20.53 -24.59
CA ASN A 51 -9.00 21.62 -23.71
C ASN A 51 -7.52 21.52 -23.33
N SER A 52 -6.83 22.65 -23.43
CA SER A 52 -5.43 22.74 -23.02
C SER A 52 -5.07 24.18 -22.69
N THR A 53 -3.86 24.40 -22.20
CA THR A 53 -3.44 25.71 -21.73
C THR A 53 -3.29 26.70 -22.87
N ASN A 54 -2.70 26.25 -23.97
CA ASN A 54 -2.48 27.12 -25.12
C ASN A 54 -3.32 26.66 -26.29
N LYS A 55 -3.34 27.45 -27.35
CA LYS A 55 -4.14 27.14 -28.52
C LYS A 55 -3.60 25.90 -29.24
N LYS A 56 -2.28 25.81 -29.33
CA LYS A 56 -1.62 24.73 -30.07
C LYS A 56 -1.96 23.37 -29.47
N ASP A 57 -1.70 23.22 -28.19
CA ASP A 57 -2.00 21.97 -27.49
C ASP A 57 -3.50 21.74 -27.41
N ALA A 58 -4.26 22.82 -27.42
CA ALA A 58 -5.72 22.73 -27.47
C ALA A 58 -6.20 22.06 -28.75
N GLU A 59 -5.68 22.51 -29.90
CA GLU A 59 -6.02 21.90 -31.19
C GLU A 59 -5.68 20.42 -31.17
N LYS A 60 -4.54 20.11 -30.55
CA LYS A 60 -4.07 18.75 -30.42
C LYS A 60 -5.09 17.91 -29.65
N ASN A 61 -5.54 18.44 -28.52
CA ASN A 61 -6.49 17.74 -27.66
C ASN A 61 -7.87 17.61 -28.30
N ALA A 62 -8.28 18.63 -29.05
CA ALA A 62 -9.57 18.58 -29.73
C ALA A 62 -9.65 17.34 -30.60
N CYS A 63 -8.56 17.05 -31.28
CA CYS A 63 -8.44 15.84 -32.08
C CYS A 63 -8.25 14.63 -31.17
N ARG A 64 -7.35 14.74 -30.19
CA ARG A 64 -7.07 13.66 -29.25
C ARG A 64 -8.35 13.11 -28.62
N ASP A 65 -9.13 14.00 -28.03
CA ASP A 65 -10.34 13.60 -27.31
C ASP A 65 -11.40 13.06 -28.27
N PHE A 66 -11.51 13.66 -29.45
CA PHE A 66 -12.51 13.23 -30.42
C PHE A 66 -12.16 11.86 -30.99
N VAL A 67 -10.89 11.67 -31.35
CA VAL A 67 -10.42 10.39 -31.88
C VAL A 67 -10.53 9.31 -30.81
N ASN A 68 -10.28 9.68 -29.55
CA ASN A 68 -10.39 8.73 -28.45
C ASN A 68 -11.80 8.13 -28.42
N TYR A 69 -12.79 8.96 -28.71
CA TYR A 69 -14.16 8.50 -28.82
C TYR A 69 -14.32 7.62 -30.06
N LEU A 70 -13.80 8.09 -31.19
CA LEU A 70 -13.91 7.36 -32.45
C LEU A 70 -13.31 5.97 -32.32
N VAL A 71 -12.15 5.87 -31.68
CA VAL A 71 -11.49 4.57 -31.49
C VAL A 71 -12.38 3.62 -30.69
N ARG A 72 -12.94 4.11 -29.58
CA ARG A 72 -13.75 3.28 -28.70
C ARG A 72 -15.02 2.79 -29.38
N VAL A 73 -15.59 3.62 -30.26
CA VAL A 73 -16.82 3.26 -30.94
C VAL A 73 -16.55 2.61 -32.30
N GLY A 74 -15.26 2.36 -32.59
CA GLY A 74 -14.89 1.64 -33.80
C GLY A 74 -15.00 2.47 -35.07
N LYS A 75 -14.55 3.71 -34.99
CA LYS A 75 -14.57 4.60 -36.15
C LYS A 75 -13.14 4.89 -36.63
N LEU A 76 -12.23 5.08 -35.69
CA LEU A 76 -10.85 5.38 -36.03
C LEU A 76 -9.89 4.39 -35.39
N ASN A 77 -8.61 4.50 -35.72
CA ASN A 77 -7.63 3.49 -35.35
C ASN A 77 -6.82 3.93 -34.14
N THR A 78 -6.11 2.99 -33.54
CA THR A 78 -5.22 3.29 -32.43
C THR A 78 -3.85 3.74 -32.97
N ASN A 79 -3.74 3.78 -34.29
CA ASN A 79 -2.50 4.16 -34.96
C ASN A 79 -2.44 5.66 -35.20
N ASP A 80 -3.58 6.31 -35.05
CA ASP A 80 -3.70 7.71 -35.43
C ASP A 80 -3.35 8.59 -34.25
N VAL A 81 -3.52 8.04 -33.07
CA VAL A 81 -3.23 8.74 -31.84
C VAL A 81 -2.09 8.06 -31.08
N PRO A 82 -1.09 8.85 -30.64
CA PRO A 82 0.04 8.33 -29.86
C PRO A 82 -0.41 7.64 -28.58
N ALA A 83 -0.39 6.32 -28.61
CA ALA A 83 -0.84 5.51 -27.48
C ALA A 83 0.35 4.99 -26.68
N ASP A 84 1.53 5.54 -26.96
CA ASP A 84 2.76 5.11 -26.31
C ASP A 84 2.77 5.46 -24.81
N ALA A 85 2.34 4.49 -24.01
CA ALA A 85 2.32 4.63 -22.56
C ALA A 85 3.35 3.70 -21.92
N GLY A 86 4.04 2.94 -22.75
CA GLY A 86 4.99 1.95 -22.26
C GLY A 86 6.36 2.54 -21.99
N ALA A 87 6.45 3.86 -21.96
CA ALA A 87 7.71 4.53 -21.72
C ALA A 87 8.22 4.30 -20.30
N SER A 88 9.53 4.32 -20.14
CA SER A 88 10.13 4.12 -18.85
C SER A 88 10.35 5.46 -18.14
N GLY A 89 10.91 5.40 -16.93
CA GLY A 89 11.10 6.60 -16.13
C GLY A 89 9.93 6.84 -15.21
N GLY A 90 9.08 5.84 -15.07
CA GLY A 90 7.94 5.92 -14.18
C GLY A 90 7.68 4.60 -13.49
N GLY A 91 8.71 4.05 -12.87
CA GLY A 91 8.60 2.75 -12.23
C GLY A 91 8.69 2.86 -10.72
N PRO A 92 8.32 1.81 -9.99
CA PRO A 92 8.44 1.79 -8.52
C PRO A 92 9.89 1.78 -8.07
N ARG A 93 10.19 2.53 -7.03
CA ARG A 93 11.55 2.58 -6.49
C ARG A 93 11.80 1.33 -5.66
N THR A 94 12.45 0.35 -6.26
CA THR A 94 12.69 -0.93 -5.60
C THR A 94 13.72 -0.79 -4.48
N GLY A 95 14.77 -0.02 -4.74
CA GLY A 95 15.84 0.12 -3.77
C GLY A 95 16.96 -0.85 -4.05
N LEU A 96 18.15 -0.53 -3.60
CA LEU A 96 19.31 -1.37 -3.85
C LEU A 96 19.68 -2.17 -2.61
N GLU A 97 20.08 -3.41 -2.81
CA GLU A 97 20.53 -4.27 -1.73
C GLU A 97 22.04 -4.22 -1.61
N GLY A 98 22.54 -3.85 -0.43
CA GLY A 98 23.96 -3.73 -0.23
C GLY A 98 24.37 -4.05 1.20
N ALA A 99 24.53 -5.33 1.50
CA ALA A 99 25.02 -5.76 2.80
C ALA A 99 26.49 -6.10 2.72
N GLY A 100 27.29 -5.46 3.55
CA GLY A 100 28.72 -5.70 3.53
C GLY A 100 29.38 -5.38 4.85
N MET A 101 29.72 -6.42 5.61
CA MET A 101 30.33 -6.24 6.92
C MET A 101 31.79 -6.65 6.88
N ALA A 102 32.65 -5.77 7.34
CA ALA A 102 34.09 -6.04 7.39
C ALA A 102 34.47 -6.65 8.72
N GLY A 103 35.42 -7.57 8.70
CA GLY A 103 35.81 -8.26 9.92
C GLY A 103 37.29 -8.09 10.23
N GLY A 104 37.59 -7.81 11.49
CA GLY A 104 38.97 -7.68 11.91
C GLY A 104 39.08 -7.28 13.37
N SER A 105 39.42 -8.24 14.21
CA SER A 105 39.51 -8.00 15.65
C SER A 105 40.78 -7.21 15.99
N GLY A 106 41.88 -7.54 15.34
CA GLY A 106 43.11 -6.82 15.55
C GLY A 106 44.05 -7.52 16.51
N GLN A 107 44.79 -8.49 16.00
CA GLN A 107 45.73 -9.28 16.82
C GLN A 107 47.13 -8.67 16.76
N GLN A 108 47.17 -7.34 16.63
CA GLN A 108 48.42 -6.60 16.47
C GLN A 108 49.21 -6.48 17.79
N LYS A 109 48.80 -7.22 18.81
CA LYS A 109 49.53 -7.23 20.06
C LYS A 109 50.70 -8.20 20.00
N ARG A 110 51.87 -7.74 20.40
CA ARG A 110 53.07 -8.57 20.43
C ARG A 110 53.75 -8.41 21.77
N VAL A 111 54.69 -9.30 22.08
CA VAL A 111 55.36 -9.30 23.36
C VAL A 111 56.82 -8.88 23.22
N PHE A 112 57.24 -7.98 24.08
CA PHE A 112 58.63 -7.56 24.14
C PHE A 112 59.15 -7.73 25.57
N ASP A 113 60.24 -8.47 25.73
CA ASP A 113 60.78 -8.79 27.05
C ASP A 113 61.26 -7.55 27.76
N GLY A 114 62.17 -6.82 27.13
CA GLY A 114 62.72 -5.63 27.73
C GLY A 114 64.15 -5.83 28.19
N GLN A 115 64.97 -4.84 27.94
CA GLN A 115 66.37 -4.88 28.34
C GLN A 115 66.62 -3.91 29.48
N SER A 116 67.44 -4.32 30.44
CA SER A 116 67.75 -3.49 31.59
C SER A 116 69.03 -2.69 31.38
N GLY A 117 69.13 -1.56 32.06
CA GLY A 117 70.32 -0.74 31.96
C GLY A 117 71.36 -1.09 33.01
N PRO A 118 72.55 -0.47 32.95
CA PRO A 118 73.63 -0.75 33.90
C PRO A 118 73.49 0.06 35.19
N GLN A 119 74.46 -0.11 36.09
CA GLN A 119 74.43 0.57 37.38
C GLN A 119 75.30 1.82 37.34
N ASP A 120 74.75 2.94 37.81
CA ASP A 120 75.49 4.19 37.89
C ASP A 120 76.28 4.25 39.19
N LEU A 121 77.55 3.87 39.10
CA LEU A 121 78.41 3.80 40.28
C LEU A 121 79.32 5.02 40.39
N GLY A 122 79.77 5.54 39.24
CA GLY A 122 80.77 6.59 39.22
C GLY A 122 80.34 7.87 39.91
N GLU A 123 79.06 8.18 39.84
CA GLU A 123 78.56 9.45 40.35
C GLU A 123 78.20 9.38 41.82
N ALA A 124 78.45 8.24 42.43
CA ALA A 124 78.23 8.06 43.86
C ALA A 124 79.33 8.74 44.67
N TYR A 125 80.39 9.16 43.98
CA TYR A 125 81.53 9.79 44.63
C TYR A 125 81.65 11.24 44.19
N ARG A 126 80.70 12.04 44.62
CA ARG A 126 80.67 13.46 44.27
C ARG A 126 81.32 14.29 45.37
N PRO A 127 81.86 15.47 45.02
CA PRO A 127 82.40 16.42 46.01
C PRO A 127 81.33 16.87 47.01
N LEU A 128 81.75 17.09 48.24
CA LEU A 128 80.82 17.43 49.32
C LEU A 128 80.96 18.89 49.74
N ASN A 129 79.93 19.40 50.39
CA ASN A 129 79.95 20.76 50.90
C ASN A 129 80.66 20.81 52.25
N HIS A 130 81.33 21.91 52.54
CA HIS A 130 82.04 22.04 53.80
C HIS A 130 81.09 22.45 54.92
N ASP A 131 81.12 21.71 56.01
CA ASP A 131 80.36 22.08 57.20
C ASP A 131 81.20 22.95 58.11
N GLY A 132 80.74 24.17 58.35
CA GLY A 132 81.44 25.07 59.25
C GLY A 132 80.73 25.19 60.57
N GLY A 133 81.35 24.65 61.62
CA GLY A 133 80.74 24.66 62.93
C GLY A 133 80.72 26.03 63.57
N ASP A 134 79.69 26.28 64.37
CA ASP A 134 79.52 27.55 65.07
C ASP A 134 80.46 27.65 66.27
N GLY A 135 80.61 26.54 67.00
CA GLY A 135 81.45 26.53 68.19
C GLY A 135 80.66 26.18 69.43
N GLY A 136 80.00 25.04 69.42
CA GLY A 136 79.14 24.68 70.53
C GLY A 136 79.74 23.67 71.49
N ASN A 137 80.65 22.85 71.01
CA ASN A 137 81.03 21.62 71.73
C ASN A 137 81.98 21.86 72.90
N ARG A 138 82.19 23.11 73.27
CA ARG A 138 83.10 23.41 74.37
C ARG A 138 82.32 24.03 75.54
N TYR A 139 81.02 24.19 75.35
CA TYR A 139 80.17 24.85 76.34
C TYR A 139 80.05 24.03 77.63
N SER A 140 80.64 22.85 77.60
CA SER A 140 80.64 21.95 78.73
C SER A 140 81.84 22.22 79.65
N VAL A 141 82.43 23.42 79.46
CA VAL A 141 83.63 23.86 80.20
C VAL A 141 84.67 22.73 80.32
N ILE A 142 84.96 22.12 79.18
CA ILE A 142 85.88 20.98 79.13
C ILE A 142 87.27 21.38 78.64
N ASP A 143 87.64 22.64 78.89
CA ASP A 143 88.93 23.15 78.45
C ASP A 143 90.05 22.71 79.39
N ARG A 144 89.75 22.59 80.69
CA ARG A 144 90.71 22.06 81.62
C ARG A 144 91.01 20.60 81.29
N ILE A 145 90.06 19.95 80.65
CA ILE A 145 90.23 18.56 80.22
C ILE A 145 91.20 18.50 79.04
N GLN A 146 91.59 19.67 78.55
CA GLN A 146 92.57 19.79 77.49
C GLN A 146 93.92 20.17 78.09
N GLU A 147 93.89 20.59 79.35
CA GLU A 147 95.09 20.96 80.10
C GLU A 147 95.61 19.75 80.89
N GLN A 148 95.03 18.59 80.60
CA GLN A 148 95.33 17.36 81.30
C GLN A 148 96.77 16.90 81.07
N ARG A 149 97.15 15.86 81.80
CA ARG A 149 98.51 15.31 81.78
C ARG A 149 98.94 14.87 80.38
N ASP A 150 97.99 14.85 79.45
CA ASP A 150 98.26 14.47 78.07
C ASP A 150 99.15 15.52 77.38
N MET A 151 99.20 16.73 77.96
CA MET A 151 100.05 17.79 77.44
C MET A 151 101.53 17.48 77.69
N ASN A 152 101.81 16.44 78.47
CA ASN A 152 103.18 16.12 78.86
C ASN A 152 103.89 15.38 77.73
N GLU A 153 103.15 15.04 76.70
CA GLU A 153 103.70 14.37 75.52
C GLU A 153 104.66 15.29 74.78
N ALA A 154 104.50 16.59 75.02
CA ALA A 154 105.26 17.62 74.31
C ALA A 154 106.73 17.69 74.74
N GLU A 155 107.15 16.81 75.65
CA GLU A 155 108.54 16.78 76.10
C GLU A 155 109.48 16.34 74.97
N ALA A 156 108.91 15.75 73.93
CA ALA A 156 109.69 15.28 72.80
C ALA A 156 110.05 16.43 71.85
N PHE A 157 110.17 16.08 70.58
CA PHE A 157 110.59 17.02 69.56
C PHE A 157 109.51 18.02 69.17
N ASP A 158 109.94 19.04 68.44
CA ASP A 158 109.03 20.08 67.99
C ASP A 158 108.44 19.71 66.63
N VAL A 159 108.81 18.53 66.15
CA VAL A 159 108.32 18.01 64.87
C VAL A 159 106.79 18.01 64.81
N ASN A 160 106.16 17.45 65.83
CA ASN A 160 104.72 17.35 65.88
C ASN A 160 104.06 18.70 66.14
N ALA A 161 104.86 19.66 66.57
CA ALA A 161 104.37 21.00 66.81
C ALA A 161 104.47 21.84 65.54
N ALA A 162 105.59 21.69 64.83
CA ALA A 162 105.88 22.46 63.62
C ALA A 162 104.73 22.41 62.61
N ILE A 163 104.10 21.26 62.50
CA ILE A 163 103.01 21.05 61.55
C ILE A 163 101.75 21.82 61.96
N HIS A 164 101.76 22.38 63.16
CA HIS A 164 100.65 23.21 63.62
C HIS A 164 101.14 24.62 63.95
N GLY A 165 102.34 24.96 63.49
CA GLY A 165 102.87 26.30 63.70
C GLY A 165 104.02 26.33 64.67
N ASN A 166 104.44 25.14 65.12
CA ASN A 166 105.54 24.98 66.07
C ASN A 166 105.15 25.54 67.44
N TRP A 167 103.85 25.72 67.64
CA TRP A 167 103.32 26.19 68.90
C TRP A 167 102.65 25.05 69.63
N THR A 168 103.01 24.88 70.89
CA THR A 168 102.37 23.89 71.74
C THR A 168 102.69 24.19 73.20
N ILE A 169 101.75 24.81 73.90
CA ILE A 169 101.96 25.19 75.28
C ILE A 169 100.66 25.71 75.92
N GLU A 170 100.60 25.58 77.24
CA GLU A 170 99.45 25.97 78.05
C GLU A 170 98.99 27.41 77.77
N ASN A 171 99.94 28.30 77.59
CA ASN A 171 99.65 29.74 77.48
C ASN A 171 98.80 30.06 76.26
N ALA A 172 98.93 29.24 75.21
CA ALA A 172 98.21 29.50 73.95
C ALA A 172 96.70 29.39 74.14
N LYS A 173 96.25 28.41 74.91
CA LYS A 173 94.82 28.23 75.16
C LYS A 173 94.29 29.34 76.06
N GLU A 174 95.18 29.86 76.91
CA GLU A 174 94.84 30.96 77.79
C GLU A 174 94.66 32.23 76.98
N ARG A 175 95.64 32.52 76.10
CA ARG A 175 95.60 33.69 75.25
C ARG A 175 94.31 33.76 74.45
N LEU A 176 93.82 32.60 74.04
CA LEU A 176 92.58 32.50 73.28
C LEU A 176 91.44 33.17 74.04
N ASN A 177 91.35 32.88 75.33
CA ASN A 177 90.31 33.45 76.18
C ASN A 177 90.44 34.96 76.26
N ILE A 178 91.67 35.44 76.45
CA ILE A 178 91.93 36.88 76.54
C ILE A 178 91.56 37.57 75.22
N TYR A 179 91.90 36.93 74.10
CA TYR A 179 91.62 37.51 72.79
C TYR A 179 90.13 37.74 72.61
N LYS A 180 89.34 36.68 72.82
CA LYS A 180 87.90 36.77 72.65
C LYS A 180 87.26 37.65 73.72
N GLN A 181 87.90 37.72 74.88
CA GLN A 181 87.45 38.59 75.95
C GLN A 181 87.68 40.06 75.60
N THR A 182 88.89 40.37 75.14
CA THR A 182 89.26 41.75 74.84
C THR A 182 88.60 42.24 73.55
N ASN A 183 88.39 41.35 72.60
CA ASN A 183 87.72 41.70 71.35
C ASN A 183 86.20 41.67 71.54
N ASN A 184 85.77 41.03 72.63
CA ASN A 184 84.36 40.93 72.97
C ASN A 184 83.58 40.18 71.89
N ILE A 185 84.28 39.28 71.21
CA ILE A 185 83.67 38.50 70.14
C ILE A 185 83.00 37.25 70.70
N ARG A 186 82.42 36.44 69.82
CA ARG A 186 81.67 35.28 70.24
C ARG A 186 82.08 34.05 69.44
N ASP A 187 82.94 33.23 70.05
CA ASP A 187 83.45 32.02 69.40
C ASP A 187 83.72 30.95 70.45
N ASP A 188 83.96 29.72 70.00
CA ASP A 188 84.28 28.61 70.88
C ASP A 188 84.65 27.37 70.08
N TYR A 189 85.08 26.30 70.77
CA TYR A 189 85.48 25.07 70.09
C TYR A 189 84.26 24.30 69.59
N LYS A 190 84.37 23.79 68.38
CA LYS A 190 83.31 23.05 67.73
C LYS A 190 83.84 21.70 67.24
N TYR A 191 83.32 20.61 67.79
CA TYR A 191 83.80 19.29 67.39
C TYR A 191 82.86 18.68 66.36
N THR A 192 83.42 17.86 65.48
CA THR A 192 82.63 17.17 64.48
C THR A 192 82.96 15.68 64.47
N PRO A 193 82.03 14.85 64.93
CA PRO A 193 82.19 13.39 64.91
C PRO A 193 82.11 12.85 63.49
N VAL A 194 83.04 11.97 63.15
CA VAL A 194 83.05 11.32 61.86
C VAL A 194 82.37 9.95 61.99
N GLY A 195 82.16 9.27 60.87
CA GLY A 195 81.55 7.95 60.89
C GLY A 195 82.14 7.02 61.93
N PRO A 196 81.33 6.09 62.46
CA PRO A 196 81.70 5.24 63.61
C PRO A 196 83.00 4.44 63.41
N GLU A 197 82.89 3.28 62.79
CA GLU A 197 84.02 2.39 62.59
C GLU A 197 84.72 2.64 61.26
N HIS A 198 83.94 2.68 60.19
CA HIS A 198 84.47 2.79 58.83
C HIS A 198 85.11 4.15 58.59
N ALA A 199 84.85 5.10 59.48
CA ALA A 199 85.45 6.42 59.38
C ALA A 199 85.89 6.92 60.75
N ARG A 200 86.37 6.00 61.57
CA ARG A 200 86.73 6.27 62.97
C ARG A 200 87.79 7.37 63.07
N SER A 201 87.32 8.60 63.30
CA SER A 201 88.16 9.77 63.45
C SER A 201 87.34 10.87 64.13
N PHE A 202 87.96 12.00 64.42
CA PHE A 202 87.25 13.09 65.06
C PHE A 202 87.81 14.44 64.62
N LEU A 203 86.94 15.31 64.14
CA LEU A 203 87.33 16.64 63.73
C LEU A 203 87.13 17.62 64.87
N ALA A 204 88.09 18.49 65.07
CA ALA A 204 87.96 19.56 66.03
C ALA A 204 88.12 20.89 65.32
N GLU A 205 87.06 21.67 65.31
CA GLU A 205 87.07 22.99 64.70
C GLU A 205 87.21 24.04 65.78
N LEU A 206 88.00 25.05 65.50
CA LEU A 206 88.09 26.20 66.37
C LEU A 206 88.27 27.42 65.50
N SER A 207 87.27 28.28 65.50
CA SER A 207 87.29 29.46 64.67
C SER A 207 87.28 30.71 65.51
N ILE A 208 87.91 31.74 65.00
CA ILE A 208 87.92 33.03 65.65
C ILE A 208 86.86 33.90 64.99
N TYR A 209 86.05 34.57 65.81
CA TYR A 209 84.95 35.35 65.28
C TYR A 209 85.48 36.66 64.72
N VAL A 210 84.83 37.16 63.66
CA VAL A 210 85.29 38.33 62.93
C VAL A 210 85.63 39.49 63.88
N PRO A 211 86.92 39.83 63.96
CA PRO A 211 87.41 40.93 64.80
C PRO A 211 87.07 42.30 64.19
N ALA A 212 87.75 43.34 64.66
CA ALA A 212 87.50 44.70 64.18
C ALA A 212 87.87 44.85 62.71
N LEU A 213 88.63 43.87 62.22
CA LEU A 213 89.09 43.88 60.83
C LEU A 213 88.10 43.14 59.93
N ASN A 214 87.07 42.54 60.55
CA ASN A 214 86.05 41.76 59.85
C ASN A 214 86.71 40.71 58.93
N ARG A 215 87.51 39.85 59.53
CA ARG A 215 88.14 38.74 58.80
C ARG A 215 87.92 37.46 59.57
N THR A 216 87.64 36.39 58.87
CA THR A 216 87.36 35.12 59.53
C THR A 216 88.60 34.25 59.59
N VAL A 217 88.81 33.63 60.74
CA VAL A 217 89.93 32.73 60.95
C VAL A 217 89.42 31.42 61.51
N THR A 218 89.26 30.43 60.64
CA THR A 218 88.72 29.16 61.06
C THR A 218 89.75 28.06 60.90
N ALA A 219 89.88 27.24 61.93
CA ALA A 219 90.79 26.12 61.88
C ALA A 219 90.03 24.82 62.09
N ARG A 220 89.99 23.99 61.06
CA ARG A 220 89.41 22.68 61.18
C ARG A 220 90.51 21.64 61.19
N GLU A 221 90.77 21.10 62.36
CA GLU A 221 91.89 20.20 62.55
C GLU A 221 91.39 18.79 62.80
N SER A 222 91.98 17.82 62.12
CA SER A 222 91.54 16.45 62.22
C SER A 222 92.40 15.66 63.20
N GLY A 223 91.75 14.91 64.08
CA GLY A 223 92.48 14.09 65.03
C GLY A 223 91.91 12.69 65.07
N SER A 224 92.76 11.71 65.37
CA SER A 224 92.33 10.32 65.46
C SER A 224 91.66 10.07 66.82
N ASN A 225 91.65 11.09 67.66
CA ASN A 225 91.07 10.95 68.99
C ASN A 225 90.59 12.31 69.51
N LYS A 226 89.60 12.27 70.38
CA LYS A 226 88.91 13.44 70.93
C LYS A 226 89.86 14.59 71.30
N LYS A 227 90.64 14.39 72.35
CA LYS A 227 91.46 15.46 72.88
C LYS A 227 92.72 15.67 72.05
N SER A 228 93.11 14.66 71.30
CA SER A 228 94.23 14.77 70.39
C SER A 228 93.98 15.88 69.37
N ALA A 229 92.74 15.94 68.88
CA ALA A 229 92.35 16.94 67.90
C ALA A 229 92.29 18.33 68.50
N SER A 230 91.63 18.44 69.66
CA SER A 230 91.39 19.73 70.31
C SER A 230 92.69 20.48 70.61
N LYS A 231 93.72 19.76 71.06
CA LYS A 231 94.97 20.40 71.43
C LYS A 231 95.61 21.06 70.22
N SER A 232 95.77 20.26 69.17
CA SER A 232 96.41 20.72 67.94
C SER A 232 95.58 21.79 67.26
N CYS A 233 94.26 21.70 67.38
CA CYS A 233 93.37 22.67 66.77
C CYS A 233 93.64 24.08 67.31
N ALA A 234 93.66 24.21 68.63
CA ALA A 234 93.89 25.51 69.27
C ALA A 234 95.26 26.08 68.91
N LEU A 235 96.25 25.20 68.89
CA LEU A 235 97.61 25.61 68.59
C LEU A 235 97.76 25.97 67.11
N SER A 236 96.88 25.41 66.29
CA SER A 236 96.90 25.61 64.85
C SER A 236 96.46 27.05 64.51
N LEU A 237 95.67 27.65 65.41
CA LEU A 237 95.13 28.99 65.21
C LEU A 237 96.22 30.05 65.11
N VAL A 238 97.31 29.82 65.82
CA VAL A 238 98.38 30.81 65.93
C VAL A 238 99.04 31.09 64.58
N ARG A 239 98.85 30.18 63.63
CA ARG A 239 99.43 30.35 62.31
C ARG A 239 98.65 31.40 61.52
N GLN A 240 97.33 31.40 61.65
CA GLN A 240 96.48 32.29 60.85
C GLN A 240 96.26 33.61 61.55
N LEU A 241 96.42 33.62 62.86
CA LEU A 241 96.23 34.83 63.66
C LEU A 241 97.20 35.92 63.22
N PHE A 242 98.33 35.52 62.64
CA PHE A 242 99.31 36.46 62.12
C PHE A 242 98.67 37.44 61.13
N HIS A 243 97.66 36.98 60.42
CA HIS A 243 97.02 37.77 59.36
C HIS A 243 96.21 38.93 59.93
N LEU A 244 96.01 38.92 61.25
CA LEU A 244 95.23 39.95 61.91
C LEU A 244 96.11 40.84 62.78
N ASN A 245 97.43 40.72 62.60
CA ASN A 245 98.40 41.42 63.45
C ASN A 245 98.32 40.85 64.86
N VAL A 246 98.25 39.53 64.92
CA VAL A 246 98.22 38.78 66.16
C VAL A 246 99.47 37.90 66.21
N ILE A 247 99.56 36.99 67.20
CA ILE A 247 100.80 36.24 67.46
C ILE A 247 101.29 35.53 66.19
N GLU A 248 102.59 35.62 65.96
CA GLU A 248 103.22 35.08 64.76
C GLU A 248 103.33 33.58 64.83
N PRO A 249 103.28 32.89 63.66
CA PRO A 249 103.56 31.47 63.59
C PRO A 249 105.06 31.20 63.74
N PHE A 250 105.40 30.17 64.49
CA PHE A 250 106.79 29.87 64.78
C PHE A 250 107.40 29.03 63.66
N SER A 251 108.66 29.28 63.36
CA SER A 251 109.36 28.53 62.34
C SER A 251 110.41 27.63 63.00
N GLY A 252 110.05 26.37 63.16
CA GLY A 252 110.96 25.42 63.79
C GLY A 252 111.95 24.84 62.81
N THR A 253 112.89 24.06 63.33
CA THR A 253 113.91 23.45 62.50
C THR A 253 113.73 21.94 62.46
N LEU A 254 113.35 21.44 61.29
CA LEU A 254 113.03 20.02 61.13
C LEU A 254 114.29 19.18 61.08
N LYS A 255 114.64 18.55 62.21
CA LYS A 255 115.79 17.67 62.28
C LYS A 255 115.40 16.24 61.90
N LYS A 256 114.14 15.90 62.09
CA LYS A 256 113.64 14.58 61.77
C LYS A 256 112.18 14.65 61.35
N LYS A 257 111.87 14.11 60.19
CA LYS A 257 110.51 14.12 59.68
C LYS A 257 109.78 12.87 60.17
N LYS A 258 108.92 13.05 61.16
CA LYS A 258 108.15 11.96 61.74
C LYS A 258 106.69 12.13 61.36
N ASP A 259 106.13 11.13 60.66
CA ASP A 259 104.73 11.16 60.29
C ASP A 259 103.95 10.08 61.03
N GLY A 1 7.28 15.49 -45.41
CA GLY A 1 6.60 16.33 -44.44
C GLY A 1 6.18 15.56 -43.21
N ALA A 2 4.90 15.66 -42.86
CA ALA A 2 4.36 14.98 -41.69
C ALA A 2 2.85 14.91 -41.78
N MET A 3 2.30 13.73 -41.47
CA MET A 3 0.85 13.55 -41.46
C MET A 3 0.31 13.92 -40.08
N ASP A 4 -0.77 14.67 -40.05
CA ASP A 4 -1.34 15.14 -38.79
C ASP A 4 -2.58 14.35 -38.42
N ILE A 5 -2.88 14.30 -37.13
CA ILE A 5 -4.06 13.60 -36.65
C ILE A 5 -5.33 14.24 -37.20
N LYS A 6 -5.30 15.55 -37.39
CA LYS A 6 -6.44 16.26 -37.95
C LYS A 6 -6.60 15.92 -39.42
N SER A 7 -5.50 15.61 -40.09
CA SER A 7 -5.55 15.20 -41.49
C SER A 7 -6.38 13.92 -41.64
N PHE A 8 -6.21 13.01 -40.67
CA PHE A 8 -7.00 11.78 -40.64
C PHE A 8 -8.47 12.11 -40.38
N LEU A 9 -8.70 13.05 -39.49
CA LEU A 9 -10.06 13.47 -39.16
C LEU A 9 -10.74 14.13 -40.36
N TYR A 10 -9.96 14.89 -41.12
CA TYR A 10 -10.47 15.51 -42.33
C TYR A 10 -10.83 14.44 -43.37
N GLN A 11 -9.97 13.44 -43.50
CA GLN A 11 -10.20 12.35 -44.44
C GLN A 11 -11.46 11.56 -44.05
N PHE A 12 -11.71 11.48 -42.75
CA PHE A 12 -12.90 10.79 -42.24
C PHE A 12 -14.17 11.49 -42.75
N CYS A 13 -14.10 12.81 -42.86
CA CYS A 13 -15.24 13.60 -43.32
C CYS A 13 -15.21 13.80 -44.83
N ALA A 14 -14.02 13.73 -45.42
CA ALA A 14 -13.85 13.95 -46.86
C ALA A 14 -14.64 12.95 -47.69
N LYS A 15 -14.86 11.76 -47.12
CA LYS A 15 -15.61 10.70 -47.79
C LYS A 15 -17.07 11.15 -48.01
N SER A 16 -17.48 12.16 -47.27
CA SER A 16 -18.85 12.67 -47.36
C SER A 16 -18.86 14.05 -48.00
N GLN A 17 -17.69 14.47 -48.52
CA GLN A 17 -17.53 15.78 -49.16
C GLN A 17 -17.74 16.92 -48.17
N ILE A 18 -17.49 16.65 -46.90
CA ILE A 18 -17.66 17.66 -45.86
C ILE A 18 -16.35 17.86 -45.11
N GLU A 19 -16.32 18.87 -44.25
CA GLU A 19 -15.15 19.16 -43.43
C GLU A 19 -15.58 19.48 -42.00
N PRO A 20 -14.76 19.09 -41.03
CA PRO A 20 -15.09 19.21 -39.61
C PRO A 20 -14.98 20.64 -39.11
N LYS A 21 -15.93 21.03 -38.27
CA LYS A 21 -15.98 22.38 -37.73
C LYS A 21 -15.24 22.45 -36.39
N PHE A 22 -14.13 23.14 -36.37
CA PHE A 22 -13.43 23.39 -35.12
C PHE A 22 -13.89 24.71 -34.53
N ASP A 23 -14.24 24.68 -33.25
CA ASP A 23 -14.74 25.87 -32.58
C ASP A 23 -14.03 26.03 -31.26
N ILE A 24 -13.05 26.90 -31.24
CA ILE A 24 -12.22 27.05 -30.06
C ILE A 24 -12.55 28.32 -29.30
N ARG A 25 -13.10 28.13 -28.11
CA ARG A 25 -13.48 29.23 -27.26
C ARG A 25 -12.35 29.59 -26.30
N GLN A 26 -11.96 30.85 -26.30
CA GLN A 26 -10.99 31.34 -25.35
C GLN A 26 -11.71 31.82 -24.11
N THR A 27 -11.48 31.15 -23.00
CA THR A 27 -12.09 31.54 -21.75
C THR A 27 -11.13 31.28 -20.58
N GLY A 28 -10.45 32.35 -20.18
CA GLY A 28 -9.50 32.25 -19.11
C GLY A 28 -10.04 32.80 -17.81
N PRO A 29 -9.95 32.04 -16.70
CA PRO A 29 -10.27 32.55 -15.38
C PRO A 29 -9.23 33.57 -14.89
N LYS A 30 -9.49 34.14 -13.72
CA LYS A 30 -8.62 35.16 -13.12
C LYS A 30 -7.20 34.64 -12.91
N ASN A 31 -7.04 33.34 -12.75
CA ASN A 31 -5.75 32.77 -12.36
C ASN A 31 -4.84 32.51 -13.56
N ARG A 32 -5.42 32.16 -14.71
CA ARG A 32 -4.65 31.78 -15.90
C ARG A 32 -5.60 31.68 -17.10
N GLN A 33 -5.22 32.29 -18.20
CA GLN A 33 -6.00 32.19 -19.44
C GLN A 33 -5.99 30.74 -19.94
N ARG A 34 -7.07 30.33 -20.58
CA ARG A 34 -7.20 28.94 -21.04
C ARG A 34 -7.96 28.87 -22.36
N PHE A 35 -7.64 27.85 -23.15
CA PHE A 35 -8.34 27.61 -24.41
C PHE A 35 -9.18 26.34 -24.33
N LEU A 36 -10.44 26.45 -24.72
CA LEU A 36 -11.36 25.32 -24.74
C LEU A 36 -11.79 25.06 -26.16
N CYS A 37 -11.29 23.98 -26.73
CA CYS A 37 -11.52 23.69 -28.14
C CYS A 37 -12.57 22.60 -28.30
N GLU A 38 -13.62 22.93 -29.02
CA GLU A 38 -14.70 21.98 -29.28
C GLU A 38 -14.77 21.68 -30.77
N VAL A 39 -14.73 20.40 -31.11
CA VAL A 39 -14.85 20.00 -32.50
C VAL A 39 -16.29 19.54 -32.79
N ARG A 40 -16.94 20.22 -33.72
CA ARG A 40 -18.33 19.93 -34.04
C ARG A 40 -18.40 19.08 -35.31
N VAL A 41 -18.95 17.89 -35.16
CA VAL A 41 -18.96 16.89 -36.22
C VAL A 41 -20.30 16.15 -36.21
N GLU A 42 -20.58 15.40 -37.27
CA GLU A 42 -21.75 14.52 -37.35
C GLU A 42 -21.89 13.66 -36.07
N PRO A 43 -23.01 12.89 -35.94
CA PRO A 43 -23.62 12.50 -34.69
C PRO A 43 -23.02 13.11 -33.43
N ASN A 44 -23.75 14.09 -32.92
CA ASN A 44 -23.36 14.92 -31.78
C ASN A 44 -23.43 14.15 -30.46
N THR A 45 -23.56 12.83 -30.54
CA THR A 45 -23.56 11.97 -29.36
C THR A 45 -22.36 12.29 -28.45
N TYR A 46 -21.23 12.65 -29.07
CA TYR A 46 -20.04 13.06 -28.34
C TYR A 46 -19.37 14.22 -29.07
N ILE A 47 -19.18 15.31 -28.35
CA ILE A 47 -18.44 16.44 -28.88
C ILE A 47 -17.02 16.42 -28.33
N GLY A 48 -16.03 16.50 -29.21
CA GLY A 48 -14.65 16.53 -28.77
C GLY A 48 -14.30 17.85 -28.13
N VAL A 49 -14.14 17.84 -26.82
CA VAL A 49 -13.84 19.04 -26.07
C VAL A 49 -12.47 18.93 -25.42
N GLY A 50 -11.50 19.54 -26.06
CA GLY A 50 -10.15 19.54 -25.55
C GLY A 50 -9.84 20.81 -24.80
N ASN A 51 -8.76 20.80 -24.04
CA ASN A 51 -8.34 21.98 -23.31
C ASN A 51 -6.83 22.02 -23.20
N SER A 52 -6.25 23.18 -23.43
CA SER A 52 -4.84 23.39 -23.21
C SER A 52 -4.61 24.83 -22.78
N THR A 53 -3.40 25.12 -22.34
CA THR A 53 -3.04 26.45 -21.92
C THR A 53 -2.68 27.33 -23.12
N ASN A 54 -2.44 26.68 -24.26
CA ASN A 54 -2.20 27.39 -25.50
C ASN A 54 -3.01 26.74 -26.62
N LYS A 55 -3.40 27.54 -27.61
CA LYS A 55 -4.28 27.08 -28.67
C LYS A 55 -3.59 26.06 -29.58
N LYS A 56 -2.27 26.12 -29.66
CA LYS A 56 -1.50 25.28 -30.54
C LYS A 56 -1.46 23.83 -30.06
N ASP A 57 -1.60 23.65 -28.76
CA ASP A 57 -1.76 22.32 -28.19
C ASP A 57 -3.23 21.96 -28.07
N ALA A 58 -4.06 22.98 -27.86
CA ALA A 58 -5.50 22.80 -27.70
C ALA A 58 -6.14 22.01 -28.83
N GLU A 59 -5.93 22.40 -30.08
CA GLU A 59 -6.60 21.74 -31.20
C GLU A 59 -6.14 20.29 -31.37
N LYS A 60 -4.99 19.95 -30.81
CA LYS A 60 -4.55 18.56 -30.73
C LYS A 60 -5.43 17.79 -29.77
N ASN A 61 -5.71 18.40 -28.63
CA ASN A 61 -6.50 17.77 -27.60
C ASN A 61 -7.94 17.61 -28.04
N ALA A 62 -8.42 18.54 -28.87
CA ALA A 62 -9.80 18.54 -29.35
C ALA A 62 -10.06 17.37 -30.29
N CYS A 63 -9.05 16.98 -31.05
CA CYS A 63 -9.19 15.84 -31.94
C CYS A 63 -8.79 14.54 -31.24
N ARG A 64 -7.72 14.58 -30.45
CA ARG A 64 -7.26 13.39 -29.73
C ARG A 64 -8.34 12.84 -28.78
N ASP A 65 -9.12 13.72 -28.14
CA ASP A 65 -10.16 13.24 -27.22
C ASP A 65 -11.35 12.72 -28.02
N PHE A 66 -11.62 13.34 -29.16
CA PHE A 66 -12.71 12.93 -30.03
C PHE A 66 -12.44 11.56 -30.64
N VAL A 67 -11.21 11.35 -31.09
CA VAL A 67 -10.80 10.07 -31.67
C VAL A 67 -10.90 8.94 -30.64
N ASN A 68 -10.78 9.28 -29.36
CA ASN A 68 -10.93 8.30 -28.29
C ASN A 68 -12.30 7.63 -28.36
N TYR A 69 -13.32 8.43 -28.67
CA TYR A 69 -14.65 7.89 -28.85
C TYR A 69 -14.75 7.15 -30.18
N LEU A 70 -14.11 7.71 -31.20
CA LEU A 70 -14.14 7.13 -32.54
C LEU A 70 -13.45 5.77 -32.59
N VAL A 71 -12.42 5.58 -31.78
CA VAL A 71 -11.76 4.29 -31.71
C VAL A 71 -12.56 3.33 -30.83
N ARG A 72 -13.23 3.87 -29.82
CA ARG A 72 -14.07 3.07 -28.95
C ARG A 72 -15.24 2.48 -29.76
N VAL A 73 -15.68 3.22 -30.77
CA VAL A 73 -16.75 2.74 -31.63
C VAL A 73 -16.18 2.02 -32.87
N GLY A 74 -14.88 1.84 -32.90
CA GLY A 74 -14.24 1.06 -33.95
C GLY A 74 -14.25 1.73 -35.32
N LYS A 75 -14.40 3.05 -35.34
CA LYS A 75 -14.40 3.77 -36.61
C LYS A 75 -13.02 4.31 -36.94
N LEU A 76 -12.21 4.56 -35.91
CA LEU A 76 -10.83 5.00 -36.12
C LEU A 76 -9.86 4.05 -35.43
N ASN A 77 -8.58 4.21 -35.73
CA ASN A 77 -7.56 3.29 -35.24
C ASN A 77 -6.96 3.79 -33.93
N THR A 78 -6.63 2.85 -33.05
CA THR A 78 -6.04 3.18 -31.78
C THR A 78 -4.56 3.59 -31.95
N ASN A 79 -3.95 3.14 -33.03
CA ASN A 79 -2.54 3.45 -33.29
C ASN A 79 -2.39 4.82 -33.93
N ASP A 80 -3.43 5.26 -34.63
CA ASP A 80 -3.41 6.54 -35.33
C ASP A 80 -3.43 7.71 -34.35
N VAL A 81 -4.04 7.49 -33.20
CA VAL A 81 -4.11 8.54 -32.18
C VAL A 81 -3.09 8.28 -31.07
N PRO A 82 -2.19 9.25 -30.85
CA PRO A 82 -1.24 9.19 -29.73
C PRO A 82 -1.96 9.07 -28.39
N ALA A 83 -1.63 8.01 -27.65
CA ALA A 83 -2.32 7.67 -26.41
C ALA A 83 -1.99 8.60 -25.24
N ASP A 84 -1.19 9.63 -25.50
CA ASP A 84 -0.84 10.58 -24.45
C ASP A 84 -1.92 11.66 -24.33
N ALA A 85 -3.16 11.22 -24.16
CA ALA A 85 -4.29 12.12 -24.03
C ALA A 85 -4.83 12.10 -22.60
N GLY A 86 -4.00 11.64 -21.67
CA GLY A 86 -4.39 11.46 -20.28
C GLY A 86 -4.58 12.76 -19.51
N ALA A 87 -4.66 13.87 -20.22
CA ALA A 87 -4.79 15.20 -19.61
C ALA A 87 -5.88 15.25 -18.55
N SER A 88 -5.64 16.06 -17.53
CA SER A 88 -6.61 16.21 -16.46
C SER A 88 -7.43 17.48 -16.65
N GLY A 89 -8.47 17.63 -15.84
CA GLY A 89 -9.36 18.77 -15.94
C GLY A 89 -10.49 18.50 -16.90
N GLY A 90 -10.76 17.22 -17.14
CA GLY A 90 -11.82 16.84 -18.07
C GLY A 90 -13.19 16.91 -17.44
N GLY A 91 -13.94 17.94 -17.80
CA GLY A 91 -15.30 18.10 -17.29
C GLY A 91 -16.35 17.83 -18.36
N PRO A 92 -17.48 17.20 -17.99
CA PRO A 92 -18.54 16.86 -18.93
C PRO A 92 -19.13 18.08 -19.62
N ARG A 93 -19.32 17.98 -20.93
CA ARG A 93 -19.81 19.10 -21.73
C ARG A 93 -21.07 18.69 -22.48
N THR A 94 -22.22 19.20 -22.05
CA THR A 94 -23.49 18.87 -22.67
C THR A 94 -23.87 19.86 -23.75
N GLY A 95 -23.70 21.14 -23.46
CA GLY A 95 -24.04 22.19 -24.40
C GLY A 95 -25.07 23.15 -23.82
N LEU A 96 -24.82 24.45 -23.98
CA LEU A 96 -25.71 25.46 -23.42
C LEU A 96 -26.44 26.19 -24.53
N GLU A 97 -27.73 25.90 -24.66
CA GLU A 97 -28.58 26.55 -25.64
C GLU A 97 -29.69 27.31 -24.93
N GLY A 98 -30.15 28.40 -25.53
CA GLY A 98 -31.18 29.21 -24.92
C GLY A 98 -31.72 30.26 -25.86
N ALA A 99 -32.58 29.84 -26.78
CA ALA A 99 -33.17 30.75 -27.76
C ALA A 99 -34.38 31.50 -27.19
N GLY A 100 -34.57 32.73 -27.64
CA GLY A 100 -35.70 33.52 -27.19
C GLY A 100 -36.48 34.10 -28.35
N MET A 101 -37.76 33.80 -28.43
CA MET A 101 -38.59 34.28 -29.53
C MET A 101 -39.60 35.31 -29.05
N ALA A 102 -39.95 36.24 -29.93
CA ALA A 102 -40.96 37.26 -29.65
C ALA A 102 -41.75 37.57 -30.92
N GLY A 103 -43.06 37.78 -30.77
CA GLY A 103 -43.90 38.06 -31.91
C GLY A 103 -44.14 39.54 -32.13
N GLY A 104 -45.35 39.87 -32.58
CA GLY A 104 -45.69 41.26 -32.85
C GLY A 104 -46.93 41.38 -33.70
N SER A 105 -48.02 41.86 -33.10
CA SER A 105 -49.31 41.97 -33.79
C SER A 105 -49.42 43.30 -34.54
N GLY A 106 -48.86 44.35 -33.96
CA GLY A 106 -48.85 45.66 -34.61
C GLY A 106 -50.15 46.41 -34.41
N GLN A 107 -50.69 46.36 -33.20
CA GLN A 107 -51.95 47.01 -32.90
C GLN A 107 -51.71 48.35 -32.18
N GLN A 108 -50.45 48.74 -32.12
CA GLN A 108 -50.06 49.97 -31.41
C GLN A 108 -49.92 51.14 -32.37
N LYS A 109 -50.19 50.92 -33.64
CA LYS A 109 -50.01 51.95 -34.64
C LYS A 109 -51.29 52.76 -34.86
N ARG A 110 -51.48 53.76 -34.02
CA ARG A 110 -52.58 54.68 -34.18
C ARG A 110 -52.06 56.02 -34.65
N VAL A 111 -52.64 56.52 -35.74
CA VAL A 111 -52.18 57.75 -36.36
C VAL A 111 -53.05 58.92 -35.93
N PHE A 112 -52.80 60.08 -36.52
CA PHE A 112 -53.52 61.29 -36.18
C PHE A 112 -54.25 61.82 -37.40
N ASP A 113 -55.24 62.67 -37.17
CA ASP A 113 -55.98 63.30 -38.25
C ASP A 113 -55.04 64.17 -39.09
N GLY A 114 -54.17 64.89 -38.40
CA GLY A 114 -53.20 65.72 -39.08
C GLY A 114 -52.71 66.85 -38.21
N GLN A 115 -51.76 66.56 -37.34
CA GLN A 115 -51.16 67.58 -36.48
C GLN A 115 -49.77 67.93 -37.00
N SER A 116 -49.46 69.22 -37.04
CA SER A 116 -48.22 69.69 -37.62
C SER A 116 -47.09 69.76 -36.59
N GLY A 117 -46.05 68.97 -36.82
CA GLY A 117 -44.88 69.05 -35.98
C GLY A 117 -43.84 69.97 -36.56
N PRO A 118 -43.26 70.86 -35.75
CA PRO A 118 -42.28 71.85 -36.23
C PRO A 118 -41.00 71.18 -36.73
N GLN A 119 -40.55 71.59 -37.91
CA GLN A 119 -39.29 71.12 -38.46
C GLN A 119 -38.13 71.59 -37.60
N ASP A 120 -37.40 70.63 -37.05
CA ASP A 120 -36.34 70.90 -36.09
C ASP A 120 -34.95 70.85 -36.74
N LEU A 121 -34.89 71.18 -38.03
CA LEU A 121 -33.64 71.10 -38.79
C LEU A 121 -32.57 72.05 -38.24
N GLY A 122 -32.99 73.00 -37.41
CA GLY A 122 -32.07 74.01 -36.90
C GLY A 122 -30.96 73.44 -36.05
N GLU A 123 -31.19 72.26 -35.46
CA GLU A 123 -30.22 71.66 -34.56
C GLU A 123 -28.96 71.22 -35.31
N ALA A 124 -29.07 71.08 -36.63
CA ALA A 124 -27.96 70.61 -37.44
C ALA A 124 -26.97 71.73 -37.76
N TYR A 125 -27.30 72.95 -37.37
CA TYR A 125 -26.47 74.10 -37.68
C TYR A 125 -25.84 74.67 -36.43
N ARG A 126 -25.26 73.80 -35.62
CA ARG A 126 -24.57 74.23 -34.40
C ARG A 126 -23.08 74.39 -34.66
N PRO A 127 -22.50 75.53 -34.26
CA PRO A 127 -21.10 75.87 -34.55
C PRO A 127 -20.08 74.99 -33.82
N LEU A 128 -18.90 74.89 -34.41
CA LEU A 128 -17.81 74.12 -33.82
C LEU A 128 -16.79 75.05 -33.18
N ASN A 129 -15.98 74.50 -32.28
CA ASN A 129 -14.96 75.29 -31.60
C ASN A 129 -13.65 75.23 -32.37
N HIS A 130 -13.20 76.39 -32.82
CA HIS A 130 -11.96 76.50 -33.59
C HIS A 130 -10.76 76.65 -32.66
N ASP A 131 -9.59 76.24 -33.14
CA ASP A 131 -8.37 76.33 -32.34
C ASP A 131 -7.65 77.64 -32.57
N GLY A 132 -6.88 78.06 -31.59
CA GLY A 132 -6.11 79.28 -31.70
C GLY A 132 -4.82 79.22 -30.89
N GLY A 133 -4.29 78.01 -30.74
CA GLY A 133 -3.06 77.84 -29.97
C GLY A 133 -1.83 77.92 -30.85
N ASP A 134 -0.97 78.88 -30.58
CA ASP A 134 0.25 79.08 -31.37
C ASP A 134 1.31 78.05 -31.01
N GLY A 135 1.45 77.78 -29.72
CA GLY A 135 2.44 76.82 -29.27
C GLY A 135 2.55 76.75 -27.77
N GLY A 136 1.94 75.74 -27.19
CA GLY A 136 1.99 75.57 -25.75
C GLY A 136 3.16 74.70 -25.33
N ASN A 137 3.33 73.59 -26.01
CA ASN A 137 4.38 72.64 -25.70
C ASN A 137 5.73 73.12 -26.21
N ARG A 138 5.68 73.95 -27.24
CA ARG A 138 6.89 74.41 -27.89
C ARG A 138 7.45 75.63 -27.19
N TYR A 139 8.42 75.41 -26.32
CA TYR A 139 9.08 76.50 -25.60
C TYR A 139 10.59 76.36 -25.70
N SER A 140 11.02 75.48 -26.60
CA SER A 140 12.44 75.12 -26.72
C SER A 140 13.23 76.15 -27.52
N VAL A 141 12.80 77.41 -27.46
CA VAL A 141 13.44 78.47 -28.24
C VAL A 141 14.15 79.47 -27.32
N ILE A 142 14.19 79.19 -26.03
CA ILE A 142 14.81 80.09 -25.08
C ILE A 142 15.65 79.31 -24.06
N ASP A 143 16.91 79.70 -23.95
CA ASP A 143 17.83 79.07 -22.99
C ASP A 143 17.73 79.73 -21.62
N ARG A 144 17.45 81.03 -21.61
CA ARG A 144 17.35 81.80 -20.37
C ARG A 144 16.35 81.21 -19.39
N ILE A 145 15.15 80.93 -19.86
CA ILE A 145 14.04 80.52 -18.99
C ILE A 145 14.26 79.12 -18.39
N GLN A 146 15.12 78.34 -19.02
CA GLN A 146 15.40 77.00 -18.53
C GLN A 146 16.58 77.03 -17.54
N GLU A 147 17.60 77.80 -17.89
CA GLU A 147 18.81 77.84 -17.09
C GLU A 147 18.66 78.75 -15.87
N GLN A 148 17.66 79.64 -15.92
CA GLN A 148 17.45 80.62 -14.85
C GLN A 148 17.28 79.96 -13.49
N ARG A 149 17.55 80.73 -12.44
CA ARG A 149 17.54 80.22 -11.08
C ARG A 149 16.12 79.92 -10.61
N ASP A 150 15.16 80.56 -11.27
CA ASP A 150 13.78 80.55 -10.84
C ASP A 150 13.15 79.19 -11.08
N MET A 151 13.51 78.58 -12.20
CA MET A 151 12.99 77.27 -12.57
C MET A 151 13.49 76.21 -11.59
N ASN A 152 14.68 76.45 -11.05
CA ASN A 152 15.32 75.50 -10.14
C ASN A 152 14.49 75.32 -8.87
N GLU A 153 13.88 76.40 -8.43
CA GLU A 153 13.03 76.37 -7.24
C GLU A 153 11.69 75.74 -7.58
N ALA A 154 11.23 75.97 -8.81
CA ALA A 154 9.94 75.49 -9.26
C ALA A 154 9.93 73.98 -9.45
N GLU A 155 11.06 73.42 -9.85
CA GLU A 155 11.16 71.98 -10.08
C GLU A 155 11.30 71.23 -8.74
N ALA A 156 11.77 71.97 -7.73
CA ALA A 156 11.96 71.43 -6.37
C ALA A 156 13.09 70.41 -6.32
N PHE A 157 13.40 69.97 -5.10
CA PHE A 157 14.46 69.00 -4.89
C PHE A 157 13.88 67.60 -4.69
N ASP A 158 14.51 66.60 -5.29
CA ASP A 158 14.04 65.23 -5.19
C ASP A 158 14.88 64.46 -4.18
N VAL A 159 15.93 65.09 -3.67
CA VAL A 159 16.89 64.44 -2.78
C VAL A 159 16.21 63.86 -1.53
N ASN A 160 15.14 64.48 -1.08
CA ASN A 160 14.42 64.02 0.10
C ASN A 160 13.59 62.78 -0.22
N ALA A 161 13.18 62.68 -1.47
CA ALA A 161 12.38 61.55 -1.95
C ALA A 161 13.28 60.41 -2.41
N ALA A 162 14.54 60.75 -2.69
CA ALA A 162 15.53 59.77 -3.15
C ALA A 162 15.66 58.61 -2.17
N ILE A 163 15.65 58.92 -0.88
CA ILE A 163 15.80 57.90 0.16
C ILE A 163 14.53 57.07 0.29
N HIS A 164 13.47 57.53 -0.35
CA HIS A 164 12.19 56.83 -0.35
C HIS A 164 12.06 55.98 -1.61
N GLY A 165 13.14 55.92 -2.38
CA GLY A 165 13.15 55.14 -3.60
C GLY A 165 12.86 55.98 -4.83
N ASN A 166 12.87 57.31 -4.65
CA ASN A 166 12.58 58.26 -5.73
C ASN A 166 11.19 58.05 -6.31
N TRP A 167 10.33 57.38 -5.55
CA TRP A 167 8.98 57.13 -5.99
C TRP A 167 8.04 58.19 -5.45
N THR A 168 7.56 59.04 -6.33
CA THR A 168 6.62 60.06 -5.98
C THR A 168 5.74 60.44 -7.18
N ILE A 169 4.51 59.93 -7.17
CA ILE A 169 3.54 60.23 -8.21
C ILE A 169 2.22 59.52 -7.87
N GLU A 170 1.20 59.77 -8.67
CA GLU A 170 -0.14 59.23 -8.42
C GLU A 170 -0.26 57.75 -8.82
N ASN A 171 0.32 57.40 -9.96
CA ASN A 171 0.27 56.04 -10.49
C ASN A 171 0.91 55.06 -9.51
N ALA A 172 1.86 55.53 -8.71
CA ALA A 172 2.54 54.66 -7.74
C ALA A 172 1.55 54.08 -6.73
N LYS A 173 0.49 54.83 -6.45
CA LYS A 173 -0.56 54.39 -5.54
C LYS A 173 -1.58 53.53 -6.28
N GLU A 174 -1.69 53.77 -7.58
CA GLU A 174 -2.63 53.04 -8.42
C GLU A 174 -2.04 51.68 -8.82
N ARG A 175 -0.71 51.63 -8.91
CA ARG A 175 -0.01 50.39 -9.21
C ARG A 175 -0.26 49.36 -8.09
N LEU A 176 -0.48 49.88 -6.89
CA LEU A 176 -0.76 49.03 -5.73
C LEU A 176 -2.15 48.41 -5.86
N ASN A 177 -3.00 49.05 -6.64
CA ASN A 177 -4.36 48.55 -6.88
C ASN A 177 -4.31 47.18 -7.56
N ILE A 178 -3.33 46.99 -8.43
CA ILE A 178 -3.17 45.71 -9.11
C ILE A 178 -2.69 44.64 -8.13
N TYR A 179 -1.79 45.04 -7.24
CA TYR A 179 -1.28 44.11 -6.23
C TYR A 179 -2.41 43.59 -5.36
N LYS A 180 -3.25 44.51 -4.86
CA LYS A 180 -4.37 44.13 -4.01
C LYS A 180 -5.46 43.45 -4.83
N GLN A 181 -5.48 43.70 -6.14
CA GLN A 181 -6.39 43.02 -7.05
C GLN A 181 -6.01 41.57 -7.20
N THR A 182 -4.71 41.32 -7.28
CA THR A 182 -4.21 39.98 -7.50
C THR A 182 -4.26 39.13 -6.22
N ASN A 183 -3.73 39.67 -5.12
CA ASN A 183 -3.73 38.96 -3.85
C ASN A 183 -5.08 39.08 -3.13
N ASN A 184 -5.97 39.89 -3.69
CA ASN A 184 -7.31 40.10 -3.11
C ASN A 184 -7.22 40.67 -1.70
N ILE A 185 -6.60 41.84 -1.59
CA ILE A 185 -6.42 42.50 -0.30
C ILE A 185 -7.62 43.36 0.04
N ARG A 186 -8.23 43.09 1.18
CA ARG A 186 -9.41 43.82 1.63
C ARG A 186 -9.18 44.42 3.01
N ASP A 187 -8.85 45.70 3.06
CA ASP A 187 -8.64 46.41 4.32
C ASP A 187 -8.58 47.91 4.04
N ASP A 188 -8.26 48.71 5.04
CA ASP A 188 -8.29 50.16 4.87
C ASP A 188 -7.16 50.82 5.64
N TYR A 189 -6.90 52.09 5.32
CA TYR A 189 -5.87 52.86 5.99
C TYR A 189 -6.25 53.13 7.45
N LYS A 190 -5.33 52.87 8.36
CA LYS A 190 -5.53 53.19 9.76
C LYS A 190 -5.26 54.67 9.98
N TYR A 191 -6.33 55.44 10.14
CA TYR A 191 -6.22 56.89 10.26
C TYR A 191 -6.13 57.30 11.74
N THR A 192 -4.99 57.85 12.11
CA THR A 192 -4.76 58.28 13.48
C THR A 192 -4.71 59.80 13.57
N PRO A 193 -5.62 60.42 14.33
CA PRO A 193 -5.60 61.86 14.58
C PRO A 193 -4.39 62.28 15.42
N VAL A 194 -3.81 63.41 15.09
CA VAL A 194 -2.66 63.93 15.80
C VAL A 194 -3.09 65.12 16.67
N GLY A 195 -2.19 65.63 17.51
CA GLY A 195 -2.48 66.73 18.40
C GLY A 195 -3.17 67.91 17.73
N PRO A 196 -3.84 68.75 18.52
CA PRO A 196 -4.69 69.84 18.01
C PRO A 196 -3.95 70.89 17.17
N GLU A 197 -3.43 71.92 17.82
CA GLU A 197 -2.77 73.01 17.10
C GLU A 197 -1.27 72.79 16.98
N HIS A 198 -0.64 72.52 18.12
CA HIS A 198 0.82 72.39 18.19
C HIS A 198 1.33 71.19 17.39
N ALA A 199 0.43 70.26 17.09
CA ALA A 199 0.78 69.09 16.31
C ALA A 199 -0.27 68.83 15.24
N ARG A 200 -0.78 69.92 14.66
CA ARG A 200 -1.86 69.86 13.66
C ARG A 200 -1.44 69.02 12.44
N SER A 201 -1.84 67.76 12.44
CA SER A 201 -1.54 66.86 11.35
C SER A 201 -2.48 65.67 11.40
N PHE A 202 -2.33 64.73 10.48
CA PHE A 202 -3.10 63.49 10.51
C PHE A 202 -2.20 62.34 10.08
N LEU A 203 -2.24 61.26 10.85
CA LEU A 203 -1.35 60.14 10.61
C LEU A 203 -2.07 59.01 9.87
N ALA A 204 -1.53 58.63 8.74
CA ALA A 204 -2.05 57.50 7.99
C ALA A 204 -1.09 56.33 8.08
N GLU A 205 -1.58 55.21 8.57
CA GLU A 205 -0.78 54.02 8.74
C GLU A 205 -1.45 52.85 8.02
N LEU A 206 -0.84 52.41 6.94
CA LEU A 206 -1.43 51.38 6.10
C LEU A 206 -0.52 50.15 6.05
N SER A 207 -1.06 49.01 6.44
CA SER A 207 -0.33 47.77 6.40
C SER A 207 -0.76 46.95 5.20
N ILE A 208 0.12 46.09 4.73
CA ILE A 208 -0.20 45.21 3.61
C ILE A 208 -0.60 43.84 4.13
N TYR A 209 -1.46 43.17 3.38
CA TYR A 209 -1.94 41.86 3.77
C TYR A 209 -0.85 40.84 3.50
N VAL A 210 -0.68 39.91 4.43
CA VAL A 210 0.41 38.95 4.39
C VAL A 210 0.53 38.27 3.01
N PRO A 211 1.60 38.60 2.29
CA PRO A 211 1.84 38.08 0.94
C PRO A 211 2.39 36.66 0.97
N ALA A 212 2.79 36.15 -0.19
CA ALA A 212 3.33 34.80 -0.31
C ALA A 212 4.66 34.66 0.43
N LEU A 213 5.21 35.80 0.85
CA LEU A 213 6.48 35.80 1.58
C LEU A 213 6.22 35.67 3.08
N ASN A 214 4.95 35.83 3.46
CA ASN A 214 4.52 35.64 4.85
C ASN A 214 5.25 36.60 5.80
N ARG A 215 5.55 37.80 5.32
CA ARG A 215 6.21 38.82 6.15
C ARG A 215 5.44 40.13 6.09
N THR A 216 5.65 40.99 7.07
CA THR A 216 4.84 42.18 7.25
C THR A 216 5.56 43.45 6.79
N VAL A 217 4.80 44.37 6.21
CA VAL A 217 5.32 45.65 5.75
C VAL A 217 4.30 46.76 6.04
N THR A 218 4.65 47.66 6.95
CA THR A 218 3.72 48.68 7.41
C THR A 218 4.16 50.09 7.01
N ALA A 219 3.21 50.86 6.50
CA ALA A 219 3.45 52.27 6.19
C ALA A 219 2.98 53.14 7.34
N ARG A 220 3.64 54.27 7.53
CA ARG A 220 3.26 55.20 8.57
C ARG A 220 3.66 56.60 8.17
N GLU A 221 2.72 57.35 7.61
CA GLU A 221 2.99 58.67 7.09
C GLU A 221 2.06 59.70 7.71
N SER A 222 2.62 60.86 8.01
CA SER A 222 1.84 61.93 8.62
C SER A 222 1.70 63.11 7.68
N GLY A 223 0.46 63.55 7.47
CA GLY A 223 0.20 64.69 6.62
C GLY A 223 -0.89 65.57 7.18
N SER A 224 -0.76 66.88 7.01
CA SER A 224 -1.72 67.84 7.57
C SER A 224 -3.15 67.57 7.10
N ASN A 225 -3.26 67.02 5.89
CA ASN A 225 -4.56 66.76 5.30
C ASN A 225 -4.65 65.28 4.91
N LYS A 226 -5.82 64.69 5.09
CA LYS A 226 -5.99 63.27 4.85
C LYS A 226 -5.79 62.93 3.37
N LYS A 227 -6.09 63.88 2.49
CA LYS A 227 -5.82 63.70 1.07
C LYS A 227 -4.33 63.53 0.83
N SER A 228 -3.53 64.34 1.53
CA SER A 228 -2.09 64.29 1.41
C SER A 228 -1.52 63.02 2.05
N ALA A 229 -2.11 62.63 3.18
CA ALA A 229 -1.62 61.48 3.93
C ALA A 229 -1.89 60.17 3.18
N SER A 230 -3.11 59.99 2.71
CA SER A 230 -3.51 58.74 2.07
C SER A 230 -2.68 58.44 0.83
N LYS A 231 -2.44 59.46 0.01
CA LYS A 231 -1.71 59.29 -1.24
C LYS A 231 -0.23 59.03 -0.99
N SER A 232 0.32 59.65 0.04
CA SER A 232 1.74 59.53 0.35
C SER A 232 2.04 58.26 1.13
N CYS A 233 1.01 57.71 1.77
CA CYS A 233 1.16 56.51 2.57
C CYS A 233 1.55 55.32 1.68
N ALA A 234 0.71 55.05 0.68
CA ALA A 234 0.97 53.96 -0.25
C ALA A 234 2.21 54.25 -1.09
N LEU A 235 2.55 55.53 -1.18
CA LEU A 235 3.70 55.98 -1.95
C LEU A 235 5.00 55.57 -1.26
N SER A 236 5.13 55.90 0.02
CA SER A 236 6.34 55.60 0.77
C SER A 236 6.44 54.12 1.08
N LEU A 237 5.30 53.44 1.07
CA LEU A 237 5.23 52.01 1.36
C LEU A 237 6.00 51.19 0.33
N VAL A 238 6.11 51.72 -0.89
CA VAL A 238 6.78 51.02 -1.99
C VAL A 238 8.21 50.62 -1.64
N ARG A 239 8.96 51.53 -1.01
CA ARG A 239 10.37 51.28 -0.71
C ARG A 239 10.53 50.22 0.38
N GLN A 240 9.51 50.10 1.23
CA GLN A 240 9.53 49.08 2.29
C GLN A 240 9.07 47.74 1.73
N LEU A 241 8.21 47.83 0.72
CA LEU A 241 7.64 46.67 0.07
C LEU A 241 8.71 45.95 -0.76
N PHE A 242 9.74 46.68 -1.15
CA PHE A 242 10.81 46.16 -2.01
C PHE A 242 11.45 44.90 -1.44
N HIS A 243 11.35 44.73 -0.13
CA HIS A 243 11.94 43.58 0.56
C HIS A 243 11.25 42.28 0.17
N LEU A 244 10.21 42.38 -0.65
CA LEU A 244 9.49 41.20 -1.14
C LEU A 244 9.89 40.88 -2.58
N ASN A 245 11.01 41.48 -3.02
CA ASN A 245 11.47 41.34 -4.40
C ASN A 245 10.41 41.94 -5.33
N VAL A 246 9.80 43.00 -4.85
CA VAL A 246 8.75 43.71 -5.55
C VAL A 246 9.36 44.87 -6.34
N ILE A 247 8.54 45.77 -6.87
CA ILE A 247 8.99 46.86 -7.73
C ILE A 247 10.14 47.61 -7.06
N GLU A 248 11.26 47.66 -7.77
CA GLU A 248 12.51 48.20 -7.26
C GLU A 248 12.47 49.74 -7.14
N PRO A 249 13.37 50.31 -6.34
CA PRO A 249 13.48 51.76 -6.20
C PRO A 249 13.94 52.42 -7.50
N PHE A 250 13.54 53.67 -7.69
CA PHE A 250 13.88 54.40 -8.89
C PHE A 250 15.27 55.02 -8.74
N SER A 251 15.94 55.25 -9.85
CA SER A 251 17.26 55.84 -9.85
C SER A 251 17.20 57.23 -10.43
N GLY A 252 17.33 58.23 -9.56
CA GLY A 252 17.33 59.62 -9.98
C GLY A 252 18.27 59.90 -11.14
N THR A 253 17.70 60.40 -12.24
CA THR A 253 18.48 60.67 -13.43
C THR A 253 18.76 62.16 -13.60
N LEU A 254 20.02 62.48 -13.92
CA LEU A 254 20.41 63.86 -14.14
C LEU A 254 20.43 64.17 -15.63
N LYS A 255 19.69 65.19 -16.02
CA LYS A 255 19.61 65.58 -17.43
C LYS A 255 20.82 66.43 -17.82
N LYS A 256 21.26 67.27 -16.90
CA LYS A 256 22.34 68.22 -17.17
C LYS A 256 23.01 68.65 -15.88
N LYS A 257 24.34 68.81 -15.93
CA LYS A 257 25.06 69.35 -14.79
C LYS A 257 24.76 70.83 -14.62
N LYS A 258 24.36 71.21 -13.43
CA LYS A 258 24.04 72.60 -13.14
C LYS A 258 25.18 73.20 -12.32
N ASP A 259 25.96 74.06 -12.96
CA ASP A 259 27.15 74.64 -12.36
C ASP A 259 26.79 75.57 -11.19
N GLY A 1 5.32 12.26 -45.31
CA GLY A 1 4.33 11.20 -45.22
C GLY A 1 3.63 11.18 -43.88
N ALA A 2 4.16 11.97 -42.95
CA ALA A 2 3.59 12.04 -41.61
C ALA A 2 2.75 13.30 -41.45
N MET A 3 1.44 13.14 -41.57
CA MET A 3 0.50 14.24 -41.37
C MET A 3 0.05 14.28 -39.92
N ASP A 4 -0.78 15.26 -39.58
CA ASP A 4 -1.25 15.40 -38.22
C ASP A 4 -2.63 14.76 -38.07
N ILE A 5 -3.04 14.53 -36.84
CA ILE A 5 -4.34 13.92 -36.56
C ILE A 5 -5.46 14.82 -37.09
N LYS A 6 -5.21 16.13 -37.10
CA LYS A 6 -6.18 17.09 -37.62
C LYS A 6 -6.45 16.81 -39.10
N SER A 7 -5.41 16.45 -39.84
CA SER A 7 -5.53 16.25 -41.27
C SER A 7 -6.41 15.04 -41.59
N PHE A 8 -6.27 13.99 -40.77
CA PHE A 8 -7.03 12.77 -40.97
C PHE A 8 -8.50 12.98 -40.60
N LEU A 9 -8.73 13.87 -39.63
CA LEU A 9 -10.09 14.21 -39.23
C LEU A 9 -10.85 14.81 -40.40
N TYR A 10 -10.22 15.79 -41.07
CA TYR A 10 -10.79 16.43 -42.25
C TYR A 10 -10.96 15.41 -43.38
N GLN A 11 -9.93 14.60 -43.59
CA GLN A 11 -9.93 13.62 -44.68
C GLN A 11 -10.99 12.55 -44.47
N PHE A 12 -11.29 12.25 -43.21
CA PHE A 12 -12.32 11.26 -42.90
C PHE A 12 -13.70 11.79 -43.27
N CYS A 13 -13.94 13.06 -42.97
CA CYS A 13 -15.22 13.67 -43.25
C CYS A 13 -15.47 13.79 -44.76
N ALA A 14 -14.41 13.69 -45.54
CA ALA A 14 -14.50 13.70 -47.00
C ALA A 14 -15.32 12.51 -47.50
N LYS A 15 -15.50 11.49 -46.65
CA LYS A 15 -16.34 10.35 -47.00
C LYS A 15 -17.78 10.82 -47.20
N SER A 16 -18.21 11.74 -46.35
CA SER A 16 -19.54 12.32 -46.43
C SER A 16 -19.47 13.65 -47.20
N GLN A 17 -18.28 13.95 -47.72
CA GLN A 17 -18.03 15.17 -48.49
C GLN A 17 -18.23 16.42 -47.63
N ILE A 18 -17.97 16.27 -46.33
CA ILE A 18 -18.08 17.38 -45.40
C ILE A 18 -16.73 17.62 -44.74
N GLU A 19 -16.71 18.47 -43.74
CA GLU A 19 -15.49 18.76 -42.99
C GLU A 19 -15.82 18.94 -41.49
N PRO A 20 -14.83 18.65 -40.63
CA PRO A 20 -15.01 18.80 -39.18
C PRO A 20 -15.15 20.26 -38.76
N LYS A 21 -16.18 20.55 -37.98
CA LYS A 21 -16.44 21.90 -37.53
C LYS A 21 -15.67 22.19 -36.25
N PHE A 22 -14.66 23.04 -36.35
CA PHE A 22 -13.86 23.44 -35.20
C PHE A 22 -14.27 24.81 -34.68
N ASP A 23 -14.21 24.98 -33.38
CA ASP A 23 -14.53 26.25 -32.73
C ASP A 23 -13.60 26.44 -31.55
N ILE A 24 -12.59 27.26 -31.75
CA ILE A 24 -11.61 27.52 -30.71
C ILE A 24 -12.06 28.71 -29.86
N ARG A 25 -12.57 28.41 -28.69
CA ARG A 25 -13.11 29.43 -27.80
C ARG A 25 -12.10 29.80 -26.73
N GLN A 26 -11.63 31.03 -26.75
CA GLN A 26 -10.68 31.49 -25.76
C GLN A 26 -11.40 32.08 -24.57
N THR A 27 -11.27 31.45 -23.42
CA THR A 27 -11.86 31.95 -22.19
C THR A 27 -10.99 31.55 -21.00
N GLY A 28 -10.16 32.48 -20.58
CA GLY A 28 -9.24 32.21 -19.50
C GLY A 28 -9.68 32.79 -18.18
N PRO A 29 -9.64 31.99 -17.10
CA PRO A 29 -9.85 32.50 -15.75
C PRO A 29 -8.63 33.31 -15.30
N LYS A 30 -8.72 33.95 -14.14
CA LYS A 30 -7.62 34.79 -13.66
C LYS A 30 -6.41 33.96 -13.24
N ASN A 31 -6.62 32.66 -13.07
CA ASN A 31 -5.54 31.76 -12.67
C ASN A 31 -4.56 31.58 -13.83
N ARG A 32 -5.09 31.63 -15.06
CA ARG A 32 -4.33 31.43 -16.30
C ARG A 32 -5.31 31.23 -17.44
N GLN A 33 -5.08 31.93 -18.54
CA GLN A 33 -5.96 31.85 -19.69
C GLN A 33 -5.95 30.45 -20.27
N ARG A 34 -7.05 30.02 -20.84
CA ARG A 34 -7.19 28.66 -21.29
C ARG A 34 -8.03 28.62 -22.58
N PHE A 35 -7.57 27.84 -23.54
CA PHE A 35 -8.29 27.69 -24.80
C PHE A 35 -9.19 26.46 -24.75
N LEU A 36 -10.46 26.66 -25.09
CA LEU A 36 -11.41 25.57 -25.16
C LEU A 36 -11.76 25.29 -26.61
N CYS A 37 -11.49 24.09 -27.05
CA CYS A 37 -11.66 23.73 -28.45
C CYS A 37 -12.86 22.80 -28.65
N GLU A 38 -13.75 23.18 -29.54
CA GLU A 38 -14.88 22.34 -29.90
C GLU A 38 -14.67 21.77 -31.30
N VAL A 39 -14.92 20.48 -31.47
CA VAL A 39 -14.95 19.88 -32.79
C VAL A 39 -16.23 19.06 -32.96
N ARG A 40 -17.04 19.45 -33.94
CA ARG A 40 -18.31 18.80 -34.16
C ARG A 40 -18.25 17.97 -35.45
N VAL A 41 -18.60 16.70 -35.31
CA VAL A 41 -18.49 15.72 -36.39
C VAL A 41 -19.76 14.87 -36.42
N GLU A 42 -19.97 14.11 -37.50
CA GLU A 42 -21.06 13.12 -37.56
C GLU A 42 -21.05 12.24 -36.29
N PRO A 43 -22.04 11.35 -36.10
CA PRO A 43 -22.63 11.07 -34.81
C PRO A 43 -22.23 12.09 -33.74
N ASN A 44 -22.98 13.20 -33.78
CA ASN A 44 -22.68 14.42 -33.05
C ASN A 44 -23.15 14.35 -31.61
N THR A 45 -23.55 13.16 -31.16
CA THR A 45 -23.92 12.97 -29.77
C THR A 45 -22.67 12.98 -28.88
N TYR A 46 -21.52 13.07 -29.53
CA TYR A 46 -20.25 13.17 -28.82
C TYR A 46 -19.42 14.29 -29.46
N ILE A 47 -19.05 15.26 -28.65
CA ILE A 47 -18.33 16.42 -29.15
C ILE A 47 -16.91 16.43 -28.60
N GLY A 48 -15.93 16.67 -29.46
CA GLY A 48 -14.57 16.72 -29.00
C GLY A 48 -14.25 18.06 -28.37
N VAL A 49 -14.48 18.17 -27.07
CA VAL A 49 -14.22 19.40 -26.36
C VAL A 49 -12.97 19.27 -25.51
N GLY A 50 -11.97 20.08 -25.83
CA GLY A 50 -10.73 20.05 -25.08
C GLY A 50 -10.42 21.40 -24.48
N ASN A 51 -9.48 21.44 -23.57
CA ASN A 51 -9.08 22.68 -22.91
C ASN A 51 -7.65 22.58 -22.42
N SER A 52 -6.80 23.49 -22.89
CA SER A 52 -5.40 23.45 -22.53
C SER A 52 -4.86 24.85 -22.26
N THR A 53 -3.66 24.92 -21.74
CA THR A 53 -3.04 26.19 -21.35
C THR A 53 -2.69 27.03 -22.58
N ASN A 54 -2.44 26.37 -23.70
CA ASN A 54 -2.19 27.06 -24.95
C ASN A 54 -3.06 26.46 -26.05
N LYS A 55 -3.16 27.17 -27.16
CA LYS A 55 -4.02 26.74 -28.25
C LYS A 55 -3.42 25.55 -29.00
N LYS A 56 -2.09 25.53 -29.06
CA LYS A 56 -1.36 24.49 -29.79
C LYS A 56 -1.71 23.10 -29.24
N ASP A 57 -1.68 22.97 -27.93
CA ASP A 57 -2.01 21.70 -27.28
C ASP A 57 -3.51 21.48 -27.29
N ALA A 58 -4.27 22.57 -27.19
CA ALA A 58 -5.73 22.51 -27.21
C ALA A 58 -6.24 21.88 -28.50
N GLU A 59 -5.68 22.30 -29.63
CA GLU A 59 -6.10 21.76 -30.93
C GLU A 59 -5.85 20.25 -31.00
N LYS A 60 -4.87 19.77 -30.25
CA LYS A 60 -4.63 18.34 -30.16
C LYS A 60 -5.57 17.68 -29.15
N ASN A 61 -6.00 18.45 -28.15
CA ASN A 61 -7.00 17.98 -27.20
C ASN A 61 -8.31 17.68 -27.91
N ALA A 62 -8.82 18.66 -28.65
CA ALA A 62 -10.07 18.50 -29.39
C ALA A 62 -10.06 17.22 -30.22
N CYS A 63 -8.95 17.00 -30.91
CA CYS A 63 -8.77 15.79 -31.71
C CYS A 63 -8.69 14.55 -30.82
N ARG A 64 -7.81 14.58 -29.80
CA ARG A 64 -7.55 13.41 -28.98
C ARG A 64 -8.78 13.02 -28.13
N ASP A 65 -9.46 14.02 -27.60
CA ASP A 65 -10.63 13.78 -26.74
C ASP A 65 -11.81 13.26 -27.56
N PHE A 66 -11.78 13.53 -28.87
CA PHE A 66 -12.82 13.04 -29.76
C PHE A 66 -12.45 11.68 -30.33
N VAL A 67 -11.24 11.56 -30.87
CA VAL A 67 -10.79 10.34 -31.50
C VAL A 67 -10.77 9.17 -30.52
N ASN A 68 -10.70 9.49 -29.22
CA ASN A 68 -10.80 8.48 -28.17
C ASN A 68 -12.11 7.71 -28.30
N TYR A 69 -13.17 8.43 -28.63
CA TYR A 69 -14.48 7.85 -28.85
C TYR A 69 -14.58 7.33 -30.28
N LEU A 70 -13.98 8.08 -31.21
CA LEU A 70 -13.99 7.75 -32.64
C LEU A 70 -13.44 6.33 -32.85
N VAL A 71 -12.36 6.01 -32.16
CA VAL A 71 -11.75 4.70 -32.29
C VAL A 71 -12.55 3.64 -31.57
N ARG A 72 -13.11 3.98 -30.41
CA ARG A 72 -13.80 3.01 -29.58
C ARG A 72 -15.12 2.56 -30.22
N VAL A 73 -15.57 3.29 -31.25
CA VAL A 73 -16.76 2.88 -32.00
C VAL A 73 -16.37 2.15 -33.30
N GLY A 74 -15.08 1.88 -33.44
CA GLY A 74 -14.59 1.08 -34.55
C GLY A 74 -14.58 1.84 -35.87
N LYS A 75 -14.02 3.04 -35.87
CA LYS A 75 -13.95 3.83 -37.10
C LYS A 75 -12.50 4.06 -37.56
N LEU A 76 -11.59 4.33 -36.63
CA LEU A 76 -10.21 4.64 -37.01
C LEU A 76 -9.20 3.81 -36.22
N ASN A 77 -7.93 4.05 -36.51
CA ASN A 77 -6.83 3.28 -35.95
C ASN A 77 -6.59 3.64 -34.49
N THR A 78 -6.41 2.64 -33.66
CA THR A 78 -6.09 2.85 -32.26
C THR A 78 -4.61 3.19 -32.10
N ASN A 79 -3.81 2.78 -33.10
CA ASN A 79 -2.36 2.95 -33.05
C ASN A 79 -1.96 4.42 -32.94
N ASP A 80 -2.68 5.28 -33.66
CA ASP A 80 -2.29 6.69 -33.77
C ASP A 80 -2.96 7.52 -32.70
N VAL A 81 -3.64 6.85 -31.77
CA VAL A 81 -4.31 7.51 -30.66
C VAL A 81 -3.40 7.56 -29.44
N PRO A 82 -3.34 8.71 -28.75
CA PRO A 82 -2.60 8.86 -27.51
C PRO A 82 -3.09 7.91 -26.43
N ALA A 83 -2.19 7.06 -25.93
CA ALA A 83 -2.53 6.13 -24.87
C ALA A 83 -2.51 6.84 -23.52
N ASP A 84 -2.13 8.11 -23.57
CA ASP A 84 -2.20 9.00 -22.41
C ASP A 84 -3.63 9.06 -21.88
N ALA A 85 -3.89 8.28 -20.84
CA ALA A 85 -5.22 8.11 -20.30
C ALA A 85 -5.33 8.72 -18.91
N GLY A 86 -4.42 9.65 -18.60
CA GLY A 86 -4.40 10.28 -17.28
C GLY A 86 -5.72 10.92 -16.92
N ALA A 87 -6.35 11.60 -17.87
CA ALA A 87 -7.63 12.26 -17.65
C ALA A 87 -8.70 11.26 -17.24
N SER A 88 -9.44 11.59 -16.19
CA SER A 88 -10.46 10.70 -15.69
C SER A 88 -11.86 11.25 -15.94
N GLY A 89 -12.67 10.46 -16.63
CA GLY A 89 -14.05 10.82 -16.88
C GLY A 89 -14.20 12.05 -17.77
N GLY A 90 -13.49 12.06 -18.89
CA GLY A 90 -13.57 13.19 -19.79
C GLY A 90 -14.70 13.03 -20.80
N GLY A 91 -15.93 13.03 -20.30
CA GLY A 91 -17.09 12.89 -21.17
C GLY A 91 -17.90 14.18 -21.23
N PRO A 92 -18.34 14.57 -22.43
CA PRO A 92 -19.18 15.76 -22.61
C PRO A 92 -20.59 15.55 -22.08
N ARG A 93 -21.00 16.36 -21.13
CA ARG A 93 -22.32 16.26 -20.54
C ARG A 93 -23.30 17.18 -21.26
N THR A 94 -24.12 16.59 -22.12
CA THR A 94 -25.08 17.35 -22.90
C THR A 94 -26.52 17.04 -22.48
N GLY A 95 -26.85 15.76 -22.40
CA GLY A 95 -28.19 15.37 -22.04
C GLY A 95 -28.76 14.35 -23.00
N LEU A 96 -29.56 13.43 -22.49
CA LEU A 96 -30.15 12.37 -23.29
C LEU A 96 -31.62 12.66 -23.58
N GLU A 97 -31.97 12.64 -24.86
CA GLU A 97 -33.33 12.84 -25.29
C GLU A 97 -33.55 12.20 -26.65
N GLY A 98 -34.32 11.11 -26.69
CA GLY A 98 -34.51 10.40 -27.93
C GLY A 98 -35.86 9.72 -28.00
N ALA A 99 -36.92 10.51 -27.95
CA ALA A 99 -38.28 9.99 -28.07
C ALA A 99 -38.81 10.22 -29.48
N GLY A 100 -39.77 9.41 -29.89
CA GLY A 100 -40.35 9.55 -31.20
C GLY A 100 -41.86 9.66 -31.14
N MET A 101 -42.43 10.53 -31.98
CA MET A 101 -43.87 10.71 -32.03
C MET A 101 -44.42 10.20 -33.36
N ALA A 102 -45.58 9.57 -33.32
CA ALA A 102 -46.20 9.05 -34.54
C ALA A 102 -47.52 9.76 -34.82
N GLY A 103 -48.05 9.59 -36.03
CA GLY A 103 -49.30 10.24 -36.37
C GLY A 103 -50.12 9.43 -37.35
N GLY A 104 -51.44 9.54 -37.26
CA GLY A 104 -52.33 8.84 -38.15
C GLY A 104 -53.73 9.38 -38.12
N SER A 105 -54.09 10.19 -39.12
CA SER A 105 -55.41 10.81 -39.16
C SER A 105 -56.39 9.97 -39.96
N GLY A 106 -55.97 9.51 -41.14
CA GLY A 106 -56.85 8.75 -42.00
C GLY A 106 -57.66 9.64 -42.92
N GLN A 107 -57.03 10.13 -43.98
CA GLN A 107 -57.66 11.07 -44.90
C GLN A 107 -58.43 10.32 -45.98
N GLN A 108 -58.62 9.03 -45.78
CA GLN A 108 -59.28 8.18 -46.76
C GLN A 108 -60.79 8.08 -46.54
N LYS A 109 -61.31 8.94 -45.66
CA LYS A 109 -62.75 8.98 -45.38
C LYS A 109 -63.54 9.27 -46.66
N ARG A 110 -64.65 8.57 -46.83
CA ARG A 110 -65.50 8.73 -48.00
C ARG A 110 -66.95 8.85 -47.60
N VAL A 111 -67.70 9.67 -48.32
CA VAL A 111 -69.10 9.89 -48.03
C VAL A 111 -69.91 9.78 -49.32
N PHE A 112 -71.18 9.40 -49.18
CA PHE A 112 -72.08 9.29 -50.33
C PHE A 112 -73.12 10.40 -50.28
N ASP A 113 -73.66 10.74 -51.44
CA ASP A 113 -74.67 11.80 -51.52
C ASP A 113 -76.05 11.23 -51.20
N GLY A 114 -76.31 10.03 -51.70
CA GLY A 114 -77.57 9.34 -51.42
C GLY A 114 -78.78 10.15 -51.83
N GLN A 115 -78.91 10.41 -53.13
CA GLN A 115 -80.01 11.21 -53.64
C GLN A 115 -81.32 10.43 -53.60
N SER A 116 -82.43 11.13 -53.43
CA SER A 116 -83.74 10.49 -53.33
C SER A 116 -84.49 10.60 -54.66
N GLY A 117 -85.44 9.69 -54.87
CA GLY A 117 -86.24 9.71 -56.09
C GLY A 117 -87.49 10.55 -55.93
N PRO A 118 -88.25 10.76 -57.02
CA PRO A 118 -89.43 11.63 -57.02
C PRO A 118 -90.65 10.98 -56.37
N GLN A 119 -91.56 11.82 -55.88
CA GLN A 119 -92.79 11.35 -55.27
C GLN A 119 -93.95 11.48 -56.26
N ASP A 120 -94.58 10.37 -56.60
CA ASP A 120 -95.72 10.39 -57.51
C ASP A 120 -97.04 10.23 -56.76
N LEU A 121 -97.45 11.29 -56.07
CA LEU A 121 -98.69 11.28 -55.30
C LEU A 121 -99.88 11.68 -56.16
N GLY A 122 -99.64 11.83 -57.46
CA GLY A 122 -100.66 12.28 -58.37
C GLY A 122 -101.80 11.29 -58.55
N GLU A 123 -101.63 10.08 -58.02
CA GLU A 123 -102.65 9.05 -58.14
C GLU A 123 -103.81 9.34 -57.19
N ALA A 124 -103.54 10.13 -56.15
CA ALA A 124 -104.58 10.49 -55.19
C ALA A 124 -105.35 11.71 -55.66
N TYR A 125 -104.75 12.43 -56.59
CA TYR A 125 -105.34 13.65 -57.14
C TYR A 125 -105.85 13.39 -58.55
N ARG A 126 -106.35 12.19 -58.75
CA ARG A 126 -106.89 11.76 -60.04
C ARG A 126 -108.01 12.71 -60.51
N PRO A 127 -108.04 12.98 -61.82
CA PRO A 127 -109.03 13.89 -62.40
C PRO A 127 -110.44 13.28 -62.43
N LEU A 128 -111.45 14.12 -62.59
CA LEU A 128 -112.83 13.67 -62.52
C LEU A 128 -113.59 14.04 -63.79
N ASN A 129 -114.70 13.35 -64.01
CA ASN A 129 -115.61 13.67 -65.11
C ASN A 129 -116.73 14.54 -64.59
N HIS A 130 -117.14 15.51 -65.41
CA HIS A 130 -118.21 16.41 -65.00
C HIS A 130 -119.34 16.34 -66.03
N ASP A 131 -120.53 16.00 -65.57
CA ASP A 131 -121.71 15.94 -66.43
C ASP A 131 -121.99 17.31 -67.04
N GLY A 132 -122.62 17.32 -68.20
CA GLY A 132 -122.88 18.57 -68.89
C GLY A 132 -124.15 19.23 -68.41
N GLY A 133 -124.13 20.56 -68.33
CA GLY A 133 -125.32 21.30 -67.97
C GLY A 133 -126.34 21.25 -69.09
N ASP A 134 -127.53 20.76 -68.79
CA ASP A 134 -128.55 20.51 -69.81
C ASP A 134 -129.06 21.81 -70.43
N GLY A 135 -129.28 22.82 -69.59
CA GLY A 135 -129.73 24.12 -70.08
C GLY A 135 -131.15 24.09 -70.63
N GLY A 136 -131.87 23.01 -70.40
CA GLY A 136 -133.21 22.86 -70.96
C GLY A 136 -134.29 23.18 -69.96
N ASN A 137 -133.87 23.72 -68.83
CA ASN A 137 -134.79 24.06 -67.75
C ASN A 137 -135.54 25.35 -68.04
N ARG A 138 -135.44 25.83 -69.27
CA ARG A 138 -136.07 27.08 -69.66
C ARG A 138 -137.55 26.88 -69.91
N TYR A 139 -138.34 27.00 -68.85
CA TYR A 139 -139.80 26.95 -68.96
C TYR A 139 -140.39 28.19 -68.31
N SER A 140 -139.52 29.11 -67.94
CA SER A 140 -139.90 30.30 -67.22
C SER A 140 -140.20 31.45 -68.18
N VAL A 141 -140.47 31.12 -69.43
CA VAL A 141 -140.73 32.13 -70.44
C VAL A 141 -142.18 32.03 -70.92
N ILE A 142 -143.10 32.29 -70.02
CA ILE A 142 -144.52 32.30 -70.34
C ILE A 142 -145.12 33.67 -70.00
N ASP A 143 -145.28 34.50 -71.03
CA ASP A 143 -145.61 35.91 -70.82
C ASP A 143 -147.10 36.17 -71.01
N ARG A 144 -147.81 35.21 -71.60
CA ARG A 144 -149.22 35.40 -71.96
C ARG A 144 -150.11 35.69 -70.74
N ILE A 145 -149.58 35.49 -69.54
CA ILE A 145 -150.29 35.85 -68.33
C ILE A 145 -150.41 37.37 -68.22
N GLN A 146 -149.43 38.07 -68.78
CA GLN A 146 -149.41 39.52 -68.76
C GLN A 146 -149.88 40.07 -70.09
N GLU A 147 -149.93 39.19 -71.09
CA GLU A 147 -150.37 39.54 -72.43
C GLU A 147 -151.90 39.51 -72.55
N GLN A 148 -152.58 39.42 -71.41
CA GLN A 148 -154.03 39.45 -71.38
C GLN A 148 -154.54 40.82 -71.83
N ARG A 149 -154.94 40.90 -73.08
CA ARG A 149 -155.31 42.17 -73.70
C ARG A 149 -156.81 42.37 -73.78
N ASP A 150 -157.53 41.30 -74.11
CA ASP A 150 -158.97 41.34 -74.31
C ASP A 150 -159.73 41.48 -72.99
N MET A 151 -159.02 41.20 -71.91
CA MET A 151 -159.64 41.13 -70.58
C MET A 151 -160.01 42.51 -70.05
N ASN A 152 -159.61 43.56 -70.77
CA ASN A 152 -159.88 44.93 -70.33
C ASN A 152 -161.39 45.20 -70.28
N GLU A 153 -162.14 44.54 -71.14
CA GLU A 153 -163.59 44.78 -71.25
C GLU A 153 -164.37 44.01 -70.20
N ALA A 154 -163.65 43.26 -69.38
CA ALA A 154 -164.27 42.49 -68.31
C ALA A 154 -164.70 43.40 -67.15
N GLU A 155 -164.00 44.52 -66.99
CA GLU A 155 -164.33 45.47 -65.95
C GLU A 155 -165.18 46.60 -66.51
N ALA A 156 -164.56 47.44 -67.33
CA ALA A 156 -165.24 48.59 -67.92
C ALA A 156 -164.47 49.08 -69.13
N PHE A 157 -165.19 49.49 -70.15
CA PHE A 157 -164.57 49.99 -71.36
C PHE A 157 -164.51 51.52 -71.35
N ASP A 158 -163.49 52.08 -71.99
CA ASP A 158 -163.32 53.53 -72.02
C ASP A 158 -164.10 54.13 -73.16
N VAL A 159 -164.78 53.28 -73.91
CA VAL A 159 -165.60 53.69 -75.04
C VAL A 159 -166.62 54.77 -74.64
N ASN A 160 -167.06 54.74 -73.38
CA ASN A 160 -167.99 55.74 -72.87
C ASN A 160 -167.39 57.13 -73.04
N ALA A 161 -166.09 57.23 -72.84
CA ALA A 161 -165.37 58.48 -73.01
C ALA A 161 -164.86 58.62 -74.45
N ALA A 162 -164.49 57.49 -75.06
CA ALA A 162 -163.92 57.48 -76.40
C ALA A 162 -164.88 58.07 -77.42
N ILE A 163 -166.18 57.89 -77.21
CA ILE A 163 -167.19 58.42 -78.12
C ILE A 163 -167.26 59.95 -78.05
N HIS A 164 -166.60 60.51 -77.05
CA HIS A 164 -166.53 61.96 -76.89
C HIS A 164 -165.13 62.46 -77.23
N GLY A 165 -164.23 61.53 -77.53
CA GLY A 165 -162.86 61.88 -77.86
C GLY A 165 -161.86 61.36 -76.86
N ASN A 166 -162.34 60.50 -75.94
CA ASN A 166 -161.50 59.87 -74.91
C ASN A 166 -161.22 60.88 -73.80
N TRP A 167 -161.92 62.01 -73.89
CA TRP A 167 -161.83 63.05 -72.87
C TRP A 167 -162.98 62.89 -71.88
N THR A 168 -162.65 62.50 -70.67
CA THR A 168 -163.65 62.30 -69.65
C THR A 168 -164.23 63.63 -69.19
N ILE A 169 -165.55 63.68 -69.08
CA ILE A 169 -166.28 64.94 -68.88
C ILE A 169 -165.81 65.71 -67.65
N GLU A 170 -165.62 65.03 -66.53
CA GLU A 170 -165.27 65.72 -65.29
C GLU A 170 -163.87 66.33 -65.38
N ASN A 171 -163.04 65.79 -66.28
CA ASN A 171 -161.70 66.34 -66.48
C ASN A 171 -161.73 67.41 -67.56
N ALA A 172 -162.45 67.16 -68.64
CA ALA A 172 -162.48 68.09 -69.77
C ALA A 172 -163.24 69.36 -69.40
N LYS A 173 -164.38 69.19 -68.75
CA LYS A 173 -165.20 70.31 -68.30
C LYS A 173 -164.47 71.09 -67.22
N GLU A 174 -163.55 70.40 -66.52
CA GLU A 174 -162.72 71.04 -65.50
C GLU A 174 -161.66 71.93 -66.15
N ARG A 175 -160.91 71.36 -67.09
CA ARG A 175 -159.82 72.10 -67.72
C ARG A 175 -160.36 73.28 -68.53
N LEU A 176 -161.55 73.12 -69.09
CA LEU A 176 -162.22 74.22 -69.77
C LEU A 176 -162.58 75.32 -68.78
N ASN A 177 -162.89 74.92 -67.55
CA ASN A 177 -163.21 75.86 -66.48
C ASN A 177 -162.01 76.76 -66.18
N ILE A 178 -160.81 76.18 -66.25
CA ILE A 178 -159.60 76.96 -66.07
C ILE A 178 -159.39 77.91 -67.25
N TYR A 179 -159.60 77.41 -68.46
CA TYR A 179 -159.40 78.20 -69.68
C TYR A 179 -160.23 79.48 -69.64
N LYS A 180 -161.52 79.33 -69.34
CA LYS A 180 -162.41 80.49 -69.26
C LYS A 180 -162.02 81.42 -68.12
N GLN A 181 -161.52 80.85 -67.03
CA GLN A 181 -161.13 81.62 -65.86
C GLN A 181 -159.89 82.48 -66.17
N THR A 182 -158.83 81.81 -66.63
CA THR A 182 -157.55 82.47 -66.84
C THR A 182 -157.60 83.47 -68.00
N ASN A 183 -158.46 83.21 -68.98
CA ASN A 183 -158.61 84.11 -70.12
C ASN A 183 -159.63 85.21 -69.83
N ASN A 184 -160.34 85.07 -68.71
CA ASN A 184 -161.35 86.04 -68.28
C ASN A 184 -162.48 86.15 -69.31
N ILE A 185 -162.75 85.04 -69.98
CA ILE A 185 -163.74 85.03 -71.05
C ILE A 185 -165.06 84.42 -70.59
N ARG A 186 -166.17 84.93 -71.10
CA ARG A 186 -167.50 84.47 -70.71
C ARG A 186 -168.45 84.50 -71.90
N ASP A 187 -168.90 83.34 -72.34
CA ASP A 187 -169.87 83.24 -73.43
C ASP A 187 -171.03 82.35 -72.99
N ASP A 188 -172.18 82.47 -73.64
CA ASP A 188 -173.36 81.74 -73.22
C ASP A 188 -173.87 80.79 -74.30
N TYR A 189 -174.33 79.63 -73.86
CA TYR A 189 -174.81 78.59 -74.76
C TYR A 189 -176.10 79.03 -75.46
N LYS A 190 -176.02 79.13 -76.77
CA LYS A 190 -177.20 79.37 -77.60
C LYS A 190 -177.95 78.06 -77.81
N TYR A 191 -179.04 77.88 -77.08
CA TYR A 191 -179.87 76.69 -77.22
C TYR A 191 -180.82 76.85 -78.40
N THR A 192 -180.75 75.91 -79.33
CA THR A 192 -181.56 75.96 -80.54
C THR A 192 -182.60 74.85 -80.54
N PRO A 193 -183.89 75.20 -80.50
CA PRO A 193 -184.99 74.25 -80.53
C PRO A 193 -185.18 73.64 -81.92
N VAL A 194 -185.03 72.33 -81.99
CA VAL A 194 -185.16 71.59 -83.24
C VAL A 194 -186.65 71.33 -83.55
N GLY A 195 -186.93 70.78 -84.74
CA GLY A 195 -188.29 70.52 -85.17
C GLY A 195 -189.11 69.66 -84.22
N PRO A 196 -190.36 69.36 -84.58
CA PRO A 196 -191.33 68.68 -83.69
C PRO A 196 -190.93 67.24 -83.32
N GLU A 197 -191.92 66.48 -82.85
CA GLU A 197 -191.71 65.16 -82.24
C GLU A 197 -190.88 64.22 -83.13
N HIS A 198 -191.07 64.31 -84.44
CA HIS A 198 -190.35 63.45 -85.38
C HIS A 198 -188.85 63.69 -85.32
N ALA A 199 -188.48 64.92 -85.01
CA ALA A 199 -187.09 65.31 -84.96
C ALA A 199 -186.74 65.83 -83.57
N ARG A 200 -187.42 65.25 -82.59
CA ARG A 200 -187.28 65.65 -81.19
C ARG A 200 -185.83 65.61 -80.71
N SER A 201 -185.20 66.77 -80.68
CA SER A 201 -183.84 66.92 -80.22
C SER A 201 -183.59 68.38 -79.84
N PHE A 202 -182.38 68.69 -79.41
CA PHE A 202 -182.03 70.05 -79.05
C PHE A 202 -180.60 70.36 -79.47
N LEU A 203 -180.40 71.55 -80.03
CA LEU A 203 -179.07 71.99 -80.44
C LEU A 203 -178.49 72.96 -79.43
N ALA A 204 -177.19 72.93 -79.26
CA ALA A 204 -176.50 73.86 -78.40
C ALA A 204 -175.26 74.40 -79.08
N GLU A 205 -175.32 75.64 -79.52
CA GLU A 205 -174.17 76.28 -80.12
C GLU A 205 -173.49 77.18 -79.09
N LEU A 206 -172.23 76.92 -78.85
CA LEU A 206 -171.45 77.63 -77.85
C LEU A 206 -170.13 78.05 -78.47
N SER A 207 -169.72 79.28 -78.23
CA SER A 207 -168.50 79.78 -78.81
C SER A 207 -167.46 80.02 -77.73
N ILE A 208 -166.21 80.14 -78.14
CA ILE A 208 -165.17 80.57 -77.23
C ILE A 208 -164.91 82.04 -77.42
N TYR A 209 -164.85 82.77 -76.33
CA TYR A 209 -164.69 84.21 -76.39
C TYR A 209 -163.23 84.51 -76.70
N VAL A 210 -162.99 85.59 -77.46
CA VAL A 210 -161.67 85.89 -78.01
C VAL A 210 -160.56 85.79 -76.96
N PRO A 211 -159.72 84.74 -77.08
CA PRO A 211 -158.63 84.50 -76.15
C PRO A 211 -157.38 85.30 -76.49
N ALA A 212 -156.28 84.97 -75.82
CA ALA A 212 -155.01 85.65 -76.03
C ALA A 212 -154.48 85.45 -77.45
N LEU A 213 -154.93 84.38 -78.10
CA LEU A 213 -154.49 84.05 -79.45
C LEU A 213 -155.26 84.86 -80.49
N ASN A 214 -156.33 85.51 -80.05
CA ASN A 214 -157.19 86.32 -80.92
C ASN A 214 -157.72 85.49 -82.09
N ARG A 215 -158.39 84.39 -81.76
CA ARG A 215 -158.99 83.51 -82.76
C ARG A 215 -160.40 83.11 -82.32
N THR A 216 -161.31 83.04 -83.27
CA THR A 216 -162.71 82.77 -82.96
C THR A 216 -163.11 81.35 -83.35
N VAL A 217 -163.77 80.65 -82.42
CA VAL A 217 -164.25 79.30 -82.68
C VAL A 217 -165.63 79.08 -82.05
N THR A 218 -166.50 78.38 -82.76
CA THR A 218 -167.85 78.11 -82.30
C THR A 218 -168.22 76.65 -82.58
N ALA A 219 -168.90 76.02 -81.62
CA ALA A 219 -169.36 74.65 -81.78
C ALA A 219 -170.87 74.58 -81.67
N ARG A 220 -171.49 73.85 -82.58
CA ARG A 220 -172.93 73.67 -82.55
C ARG A 220 -173.24 72.19 -82.54
N GLU A 221 -173.54 71.68 -81.36
CA GLU A 221 -173.73 70.24 -81.18
C GLU A 221 -175.18 69.91 -80.89
N SER A 222 -175.51 68.63 -81.00
CA SER A 222 -176.89 68.18 -80.88
C SER A 222 -177.03 67.21 -79.72
N GLY A 223 -178.13 67.32 -78.99
CA GLY A 223 -178.42 66.39 -77.93
C GLY A 223 -179.91 66.09 -77.85
N SER A 224 -180.30 65.18 -76.98
CA SER A 224 -181.71 64.86 -76.81
C SER A 224 -182.38 65.90 -75.92
N ASN A 225 -181.66 66.33 -74.90
CA ASN A 225 -182.13 67.35 -73.97
C ASN A 225 -181.15 68.50 -73.95
N LYS A 226 -181.44 69.55 -73.19
CA LYS A 226 -180.53 70.69 -73.09
C LYS A 226 -179.19 70.28 -72.48
N LYS A 227 -179.25 69.47 -71.42
CA LYS A 227 -178.04 68.97 -70.78
C LYS A 227 -177.29 68.03 -71.72
N SER A 228 -178.03 67.32 -72.55
CA SER A 228 -177.43 66.38 -73.49
C SER A 228 -176.69 67.15 -74.58
N ALA A 229 -177.24 68.28 -74.97
CA ALA A 229 -176.66 69.11 -76.01
C ALA A 229 -175.40 69.81 -75.50
N SER A 230 -175.44 70.30 -74.27
CA SER A 230 -174.30 71.01 -73.70
C SER A 230 -173.11 70.08 -73.49
N LYS A 231 -173.38 68.88 -72.99
CA LYS A 231 -172.34 67.87 -72.80
C LYS A 231 -171.64 67.57 -74.12
N SER A 232 -172.44 67.35 -75.15
CA SER A 232 -171.91 67.06 -76.47
C SER A 232 -171.11 68.25 -76.99
N CYS A 233 -171.62 69.45 -76.75
CA CYS A 233 -170.99 70.67 -77.24
C CYS A 233 -169.60 70.89 -76.65
N ALA A 234 -169.51 70.83 -75.32
CA ALA A 234 -168.24 71.09 -74.64
C ALA A 234 -167.15 70.11 -75.06
N LEU A 235 -167.52 68.84 -75.16
CA LEU A 235 -166.54 67.80 -75.48
C LEU A 235 -166.20 67.79 -76.97
N SER A 236 -167.16 68.19 -77.79
CA SER A 236 -166.94 68.26 -79.24
C SER A 236 -166.12 69.50 -79.59
N LEU A 237 -166.20 70.51 -78.74
CA LEU A 237 -165.48 71.76 -78.94
C LEU A 237 -163.97 71.52 -78.84
N VAL A 238 -163.57 70.57 -78.00
CA VAL A 238 -162.16 70.22 -77.81
C VAL A 238 -161.48 69.91 -79.15
N ARG A 239 -162.25 69.32 -80.06
CA ARG A 239 -161.74 68.95 -81.38
C ARG A 239 -161.23 70.16 -82.15
N GLN A 240 -161.99 71.26 -82.11
CA GLN A 240 -161.60 72.48 -82.83
C GLN A 240 -160.77 73.39 -81.94
N LEU A 241 -160.87 73.17 -80.63
CA LEU A 241 -160.22 74.03 -79.64
C LEU A 241 -158.71 73.91 -79.73
N PHE A 242 -158.24 72.80 -80.29
CA PHE A 242 -156.82 72.59 -80.53
C PHE A 242 -156.18 73.77 -81.27
N HIS A 243 -156.96 74.37 -82.17
CA HIS A 243 -156.44 75.43 -83.03
C HIS A 243 -156.19 76.72 -82.26
N LEU A 244 -156.48 76.71 -80.96
CA LEU A 244 -156.19 77.86 -80.11
C LEU A 244 -155.04 77.54 -79.15
N ASN A 245 -154.27 76.51 -79.48
CA ASN A 245 -153.16 76.04 -78.63
C ASN A 245 -153.72 75.44 -77.33
N VAL A 246 -154.91 74.89 -77.44
CA VAL A 246 -155.59 74.26 -76.32
C VAL A 246 -155.50 72.74 -76.47
N ILE A 247 -156.17 71.98 -75.60
CA ILE A 247 -156.02 70.52 -75.56
C ILE A 247 -156.33 69.90 -76.91
N GLU A 248 -155.36 69.17 -77.43
CA GLU A 248 -155.50 68.50 -78.71
C GLU A 248 -156.23 67.16 -78.57
N PRO A 249 -157.18 66.89 -79.48
CA PRO A 249 -158.00 65.67 -79.45
C PRO A 249 -157.16 64.40 -79.32
N PHE A 250 -157.65 63.47 -78.52
CA PHE A 250 -156.93 62.24 -78.23
C PHE A 250 -157.02 61.29 -79.42
N SER A 251 -155.92 60.60 -79.71
CA SER A 251 -155.89 59.68 -80.84
C SER A 251 -155.47 58.28 -80.38
N GLY A 252 -156.44 57.39 -80.29
CA GLY A 252 -156.16 56.01 -79.94
C GLY A 252 -156.99 55.04 -80.75
N THR A 253 -156.48 53.84 -80.96
CA THR A 253 -157.22 52.82 -81.68
C THR A 253 -158.20 52.10 -80.76
N LEU A 254 -159.43 52.59 -80.74
CA LEU A 254 -160.48 51.99 -79.94
C LEU A 254 -160.92 50.66 -80.54
N LYS A 255 -160.99 49.65 -79.68
CA LYS A 255 -161.35 48.29 -80.11
C LYS A 255 -162.86 48.14 -80.19
N LYS A 256 -163.58 49.10 -79.62
CA LYS A 256 -165.04 49.11 -79.66
C LYS A 256 -165.54 50.50 -80.01
N LYS A 257 -166.55 50.56 -80.86
CA LYS A 257 -167.04 51.84 -81.36
C LYS A 257 -168.55 51.81 -81.58
N LYS A 258 -169.18 52.98 -81.54
CA LYS A 258 -170.60 53.09 -81.81
C LYS A 258 -170.93 52.60 -83.22
N ASP A 259 -171.88 51.69 -83.32
CA ASP A 259 -172.23 51.09 -84.59
C ASP A 259 -173.68 50.65 -84.60
N GLY A 1 4.73 13.53 -46.14
CA GLY A 1 3.90 12.34 -45.98
C GLY A 1 3.45 12.15 -44.55
N ALA A 2 4.20 12.68 -43.60
CA ALA A 2 3.85 12.60 -42.19
C ALA A 2 2.76 13.60 -41.86
N MET A 3 1.54 13.13 -41.72
CA MET A 3 0.41 14.01 -41.44
C MET A 3 0.03 13.95 -39.96
N ASP A 4 -0.80 14.89 -39.55
CA ASP A 4 -1.27 14.95 -38.16
C ASP A 4 -2.60 14.22 -38.03
N ILE A 5 -2.98 13.89 -36.80
CA ILE A 5 -4.21 13.16 -36.52
C ILE A 5 -5.45 13.88 -37.08
N LYS A 6 -5.39 15.21 -37.13
CA LYS A 6 -6.52 15.99 -37.65
C LYS A 6 -6.78 15.64 -39.11
N SER A 7 -5.71 15.35 -39.84
CA SER A 7 -5.81 15.05 -41.27
C SER A 7 -6.65 13.79 -41.49
N PHE A 8 -6.48 12.83 -40.59
CA PHE A 8 -7.24 11.58 -40.67
C PHE A 8 -8.71 11.82 -40.34
N LEU A 9 -8.96 12.83 -39.50
CA LEU A 9 -10.33 13.20 -39.15
C LEU A 9 -11.01 13.81 -40.37
N TYR A 10 -10.26 14.59 -41.14
CA TYR A 10 -10.75 15.15 -42.40
C TYR A 10 -11.03 14.02 -43.39
N GLN A 11 -10.16 13.02 -43.39
CA GLN A 11 -10.32 11.86 -44.29
C GLN A 11 -11.60 11.09 -43.98
N PHE A 12 -12.08 11.18 -42.74
CA PHE A 12 -13.33 10.56 -42.35
C PHE A 12 -14.51 11.37 -42.89
N CYS A 13 -14.40 12.69 -42.78
CA CYS A 13 -15.50 13.58 -43.14
C CYS A 13 -15.60 13.77 -44.66
N ALA A 14 -14.47 13.61 -45.35
CA ALA A 14 -14.43 13.71 -46.81
C ALA A 14 -15.28 12.63 -47.46
N LYS A 15 -15.68 11.64 -46.65
CA LYS A 15 -16.56 10.57 -47.11
C LYS A 15 -17.87 11.13 -47.65
N SER A 16 -18.50 12.00 -46.87
CA SER A 16 -19.74 12.64 -47.26
C SER A 16 -19.47 14.06 -47.76
N GLN A 17 -18.19 14.35 -48.02
CA GLN A 17 -17.76 15.65 -48.53
C GLN A 17 -18.04 16.78 -47.53
N ILE A 18 -17.92 16.47 -46.25
CA ILE A 18 -18.11 17.47 -45.22
C ILE A 18 -16.79 17.76 -44.52
N GLU A 19 -16.75 18.82 -43.74
CA GLU A 19 -15.54 19.22 -43.03
C GLU A 19 -15.83 19.47 -41.56
N PRO A 20 -14.98 18.93 -40.67
CA PRO A 20 -15.12 19.11 -39.24
C PRO A 20 -15.02 20.58 -38.84
N LYS A 21 -15.83 21.00 -37.88
CA LYS A 21 -15.84 22.37 -37.45
C LYS A 21 -15.06 22.55 -36.16
N PHE A 22 -13.93 23.23 -36.25
CA PHE A 22 -13.12 23.51 -35.08
C PHE A 22 -13.57 24.81 -34.44
N ASP A 23 -14.18 24.69 -33.27
CA ASP A 23 -14.70 25.85 -32.55
C ASP A 23 -13.90 26.05 -31.29
N ILE A 24 -12.96 26.96 -31.35
CA ILE A 24 -12.08 27.20 -30.22
C ILE A 24 -12.50 28.48 -29.52
N ARG A 25 -13.14 28.32 -28.38
CA ARG A 25 -13.62 29.45 -27.60
C ARG A 25 -12.62 29.76 -26.51
N GLN A 26 -12.06 30.96 -26.55
CA GLN A 26 -11.12 31.38 -25.54
C GLN A 26 -11.88 31.97 -24.36
N THR A 27 -11.85 31.26 -23.25
CA THR A 27 -12.48 31.73 -22.03
C THR A 27 -11.71 31.19 -20.84
N GLY A 28 -10.86 32.03 -20.28
CA GLY A 28 -10.06 31.63 -19.16
C GLY A 28 -10.61 32.15 -17.86
N PRO A 29 -10.48 31.39 -16.76
CA PRO A 29 -10.85 31.85 -15.43
C PRO A 29 -9.92 32.97 -14.97
N LYS A 30 -10.24 33.58 -13.84
CA LYS A 30 -9.46 34.68 -13.32
C LYS A 30 -8.05 34.25 -12.92
N ASN A 31 -7.78 32.95 -12.97
CA ASN A 31 -6.49 32.45 -12.51
C ASN A 31 -5.46 32.48 -13.63
N ARG A 32 -5.90 32.25 -14.87
CA ARG A 32 -5.05 32.19 -16.06
C ARG A 32 -5.92 31.84 -17.25
N GLN A 33 -5.42 32.14 -18.42
CA GLN A 33 -6.17 31.89 -19.65
C GLN A 33 -6.04 30.43 -20.10
N ARG A 34 -7.10 29.92 -20.72
CA ARG A 34 -7.08 28.59 -21.32
C ARG A 34 -7.94 28.56 -22.56
N PHE A 35 -7.54 27.75 -23.54
CA PHE A 35 -8.29 27.62 -24.78
C PHE A 35 -9.19 26.40 -24.75
N LEU A 36 -10.44 26.59 -25.14
CA LEU A 36 -11.40 25.51 -25.20
C LEU A 36 -11.69 25.16 -26.65
N CYS A 37 -11.05 24.12 -27.13
CA CYS A 37 -11.20 23.71 -28.51
C CYS A 37 -12.24 22.60 -28.63
N GLU A 38 -13.36 22.93 -29.24
CA GLU A 38 -14.44 21.99 -29.42
C GLU A 38 -14.65 21.69 -30.90
N VAL A 39 -14.46 20.44 -31.28
CA VAL A 39 -14.58 20.05 -32.68
C VAL A 39 -15.94 19.41 -32.95
N ARG A 40 -16.70 20.03 -33.84
CA ARG A 40 -18.04 19.56 -34.17
C ARG A 40 -18.03 18.72 -35.45
N VAL A 41 -18.62 17.54 -35.35
CA VAL A 41 -18.73 16.59 -36.46
C VAL A 41 -20.07 15.85 -36.31
N GLU A 42 -20.53 15.18 -37.38
CA GLU A 42 -21.76 14.37 -37.34
C GLU A 42 -21.75 13.41 -36.13
N PRO A 43 -22.84 12.64 -35.89
CA PRO A 43 -23.31 12.29 -34.57
C PRO A 43 -22.63 13.04 -33.42
N ASN A 44 -23.26 14.17 -33.10
CA ASN A 44 -22.76 15.11 -32.11
C ASN A 44 -22.96 14.61 -30.68
N THR A 45 -23.31 13.34 -30.55
CA THR A 45 -23.53 12.73 -29.23
C THR A 45 -22.30 12.92 -28.35
N TYR A 46 -21.13 12.96 -28.99
CA TYR A 46 -19.90 13.25 -28.28
C TYR A 46 -19.12 14.31 -29.04
N ILE A 47 -18.80 15.40 -28.36
CA ILE A 47 -18.03 16.47 -28.98
C ILE A 47 -16.60 16.40 -28.48
N GLY A 48 -15.65 16.53 -29.40
CA GLY A 48 -14.25 16.51 -29.02
C GLY A 48 -13.85 17.80 -28.34
N VAL A 49 -13.88 17.79 -27.02
CA VAL A 49 -13.61 18.98 -26.24
C VAL A 49 -12.23 18.91 -25.61
N GLY A 50 -11.31 19.71 -26.12
CA GLY A 50 -9.98 19.77 -25.56
C GLY A 50 -9.75 21.10 -24.89
N ASN A 51 -8.92 21.11 -23.86
CA ASN A 51 -8.58 22.34 -23.18
C ASN A 51 -7.11 22.37 -22.83
N SER A 52 -6.47 23.50 -23.03
CA SER A 52 -5.07 23.65 -22.70
C SER A 52 -4.75 25.09 -22.34
N THR A 53 -3.66 25.27 -21.60
CA THR A 53 -3.17 26.60 -21.28
C THR A 53 -2.43 27.19 -22.48
N ASN A 54 -2.24 26.38 -23.51
CA ASN A 54 -1.59 26.82 -24.71
C ASN A 54 -2.47 26.52 -25.91
N LYS A 55 -2.51 27.45 -26.86
CA LYS A 55 -3.34 27.33 -28.05
C LYS A 55 -2.94 26.10 -28.89
N LYS A 56 -1.65 25.83 -28.99
CA LYS A 56 -1.17 24.73 -29.84
C LYS A 56 -1.50 23.38 -29.26
N ASP A 57 -1.26 23.21 -27.98
CA ASP A 57 -1.59 21.98 -27.30
C ASP A 57 -3.10 21.74 -27.35
N ALA A 58 -3.89 22.82 -27.26
CA ALA A 58 -5.33 22.76 -27.46
C ALA A 58 -5.66 22.13 -28.81
N GLU A 59 -5.05 22.65 -29.86
CA GLU A 59 -5.29 22.19 -31.23
C GLU A 59 -5.02 20.69 -31.38
N LYS A 60 -4.18 20.13 -30.52
CA LYS A 60 -3.90 18.70 -30.55
C LYS A 60 -4.93 17.95 -29.69
N ASN A 61 -5.22 18.50 -28.50
CA ASN A 61 -6.14 17.89 -27.56
C ASN A 61 -7.54 17.71 -28.16
N ALA A 62 -8.03 18.73 -28.86
CA ALA A 62 -9.34 18.66 -29.50
C ALA A 62 -9.45 17.44 -30.41
N CYS A 63 -8.56 17.38 -31.40
CA CYS A 63 -8.52 16.27 -32.35
C CYS A 63 -8.42 14.93 -31.62
N ARG A 64 -7.50 14.86 -30.67
CA ARG A 64 -7.25 13.63 -29.93
C ARG A 64 -8.47 13.18 -29.14
N ASP A 65 -9.16 14.13 -28.52
CA ASP A 65 -10.29 13.81 -27.66
C ASP A 65 -11.50 13.33 -28.48
N PHE A 66 -11.66 13.88 -29.68
CA PHE A 66 -12.79 13.52 -30.52
C PHE A 66 -12.62 12.12 -31.11
N VAL A 67 -11.49 11.90 -31.76
CA VAL A 67 -11.23 10.61 -32.42
C VAL A 67 -11.11 9.50 -31.39
N ASN A 68 -10.86 9.89 -30.14
CA ASN A 68 -10.83 8.97 -29.01
C ASN A 68 -12.11 8.12 -28.99
N TYR A 69 -13.25 8.80 -29.01
CA TYR A 69 -14.54 8.12 -29.02
C TYR A 69 -14.72 7.33 -30.31
N LEU A 70 -14.27 7.91 -31.41
CA LEU A 70 -14.41 7.28 -32.73
C LEU A 70 -13.70 5.94 -32.81
N VAL A 71 -12.52 5.87 -32.22
CA VAL A 71 -11.74 4.65 -32.24
C VAL A 71 -12.31 3.62 -31.27
N ARG A 72 -12.75 4.09 -30.10
CA ARG A 72 -13.30 3.19 -29.09
C ARG A 72 -14.59 2.52 -29.57
N VAL A 73 -15.31 3.18 -30.48
CA VAL A 73 -16.52 2.58 -31.05
C VAL A 73 -16.18 1.82 -32.33
N GLY A 74 -14.93 1.92 -32.77
CA GLY A 74 -14.45 1.12 -33.88
C GLY A 74 -14.78 1.70 -35.25
N LYS A 75 -15.13 2.98 -35.30
CA LYS A 75 -15.42 3.63 -36.58
C LYS A 75 -14.17 4.19 -37.23
N LEU A 76 -13.15 4.48 -36.42
CA LEU A 76 -11.87 4.95 -36.94
C LEU A 76 -10.79 3.90 -36.72
N ASN A 77 -9.58 4.19 -37.18
CA ASN A 77 -8.48 3.24 -37.11
C ASN A 77 -7.64 3.45 -35.84
N THR A 78 -7.29 2.36 -35.18
CA THR A 78 -6.50 2.42 -33.97
C THR A 78 -5.01 2.33 -34.28
N ASN A 79 -4.66 2.24 -35.55
CA ASN A 79 -3.25 2.23 -35.95
C ASN A 79 -2.61 3.59 -35.70
N ASP A 80 -3.35 4.66 -35.97
CA ASP A 80 -2.84 6.00 -35.75
C ASP A 80 -3.25 6.50 -34.37
N VAL A 81 -4.36 5.98 -33.86
CA VAL A 81 -4.75 6.23 -32.49
C VAL A 81 -4.52 4.96 -31.66
N PRO A 82 -3.30 4.80 -31.12
CA PRO A 82 -2.90 3.56 -30.45
C PRO A 82 -3.53 3.40 -29.07
N ALA A 83 -4.27 2.32 -28.90
CA ALA A 83 -4.85 2.00 -27.61
C ALA A 83 -3.91 1.12 -26.82
N ASP A 84 -3.16 0.32 -27.55
CA ASP A 84 -2.16 -0.57 -26.97
C ASP A 84 -0.78 0.04 -27.08
N ALA A 85 -0.36 0.75 -26.04
CA ALA A 85 0.95 1.40 -26.03
C ALA A 85 2.04 0.40 -25.65
N GLY A 86 1.85 -0.24 -24.51
CA GLY A 86 2.84 -1.21 -24.05
C GLY A 86 2.53 -2.61 -24.51
N ALA A 87 1.48 -3.20 -23.95
CA ALA A 87 1.08 -4.55 -24.31
C ALA A 87 0.02 -4.53 -25.39
N SER A 88 0.11 -5.44 -26.34
CA SER A 88 -0.85 -5.53 -27.41
C SER A 88 -1.71 -6.77 -27.30
N GLY A 89 -3.04 -6.57 -27.41
CA GLY A 89 -3.96 -7.70 -27.43
C GLY A 89 -3.94 -8.50 -26.15
N GLY A 90 -3.82 -7.83 -25.01
CA GLY A 90 -3.80 -8.51 -23.74
C GLY A 90 -5.21 -8.77 -23.20
N GLY A 91 -5.89 -9.75 -23.77
CA GLY A 91 -7.22 -10.08 -23.32
C GLY A 91 -7.25 -11.36 -22.51
N PRO A 92 -8.42 -11.71 -21.93
CA PRO A 92 -8.57 -12.92 -21.10
C PRO A 92 -8.27 -14.21 -21.87
N ARG A 93 -7.27 -14.94 -21.43
CA ARG A 93 -6.85 -16.16 -22.10
C ARG A 93 -6.38 -17.21 -21.11
N THR A 94 -7.08 -18.34 -21.05
CA THR A 94 -6.70 -19.44 -20.18
C THR A 94 -6.44 -20.71 -20.97
N GLY A 95 -7.41 -21.11 -21.80
CA GLY A 95 -7.30 -22.35 -22.54
C GLY A 95 -7.53 -23.55 -21.64
N LEU A 96 -8.65 -24.22 -21.83
CA LEU A 96 -9.02 -25.36 -20.99
C LEU A 96 -8.47 -26.67 -21.55
N GLU A 97 -8.39 -27.69 -20.69
CA GLU A 97 -7.87 -28.99 -21.09
C GLU A 97 -8.89 -30.09 -20.77
N GLY A 98 -9.43 -30.72 -21.80
CA GLY A 98 -10.42 -31.76 -21.61
C GLY A 98 -10.08 -33.05 -22.33
N ALA A 99 -9.01 -33.71 -21.88
CA ALA A 99 -8.60 -34.97 -22.47
C ALA A 99 -9.05 -36.14 -21.58
N GLY A 100 -9.65 -37.15 -22.19
CA GLY A 100 -10.16 -38.28 -21.43
C GLY A 100 -9.50 -39.59 -21.82
N MET A 101 -8.78 -40.18 -20.86
CA MET A 101 -8.15 -41.49 -21.08
C MET A 101 -8.81 -42.55 -20.21
N ALA A 102 -8.92 -43.77 -20.74
CA ALA A 102 -9.54 -44.86 -20.00
C ALA A 102 -8.88 -46.19 -20.38
N GLY A 103 -8.97 -47.17 -19.49
CA GLY A 103 -8.41 -48.49 -19.75
C GLY A 103 -8.79 -49.51 -18.69
N GLY A 104 -7.80 -50.23 -18.18
CA GLY A 104 -8.06 -51.20 -17.14
C GLY A 104 -8.25 -52.60 -17.70
N SER A 105 -7.53 -53.57 -17.14
CA SER A 105 -7.58 -54.94 -17.64
C SER A 105 -8.92 -55.60 -17.29
N GLY A 106 -9.32 -55.51 -16.02
CA GLY A 106 -10.57 -56.10 -15.60
C GLY A 106 -10.38 -57.29 -14.68
N GLN A 107 -10.12 -57.02 -13.41
CA GLN A 107 -9.95 -58.08 -12.40
C GLN A 107 -10.95 -57.90 -11.25
N GLN A 108 -11.48 -56.68 -11.13
CA GLN A 108 -12.20 -56.26 -9.93
C GLN A 108 -13.64 -56.77 -9.87
N LYS A 109 -14.03 -57.70 -10.72
CA LYS A 109 -15.37 -58.26 -10.66
C LYS A 109 -15.47 -59.30 -9.55
N ARG A 110 -15.68 -58.82 -8.33
CA ARG A 110 -15.88 -59.69 -7.18
C ARG A 110 -17.23 -59.38 -6.52
N VAL A 111 -18.17 -60.31 -6.61
CA VAL A 111 -19.53 -60.05 -6.16
C VAL A 111 -19.76 -60.56 -4.74
N PHE A 112 -20.18 -59.65 -3.87
CA PHE A 112 -20.59 -59.99 -2.52
C PHE A 112 -21.86 -59.22 -2.20
N ASP A 113 -22.84 -59.88 -1.59
CA ASP A 113 -24.09 -59.23 -1.25
C ASP A 113 -23.85 -58.18 -0.15
N GLY A 114 -23.02 -58.54 0.83
CA GLY A 114 -22.56 -57.60 1.84
C GLY A 114 -23.68 -56.89 2.57
N GLN A 115 -24.74 -57.62 2.90
CA GLN A 115 -25.85 -57.05 3.66
C GLN A 115 -25.39 -56.63 5.06
N SER A 116 -25.28 -55.33 5.27
CA SER A 116 -24.88 -54.79 6.56
C SER A 116 -26.05 -54.07 7.23
N GLY A 117 -26.34 -54.45 8.46
CA GLY A 117 -27.40 -53.81 9.23
C GLY A 117 -26.85 -52.81 10.24
N PRO A 118 -27.57 -51.70 10.48
CA PRO A 118 -27.17 -50.68 11.46
C PRO A 118 -27.28 -51.17 12.90
N GLN A 119 -26.55 -50.54 13.81
CA GLN A 119 -26.56 -50.91 15.22
C GLN A 119 -27.46 -49.97 16.02
N ASP A 120 -28.44 -50.55 16.71
CA ASP A 120 -29.41 -49.76 17.49
C ASP A 120 -28.82 -49.32 18.83
N LEU A 121 -27.58 -48.87 18.82
CA LEU A 121 -26.89 -48.52 20.06
C LEU A 121 -26.87 -47.01 20.31
N GLY A 122 -26.45 -46.26 19.29
CA GLY A 122 -26.10 -44.87 19.46
C GLY A 122 -27.16 -44.01 20.16
N GLU A 123 -28.43 -44.25 19.84
CA GLU A 123 -29.52 -43.45 20.37
C GLU A 123 -29.53 -43.42 21.89
N ALA A 124 -29.20 -44.55 22.51
CA ALA A 124 -29.27 -44.67 23.96
C ALA A 124 -28.24 -43.77 24.65
N TYR A 125 -27.11 -43.56 24.01
CA TYR A 125 -26.00 -42.83 24.62
C TYR A 125 -25.84 -41.45 23.98
N ARG A 126 -26.88 -40.63 24.09
CA ARG A 126 -26.83 -39.28 23.54
C ARG A 126 -26.00 -38.37 24.45
N PRO A 127 -25.19 -37.48 23.86
CA PRO A 127 -24.41 -36.51 24.63
C PRO A 127 -25.25 -35.34 25.13
N LEU A 128 -24.78 -34.68 26.17
CA LEU A 128 -25.48 -33.55 26.75
C LEU A 128 -24.89 -32.24 26.27
N ASN A 129 -25.73 -31.36 25.73
CA ASN A 129 -25.27 -30.08 25.23
C ASN A 129 -25.19 -29.07 26.36
N HIS A 130 -23.97 -28.71 26.72
CA HIS A 130 -23.74 -27.77 27.81
C HIS A 130 -23.53 -26.37 27.24
N ASP A 131 -23.47 -25.36 28.12
CA ASP A 131 -23.26 -23.98 27.70
C ASP A 131 -21.98 -23.84 26.88
N GLY A 132 -22.12 -23.39 25.64
CA GLY A 132 -20.96 -23.23 24.79
C GLY A 132 -20.72 -21.78 24.42
N GLY A 133 -20.26 -21.55 23.20
CA GLY A 133 -20.02 -20.21 22.73
C GLY A 133 -20.65 -19.97 21.38
N ASP A 134 -20.78 -18.72 20.99
CA ASP A 134 -21.39 -18.38 19.71
C ASP A 134 -20.53 -18.86 18.56
N GLY A 135 -19.22 -18.69 18.68
CA GLY A 135 -18.32 -19.17 17.66
C GLY A 135 -17.01 -18.41 17.66
N GLY A 136 -16.89 -17.46 16.73
CA GLY A 136 -15.65 -16.71 16.57
C GLY A 136 -15.37 -15.76 17.72
N ASN A 137 -16.24 -15.76 18.72
CA ASN A 137 -16.04 -14.90 19.90
C ASN A 137 -15.45 -15.70 21.06
N ARG A 138 -15.08 -16.94 20.80
CA ARG A 138 -14.51 -17.78 21.84
C ARG A 138 -12.99 -17.73 21.81
N TYR A 139 -12.43 -17.16 22.87
CA TYR A 139 -10.99 -17.06 23.03
C TYR A 139 -10.47 -18.20 23.92
N SER A 140 -11.08 -19.38 23.75
CA SER A 140 -10.79 -20.52 24.61
C SER A 140 -9.47 -21.21 24.24
N VAL A 141 -8.70 -20.54 23.39
CA VAL A 141 -7.39 -21.02 22.91
C VAL A 141 -7.42 -22.49 22.49
N ILE A 142 -8.56 -22.91 21.94
CA ILE A 142 -8.74 -24.27 21.46
C ILE A 142 -9.81 -24.29 20.38
N ASP A 143 -9.62 -25.12 19.37
CA ASP A 143 -10.51 -25.16 18.21
C ASP A 143 -11.71 -26.07 18.45
N ARG A 144 -11.91 -26.48 19.70
CA ARG A 144 -12.99 -27.38 20.07
C ARG A 144 -14.39 -26.76 19.86
N ILE A 145 -14.43 -25.52 19.38
CA ILE A 145 -15.69 -24.85 19.07
C ILE A 145 -15.94 -24.89 17.55
N GLN A 146 -14.99 -25.46 16.83
CA GLN A 146 -15.11 -25.61 15.38
C GLN A 146 -15.53 -27.05 15.07
N GLU A 147 -15.37 -27.91 16.07
CA GLU A 147 -15.73 -29.32 15.99
C GLU A 147 -17.24 -29.53 16.10
N GLN A 148 -18.00 -28.46 15.96
CA GLN A 148 -19.45 -28.46 16.15
C GLN A 148 -20.15 -29.60 15.40
N ARG A 149 -21.35 -29.95 15.89
CA ARG A 149 -22.01 -31.21 15.58
C ARG A 149 -22.23 -31.49 14.09
N ASP A 150 -22.57 -30.46 13.31
CA ASP A 150 -23.04 -30.66 11.94
C ASP A 150 -21.95 -31.26 11.05
N MET A 151 -20.71 -30.93 11.37
CA MET A 151 -19.57 -31.47 10.64
C MET A 151 -19.45 -32.98 10.86
N ASN A 152 -19.94 -33.44 12.01
CA ASN A 152 -19.74 -34.82 12.44
C ASN A 152 -20.95 -35.69 12.13
N GLU A 153 -22.00 -35.11 11.57
CA GLU A 153 -23.24 -35.85 11.36
C GLU A 153 -23.10 -36.88 10.24
N ALA A 154 -22.10 -36.70 9.38
CA ALA A 154 -21.84 -37.67 8.33
C ALA A 154 -21.06 -38.88 8.87
N GLU A 155 -20.59 -38.75 10.11
CA GLU A 155 -19.87 -39.82 10.79
C GLU A 155 -20.83 -40.67 11.60
N ALA A 156 -22.05 -40.18 11.68
CA ALA A 156 -23.09 -40.80 12.49
C ALA A 156 -23.80 -41.92 11.74
N PHE A 157 -25.11 -41.87 11.82
CA PHE A 157 -25.98 -42.91 11.32
C PHE A 157 -26.10 -42.94 9.81
N ASP A 158 -26.74 -44.00 9.31
CA ASP A 158 -26.91 -44.22 7.89
C ASP A 158 -28.12 -43.44 7.36
N VAL A 159 -28.77 -42.71 8.24
CA VAL A 159 -29.96 -41.93 7.89
C VAL A 159 -29.71 -41.04 6.66
N ASN A 160 -28.51 -40.51 6.55
CA ASN A 160 -28.14 -39.64 5.43
C ASN A 160 -28.16 -40.39 4.11
N ALA A 161 -27.92 -41.70 4.18
CA ALA A 161 -27.86 -42.51 2.98
C ALA A 161 -29.25 -42.79 2.42
N ALA A 162 -30.26 -42.69 3.27
CA ALA A 162 -31.64 -42.96 2.85
C ALA A 162 -32.06 -42.02 1.74
N ILE A 163 -31.68 -40.74 1.86
CA ILE A 163 -32.02 -39.74 0.85
C ILE A 163 -31.11 -39.86 -0.36
N HIS A 164 -30.11 -40.71 -0.27
CA HIS A 164 -29.18 -40.96 -1.36
C HIS A 164 -29.62 -42.20 -2.16
N GLY A 165 -30.80 -42.71 -1.84
CA GLY A 165 -31.32 -43.86 -2.53
C GLY A 165 -31.04 -45.15 -1.77
N ASN A 166 -30.51 -45.00 -0.55
CA ASN A 166 -30.15 -46.12 0.33
C ASN A 166 -28.97 -46.91 -0.26
N TRP A 167 -28.38 -46.37 -1.30
CA TRP A 167 -27.19 -46.97 -1.88
C TRP A 167 -25.97 -46.52 -1.10
N THR A 168 -25.26 -47.48 -0.54
CA THR A 168 -24.18 -47.19 0.38
C THR A 168 -22.90 -47.95 0.04
N ILE A 169 -21.76 -47.30 0.31
CA ILE A 169 -20.47 -47.99 0.29
C ILE A 169 -20.02 -48.34 -1.15
N GLU A 170 -18.74 -48.70 -1.30
CA GLU A 170 -18.16 -49.00 -2.61
C GLU A 170 -18.82 -50.22 -3.26
N ASN A 171 -19.75 -50.85 -2.54
CA ASN A 171 -20.55 -51.95 -3.09
C ASN A 171 -21.37 -51.45 -4.26
N ALA A 172 -21.63 -50.15 -4.29
CA ALA A 172 -22.37 -49.51 -5.37
C ALA A 172 -21.72 -49.77 -6.73
N LYS A 173 -20.44 -50.15 -6.72
CA LYS A 173 -19.73 -50.47 -7.95
C LYS A 173 -20.37 -51.68 -8.64
N GLU A 174 -21.06 -52.50 -7.86
CA GLU A 174 -21.72 -53.68 -8.39
C GLU A 174 -22.88 -53.26 -9.30
N ARG A 175 -23.55 -52.17 -8.95
CA ARG A 175 -24.66 -51.68 -9.76
C ARG A 175 -24.15 -51.26 -11.14
N LEU A 176 -22.93 -50.74 -11.18
CA LEU A 176 -22.31 -50.35 -12.44
C LEU A 176 -21.77 -51.58 -13.18
N ASN A 177 -21.57 -52.66 -12.44
CA ASN A 177 -21.05 -53.91 -13.00
C ASN A 177 -21.96 -54.41 -14.12
N ILE A 178 -23.27 -54.34 -13.91
CA ILE A 178 -24.24 -54.77 -14.90
C ILE A 178 -24.18 -53.87 -16.14
N TYR A 179 -24.16 -52.55 -15.89
CA TYR A 179 -24.15 -51.56 -16.97
C TYR A 179 -22.96 -51.80 -17.90
N LYS A 180 -21.75 -51.83 -17.34
CA LYS A 180 -20.54 -52.02 -18.14
C LYS A 180 -20.47 -53.44 -18.70
N GLN A 181 -21.21 -54.36 -18.10
CA GLN A 181 -21.22 -55.74 -18.55
C GLN A 181 -22.04 -55.89 -19.82
N THR A 182 -23.29 -55.46 -19.75
CA THR A 182 -24.20 -55.59 -20.88
C THR A 182 -23.82 -54.62 -22.01
N ASN A 183 -23.20 -53.51 -21.64
CA ASN A 183 -22.77 -52.52 -22.62
C ASN A 183 -21.33 -52.76 -23.06
N ASN A 184 -20.68 -53.73 -22.42
CA ASN A 184 -19.35 -54.21 -22.80
C ASN A 184 -18.28 -53.11 -22.79
N ILE A 185 -18.45 -52.07 -21.99
CA ILE A 185 -17.43 -51.03 -21.89
C ILE A 185 -16.56 -51.24 -20.65
N ARG A 186 -15.29 -50.87 -20.74
CA ARG A 186 -14.35 -51.03 -19.64
C ARG A 186 -14.38 -49.83 -18.72
N ASP A 187 -14.77 -50.07 -17.48
CA ASP A 187 -14.84 -49.05 -16.46
C ASP A 187 -13.61 -49.11 -15.56
N ASP A 188 -12.95 -47.98 -15.43
CA ASP A 188 -11.74 -47.88 -14.63
C ASP A 188 -11.59 -46.47 -14.10
N TYR A 189 -11.56 -46.33 -12.79
CA TYR A 189 -11.52 -45.03 -12.14
C TYR A 189 -10.22 -44.31 -12.45
N LYS A 190 -10.34 -43.12 -13.01
CA LYS A 190 -9.18 -42.28 -13.26
C LYS A 190 -8.77 -41.59 -11.96
N TYR A 191 -7.50 -41.68 -11.66
CA TYR A 191 -6.96 -41.10 -10.44
C TYR A 191 -6.09 -39.91 -10.79
N THR A 192 -6.54 -38.72 -10.43
CA THR A 192 -5.77 -37.52 -10.68
C THR A 192 -5.19 -36.98 -9.37
N PRO A 193 -3.85 -36.98 -9.26
CA PRO A 193 -3.16 -36.48 -8.07
C PRO A 193 -3.31 -34.98 -7.90
N VAL A 194 -3.81 -34.58 -6.75
CA VAL A 194 -3.92 -33.18 -6.40
C VAL A 194 -2.59 -32.72 -5.82
N GLY A 195 -2.45 -31.41 -5.58
CA GLY A 195 -1.23 -30.87 -5.00
C GLY A 195 -0.68 -31.70 -3.85
N PRO A 196 0.64 -31.82 -3.74
CA PRO A 196 1.31 -32.72 -2.79
C PRO A 196 0.89 -32.51 -1.33
N GLU A 197 1.55 -31.57 -0.66
CA GLU A 197 1.22 -31.26 0.72
C GLU A 197 0.21 -30.12 0.78
N HIS A 198 0.44 -29.10 -0.05
CA HIS A 198 -0.37 -27.90 -0.05
C HIS A 198 -1.83 -28.20 -0.36
N ALA A 199 -2.06 -29.25 -1.13
CA ALA A 199 -3.40 -29.63 -1.51
C ALA A 199 -3.60 -31.13 -1.34
N ARG A 200 -3.06 -31.66 -0.24
CA ARG A 200 -3.02 -33.10 0.01
C ARG A 200 -4.41 -33.74 -0.04
N SER A 201 -4.75 -34.27 -1.21
CA SER A 201 -5.99 -35.00 -1.42
C SER A 201 -5.82 -35.86 -2.67
N PHE A 202 -6.65 -36.86 -2.83
CA PHE A 202 -6.61 -37.65 -4.06
C PHE A 202 -7.98 -37.63 -4.71
N LEU A 203 -8.01 -37.35 -5.99
CA LEU A 203 -9.26 -37.17 -6.69
C LEU A 203 -9.50 -38.29 -7.67
N ALA A 204 -10.66 -38.93 -7.55
CA ALA A 204 -11.04 -39.99 -8.46
C ALA A 204 -12.25 -39.56 -9.27
N GLU A 205 -12.08 -39.54 -10.58
CA GLU A 205 -13.15 -39.14 -11.48
C GLU A 205 -13.50 -40.26 -12.44
N LEU A 206 -14.78 -40.44 -12.69
CA LEU A 206 -15.24 -41.52 -13.55
C LEU A 206 -16.51 -41.11 -14.27
N SER A 207 -16.64 -41.50 -15.52
CA SER A 207 -17.82 -41.19 -16.30
C SER A 207 -18.33 -42.42 -17.02
N ILE A 208 -19.64 -42.50 -17.16
CA ILE A 208 -20.30 -43.64 -17.79
C ILE A 208 -21.01 -43.18 -19.06
N TYR A 209 -20.74 -43.83 -20.19
CA TYR A 209 -21.43 -43.44 -21.42
C TYR A 209 -21.60 -44.59 -22.41
N VAL A 210 -22.77 -45.21 -22.37
CA VAL A 210 -23.34 -45.97 -23.49
C VAL A 210 -24.84 -46.12 -23.28
N PRO A 211 -25.61 -45.04 -23.40
CA PRO A 211 -27.04 -45.05 -23.17
C PRO A 211 -27.87 -44.88 -24.44
N ALA A 212 -29.13 -45.31 -24.38
CA ALA A 212 -30.05 -45.16 -25.50
C ALA A 212 -30.57 -43.73 -25.57
N LEU A 213 -30.23 -42.93 -24.57
CA LEU A 213 -30.69 -41.55 -24.51
C LEU A 213 -29.59 -40.58 -24.94
N ASN A 214 -28.40 -41.12 -25.17
CA ASN A 214 -27.23 -40.31 -25.55
C ASN A 214 -26.98 -39.14 -24.60
N ARG A 215 -26.85 -39.46 -23.32
CA ARG A 215 -26.56 -38.45 -22.32
C ARG A 215 -25.29 -38.85 -21.57
N THR A 216 -24.53 -37.87 -21.11
CA THR A 216 -23.26 -38.15 -20.48
C THR A 216 -23.32 -37.84 -18.98
N VAL A 217 -23.02 -38.85 -18.18
CA VAL A 217 -23.01 -38.71 -16.74
C VAL A 217 -21.58 -38.81 -16.21
N THR A 218 -21.15 -37.76 -15.51
CA THR A 218 -19.79 -37.68 -15.02
C THR A 218 -19.77 -37.48 -13.50
N ALA A 219 -18.88 -38.19 -12.82
CA ALA A 219 -18.74 -38.06 -11.39
C ALA A 219 -17.30 -37.77 -11.02
N ARG A 220 -17.11 -36.78 -10.16
CA ARG A 220 -15.79 -36.44 -9.65
C ARG A 220 -15.87 -36.17 -8.16
N GLU A 221 -15.34 -37.09 -7.37
CA GLU A 221 -15.36 -36.96 -5.92
C GLU A 221 -13.97 -37.24 -5.35
N SER A 222 -13.65 -36.58 -4.25
CA SER A 222 -12.32 -36.65 -3.69
C SER A 222 -12.25 -37.60 -2.51
N GLY A 223 -11.08 -38.19 -2.30
CA GLY A 223 -10.87 -39.05 -1.16
C GLY A 223 -9.42 -39.02 -0.73
N SER A 224 -9.17 -38.85 0.57
CA SER A 224 -7.81 -38.79 1.08
C SER A 224 -7.09 -40.13 0.88
N ASN A 225 -7.84 -41.22 0.90
CA ASN A 225 -7.29 -42.53 0.62
C ASN A 225 -7.73 -43.00 -0.76
N LYS A 226 -6.86 -43.76 -1.43
CA LYS A 226 -7.07 -44.18 -2.81
C LYS A 226 -8.40 -44.91 -2.99
N LYS A 227 -8.60 -45.98 -2.23
CA LYS A 227 -9.82 -46.78 -2.32
C LYS A 227 -11.06 -45.92 -2.01
N SER A 228 -10.94 -45.05 -1.01
CA SER A 228 -12.06 -44.22 -0.57
C SER A 228 -12.46 -43.21 -1.64
N ALA A 229 -11.51 -42.80 -2.48
CA ALA A 229 -11.79 -41.86 -3.56
C ALA A 229 -12.74 -42.48 -4.57
N SER A 230 -12.38 -43.67 -5.06
CA SER A 230 -13.21 -44.39 -6.02
C SER A 230 -14.53 -44.81 -5.38
N LYS A 231 -14.48 -45.07 -4.08
CA LYS A 231 -15.66 -45.41 -3.30
C LYS A 231 -16.71 -44.31 -3.38
N SER A 232 -16.26 -43.08 -3.15
CA SER A 232 -17.16 -41.94 -3.12
C SER A 232 -17.59 -41.53 -4.53
N CYS A 233 -16.79 -41.87 -5.52
CA CYS A 233 -17.12 -41.58 -6.91
C CYS A 233 -18.35 -42.38 -7.33
N ALA A 234 -18.35 -43.67 -7.01
CA ALA A 234 -19.46 -44.55 -7.35
C ALA A 234 -20.74 -44.10 -6.65
N LEU A 235 -20.59 -43.66 -5.41
CA LEU A 235 -21.71 -43.20 -4.59
C LEU A 235 -22.41 -42.03 -5.29
N SER A 236 -21.62 -41.14 -5.85
CA SER A 236 -22.14 -39.97 -6.53
C SER A 236 -22.59 -40.31 -7.95
N LEU A 237 -22.03 -41.38 -8.52
CA LEU A 237 -22.32 -41.74 -9.89
C LEU A 237 -23.74 -42.33 -10.01
N VAL A 238 -24.07 -43.28 -9.15
CA VAL A 238 -25.39 -43.93 -9.20
C VAL A 238 -26.50 -42.88 -9.00
N ARG A 239 -26.20 -41.85 -8.21
CA ARG A 239 -27.15 -40.78 -7.96
C ARG A 239 -27.53 -40.04 -9.24
N GLN A 240 -26.54 -39.77 -10.09
CA GLN A 240 -26.78 -39.01 -11.31
C GLN A 240 -27.14 -39.95 -12.47
N LEU A 241 -26.57 -41.15 -12.45
CA LEU A 241 -26.74 -42.12 -13.52
C LEU A 241 -28.22 -42.41 -13.82
N PHE A 242 -29.08 -42.12 -12.83
CA PHE A 242 -30.51 -42.43 -12.92
C PHE A 242 -31.16 -41.81 -14.17
N HIS A 243 -30.55 -40.74 -14.70
CA HIS A 243 -31.14 -40.02 -15.82
C HIS A 243 -31.01 -40.79 -17.15
N LEU A 244 -30.42 -41.99 -17.11
CA LEU A 244 -30.35 -42.84 -18.30
C LEU A 244 -31.35 -43.99 -18.23
N ASN A 245 -32.20 -43.99 -17.19
CA ASN A 245 -33.18 -45.06 -16.96
C ASN A 245 -32.45 -46.29 -16.46
N VAL A 246 -31.82 -46.12 -15.33
CA VAL A 246 -30.88 -47.08 -14.78
C VAL A 246 -31.42 -47.68 -13.49
N ILE A 247 -30.51 -48.34 -12.76
CA ILE A 247 -30.85 -49.12 -11.57
C ILE A 247 -31.74 -48.32 -10.62
N GLU A 248 -32.86 -48.92 -10.26
CA GLU A 248 -33.86 -48.31 -9.39
C GLU A 248 -33.27 -47.90 -8.04
N PRO A 249 -33.82 -46.84 -7.43
CA PRO A 249 -33.48 -46.45 -6.06
C PRO A 249 -33.81 -47.59 -5.10
N PHE A 250 -32.94 -47.83 -4.14
CA PHE A 250 -33.11 -48.97 -3.24
C PHE A 250 -34.31 -48.77 -2.33
N SER A 251 -35.20 -49.74 -2.35
CA SER A 251 -36.36 -49.75 -1.49
C SER A 251 -36.83 -51.18 -1.32
N GLY A 252 -37.09 -51.56 -0.08
CA GLY A 252 -37.56 -52.91 0.21
C GLY A 252 -38.89 -53.19 -0.45
N THR A 253 -38.92 -54.19 -1.32
CA THR A 253 -40.11 -54.54 -2.06
C THR A 253 -39.93 -55.87 -2.78
N LEU A 254 -40.99 -56.37 -3.40
CA LEU A 254 -40.98 -57.66 -4.05
C LEU A 254 -40.42 -57.55 -5.47
N LYS A 255 -39.12 -57.83 -5.62
CA LYS A 255 -38.50 -57.83 -6.94
C LYS A 255 -38.49 -59.25 -7.50
N LYS A 256 -39.12 -60.17 -6.78
CA LYS A 256 -39.27 -61.53 -7.25
C LYS A 256 -40.33 -61.60 -8.34
N LYS A 257 -39.97 -62.20 -9.45
CA LYS A 257 -40.87 -62.36 -10.57
C LYS A 257 -41.45 -63.77 -10.59
N LYS A 258 -42.72 -63.89 -10.92
CA LYS A 258 -43.36 -65.20 -11.01
C LYS A 258 -42.88 -65.94 -12.26
N ASP A 259 -43.01 -67.26 -12.24
CA ASP A 259 -42.54 -68.09 -13.35
C ASP A 259 -43.68 -68.37 -14.32
N GLY A 1 -1.01 8.99 -46.21
CA GLY A 1 0.28 8.65 -45.60
C GLY A 1 0.36 9.13 -44.17
N ALA A 2 1.53 9.61 -43.76
CA ALA A 2 1.72 10.10 -42.41
C ALA A 2 1.13 11.50 -42.27
N MET A 3 -0.06 11.59 -41.72
CA MET A 3 -0.74 12.86 -41.54
C MET A 3 -1.00 13.11 -40.06
N ASP A 4 -0.96 14.37 -39.66
CA ASP A 4 -1.19 14.74 -38.27
C ASP A 4 -2.63 14.45 -37.87
N ILE A 5 -2.84 14.29 -36.56
CA ILE A 5 -4.16 13.96 -36.02
C ILE A 5 -5.18 15.05 -36.36
N LYS A 6 -4.68 16.28 -36.51
CA LYS A 6 -5.53 17.41 -36.84
C LYS A 6 -6.05 17.31 -38.27
N SER A 7 -5.20 16.83 -39.18
CA SER A 7 -5.61 16.66 -40.56
C SER A 7 -6.43 15.39 -40.71
N PHE A 8 -6.09 14.38 -39.89
CA PHE A 8 -6.76 13.09 -39.91
C PHE A 8 -8.28 13.25 -39.79
N LEU A 9 -8.71 14.17 -38.94
CA LEU A 9 -10.13 14.42 -38.73
C LEU A 9 -10.78 14.92 -40.03
N TYR A 10 -10.11 15.88 -40.69
CA TYR A 10 -10.61 16.43 -41.95
C TYR A 10 -10.55 15.39 -43.06
N GLN A 11 -9.47 14.62 -43.09
CA GLN A 11 -9.27 13.59 -44.12
C GLN A 11 -10.41 12.58 -44.12
N PHE A 12 -10.85 12.19 -42.93
CA PHE A 12 -11.93 11.23 -42.80
C PHE A 12 -13.26 11.87 -43.18
N CYS A 13 -13.47 13.09 -42.73
CA CYS A 13 -14.72 13.80 -42.99
C CYS A 13 -14.89 14.08 -44.49
N ALA A 14 -13.77 14.18 -45.19
CA ALA A 14 -13.78 14.45 -46.63
C ALA A 14 -14.43 13.31 -47.41
N LYS A 15 -14.54 12.15 -46.78
CA LYS A 15 -15.19 11.00 -47.44
C LYS A 15 -16.68 11.25 -47.58
N SER A 16 -17.23 12.00 -46.65
CA SER A 16 -18.64 12.37 -46.69
C SER A 16 -18.78 13.81 -47.18
N GLN A 17 -17.65 14.39 -47.61
CA GLN A 17 -17.60 15.77 -48.09
C GLN A 17 -18.08 16.76 -47.03
N ILE A 18 -17.84 16.41 -45.77
CA ILE A 18 -18.24 17.24 -44.66
C ILE A 18 -17.03 17.91 -44.03
N GLU A 19 -17.27 18.98 -43.29
CA GLU A 19 -16.19 19.72 -42.65
C GLU A 19 -16.41 19.79 -41.16
N PRO A 20 -15.47 19.23 -40.42
CA PRO A 20 -15.45 19.32 -38.96
C PRO A 20 -15.21 20.76 -38.52
N LYS A 21 -16.23 21.37 -37.94
CA LYS A 21 -16.12 22.75 -37.48
C LYS A 21 -15.31 22.82 -36.20
N PHE A 22 -14.08 23.28 -36.29
CA PHE A 22 -13.25 23.46 -35.11
C PHE A 22 -13.47 24.85 -34.53
N ASP A 23 -14.22 24.88 -33.45
CA ASP A 23 -14.61 26.12 -32.81
C ASP A 23 -13.82 26.26 -31.54
N ILE A 24 -12.79 27.05 -31.61
CA ILE A 24 -11.86 27.17 -30.52
C ILE A 24 -12.15 28.44 -29.73
N ARG A 25 -12.54 28.24 -28.48
CA ARG A 25 -12.96 29.33 -27.63
C ARG A 25 -11.98 29.51 -26.48
N GLN A 26 -11.36 30.69 -26.42
CA GLN A 26 -10.44 30.97 -25.35
C GLN A 26 -11.19 31.35 -24.09
N THR A 27 -11.36 30.39 -23.20
CA THR A 27 -12.00 30.62 -21.92
C THR A 27 -10.95 31.11 -20.94
N GLY A 28 -10.92 32.42 -20.74
CA GLY A 28 -9.87 33.02 -19.96
C GLY A 28 -10.16 33.06 -18.47
N PRO A 29 -9.31 32.41 -17.66
CA PRO A 29 -9.32 32.56 -16.21
C PRO A 29 -8.65 33.87 -15.79
N LYS A 30 -8.74 34.20 -14.52
CA LYS A 30 -8.15 35.43 -14.01
C LYS A 30 -6.65 35.28 -13.78
N ASN A 31 -6.16 34.05 -13.77
CA ASN A 31 -4.75 33.82 -13.46
C ASN A 31 -3.94 33.50 -14.71
N ARG A 32 -4.56 32.83 -15.68
CA ARG A 32 -3.85 32.38 -16.87
C ARG A 32 -4.81 32.30 -18.04
N GLN A 33 -4.66 31.28 -18.87
CA GLN A 33 -5.48 31.10 -20.05
C GLN A 33 -5.84 29.63 -20.23
N ARG A 34 -6.96 29.38 -20.89
CA ARG A 34 -7.40 28.02 -21.16
C ARG A 34 -8.22 27.99 -22.44
N PHE A 35 -7.72 27.30 -23.45
CA PHE A 35 -8.41 27.19 -24.72
C PHE A 35 -9.32 25.97 -24.73
N LEU A 36 -10.52 26.16 -25.24
CA LEU A 36 -11.47 25.08 -25.41
C LEU A 36 -11.70 24.87 -26.89
N CYS A 37 -11.24 23.76 -27.43
CA CYS A 37 -11.43 23.45 -28.82
C CYS A 37 -12.63 22.52 -28.98
N GLU A 38 -13.66 23.02 -29.65
CA GLU A 38 -14.87 22.27 -29.88
C GLU A 38 -14.95 21.84 -31.34
N VAL A 39 -14.97 20.55 -31.58
CA VAL A 39 -15.08 20.07 -32.94
C VAL A 39 -16.53 19.68 -33.23
N ARG A 40 -17.12 20.38 -34.19
CA ARG A 40 -18.49 20.12 -34.57
C ARG A 40 -18.57 19.37 -35.89
N VAL A 41 -18.72 18.08 -35.77
CA VAL A 41 -19.00 17.19 -36.87
C VAL A 41 -19.97 16.19 -36.27
N GLU A 42 -20.82 15.53 -37.05
CA GLU A 42 -21.91 14.78 -36.45
C GLU A 42 -21.61 13.30 -36.22
N PRO A 43 -21.28 12.93 -34.97
CA PRO A 43 -21.65 11.70 -34.36
C PRO A 43 -22.43 12.04 -33.09
N ASN A 44 -23.59 12.71 -33.28
CA ASN A 44 -24.25 13.57 -32.27
C ASN A 44 -24.18 13.08 -30.81
N THR A 45 -24.08 11.79 -30.60
CA THR A 45 -23.95 11.23 -29.27
C THR A 45 -22.69 11.74 -28.54
N TYR A 46 -21.67 12.18 -29.29
CA TYR A 46 -20.40 12.58 -28.69
C TYR A 46 -19.85 13.86 -29.32
N ILE A 47 -19.30 14.74 -28.49
CA ILE A 47 -18.64 15.96 -28.95
C ILE A 47 -17.16 15.91 -28.62
N GLY A 48 -16.31 16.35 -29.55
CA GLY A 48 -14.89 16.39 -29.28
C GLY A 48 -14.47 17.71 -28.67
N VAL A 49 -14.47 17.76 -27.35
CA VAL A 49 -14.07 18.96 -26.64
C VAL A 49 -12.69 18.80 -26.02
N GLY A 50 -11.74 19.57 -26.51
CA GLY A 50 -10.38 19.50 -26.00
C GLY A 50 -9.95 20.81 -25.39
N ASN A 51 -9.50 20.76 -24.15
CA ASN A 51 -9.11 21.98 -23.45
C ASN A 51 -7.64 21.90 -23.08
N SER A 52 -6.98 23.05 -23.06
CA SER A 52 -5.58 23.12 -22.67
C SER A 52 -5.20 24.57 -22.42
N THR A 53 -4.02 24.79 -21.88
CA THR A 53 -3.55 26.13 -21.61
C THR A 53 -3.19 26.87 -22.89
N ASN A 54 -2.56 26.16 -23.82
CA ASN A 54 -2.18 26.74 -25.09
C ASN A 54 -3.07 26.16 -26.19
N LYS A 55 -3.34 26.97 -27.20
CA LYS A 55 -4.20 26.53 -28.31
C LYS A 55 -3.62 25.30 -28.98
N LYS A 56 -2.29 25.29 -29.17
CA LYS A 56 -1.60 24.22 -29.88
C LYS A 56 -1.96 22.84 -29.34
N ASP A 57 -2.08 22.74 -28.02
CA ASP A 57 -2.41 21.47 -27.39
C ASP A 57 -3.92 21.30 -27.31
N ALA A 58 -4.63 22.40 -27.11
CA ALA A 58 -6.09 22.38 -27.00
C ALA A 58 -6.74 21.86 -28.27
N GLU A 59 -6.30 22.37 -29.41
CA GLU A 59 -6.85 21.97 -30.70
C GLU A 59 -6.47 20.53 -31.01
N LYS A 60 -5.31 20.12 -30.51
CA LYS A 60 -4.86 18.75 -30.66
C LYS A 60 -5.73 17.82 -29.84
N ASN A 61 -6.10 18.28 -28.64
CA ASN A 61 -6.94 17.51 -27.73
C ASN A 61 -8.32 17.28 -28.34
N ALA A 62 -8.85 18.28 -29.02
CA ALA A 62 -10.14 18.14 -29.68
C ALA A 62 -10.13 16.94 -30.64
N CYS A 63 -9.09 16.85 -31.45
CA CYS A 63 -8.93 15.74 -32.37
C CYS A 63 -8.75 14.42 -31.61
N ARG A 64 -7.73 14.36 -30.74
CA ARG A 64 -7.36 13.11 -30.06
C ARG A 64 -8.49 12.59 -29.19
N ASP A 65 -9.19 13.49 -28.51
CA ASP A 65 -10.28 13.10 -27.62
C ASP A 65 -11.54 12.77 -28.42
N PHE A 66 -11.59 13.22 -29.66
CA PHE A 66 -12.70 12.86 -30.54
C PHE A 66 -12.50 11.45 -31.10
N VAL A 67 -11.30 11.21 -31.66
CA VAL A 67 -10.94 9.89 -32.16
C VAL A 67 -10.93 8.87 -31.03
N ASN A 68 -10.79 9.36 -29.80
CA ASN A 68 -10.89 8.53 -28.61
C ASN A 68 -12.20 7.74 -28.63
N TYR A 69 -13.28 8.39 -29.04
CA TYR A 69 -14.58 7.74 -29.18
C TYR A 69 -14.56 6.77 -30.34
N LEU A 70 -13.87 7.14 -31.41
CA LEU A 70 -13.74 6.30 -32.58
C LEU A 70 -13.01 5.00 -32.24
N VAL A 71 -11.96 5.10 -31.44
CA VAL A 71 -11.24 3.93 -30.98
C VAL A 71 -12.08 3.16 -29.96
N ARG A 72 -12.83 3.91 -29.16
CA ARG A 72 -13.70 3.34 -28.13
C ARG A 72 -14.72 2.39 -28.77
N VAL A 73 -15.24 2.80 -29.92
CA VAL A 73 -16.20 1.98 -30.65
C VAL A 73 -15.49 1.08 -31.68
N GLY A 74 -14.17 0.98 -31.56
CA GLY A 74 -13.39 0.07 -32.38
C GLY A 74 -13.47 0.38 -33.86
N LYS A 75 -13.55 1.64 -34.21
CA LYS A 75 -13.65 2.05 -35.60
C LYS A 75 -12.31 2.52 -36.12
N LEU A 76 -11.56 3.26 -35.31
CA LEU A 76 -10.25 3.75 -35.70
C LEU A 76 -9.16 3.14 -34.83
N ASN A 77 -7.90 3.49 -35.10
CA ASN A 77 -6.78 2.82 -34.45
C ASN A 77 -6.29 3.61 -33.25
N THR A 78 -5.61 2.92 -32.36
CA THR A 78 -5.01 3.57 -31.20
C THR A 78 -3.64 4.12 -31.58
N ASN A 79 -3.26 3.90 -32.84
CA ASN A 79 -2.00 4.40 -33.37
C ASN A 79 -2.20 5.82 -33.90
N ASP A 80 -3.43 6.12 -34.28
CA ASP A 80 -3.76 7.42 -34.86
C ASP A 80 -3.71 8.50 -33.78
N VAL A 81 -4.02 8.09 -32.55
CA VAL A 81 -4.01 9.00 -31.42
C VAL A 81 -2.71 8.84 -30.62
N PRO A 82 -1.86 9.87 -30.59
CA PRO A 82 -0.62 9.86 -29.82
C PRO A 82 -0.89 10.02 -28.33
N ALA A 83 -1.14 8.89 -27.67
CA ALA A 83 -1.52 8.91 -26.26
C ALA A 83 -0.35 8.54 -25.34
N ASP A 84 0.80 8.23 -25.94
CA ASP A 84 2.01 7.83 -25.18
C ASP A 84 1.81 6.47 -24.50
N ALA A 85 2.56 5.48 -24.94
CA ALA A 85 2.47 4.14 -24.35
C ALA A 85 3.73 3.82 -23.57
N GLY A 86 4.49 4.86 -23.23
CA GLY A 86 5.77 4.67 -22.57
C GLY A 86 5.66 4.62 -21.06
N ALA A 87 4.43 4.54 -20.56
CA ALA A 87 4.17 4.50 -19.13
C ALA A 87 4.90 3.36 -18.45
N SER A 88 5.38 3.62 -17.24
CA SER A 88 6.02 2.61 -16.44
C SER A 88 4.99 1.99 -15.48
N GLY A 89 5.45 1.09 -14.62
CA GLY A 89 4.55 0.42 -13.71
C GLY A 89 4.05 -0.90 -14.26
N GLY A 90 4.87 -1.52 -15.10
CA GLY A 90 4.58 -2.84 -15.59
C GLY A 90 5.56 -3.84 -15.04
N GLY A 91 5.64 -3.89 -13.71
CA GLY A 91 6.63 -4.70 -13.05
C GLY A 91 6.33 -6.18 -13.10
N PRO A 92 7.37 -7.03 -13.06
CA PRO A 92 7.22 -8.48 -13.11
C PRO A 92 6.89 -9.07 -11.74
N ARG A 93 7.19 -10.36 -11.56
CA ARG A 93 6.93 -11.05 -10.32
C ARG A 93 8.23 -11.64 -9.78
N THR A 94 8.29 -11.81 -8.46
CA THR A 94 9.54 -12.20 -7.81
C THR A 94 9.86 -13.68 -8.06
N GLY A 95 8.84 -14.51 -8.16
CA GLY A 95 9.04 -15.92 -8.40
C GLY A 95 9.60 -16.64 -7.20
N LEU A 96 8.72 -17.12 -6.33
CA LEU A 96 9.14 -17.81 -5.12
C LEU A 96 9.47 -19.28 -5.42
N GLU A 97 10.65 -19.71 -5.00
CA GLU A 97 11.11 -21.06 -5.27
C GLU A 97 10.56 -22.04 -4.23
N GLY A 98 10.10 -23.18 -4.72
CA GLY A 98 9.60 -24.21 -3.83
C GLY A 98 10.17 -25.58 -4.14
N ALA A 99 11.40 -25.59 -4.64
CA ALA A 99 12.07 -26.84 -5.00
C ALA A 99 13.06 -27.25 -3.91
N GLY A 100 13.16 -28.55 -3.68
CA GLY A 100 14.05 -29.05 -2.66
C GLY A 100 13.50 -30.30 -1.98
N MET A 101 13.79 -31.45 -2.58
CA MET A 101 13.32 -32.72 -2.04
C MET A 101 14.49 -33.55 -1.50
N ALA A 102 14.54 -33.69 -0.19
CA ALA A 102 15.57 -34.49 0.46
C ALA A 102 14.95 -35.42 1.49
N GLY A 103 15.31 -36.69 1.43
CA GLY A 103 14.75 -37.67 2.34
C GLY A 103 15.43 -39.02 2.26
N GLY A 104 16.56 -39.14 2.96
CA GLY A 104 17.30 -40.38 2.94
C GLY A 104 18.62 -40.26 3.69
N SER A 105 18.54 -40.32 5.02
CA SER A 105 19.73 -40.16 5.83
C SER A 105 20.60 -41.42 5.83
N GLY A 106 19.98 -42.57 6.08
CA GLY A 106 20.73 -43.81 6.18
C GLY A 106 21.68 -43.80 7.37
N GLN A 107 21.11 -43.89 8.57
CA GLN A 107 21.87 -43.74 9.80
C GLN A 107 22.83 -44.89 10.02
N GLN A 108 22.30 -46.11 10.12
CA GLN A 108 23.14 -47.27 10.33
C GLN A 108 23.20 -48.12 9.06
N LYS A 109 22.09 -48.78 8.73
CA LYS A 109 21.96 -49.55 7.49
C LYS A 109 22.99 -50.69 7.44
N ARG A 110 23.44 -51.14 8.59
CA ARG A 110 24.44 -52.19 8.66
C ARG A 110 24.20 -53.07 9.89
N VAL A 111 24.01 -54.36 9.65
CA VAL A 111 23.75 -55.30 10.73
C VAL A 111 24.81 -56.40 10.76
N PHE A 112 24.78 -57.20 11.81
CA PHE A 112 25.68 -58.33 11.94
C PHE A 112 24.99 -59.45 12.70
N ASP A 113 25.48 -60.68 12.54
CA ASP A 113 24.88 -61.84 13.20
C ASP A 113 24.93 -61.68 14.72
N GLY A 114 26.12 -61.39 15.25
CA GLY A 114 26.28 -61.19 16.67
C GLY A 114 25.87 -62.40 17.49
N GLN A 115 26.17 -63.58 16.98
CA GLN A 115 25.78 -64.81 17.66
C GLN A 115 26.98 -65.74 17.82
N SER A 116 27.17 -66.24 19.03
CA SER A 116 28.24 -67.19 19.30
C SER A 116 27.68 -68.57 19.62
N GLY A 117 28.32 -69.60 19.07
CA GLY A 117 27.90 -70.96 19.36
C GLY A 117 28.15 -71.33 20.80
N PRO A 118 27.47 -72.38 21.30
CA PRO A 118 27.65 -72.84 22.68
C PRO A 118 29.04 -73.41 22.94
N GLN A 119 29.37 -73.60 24.20
CA GLN A 119 30.67 -74.15 24.58
C GLN A 119 30.84 -75.56 24.05
N ASP A 120 32.02 -75.88 23.56
CA ASP A 120 32.32 -77.22 23.09
C ASP A 120 33.45 -77.82 23.91
N LEU A 121 33.43 -79.14 24.07
CA LEU A 121 34.35 -79.81 24.98
C LEU A 121 35.70 -80.13 24.33
N GLY A 122 35.82 -79.86 23.02
CA GLY A 122 37.00 -80.26 22.25
C GLY A 122 38.32 -80.20 23.01
N GLU A 123 38.78 -78.99 23.32
CA GLU A 123 39.99 -78.82 24.13
C GLU A 123 39.63 -78.15 25.46
N ALA A 124 38.35 -78.23 25.76
CA ALA A 124 37.72 -77.46 26.84
C ALA A 124 37.92 -78.09 28.21
N TYR A 125 38.82 -79.04 28.32
CA TYR A 125 38.99 -79.87 29.50
C TYR A 125 39.17 -79.04 30.78
N ARG A 126 38.04 -78.71 31.37
CA ARG A 126 37.98 -77.98 32.62
C ARG A 126 37.92 -78.93 33.81
N PRO A 127 38.51 -78.52 34.95
CA PRO A 127 38.44 -79.29 36.19
C PRO A 127 37.16 -79.03 36.95
N LEU A 128 37.12 -79.50 38.19
CA LEU A 128 35.98 -79.30 39.07
C LEU A 128 36.43 -78.61 40.33
N ASN A 129 35.50 -78.01 41.05
CA ASN A 129 35.82 -77.36 42.32
C ASN A 129 35.80 -78.38 43.45
N HIS A 130 36.97 -78.71 43.96
CA HIS A 130 37.09 -79.67 45.05
C HIS A 130 37.89 -79.07 46.18
N ASP A 131 37.43 -79.23 47.41
CA ASP A 131 38.10 -78.61 48.54
C ASP A 131 39.39 -79.36 48.88
N GLY A 132 40.51 -78.65 48.83
CA GLY A 132 41.80 -79.27 49.06
C GLY A 132 42.74 -78.41 49.88
N GLY A 133 42.60 -78.45 51.20
CA GLY A 133 43.51 -77.76 52.07
C GLY A 133 44.00 -78.67 53.19
N ASP A 134 45.28 -79.01 53.18
CA ASP A 134 45.81 -79.98 54.13
C ASP A 134 46.44 -79.30 55.34
N GLY A 135 47.16 -78.21 55.13
CA GLY A 135 47.83 -77.55 56.22
C GLY A 135 47.86 -76.04 56.08
N GLY A 136 48.34 -75.37 57.11
CA GLY A 136 48.45 -73.93 57.08
C GLY A 136 49.77 -73.47 56.51
N ASN A 137 50.87 -73.90 57.14
CA ASN A 137 52.20 -73.62 56.61
C ASN A 137 52.74 -74.86 55.88
N ARG A 138 52.24 -76.03 56.28
CA ARG A 138 52.53 -77.29 55.58
C ARG A 138 53.98 -77.76 55.80
N TYR A 139 54.73 -77.00 56.58
CA TYR A 139 56.13 -77.33 56.88
C TYR A 139 56.23 -78.31 58.06
N SER A 140 55.10 -78.92 58.39
CA SER A 140 55.03 -79.80 59.55
C SER A 140 55.38 -81.24 59.21
N VAL A 141 55.71 -81.48 57.97
CA VAL A 141 56.06 -82.82 57.52
C VAL A 141 57.34 -82.75 56.71
N ILE A 142 58.44 -82.52 57.38
CA ILE A 142 59.74 -82.41 56.73
C ILE A 142 60.73 -83.46 57.19
N ASP A 143 60.27 -84.30 58.11
CA ASP A 143 61.11 -85.32 58.73
C ASP A 143 61.69 -86.28 57.71
N ARG A 144 60.83 -87.06 57.06
CA ARG A 144 61.26 -88.14 56.21
C ARG A 144 61.91 -87.62 54.93
N ILE A 145 61.67 -86.36 54.60
CA ILE A 145 62.18 -85.77 53.38
C ILE A 145 63.70 -85.57 53.46
N GLN A 146 64.17 -85.29 54.66
CA GLN A 146 65.57 -84.97 54.88
C GLN A 146 66.38 -86.22 55.25
N GLU A 147 65.78 -87.10 56.04
CA GLU A 147 66.49 -88.26 56.56
C GLU A 147 66.39 -89.46 55.60
N GLN A 148 65.84 -89.22 54.40
CA GLN A 148 65.68 -90.30 53.43
C GLN A 148 66.93 -90.44 52.55
N ARG A 149 67.21 -91.68 52.15
CA ARG A 149 68.42 -91.98 51.40
C ARG A 149 68.31 -91.51 49.95
N ASP A 150 67.08 -91.24 49.51
CA ASP A 150 66.82 -90.81 48.14
C ASP A 150 67.54 -89.51 47.79
N MET A 151 67.92 -88.75 48.83
CA MET A 151 68.58 -87.47 48.64
C MET A 151 69.99 -87.61 48.08
N ASN A 152 70.46 -88.85 47.91
CA ASN A 152 71.78 -89.09 47.34
C ASN A 152 71.81 -88.72 45.85
N GLU A 153 70.64 -88.76 45.23
CA GLU A 153 70.52 -88.49 43.81
C GLU A 153 70.58 -86.99 43.52
N ALA A 154 70.51 -86.19 44.56
CA ALA A 154 70.53 -84.74 44.43
C ALA A 154 71.94 -84.20 44.19
N GLU A 155 72.94 -85.06 44.38
CA GLU A 155 74.33 -84.68 44.18
C GLU A 155 74.69 -84.74 42.70
N ALA A 156 73.82 -85.38 41.92
CA ALA A 156 74.06 -85.61 40.50
C ALA A 156 73.71 -84.39 39.65
N PHE A 157 73.45 -84.65 38.37
CA PHE A 157 73.13 -83.61 37.41
C PHE A 157 71.67 -83.17 37.54
N ASP A 158 71.42 -81.89 37.25
CA ASP A 158 70.12 -81.28 37.50
C ASP A 158 69.22 -81.35 36.26
N VAL A 159 69.73 -81.97 35.19
CA VAL A 159 69.06 -81.94 33.89
C VAL A 159 67.65 -82.52 33.94
N ASN A 160 67.41 -83.46 34.84
CA ASN A 160 66.11 -84.14 34.91
C ASN A 160 65.12 -83.30 35.72
N ALA A 161 65.58 -82.19 36.28
CA ALA A 161 64.70 -81.24 36.93
C ALA A 161 64.19 -80.23 35.91
N ALA A 162 64.94 -80.09 34.83
CA ALA A 162 64.60 -79.15 33.78
C ALA A 162 63.28 -79.49 33.11
N ILE A 163 62.97 -80.78 33.01
CA ILE A 163 61.74 -81.24 32.38
C ILE A 163 60.53 -80.88 33.25
N HIS A 164 60.77 -80.71 34.55
CA HIS A 164 59.71 -80.29 35.46
C HIS A 164 59.67 -78.77 35.55
N GLY A 165 60.54 -78.12 34.78
CA GLY A 165 60.54 -76.67 34.73
C GLY A 165 61.69 -76.06 35.52
N ASN A 166 62.62 -76.91 35.97
CA ASN A 166 63.75 -76.49 36.80
C ASN A 166 63.28 -76.02 38.17
N TRP A 167 62.03 -76.31 38.47
CA TRP A 167 61.46 -75.99 39.76
C TRP A 167 61.35 -77.27 40.57
N THR A 168 62.11 -77.39 41.64
CA THR A 168 62.11 -78.62 42.41
C THR A 168 62.25 -78.35 43.91
N ILE A 169 61.12 -78.41 44.61
CA ILE A 169 61.09 -78.34 46.07
C ILE A 169 59.63 -78.26 46.55
N GLU A 170 59.44 -78.22 47.86
CA GLU A 170 58.11 -78.24 48.46
C GLU A 170 57.45 -76.85 48.41
N ASN A 171 58.24 -75.80 48.54
CA ASN A 171 57.72 -74.43 48.50
C ASN A 171 57.07 -74.13 47.15
N ALA A 172 57.41 -74.93 46.15
CA ALA A 172 56.82 -74.78 44.82
C ALA A 172 55.33 -75.13 44.85
N LYS A 173 54.90 -75.80 45.91
CA LYS A 173 53.48 -76.12 46.07
C LYS A 173 52.79 -74.99 46.82
N GLU A 174 53.57 -74.24 47.58
CA GLU A 174 53.05 -73.12 48.33
C GLU A 174 52.54 -72.05 47.37
N ARG A 175 53.25 -71.89 46.26
CA ARG A 175 52.85 -70.95 45.23
C ARG A 175 51.46 -71.27 44.69
N LEU A 176 51.15 -72.56 44.57
CA LEU A 176 49.84 -73.01 44.13
C LEU A 176 48.82 -72.77 45.22
N ASN A 177 49.24 -73.00 46.47
CA ASN A 177 48.38 -72.78 47.63
C ASN A 177 47.93 -71.32 47.69
N ILE A 178 48.91 -70.43 47.62
CA ILE A 178 48.66 -68.99 47.65
C ILE A 178 47.77 -68.57 46.48
N TYR A 179 48.10 -69.06 45.29
CA TYR A 179 47.36 -68.74 44.07
C TYR A 179 45.87 -69.00 44.26
N LYS A 180 45.56 -70.18 44.75
CA LYS A 180 44.19 -70.61 44.94
C LYS A 180 43.47 -69.72 45.97
N GLN A 181 44.20 -69.35 47.01
CA GLN A 181 43.66 -68.46 48.04
C GLN A 181 43.35 -67.09 47.46
N THR A 182 44.36 -66.46 46.85
CA THR A 182 44.25 -65.10 46.38
C THR A 182 43.20 -64.95 45.28
N ASN A 183 43.08 -65.96 44.41
CA ASN A 183 42.11 -65.89 43.33
C ASN A 183 40.75 -66.44 43.77
N ASN A 184 40.71 -67.00 44.98
CA ASN A 184 39.49 -67.58 45.54
C ASN A 184 38.93 -68.70 44.67
N ILE A 185 39.81 -69.45 44.04
CA ILE A 185 39.40 -70.58 43.22
C ILE A 185 39.52 -71.88 44.01
N ARG A 186 39.19 -72.98 43.38
CA ARG A 186 39.26 -74.28 44.04
C ARG A 186 39.62 -75.36 43.02
N ASP A 187 40.68 -76.08 43.31
CA ASP A 187 41.27 -77.04 42.37
C ASP A 187 40.71 -78.43 42.57
N ASP A 188 41.29 -79.40 41.86
CA ASP A 188 40.91 -80.80 42.01
C ASP A 188 42.05 -81.71 41.57
N TYR A 189 42.49 -82.55 42.50
CA TYR A 189 43.47 -83.57 42.20
C TYR A 189 42.76 -84.83 41.69
N LYS A 190 42.81 -85.04 40.40
CA LYS A 190 42.19 -86.22 39.80
C LYS A 190 43.06 -87.45 40.01
N TYR A 191 42.73 -88.23 41.03
CA TYR A 191 43.42 -89.48 41.28
C TYR A 191 42.80 -90.59 40.44
N THR A 192 43.61 -91.25 39.62
CA THR A 192 43.13 -92.36 38.82
C THR A 192 44.08 -93.55 38.94
N PRO A 193 43.53 -94.72 39.31
CA PRO A 193 44.30 -95.94 39.43
C PRO A 193 44.79 -96.44 38.08
N VAL A 194 46.02 -96.94 38.06
CA VAL A 194 46.59 -97.54 36.86
C VAL A 194 46.50 -99.06 37.00
N GLY A 195 46.84 -99.79 35.92
CA GLY A 195 46.75 -101.24 35.92
C GLY A 195 47.42 -101.89 37.13
N PRO A 196 47.07 -103.17 37.41
CA PRO A 196 47.54 -103.88 38.60
C PRO A 196 49.04 -104.14 38.61
N GLU A 197 49.47 -105.09 39.46
CA GLU A 197 50.88 -105.36 39.74
C GLU A 197 51.74 -105.51 38.47
N HIS A 198 51.15 -105.99 37.38
CA HIS A 198 51.88 -106.14 36.12
C HIS A 198 52.37 -104.78 35.60
N ALA A 199 51.61 -103.73 35.88
CA ALA A 199 51.94 -102.39 35.46
C ALA A 199 51.64 -101.44 36.62
N ARG A 200 52.10 -101.87 37.77
CA ARG A 200 51.75 -101.27 39.05
C ARG A 200 52.30 -99.85 39.20
N SER A 201 51.40 -98.88 39.13
CA SER A 201 51.76 -97.48 39.29
C SER A 201 50.48 -96.70 39.60
N PHE A 202 50.61 -95.40 39.83
CA PHE A 202 49.45 -94.56 40.04
C PHE A 202 49.56 -93.31 39.16
N LEU A 203 48.43 -92.73 38.82
CA LEU A 203 48.41 -91.53 37.99
C LEU A 203 47.53 -90.47 38.64
N ALA A 204 48.10 -89.30 38.84
CA ALA A 204 47.37 -88.19 39.40
C ALA A 204 47.49 -86.99 38.47
N GLU A 205 46.36 -86.37 38.17
CA GLU A 205 46.37 -85.20 37.33
C GLU A 205 45.74 -84.03 38.06
N LEU A 206 46.54 -83.03 38.33
CA LEU A 206 46.06 -81.84 39.00
C LEU A 206 45.82 -80.74 37.99
N SER A 207 44.65 -80.14 38.10
CA SER A 207 44.26 -79.07 37.20
C SER A 207 43.84 -77.84 38.00
N ILE A 208 44.03 -76.68 37.42
CA ILE A 208 43.68 -75.44 38.08
C ILE A 208 42.33 -74.98 37.57
N TYR A 209 41.51 -74.47 38.46
CA TYR A 209 40.16 -74.07 38.11
C TYR A 209 40.19 -72.76 37.36
N VAL A 210 39.23 -72.57 36.45
CA VAL A 210 39.22 -71.42 35.54
C VAL A 210 39.41 -70.11 36.31
N PRO A 211 40.60 -69.51 36.18
CA PRO A 211 40.95 -68.27 36.89
C PRO A 211 40.41 -67.04 36.19
N ALA A 212 40.90 -65.88 36.62
CA ALA A 212 40.47 -64.61 36.03
C ALA A 212 40.98 -64.46 34.59
N LEU A 213 41.79 -65.42 34.14
CA LEU A 213 42.34 -65.39 32.79
C LEU A 213 41.48 -66.23 31.86
N ASN A 214 40.51 -66.96 32.44
CA ASN A 214 39.58 -67.80 31.68
C ASN A 214 40.33 -68.83 30.82
N ARG A 215 41.38 -69.40 31.38
CA ARG A 215 42.19 -70.37 30.64
C ARG A 215 42.24 -71.70 31.38
N THR A 216 42.35 -72.78 30.64
CA THR A 216 42.36 -74.12 31.19
C THR A 216 43.78 -74.67 31.25
N VAL A 217 44.16 -75.20 32.40
CA VAL A 217 45.48 -75.80 32.57
C VAL A 217 45.40 -77.04 33.45
N THR A 218 46.14 -78.09 33.07
CA THR A 218 46.15 -79.33 33.83
C THR A 218 47.51 -80.03 33.67
N ALA A 219 47.93 -80.73 34.71
CA ALA A 219 49.18 -81.47 34.68
C ALA A 219 48.93 -82.94 35.01
N ARG A 220 49.07 -83.79 34.01
CA ARG A 220 48.90 -85.22 34.21
C ARG A 220 50.24 -85.86 34.46
N GLU A 221 50.50 -86.15 35.73
CA GLU A 221 51.81 -86.62 36.17
C GLU A 221 51.70 -88.05 36.69
N SER A 222 52.69 -88.86 36.36
CA SER A 222 52.71 -90.27 36.72
C SER A 222 53.63 -90.51 37.92
N GLY A 223 53.17 -91.32 38.87
CA GLY A 223 53.98 -91.63 40.03
C GLY A 223 53.72 -93.02 40.55
N SER A 224 54.77 -93.77 40.84
CA SER A 224 54.62 -95.15 41.31
C SER A 224 53.82 -95.22 42.61
N ASN A 225 53.92 -94.16 43.41
CA ASN A 225 53.14 -94.06 44.64
C ASN A 225 52.25 -92.82 44.59
N LYS A 226 51.18 -92.83 45.36
CA LYS A 226 50.24 -91.71 45.39
C LYS A 226 50.92 -90.47 45.95
N LYS A 227 51.71 -90.67 47.00
CA LYS A 227 52.44 -89.59 47.64
C LYS A 227 53.46 -89.01 46.67
N SER A 228 53.99 -89.86 45.80
CA SER A 228 54.94 -89.46 44.80
C SER A 228 54.25 -88.62 43.72
N ALA A 229 53.13 -89.13 43.23
CA ALA A 229 52.42 -88.53 42.12
C ALA A 229 52.00 -87.09 42.43
N SER A 230 51.11 -86.93 43.41
CA SER A 230 50.54 -85.62 43.75
C SER A 230 51.62 -84.55 43.96
N LYS A 231 52.74 -84.97 44.55
CA LYS A 231 53.87 -84.07 44.77
C LYS A 231 54.40 -83.53 43.44
N SER A 232 54.51 -84.42 42.47
CA SER A 232 55.10 -84.08 41.19
C SER A 232 54.07 -83.40 40.28
N CYS A 233 52.80 -83.77 40.42
CA CYS A 233 51.72 -83.14 39.65
C CYS A 233 51.71 -81.64 39.91
N ALA A 234 52.00 -81.27 41.15
CA ALA A 234 52.06 -79.87 41.53
C ALA A 234 53.40 -79.25 41.14
N LEU A 235 54.40 -80.09 40.88
CA LEU A 235 55.74 -79.62 40.57
C LEU A 235 55.86 -79.28 39.09
N SER A 236 55.45 -80.20 38.21
CA SER A 236 55.57 -79.99 36.78
C SER A 236 54.47 -79.06 36.25
N LEU A 237 53.48 -78.79 37.09
CA LEU A 237 52.38 -77.91 36.72
C LEU A 237 52.85 -76.47 36.57
N VAL A 238 53.90 -76.10 37.29
CA VAL A 238 54.39 -74.72 37.29
C VAL A 238 54.71 -74.25 35.86
N ARG A 239 55.21 -75.15 35.03
CA ARG A 239 55.55 -74.81 33.65
C ARG A 239 54.31 -74.37 32.89
N GLN A 240 53.26 -75.17 33.00
CA GLN A 240 52.00 -74.89 32.32
C GLN A 240 51.24 -73.78 33.02
N LEU A 241 51.58 -73.54 34.28
CA LEU A 241 50.86 -72.58 35.09
C LEU A 241 51.07 -71.15 34.58
N PHE A 242 52.18 -70.95 33.86
CA PHE A 242 52.46 -69.66 33.22
C PHE A 242 51.35 -69.28 32.25
N HIS A 243 50.59 -70.28 31.80
CA HIS A 243 49.47 -70.06 30.89
C HIS A 243 48.45 -69.14 31.53
N LEU A 244 48.44 -69.08 32.85
CA LEU A 244 47.51 -68.23 33.60
C LEU A 244 48.23 -66.98 34.09
N ASN A 245 49.38 -66.69 33.48
CA ASN A 245 50.21 -65.53 33.85
C ASN A 245 50.82 -65.74 35.23
N VAL A 246 50.95 -66.99 35.61
CA VAL A 246 51.56 -67.39 36.88
C VAL A 246 53.04 -67.68 36.66
N ILE A 247 53.73 -68.20 37.68
CA ILE A 247 55.18 -68.38 37.63
C ILE A 247 55.57 -69.18 36.39
N GLU A 248 56.46 -68.60 35.59
CA GLU A 248 56.87 -69.17 34.32
C GLU A 248 57.90 -70.28 34.49
N PRO A 249 57.97 -71.20 33.51
CA PRO A 249 58.95 -72.29 33.51
C PRO A 249 60.38 -71.76 33.37
N PHE A 250 61.30 -72.37 34.10
CA PHE A 250 62.69 -71.95 34.08
C PHE A 250 63.41 -72.59 32.87
N SER A 251 64.00 -71.74 32.04
CA SER A 251 64.80 -72.19 30.90
C SER A 251 65.55 -71.00 30.33
N GLY A 252 66.87 -71.14 30.22
CA GLY A 252 67.68 -70.03 29.76
C GLY A 252 68.78 -70.44 28.80
N THR A 253 69.68 -69.52 28.52
CA THR A 253 70.81 -69.77 27.63
C THR A 253 71.84 -70.65 28.33
N LEU A 254 72.77 -71.20 27.55
CA LEU A 254 73.81 -72.07 28.09
C LEU A 254 74.88 -71.25 28.80
N LYS A 255 74.68 -71.07 30.10
CA LYS A 255 75.64 -70.37 30.94
C LYS A 255 76.70 -71.34 31.46
N LYS A 256 76.23 -72.48 31.94
CA LYS A 256 77.08 -73.52 32.50
C LYS A 256 76.25 -74.79 32.70
N LYS A 257 76.90 -75.94 32.61
CA LYS A 257 76.20 -77.21 32.73
C LYS A 257 77.08 -78.26 33.39
N LYS A 258 76.61 -78.84 34.48
CA LYS A 258 77.28 -80.00 35.05
C LYS A 258 76.50 -81.26 34.68
N ASP A 259 76.97 -81.97 33.68
CA ASP A 259 76.28 -83.12 33.13
C ASP A 259 76.63 -84.39 33.89
N GLY A 1 6.10 14.52 -46.62
CA GLY A 1 4.79 14.17 -46.10
C GLY A 1 4.90 13.40 -44.79
N ALA A 2 3.83 13.42 -44.00
CA ALA A 2 3.83 12.75 -42.71
C ALA A 2 2.41 12.38 -42.32
N MET A 3 2.30 11.38 -41.46
CA MET A 3 0.99 10.92 -40.99
C MET A 3 0.62 11.63 -39.70
N ASP A 4 -0.61 12.13 -39.65
CA ASP A 4 -1.13 12.80 -38.45
C ASP A 4 -2.63 12.59 -38.34
N ILE A 5 -3.15 12.74 -37.13
CA ILE A 5 -4.54 12.44 -36.83
C ILE A 5 -5.52 13.28 -37.66
N LYS A 6 -5.12 14.50 -38.03
CA LYS A 6 -6.02 15.41 -38.75
C LYS A 6 -6.29 14.91 -40.16
N SER A 7 -5.32 14.19 -40.72
CA SER A 7 -5.46 13.62 -42.05
C SER A 7 -6.66 12.66 -42.10
N PHE A 8 -6.75 11.80 -41.09
CA PHE A 8 -7.83 10.83 -41.00
C PHE A 8 -9.11 11.45 -40.45
N LEU A 9 -8.95 12.39 -39.52
CA LEU A 9 -10.09 13.09 -38.94
C LEU A 9 -10.87 13.81 -40.04
N TYR A 10 -10.13 14.42 -40.97
CA TYR A 10 -10.73 15.12 -42.10
C TYR A 10 -11.42 14.12 -43.04
N GLN A 11 -10.91 12.89 -43.06
CA GLN A 11 -11.45 11.85 -43.94
C GLN A 11 -12.80 11.37 -43.42
N PHE A 12 -12.95 11.30 -42.10
CA PHE A 12 -14.21 10.90 -41.49
C PHE A 12 -15.31 11.88 -41.91
N CYS A 13 -14.92 13.13 -42.08
CA CYS A 13 -15.84 14.20 -42.42
C CYS A 13 -16.37 14.04 -43.84
N ALA A 14 -15.62 13.34 -44.67
CA ALA A 14 -16.00 13.11 -46.05
C ALA A 14 -17.22 12.19 -46.16
N LYS A 15 -17.59 11.58 -45.02
CA LYS A 15 -18.76 10.71 -44.96
C LYS A 15 -20.02 11.48 -45.33
N SER A 16 -20.24 12.60 -44.67
CA SER A 16 -21.42 13.42 -44.92
C SER A 16 -21.08 14.58 -45.86
N GLN A 17 -19.84 14.58 -46.37
CA GLN A 17 -19.40 15.53 -47.38
C GLN A 17 -19.31 16.93 -46.81
N ILE A 18 -18.73 17.04 -45.63
CA ILE A 18 -18.61 18.32 -44.95
C ILE A 18 -17.24 18.45 -44.30
N GLU A 19 -16.96 19.59 -43.72
CA GLU A 19 -15.69 19.80 -43.04
C GLU A 19 -15.91 19.94 -41.54
N PRO A 20 -14.92 19.53 -40.73
CA PRO A 20 -15.02 19.58 -39.27
C PRO A 20 -15.01 21.01 -38.75
N LYS A 21 -16.04 21.39 -38.01
CA LYS A 21 -16.13 22.73 -37.47
C LYS A 21 -15.30 22.87 -36.20
N PHE A 22 -14.13 23.47 -36.32
CA PHE A 22 -13.30 23.78 -35.15
C PHE A 22 -13.66 25.15 -34.62
N ASP A 23 -13.87 25.23 -33.31
CA ASP A 23 -14.22 26.50 -32.69
C ASP A 23 -13.49 26.64 -31.37
N ILE A 24 -12.41 27.40 -31.42
CA ILE A 24 -11.56 27.65 -30.26
C ILE A 24 -12.20 28.71 -29.36
N ARG A 25 -12.57 28.29 -28.16
CA ARG A 25 -13.14 29.21 -27.19
C ARG A 25 -12.28 29.25 -25.94
N GLN A 26 -11.80 30.43 -25.59
CA GLN A 26 -10.97 30.57 -24.41
C GLN A 26 -11.83 30.57 -23.16
N THR A 27 -11.84 29.44 -22.46
CA THR A 27 -12.56 29.34 -21.20
C THR A 27 -11.58 28.89 -20.11
N GLY A 28 -11.06 29.86 -19.39
CA GLY A 28 -10.06 29.58 -18.39
C GLY A 28 -10.59 29.62 -16.98
N PRO A 29 -9.78 29.20 -16.01
CA PRO A 29 -10.07 29.43 -14.60
C PRO A 29 -9.91 30.91 -14.29
N LYS A 30 -10.44 31.36 -13.17
CA LYS A 30 -10.41 32.76 -12.84
C LYS A 30 -8.98 33.23 -12.57
N ASN A 31 -8.09 32.30 -12.30
CA ASN A 31 -6.73 32.63 -11.93
C ASN A 31 -5.81 32.75 -13.15
N ARG A 32 -6.06 31.95 -14.19
CA ARG A 32 -5.21 31.94 -15.37
C ARG A 32 -6.10 31.97 -16.62
N GLN A 33 -5.66 31.28 -17.66
CA GLN A 33 -6.43 31.16 -18.89
C GLN A 33 -6.26 29.75 -19.45
N ARG A 34 -7.24 29.30 -20.24
CA ARG A 34 -7.20 27.99 -20.87
C ARG A 34 -8.08 27.99 -22.11
N PHE A 35 -7.74 27.18 -23.10
CA PHE A 35 -8.49 27.14 -24.34
C PHE A 35 -9.29 25.86 -24.47
N LEU A 36 -10.57 26.01 -24.77
CA LEU A 36 -11.44 24.87 -25.04
C LEU A 36 -11.85 24.89 -26.50
N CYS A 37 -11.46 23.86 -27.22
CA CYS A 37 -11.74 23.76 -28.64
C CYS A 37 -12.89 22.82 -28.90
N GLU A 38 -13.93 23.32 -29.56
CA GLU A 38 -15.07 22.50 -29.93
C GLU A 38 -14.99 22.10 -31.40
N VAL A 39 -14.86 20.81 -31.66
CA VAL A 39 -14.86 20.33 -33.04
C VAL A 39 -16.17 19.62 -33.34
N ARG A 40 -16.79 20.02 -34.43
CA ARG A 40 -18.02 19.39 -34.86
C ARG A 40 -17.82 18.61 -36.15
N VAL A 41 -17.61 17.32 -35.98
CA VAL A 41 -17.69 16.34 -37.06
C VAL A 41 -18.97 15.57 -36.81
N GLU A 42 -19.53 14.84 -37.75
CA GLU A 42 -20.70 14.08 -37.42
C GLU A 42 -20.37 12.64 -37.03
N PRO A 43 -20.18 12.40 -35.74
CA PRO A 43 -20.68 11.25 -35.05
C PRO A 43 -21.53 11.77 -33.87
N ASN A 44 -22.82 11.93 -34.08
CA ASN A 44 -23.68 12.78 -33.22
C ASN A 44 -23.65 12.40 -31.72
N THR A 45 -22.99 11.32 -31.39
CA THR A 45 -22.89 10.88 -30.01
C THR A 45 -21.91 11.75 -29.19
N TYR A 46 -20.94 12.42 -29.85
CA TYR A 46 -19.91 13.15 -29.12
C TYR A 46 -19.52 14.48 -29.78
N ILE A 47 -19.34 15.52 -28.95
CA ILE A 47 -18.76 16.78 -29.39
C ILE A 47 -17.28 16.80 -29.01
N GLY A 48 -16.40 17.11 -29.95
CA GLY A 48 -14.99 17.06 -29.67
C GLY A 48 -14.50 18.28 -28.94
N VAL A 49 -14.55 18.24 -27.63
CA VAL A 49 -14.06 19.34 -26.82
C VAL A 49 -12.67 19.05 -26.28
N GLY A 50 -11.71 19.86 -26.68
CA GLY A 50 -10.36 19.73 -26.18
C GLY A 50 -10.01 20.89 -25.26
N ASN A 51 -8.94 20.75 -24.50
CA ASN A 51 -8.56 21.77 -23.53
C ASN A 51 -7.07 21.69 -23.21
N SER A 52 -6.40 22.83 -23.26
CA SER A 52 -4.99 22.91 -22.91
C SER A 52 -4.65 24.31 -22.37
N THR A 53 -3.43 24.48 -21.90
CA THR A 53 -2.99 25.75 -21.31
C THR A 53 -2.65 26.78 -22.37
N ASN A 54 -2.65 26.36 -23.63
CA ASN A 54 -2.41 27.27 -24.74
C ASN A 54 -3.35 26.92 -25.88
N LYS A 55 -3.31 27.70 -26.96
CA LYS A 55 -4.20 27.43 -28.08
C LYS A 55 -3.64 26.32 -28.97
N LYS A 56 -2.33 26.32 -29.15
CA LYS A 56 -1.69 25.45 -30.13
C LYS A 56 -1.89 23.97 -29.79
N ASP A 57 -1.76 23.63 -28.51
CA ASP A 57 -1.94 22.26 -28.06
C ASP A 57 -3.41 21.87 -28.12
N ALA A 58 -4.29 22.85 -27.87
CA ALA A 58 -5.73 22.63 -27.93
C ALA A 58 -6.16 22.19 -29.33
N GLU A 59 -5.55 22.79 -30.34
CA GLU A 59 -5.84 22.42 -31.72
C GLU A 59 -5.56 20.94 -31.94
N LYS A 60 -4.57 20.42 -31.25
CA LYS A 60 -4.23 19.01 -31.32
C LYS A 60 -5.18 18.21 -30.43
N ASN A 61 -5.45 18.73 -29.23
CA ASN A 61 -6.33 18.05 -28.26
C ASN A 61 -7.75 17.91 -28.77
N ALA A 62 -8.24 18.88 -29.54
CA ALA A 62 -9.58 18.79 -30.11
C ALA A 62 -9.70 17.54 -30.96
N CYS A 63 -8.68 17.28 -31.75
CA CYS A 63 -8.63 16.07 -32.55
C CYS A 63 -8.37 14.86 -31.66
N ARG A 64 -7.39 15.01 -30.77
CA ARG A 64 -6.96 13.93 -29.87
C ARG A 64 -8.13 13.39 -29.05
N ASP A 65 -8.78 14.28 -28.32
CA ASP A 65 -9.88 13.90 -27.42
C ASP A 65 -11.07 13.36 -28.20
N PHE A 66 -11.24 13.85 -29.41
CA PHE A 66 -12.35 13.44 -30.25
C PHE A 66 -12.13 12.01 -30.74
N VAL A 67 -10.98 11.76 -31.35
CA VAL A 67 -10.67 10.44 -31.90
C VAL A 67 -10.50 9.41 -30.78
N ASN A 68 -10.00 9.87 -29.63
CA ASN A 68 -9.83 9.00 -28.46
C ASN A 68 -11.17 8.35 -28.10
N TYR A 69 -12.22 9.15 -28.13
CA TYR A 69 -13.56 8.65 -27.84
C TYR A 69 -14.06 7.78 -28.99
N LEU A 70 -13.70 8.13 -30.22
CA LEU A 70 -14.14 7.36 -31.38
C LEU A 70 -13.58 5.95 -31.34
N VAL A 71 -12.36 5.79 -30.86
CA VAL A 71 -11.78 4.48 -30.68
C VAL A 71 -12.54 3.70 -29.61
N ARG A 72 -12.95 4.40 -28.56
CA ARG A 72 -13.70 3.80 -27.47
C ARG A 72 -15.09 3.34 -27.93
N VAL A 73 -15.65 4.04 -28.90
CA VAL A 73 -16.95 3.65 -29.44
C VAL A 73 -16.80 2.84 -30.73
N GLY A 74 -15.58 2.39 -30.99
CA GLY A 74 -15.31 1.54 -32.14
C GLY A 74 -15.64 2.19 -33.47
N LYS A 75 -15.42 3.49 -33.57
CA LYS A 75 -15.70 4.22 -34.80
C LYS A 75 -14.41 4.50 -35.56
N LEU A 76 -13.32 4.70 -34.83
CA LEU A 76 -12.04 4.96 -35.47
C LEU A 76 -10.99 3.92 -35.04
N ASN A 77 -9.79 4.05 -35.58
CA ASN A 77 -8.79 2.99 -35.46
C ASN A 77 -7.82 3.25 -34.33
N THR A 78 -7.52 2.21 -33.56
CA THR A 78 -6.57 2.29 -32.46
C THR A 78 -5.15 2.50 -32.98
N ASN A 79 -4.94 2.24 -34.26
CA ASN A 79 -3.65 2.48 -34.91
C ASN A 79 -3.56 3.91 -35.41
N ASP A 80 -4.70 4.60 -35.41
CA ASP A 80 -4.76 5.99 -35.87
C ASP A 80 -4.37 6.90 -34.72
N VAL A 81 -4.70 6.47 -33.51
CA VAL A 81 -4.21 7.10 -32.30
C VAL A 81 -3.73 6.02 -31.33
N PRO A 82 -2.42 5.73 -31.37
CA PRO A 82 -1.83 4.61 -30.62
C PRO A 82 -1.65 4.90 -29.13
N ALA A 83 -1.87 3.87 -28.32
CA ALA A 83 -1.60 3.95 -26.89
C ALA A 83 -0.28 3.26 -26.58
N ASP A 84 0.11 2.39 -27.51
CA ASP A 84 1.36 1.62 -27.45
C ASP A 84 1.31 0.52 -26.39
N ALA A 85 1.47 -0.73 -26.84
CA ALA A 85 1.50 -1.86 -25.94
C ALA A 85 2.90 -2.47 -25.88
N GLY A 86 3.89 -1.67 -26.27
CA GLY A 86 5.25 -2.17 -26.40
C GLY A 86 5.99 -2.29 -25.08
N ALA A 87 5.29 -2.13 -23.98
CA ALA A 87 5.90 -2.21 -22.66
C ALA A 87 6.03 -3.66 -22.22
N SER A 88 7.26 -4.17 -22.17
CA SER A 88 7.50 -5.52 -21.74
C SER A 88 8.15 -5.53 -20.35
N GLY A 89 8.44 -6.72 -19.84
CA GLY A 89 8.99 -6.84 -18.49
C GLY A 89 7.89 -7.01 -17.45
N GLY A 90 7.00 -7.96 -17.71
CA GLY A 90 5.91 -8.21 -16.80
C GLY A 90 5.80 -9.68 -16.41
N GLY A 91 6.49 -10.53 -17.17
CA GLY A 91 6.43 -11.95 -16.91
C GLY A 91 7.50 -12.39 -15.92
N PRO A 92 7.17 -13.31 -15.01
CA PRO A 92 8.11 -13.80 -13.99
C PRO A 92 9.27 -14.58 -14.61
N ARG A 93 10.43 -14.49 -13.96
CA ARG A 93 11.64 -15.16 -14.44
C ARG A 93 12.20 -16.04 -13.33
N THR A 94 11.88 -17.33 -13.38
CA THR A 94 12.31 -18.26 -12.35
C THR A 94 13.68 -18.85 -12.67
N GLY A 95 13.84 -19.36 -13.88
CA GLY A 95 15.09 -19.99 -14.26
C GLY A 95 15.00 -21.50 -14.19
N LEU A 96 15.36 -22.16 -15.29
CA LEU A 96 15.23 -23.62 -15.36
C LEU A 96 16.59 -24.29 -15.26
N GLU A 97 16.77 -25.08 -14.23
CA GLU A 97 18.00 -25.83 -14.03
C GLU A 97 17.71 -27.31 -14.04
N GLY A 98 18.73 -28.11 -14.32
CA GLY A 98 18.57 -29.54 -14.32
C GLY A 98 19.81 -30.25 -13.83
N ALA A 99 20.17 -29.99 -12.58
CA ALA A 99 21.38 -30.57 -11.98
C ALA A 99 21.16 -32.04 -11.64
N GLY A 100 22.26 -32.77 -11.45
CA GLY A 100 22.18 -34.18 -11.14
C GLY A 100 23.55 -34.84 -11.17
N MET A 101 24.02 -35.27 -10.00
CA MET A 101 25.33 -35.89 -9.88
C MET A 101 25.20 -37.41 -9.76
N ALA A 102 26.00 -38.13 -10.54
CA ALA A 102 26.01 -39.59 -10.50
C ALA A 102 27.36 -40.12 -10.99
N GLY A 103 27.77 -41.29 -10.52
CA GLY A 103 29.04 -41.86 -10.95
C GLY A 103 29.39 -43.13 -10.20
N GLY A 104 29.99 -44.09 -10.91
CA GLY A 104 30.40 -45.33 -10.29
C GLY A 104 31.59 -45.94 -11.02
N SER A 105 32.51 -46.55 -10.27
CA SER A 105 33.73 -47.10 -10.86
C SER A 105 33.72 -48.62 -10.83
N GLY A 106 33.44 -49.19 -9.66
CA GLY A 106 33.49 -50.63 -9.50
C GLY A 106 34.92 -51.14 -9.47
N GLN A 107 35.52 -51.14 -8.30
CA GLN A 107 36.94 -51.48 -8.16
C GLN A 107 37.16 -52.72 -7.30
N GLN A 108 36.16 -53.58 -7.21
CA GLN A 108 36.23 -54.76 -6.34
C GLN A 108 36.90 -55.95 -7.06
N LYS A 109 37.46 -55.72 -8.23
CA LYS A 109 38.07 -56.80 -9.02
C LYS A 109 39.35 -57.30 -8.37
N ARG A 110 39.53 -58.62 -8.32
CA ARG A 110 40.73 -59.22 -7.74
C ARG A 110 40.87 -60.65 -8.27
N VAL A 111 42.08 -61.01 -8.69
CA VAL A 111 42.35 -62.37 -9.16
C VAL A 111 43.57 -62.97 -8.46
N PHE A 112 43.49 -64.26 -8.16
CA PHE A 112 44.59 -64.97 -7.55
C PHE A 112 45.07 -66.08 -8.46
N ASP A 113 46.39 -66.22 -8.60
CA ASP A 113 46.96 -67.23 -9.47
C ASP A 113 47.47 -68.44 -8.69
N GLY A 114 48.43 -68.23 -7.80
CA GLY A 114 48.94 -69.30 -6.98
C GLY A 114 49.95 -70.18 -7.70
N GLN A 115 51.21 -70.10 -7.27
CA GLN A 115 52.24 -70.97 -7.83
C GLN A 115 52.43 -72.20 -6.95
N SER A 116 52.36 -73.37 -7.58
CA SER A 116 52.40 -74.65 -6.88
C SER A 116 53.79 -74.98 -6.38
N GLY A 117 53.87 -76.00 -5.52
CA GLY A 117 55.14 -76.41 -4.97
C GLY A 117 55.92 -77.30 -5.92
N PRO A 118 57.25 -77.17 -5.95
CA PRO A 118 58.13 -77.96 -6.83
C PRO A 118 58.30 -79.40 -6.34
N GLN A 119 58.50 -80.31 -7.30
CA GLN A 119 58.77 -81.71 -6.97
C GLN A 119 60.26 -81.99 -7.09
N ASP A 120 60.69 -83.13 -6.58
CA ASP A 120 62.09 -83.51 -6.68
C ASP A 120 62.30 -84.32 -7.95
N LEU A 121 63.31 -83.94 -8.73
CA LEU A 121 63.57 -84.56 -10.01
C LEU A 121 64.71 -85.58 -9.89
N GLY A 122 65.48 -85.47 -8.82
CA GLY A 122 66.68 -86.28 -8.69
C GLY A 122 66.41 -87.71 -8.29
N GLU A 123 65.38 -87.92 -7.47
CA GLU A 123 65.05 -89.27 -7.01
C GLU A 123 64.59 -90.16 -8.17
N ALA A 124 64.18 -89.51 -9.26
CA ALA A 124 63.67 -90.23 -10.42
C ALA A 124 64.81 -90.76 -11.29
N TYR A 125 66.05 -90.48 -10.89
CA TYR A 125 67.21 -90.91 -11.62
C TYR A 125 68.13 -91.77 -10.75
N ARG A 126 67.71 -93.00 -10.55
CA ARG A 126 68.54 -93.98 -9.87
C ARG A 126 69.36 -94.75 -10.89
N PRO A 127 70.70 -94.75 -10.73
CA PRO A 127 71.61 -95.40 -11.68
C PRO A 127 71.26 -96.86 -11.94
N LEU A 128 71.28 -97.24 -13.22
CA LEU A 128 71.00 -98.62 -13.61
C LEU A 128 72.30 -99.40 -13.70
N ASN A 129 72.25 -100.70 -13.43
CA ASN A 129 73.42 -101.56 -13.49
C ASN A 129 73.89 -101.74 -14.93
N HIS A 130 75.13 -101.36 -15.19
CA HIS A 130 75.75 -101.52 -16.50
C HIS A 130 76.36 -102.91 -16.60
N ASP A 131 76.23 -103.54 -17.77
CA ASP A 131 76.70 -104.90 -17.95
C ASP A 131 78.20 -104.92 -18.26
N GLY A 132 78.79 -106.10 -18.18
CA GLY A 132 80.19 -106.26 -18.47
C GLY A 132 80.77 -107.52 -17.85
N GLY A 133 81.22 -108.44 -18.69
CA GLY A 133 81.80 -109.67 -18.21
C GLY A 133 83.17 -109.45 -17.61
N ASP A 134 83.67 -110.44 -16.88
CA ASP A 134 84.95 -110.32 -16.19
C ASP A 134 86.10 -110.62 -17.14
N GLY A 135 85.94 -111.70 -17.93
CA GLY A 135 86.94 -112.08 -18.92
C GLY A 135 88.37 -112.01 -18.42
N GLY A 136 88.58 -112.35 -17.16
CA GLY A 136 89.87 -112.16 -16.53
C GLY A 136 90.84 -113.31 -16.75
N ASN A 137 90.50 -114.25 -17.63
CA ASN A 137 91.39 -115.37 -17.92
C ASN A 137 92.62 -114.91 -18.69
N ARG A 138 92.41 -114.15 -19.75
CA ARG A 138 93.50 -113.66 -20.58
C ARG A 138 93.92 -112.27 -20.16
N TYR A 139 94.59 -112.15 -19.03
CA TYR A 139 95.08 -110.86 -18.57
C TYR A 139 96.56 -110.71 -18.86
N SER A 140 97.08 -111.66 -19.61
CA SER A 140 98.50 -111.69 -19.95
C SER A 140 98.72 -111.10 -21.35
N VAL A 141 97.72 -110.37 -21.84
CA VAL A 141 97.78 -109.80 -23.18
C VAL A 141 97.77 -108.27 -23.10
N ILE A 142 97.83 -107.73 -21.90
CA ILE A 142 97.82 -106.29 -21.72
C ILE A 142 99.16 -105.82 -21.13
N ASP A 143 99.92 -105.12 -21.96
CA ASP A 143 101.27 -104.69 -21.58
C ASP A 143 101.27 -103.26 -21.03
N ARG A 144 100.34 -102.46 -21.50
CA ARG A 144 100.33 -101.03 -21.17
C ARG A 144 99.93 -100.74 -19.72
N ILE A 145 99.51 -101.77 -18.99
CA ILE A 145 99.14 -101.60 -17.58
C ILE A 145 100.39 -101.48 -16.70
N GLN A 146 101.52 -101.86 -17.25
CA GLN A 146 102.77 -101.85 -16.50
C GLN A 146 103.45 -100.50 -16.60
N GLU A 147 102.98 -99.67 -17.54
CA GLU A 147 103.48 -98.30 -17.68
C GLU A 147 103.09 -97.46 -16.47
N GLN A 148 102.05 -97.91 -15.77
CA GLN A 148 101.52 -97.18 -14.64
C GLN A 148 102.55 -97.11 -13.51
N ARG A 149 102.80 -95.91 -13.02
CA ARG A 149 103.88 -95.68 -12.06
C ARG A 149 103.68 -96.41 -10.75
N ASP A 150 102.43 -96.66 -10.39
CA ASP A 150 102.12 -97.35 -9.14
C ASP A 150 102.59 -98.80 -9.20
N MET A 151 102.58 -99.36 -10.40
CA MET A 151 102.99 -100.75 -10.62
C MET A 151 104.49 -100.93 -10.37
N ASN A 152 105.24 -99.85 -10.54
CA ASN A 152 106.70 -99.89 -10.40
C ASN A 152 107.13 -100.36 -9.01
N GLU A 153 106.34 -100.02 -7.99
CA GLU A 153 106.67 -100.41 -6.63
C GLU A 153 106.25 -101.86 -6.37
N ALA A 154 105.31 -102.34 -7.17
CA ALA A 154 104.82 -103.71 -7.07
C ALA A 154 105.78 -104.67 -7.75
N GLU A 155 106.55 -104.14 -8.71
CA GLU A 155 107.58 -104.93 -9.38
C GLU A 155 108.78 -105.14 -8.45
N ALA A 156 108.82 -104.35 -7.39
CA ALA A 156 109.90 -104.37 -6.43
C ALA A 156 109.73 -105.46 -5.38
N PHE A 157 110.07 -105.10 -4.16
CA PHE A 157 110.16 -106.03 -3.05
C PHE A 157 108.82 -106.47 -2.51
N ASP A 158 108.86 -107.56 -1.73
CA ASP A 158 107.67 -108.09 -1.08
C ASP A 158 107.40 -107.34 0.22
N VAL A 159 108.42 -106.66 0.73
CA VAL A 159 108.36 -106.05 2.06
C VAL A 159 107.24 -105.01 2.17
N ASN A 160 107.00 -104.25 1.11
CA ASN A 160 105.97 -103.22 1.12
C ASN A 160 104.58 -103.85 1.14
N ALA A 161 104.49 -105.09 0.68
CA ALA A 161 103.24 -105.83 0.68
C ALA A 161 103.11 -106.64 1.96
N ALA A 162 104.23 -107.14 2.46
CA ALA A 162 104.25 -108.02 3.62
C ALA A 162 103.63 -107.37 4.85
N ILE A 163 103.81 -106.07 4.99
CA ILE A 163 103.26 -105.33 6.12
C ILE A 163 101.74 -105.25 6.03
N HIS A 164 101.19 -105.55 4.86
CA HIS A 164 99.76 -105.56 4.66
C HIS A 164 99.25 -106.98 4.42
N GLY A 165 100.10 -107.96 4.71
CA GLY A 165 99.71 -109.35 4.58
C GLY A 165 100.12 -109.96 3.25
N ASN A 166 101.09 -109.34 2.57
CA ASN A 166 101.60 -109.81 1.27
C ASN A 166 100.52 -109.67 0.21
N TRP A 167 99.57 -108.79 0.46
CA TRP A 167 98.47 -108.59 -0.45
C TRP A 167 98.85 -107.71 -1.61
N THR A 168 98.78 -108.29 -2.80
CA THR A 168 99.13 -107.60 -4.04
C THR A 168 98.65 -108.46 -5.21
N ILE A 169 98.88 -107.96 -6.44
CA ILE A 169 98.48 -108.63 -7.68
C ILE A 169 96.98 -108.49 -7.94
N GLU A 170 96.59 -108.65 -9.21
CA GLU A 170 95.23 -108.38 -9.65
C GLU A 170 94.26 -109.51 -9.30
N ASN A 171 94.81 -110.63 -8.83
CA ASN A 171 94.01 -111.80 -8.50
C ASN A 171 93.24 -111.57 -7.21
N ALA A 172 93.60 -110.50 -6.50
CA ALA A 172 92.92 -110.14 -5.26
C ALA A 172 91.44 -109.84 -5.50
N LYS A 173 91.12 -109.40 -6.73
CA LYS A 173 89.76 -109.01 -7.12
C LYS A 173 88.74 -110.11 -6.80
N GLU A 174 89.08 -111.35 -7.16
CA GLU A 174 88.12 -112.45 -7.11
C GLU A 174 87.72 -112.79 -5.68
N ARG A 175 88.60 -112.50 -4.73
CA ARG A 175 88.34 -112.84 -3.33
C ARG A 175 87.43 -111.80 -2.68
N LEU A 176 87.35 -110.63 -3.28
CA LEU A 176 86.46 -109.58 -2.79
C LEU A 176 85.01 -109.98 -3.00
N ASN A 177 84.78 -110.80 -4.01
CA ASN A 177 83.45 -111.31 -4.32
C ASN A 177 82.89 -112.11 -3.15
N ILE A 178 83.76 -112.87 -2.50
CA ILE A 178 83.39 -113.73 -1.39
C ILE A 178 82.84 -112.92 -0.22
N TYR A 179 83.33 -111.69 -0.07
CA TYR A 179 82.88 -110.82 1.01
C TYR A 179 81.37 -110.59 0.91
N LYS A 180 80.93 -110.08 -0.23
CA LYS A 180 79.52 -109.78 -0.43
C LYS A 180 78.72 -111.08 -0.55
N GLN A 181 79.35 -112.12 -1.10
CA GLN A 181 78.71 -113.43 -1.21
C GLN A 181 78.32 -113.97 0.16
N THR A 182 79.30 -114.03 1.06
CA THR A 182 79.09 -114.64 2.36
C THR A 182 78.22 -113.77 3.27
N ASN A 183 78.34 -112.46 3.15
CA ASN A 183 77.56 -111.55 3.97
C ASN A 183 76.17 -111.33 3.37
N ASN A 184 75.96 -111.91 2.19
CA ASN A 184 74.65 -111.87 1.51
C ASN A 184 74.26 -110.45 1.12
N ILE A 185 75.24 -109.56 1.10
CA ILE A 185 75.01 -108.18 0.70
C ILE A 185 75.20 -108.03 -0.80
N ARG A 186 74.33 -107.25 -1.42
CA ARG A 186 74.37 -107.08 -2.86
C ARG A 186 74.94 -105.72 -3.23
N ASP A 187 76.22 -105.71 -3.56
CA ASP A 187 76.88 -104.49 -3.98
C ASP A 187 77.54 -104.70 -5.33
N ASP A 188 77.37 -103.73 -6.21
CA ASP A 188 77.92 -103.81 -7.54
C ASP A 188 78.71 -102.55 -7.85
N TYR A 189 79.65 -102.66 -8.77
CA TYR A 189 80.46 -101.51 -9.16
C TYR A 189 79.58 -100.49 -9.85
N LYS A 190 79.42 -99.32 -9.24
CA LYS A 190 78.66 -98.26 -9.86
C LYS A 190 79.47 -97.67 -10.99
N TYR A 191 79.30 -98.24 -12.16
CA TYR A 191 80.03 -97.82 -13.34
C TYR A 191 79.61 -96.43 -13.76
N THR A 192 80.60 -95.59 -14.04
CA THR A 192 80.36 -94.27 -14.56
C THR A 192 81.02 -94.13 -15.92
N PRO A 193 80.27 -94.36 -17.00
CA PRO A 193 80.81 -94.25 -18.36
C PRO A 193 81.12 -92.80 -18.70
N VAL A 194 82.40 -92.51 -18.82
CA VAL A 194 82.87 -91.17 -19.15
C VAL A 194 82.76 -90.95 -20.65
N GLY A 195 83.00 -89.72 -21.10
CA GLY A 195 82.91 -89.39 -22.51
C GLY A 195 83.66 -90.37 -23.40
N PRO A 196 83.19 -90.56 -24.64
CA PRO A 196 83.73 -91.56 -25.58
C PRO A 196 85.23 -91.42 -25.85
N GLU A 197 85.58 -90.59 -26.82
CA GLU A 197 86.98 -90.36 -27.14
C GLU A 197 87.53 -89.15 -26.38
N HIS A 198 86.72 -88.10 -26.28
CA HIS A 198 87.16 -86.85 -25.68
C HIS A 198 87.48 -87.03 -24.20
N ALA A 199 86.82 -87.97 -23.56
CA ALA A 199 87.04 -88.26 -22.16
C ALA A 199 87.27 -89.75 -21.97
N ARG A 200 88.07 -90.33 -22.86
CA ARG A 200 88.26 -91.76 -22.94
C ARG A 200 88.86 -92.33 -21.66
N SER A 201 87.98 -92.71 -20.76
CA SER A 201 88.33 -93.28 -19.47
C SER A 201 87.11 -94.00 -18.91
N PHE A 202 87.25 -94.64 -17.76
CA PHE A 202 86.12 -95.31 -17.15
C PHE A 202 86.23 -95.28 -15.62
N LEU A 203 85.25 -94.67 -14.99
CA LEU A 203 85.23 -94.57 -13.54
C LEU A 203 84.30 -95.63 -12.96
N ALA A 204 84.74 -96.31 -11.91
CA ALA A 204 83.93 -97.34 -11.27
C ALA A 204 84.12 -97.30 -9.77
N GLU A 205 83.06 -97.01 -9.03
CA GLU A 205 83.14 -97.01 -7.60
C GLU A 205 82.58 -98.31 -7.05
N LEU A 206 83.21 -98.84 -6.03
CA LEU A 206 82.71 -100.01 -5.36
C LEU A 206 82.61 -99.72 -3.88
N SER A 207 81.38 -99.70 -3.41
CA SER A 207 81.10 -99.49 -2.01
C SER A 207 80.54 -100.76 -1.41
N ILE A 208 80.89 -101.03 -0.16
CA ILE A 208 80.39 -102.22 0.51
C ILE A 208 79.21 -101.83 1.40
N TYR A 209 78.22 -102.71 1.47
CA TYR A 209 77.03 -102.44 2.25
C TYR A 209 77.36 -102.65 3.73
N VAL A 210 76.76 -101.82 4.60
CA VAL A 210 77.12 -101.78 6.02
C VAL A 210 77.14 -103.18 6.63
N PRO A 211 78.35 -103.70 6.87
CA PRO A 211 78.54 -105.08 7.35
C PRO A 211 78.28 -105.22 8.85
N ALA A 212 78.66 -106.37 9.38
CA ALA A 212 78.48 -106.66 10.80
C ALA A 212 79.41 -105.80 11.66
N LEU A 213 80.38 -105.15 11.02
CA LEU A 213 81.30 -104.26 11.72
C LEU A 213 80.70 -102.85 11.81
N ASN A 214 79.66 -102.64 11.01
CA ASN A 214 79.03 -101.32 10.86
C ASN A 214 80.09 -100.27 10.54
N ARG A 215 80.66 -100.37 9.35
CA ARG A 215 81.70 -99.46 8.92
C ARG A 215 81.40 -98.92 7.54
N THR A 216 82.00 -97.79 7.22
CA THR A 216 81.85 -97.18 5.91
C THR A 216 83.04 -97.50 5.03
N VAL A 217 82.86 -98.45 4.12
CA VAL A 217 83.94 -98.87 3.23
C VAL A 217 83.59 -98.54 1.79
N THR A 218 84.29 -97.56 1.23
CA THR A 218 84.04 -97.12 -0.13
C THR A 218 85.33 -97.00 -0.92
N ALA A 219 85.31 -97.44 -2.17
CA ALA A 219 86.44 -97.28 -3.07
C ALA A 219 85.98 -96.71 -4.40
N ARG A 220 86.31 -95.44 -4.64
CA ARG A 220 85.99 -94.81 -5.91
C ARG A 220 87.26 -94.71 -6.74
N GLU A 221 87.42 -95.64 -7.68
CA GLU A 221 88.66 -95.76 -8.41
C GLU A 221 88.46 -95.45 -9.89
N SER A 222 89.47 -94.86 -10.51
CA SER A 222 89.42 -94.47 -11.90
C SER A 222 90.27 -95.40 -12.76
N GLY A 223 89.71 -95.88 -13.86
CA GLY A 223 90.43 -96.75 -14.75
C GLY A 223 90.42 -96.23 -16.18
N SER A 224 91.25 -96.83 -17.03
CA SER A 224 91.34 -96.39 -18.42
C SER A 224 90.27 -97.09 -19.28
N ASN A 225 89.65 -98.11 -18.73
CA ASN A 225 88.62 -98.87 -19.42
C ASN A 225 87.86 -99.74 -18.42
N LYS A 226 86.93 -100.56 -18.92
CA LYS A 226 86.09 -101.39 -18.05
C LYS A 226 86.95 -102.35 -17.22
N LYS A 227 87.81 -103.11 -17.89
CA LYS A 227 88.65 -104.11 -17.23
C LYS A 227 89.61 -103.41 -16.26
N SER A 228 90.10 -102.26 -16.67
CA SER A 228 91.02 -101.48 -15.86
C SER A 228 90.34 -101.00 -14.58
N ALA A 229 89.13 -100.47 -14.72
CA ALA A 229 88.41 -99.89 -13.59
C ALA A 229 88.09 -100.93 -12.53
N SER A 230 87.43 -102.00 -12.92
CA SER A 230 86.97 -103.00 -11.97
C SER A 230 88.12 -103.75 -11.32
N LYS A 231 89.14 -104.06 -12.11
CA LYS A 231 90.29 -104.81 -11.62
C LYS A 231 91.05 -104.02 -10.56
N SER A 232 91.18 -102.72 -10.80
CA SER A 232 91.91 -101.85 -9.89
C SER A 232 91.05 -101.47 -8.68
N CYS A 233 89.77 -101.26 -8.93
CA CYS A 233 88.83 -100.84 -7.87
C CYS A 233 88.79 -101.85 -6.75
N ALA A 234 88.81 -103.14 -7.10
CA ALA A 234 88.79 -104.21 -6.12
C ALA A 234 90.04 -104.16 -5.24
N LEU A 235 91.19 -103.97 -5.87
CA LEU A 235 92.46 -103.88 -5.14
C LEU A 235 92.49 -102.61 -4.30
N SER A 236 91.89 -101.55 -4.82
CA SER A 236 91.87 -100.26 -4.13
C SER A 236 90.99 -100.34 -2.88
N LEU A 237 90.10 -101.32 -2.84
CA LEU A 237 89.21 -101.49 -1.71
C LEU A 237 89.88 -102.28 -0.59
N VAL A 238 90.92 -103.04 -0.95
CA VAL A 238 91.62 -103.87 0.02
C VAL A 238 92.23 -103.02 1.14
N ARG A 239 92.74 -101.85 0.77
CA ARG A 239 93.33 -100.93 1.75
C ARG A 239 92.26 -100.44 2.74
N GLN A 240 91.01 -100.41 2.28
CA GLN A 240 89.90 -99.98 3.13
C GLN A 240 89.48 -101.10 4.06
N LEU A 241 89.29 -102.28 3.49
CA LEU A 241 88.81 -103.43 4.24
C LEU A 241 89.88 -103.93 5.22
N PHE A 242 91.12 -103.55 4.96
CA PHE A 242 92.24 -103.89 5.82
C PHE A 242 92.09 -103.25 7.20
N HIS A 243 91.45 -102.08 7.25
CA HIS A 243 91.21 -101.40 8.50
C HIS A 243 90.19 -102.15 9.34
N LEU A 244 89.35 -102.93 8.67
CA LEU A 244 88.40 -103.80 9.35
C LEU A 244 89.08 -105.12 9.73
N ASN A 245 90.32 -105.28 9.24
CA ASN A 245 91.11 -106.48 9.47
C ASN A 245 90.44 -107.69 8.84
N VAL A 246 89.63 -107.44 7.82
CA VAL A 246 88.86 -108.50 7.19
C VAL A 246 89.39 -108.86 5.81
N ILE A 247 90.07 -109.98 5.77
CA ILE A 247 90.42 -110.66 4.53
C ILE A 247 91.27 -111.89 4.87
N GLU A 248 91.17 -112.92 4.04
CA GLU A 248 91.93 -114.14 4.28
C GLU A 248 93.41 -113.89 4.02
N PRO A 249 94.28 -114.24 4.99
CA PRO A 249 95.73 -114.06 4.86
C PRO A 249 96.27 -114.63 3.55
N PHE A 250 97.05 -113.83 2.85
CA PHE A 250 97.50 -114.18 1.52
C PHE A 250 98.43 -115.38 1.55
N SER A 251 98.28 -116.27 0.58
CA SER A 251 99.10 -117.45 0.47
C SER A 251 99.06 -118.00 -0.95
N GLY A 252 100.24 -118.23 -1.52
CA GLY A 252 100.32 -118.78 -2.86
C GLY A 252 100.41 -120.30 -2.84
N THR A 253 100.13 -120.92 -3.97
CA THR A 253 100.17 -122.36 -4.07
C THR A 253 100.79 -122.81 -5.40
N LEU A 254 101.63 -123.83 -5.33
CA LEU A 254 102.29 -124.37 -6.50
C LEU A 254 102.10 -125.88 -6.51
N LYS A 255 101.28 -126.36 -7.44
CA LYS A 255 100.93 -127.77 -7.48
C LYS A 255 101.91 -128.59 -8.33
N LYS A 256 102.32 -128.04 -9.46
CA LYS A 256 103.14 -128.78 -10.41
C LYS A 256 104.22 -127.87 -10.98
N LYS A 257 105.45 -128.36 -11.02
CA LYS A 257 106.58 -127.56 -11.49
C LYS A 257 107.65 -128.46 -12.12
N LYS A 258 108.08 -128.09 -13.32
CA LYS A 258 109.23 -128.72 -13.96
C LYS A 258 110.28 -127.67 -14.24
N ASP A 259 111.30 -127.62 -13.39
CA ASP A 259 112.37 -126.64 -13.53
C ASP A 259 113.55 -127.25 -14.26
N GLY A 1 6.00 16.06 -43.39
CA GLY A 1 6.58 16.14 -42.06
C GLY A 1 5.85 15.26 -41.07
N ALA A 2 5.08 15.89 -40.19
CA ALA A 2 4.34 15.16 -39.17
C ALA A 2 2.85 15.12 -39.53
N MET A 3 2.17 14.08 -39.08
CA MET A 3 0.74 13.94 -39.31
C MET A 3 -0.02 14.48 -38.10
N ASP A 4 -0.96 15.37 -38.35
CA ASP A 4 -1.78 15.92 -37.29
C ASP A 4 -3.12 15.19 -37.24
N ILE A 5 -3.58 14.92 -36.03
CA ILE A 5 -4.81 14.18 -35.84
C ILE A 5 -6.02 14.94 -36.42
N LYS A 6 -5.92 16.27 -36.48
CA LYS A 6 -7.01 17.07 -37.03
C LYS A 6 -7.00 17.01 -38.55
N SER A 7 -5.83 16.77 -39.11
CA SER A 7 -5.70 16.59 -40.54
C SER A 7 -6.32 15.26 -40.96
N PHE A 8 -6.13 14.23 -40.14
CA PHE A 8 -6.76 12.94 -40.40
C PHE A 8 -8.26 12.99 -40.13
N LEU A 9 -8.65 13.80 -39.16
CA LEU A 9 -10.07 14.03 -38.87
C LEU A 9 -10.75 14.65 -40.08
N TYR A 10 -10.01 15.53 -40.77
CA TYR A 10 -10.46 16.13 -42.02
C TYR A 10 -10.65 15.06 -43.09
N GLN A 11 -9.61 14.25 -43.29
CA GLN A 11 -9.65 13.18 -44.29
C GLN A 11 -10.75 12.16 -43.99
N PHE A 12 -11.01 11.94 -42.70
CA PHE A 12 -12.08 11.05 -42.26
C PHE A 12 -13.42 11.54 -42.82
N CYS A 13 -13.58 12.85 -42.85
CA CYS A 13 -14.83 13.46 -43.31
C CYS A 13 -14.80 13.72 -44.81
N ALA A 14 -13.59 13.87 -45.35
CA ALA A 14 -13.38 14.21 -46.75
C ALA A 14 -14.01 13.19 -47.70
N LYS A 15 -14.04 11.92 -47.29
CA LYS A 15 -14.62 10.87 -48.12
C LYS A 15 -16.13 11.01 -48.21
N SER A 16 -16.69 11.85 -47.37
CA SER A 16 -18.11 12.16 -47.40
C SER A 16 -18.33 13.59 -47.89
N GLN A 17 -17.25 14.20 -48.40
CA GLN A 17 -17.28 15.55 -48.95
C GLN A 17 -17.66 16.59 -47.89
N ILE A 18 -17.36 16.27 -46.64
CA ILE A 18 -17.60 17.19 -45.54
C ILE A 18 -16.33 17.40 -44.74
N GLU A 19 -16.40 18.22 -43.71
CA GLU A 19 -15.25 18.48 -42.85
C GLU A 19 -15.73 18.88 -41.45
N PRO A 20 -14.92 18.55 -40.42
CA PRO A 20 -15.27 18.84 -39.02
C PRO A 20 -15.31 20.34 -38.73
N LYS A 21 -16.29 20.75 -37.92
CA LYS A 21 -16.40 22.13 -37.50
C LYS A 21 -15.58 22.36 -36.24
N PHE A 22 -14.64 23.29 -36.34
CA PHE A 22 -13.83 23.69 -35.20
C PHE A 22 -14.41 24.95 -34.57
N ASP A 23 -14.71 24.87 -33.29
CA ASP A 23 -15.24 26.00 -32.55
C ASP A 23 -14.38 26.24 -31.34
N ILE A 24 -13.45 27.16 -31.46
CA ILE A 24 -12.49 27.37 -30.40
C ILE A 24 -12.87 28.56 -29.54
N ARG A 25 -13.12 28.29 -28.28
CA ARG A 25 -13.44 29.32 -27.33
C ARG A 25 -12.39 29.35 -26.22
N GLN A 26 -11.87 30.54 -25.96
CA GLN A 26 -10.84 30.73 -24.95
C GLN A 26 -11.49 30.99 -23.60
N THR A 27 -11.56 29.97 -22.76
CA THR A 27 -12.13 30.12 -21.45
C THR A 27 -11.22 29.48 -20.39
N GLY A 28 -10.42 30.34 -19.78
CA GLY A 28 -9.51 29.89 -18.74
C GLY A 28 -10.02 30.24 -17.37
N PRO A 29 -9.36 29.74 -16.32
CA PRO A 29 -9.68 30.13 -14.94
C PRO A 29 -9.31 31.58 -14.69
N LYS A 30 -9.61 32.08 -13.50
CA LYS A 30 -9.32 33.46 -13.15
C LYS A 30 -7.82 33.67 -12.92
N ASN A 31 -7.04 32.61 -13.08
CA ASN A 31 -5.60 32.69 -12.77
C ASN A 31 -4.74 32.60 -14.03
N ARG A 32 -5.17 31.83 -15.03
CA ARG A 32 -4.40 31.65 -16.25
C ARG A 32 -5.36 31.41 -17.39
N GLN A 33 -4.87 30.84 -18.47
CA GLN A 33 -5.70 30.66 -19.66
C GLN A 33 -5.80 29.20 -20.07
N ARG A 34 -6.92 28.86 -20.69
CA ARG A 34 -7.14 27.54 -21.26
C ARG A 34 -7.87 27.68 -22.58
N PHE A 35 -7.30 27.11 -23.62
CA PHE A 35 -7.93 27.13 -24.94
C PHE A 35 -8.77 25.88 -25.11
N LEU A 36 -10.08 26.05 -25.14
CA LEU A 36 -10.99 24.93 -25.33
C LEU A 36 -11.47 24.88 -26.77
N CYS A 37 -10.93 23.93 -27.52
CA CYS A 37 -11.29 23.77 -28.91
C CYS A 37 -12.41 22.75 -29.05
N GLU A 38 -13.55 23.21 -29.51
CA GLU A 38 -14.68 22.36 -29.77
C GLU A 38 -14.60 21.84 -31.19
N VAL A 39 -15.00 20.60 -31.39
CA VAL A 39 -15.05 20.01 -32.70
C VAL A 39 -16.32 19.19 -32.85
N ARG A 40 -17.18 19.60 -33.76
CA ARG A 40 -18.45 18.93 -33.94
C ARG A 40 -18.53 18.26 -35.31
N VAL A 41 -18.93 17.00 -35.26
CA VAL A 41 -18.97 16.11 -36.40
C VAL A 41 -20.25 15.29 -36.33
N GLU A 42 -20.60 14.57 -37.41
CA GLU A 42 -21.77 13.69 -37.43
C GLU A 42 -21.79 12.81 -36.17
N PRO A 43 -22.91 12.06 -35.93
CA PRO A 43 -23.39 11.72 -34.61
C PRO A 43 -22.61 12.38 -33.45
N ASN A 44 -23.01 13.63 -33.20
CA ASN A 44 -22.35 14.52 -32.24
C ASN A 44 -22.76 14.22 -30.81
N THR A 45 -23.37 13.06 -30.58
CA THR A 45 -23.80 12.66 -29.23
C THR A 45 -22.65 12.81 -28.23
N TYR A 46 -21.42 12.71 -28.72
CA TYR A 46 -20.26 12.98 -27.90
C TYR A 46 -19.55 14.21 -28.44
N ILE A 47 -19.39 15.21 -27.59
CA ILE A 47 -18.73 16.44 -27.98
C ILE A 47 -17.24 16.39 -27.63
N GLY A 48 -16.42 16.83 -28.56
CA GLY A 48 -14.99 16.79 -28.35
C GLY A 48 -14.41 18.16 -28.08
N VAL A 49 -14.42 18.56 -26.82
CA VAL A 49 -13.86 19.84 -26.43
C VAL A 49 -12.51 19.64 -25.74
N GLY A 50 -11.44 19.85 -26.49
CA GLY A 50 -10.11 19.69 -25.95
C GLY A 50 -9.60 20.99 -25.35
N ASN A 51 -8.63 20.90 -24.44
CA ASN A 51 -8.10 22.10 -23.82
C ASN A 51 -6.59 22.00 -23.69
N SER A 52 -5.94 23.13 -23.90
CA SER A 52 -4.51 23.25 -23.71
C SER A 52 -4.18 24.68 -23.31
N THR A 53 -2.95 24.90 -22.87
CA THR A 53 -2.53 26.23 -22.47
C THR A 53 -2.13 27.08 -23.67
N ASN A 54 -1.87 26.42 -24.79
CA ASN A 54 -1.51 27.10 -26.01
C ASN A 54 -2.51 26.76 -27.11
N LYS A 55 -2.60 27.63 -28.11
CA LYS A 55 -3.56 27.46 -29.19
C LYS A 55 -3.25 26.23 -30.04
N LYS A 56 -1.95 25.91 -30.17
CA LYS A 56 -1.50 24.77 -30.97
C LYS A 56 -2.10 23.46 -30.47
N ASP A 57 -1.69 23.05 -29.29
CA ASP A 57 -2.10 21.77 -28.73
C ASP A 57 -3.59 21.72 -28.44
N ALA A 58 -4.22 22.89 -28.33
CA ALA A 58 -5.66 22.96 -28.14
C ALA A 58 -6.39 22.29 -29.29
N GLU A 59 -5.93 22.55 -30.50
CA GLU A 59 -6.51 21.93 -31.70
C GLU A 59 -6.32 20.42 -31.65
N LYS A 60 -5.13 20.03 -31.23
CA LYS A 60 -4.78 18.62 -31.13
C LYS A 60 -5.63 17.91 -30.09
N ASN A 61 -5.73 18.51 -28.91
CA ASN A 61 -6.48 17.92 -27.80
C ASN A 61 -7.96 17.86 -28.12
N ALA A 62 -8.43 18.80 -28.94
CA ALA A 62 -9.81 18.80 -29.39
C ALA A 62 -10.13 17.48 -30.07
N CYS A 63 -9.38 17.20 -31.13
CA CYS A 63 -9.55 15.97 -31.88
C CYS A 63 -9.15 14.77 -31.04
N ARG A 64 -8.09 14.91 -30.24
CA ARG A 64 -7.63 13.84 -29.37
C ARG A 64 -8.76 13.32 -28.48
N ASP A 65 -9.48 14.23 -27.85
CA ASP A 65 -10.57 13.84 -26.95
C ASP A 65 -11.83 13.47 -27.73
N PHE A 66 -11.93 13.92 -28.97
CA PHE A 66 -13.06 13.56 -29.82
C PHE A 66 -12.87 12.15 -30.39
N VAL A 67 -11.64 11.88 -30.85
CA VAL A 67 -11.29 10.57 -31.38
C VAL A 67 -11.47 9.48 -30.31
N ASN A 68 -11.39 9.88 -29.04
CA ASN A 68 -11.63 8.97 -27.93
C ASN A 68 -12.97 8.24 -28.11
N TYR A 69 -13.97 8.97 -28.56
CA TYR A 69 -15.28 8.37 -28.84
C TYR A 69 -15.23 7.53 -30.11
N LEU A 70 -14.60 8.10 -31.13
CA LEU A 70 -14.42 7.43 -32.44
C LEU A 70 -13.81 6.05 -32.26
N VAL A 71 -12.74 5.98 -31.49
CA VAL A 71 -12.05 4.72 -31.24
C VAL A 71 -12.86 3.83 -30.29
N ARG A 72 -13.52 4.45 -29.32
CA ARG A 72 -14.28 3.70 -28.32
C ARG A 72 -15.44 2.96 -28.99
N VAL A 73 -16.05 3.58 -29.99
CA VAL A 73 -17.10 2.91 -30.76
C VAL A 73 -16.52 2.12 -31.92
N GLY A 74 -15.23 2.30 -32.15
CA GLY A 74 -14.51 1.48 -33.12
C GLY A 74 -14.53 2.02 -34.53
N LYS A 75 -15.05 3.22 -34.72
CA LYS A 75 -15.17 3.77 -36.06
C LYS A 75 -13.90 4.48 -36.49
N LEU A 76 -12.95 4.64 -35.59
CA LEU A 76 -11.65 5.17 -35.93
C LEU A 76 -10.55 4.27 -35.36
N ASN A 77 -9.45 4.13 -36.09
CA ASN A 77 -8.35 3.26 -35.69
C ASN A 77 -7.39 3.99 -34.75
N THR A 78 -6.76 3.23 -33.86
CA THR A 78 -5.88 3.80 -32.84
C THR A 78 -4.47 4.07 -33.39
N ASN A 79 -4.26 3.80 -34.68
CA ASN A 79 -2.93 3.89 -35.29
C ASN A 79 -2.34 5.30 -35.23
N ASP A 80 -3.16 6.32 -35.45
CA ASP A 80 -2.66 7.70 -35.46
C ASP A 80 -2.89 8.37 -34.12
N VAL A 81 -3.88 7.87 -33.40
CA VAL A 81 -4.24 8.37 -32.07
C VAL A 81 -3.03 8.35 -31.12
N PRO A 82 -2.63 9.53 -30.64
CA PRO A 82 -1.53 9.64 -29.66
C PRO A 82 -1.83 8.87 -28.38
N ALA A 83 -0.96 7.93 -28.05
CA ALA A 83 -1.19 7.05 -26.91
C ALA A 83 -0.59 7.65 -25.64
N ASP A 84 -0.02 8.83 -25.77
CA ASP A 84 0.58 9.53 -24.63
C ASP A 84 -0.51 10.18 -23.78
N ALA A 85 -1.21 9.34 -23.01
CA ALA A 85 -2.28 9.80 -22.14
C ALA A 85 -1.87 9.73 -20.68
N GLY A 86 -0.61 9.37 -20.44
CA GLY A 86 -0.10 9.28 -19.08
C GLY A 86 0.40 10.61 -18.55
N ALA A 87 0.11 11.67 -19.29
CA ALA A 87 0.50 13.02 -18.90
C ALA A 87 -0.52 13.62 -17.95
N SER A 88 -0.08 14.53 -17.12
CA SER A 88 -0.95 15.17 -16.16
C SER A 88 -1.17 16.63 -16.55
N GLY A 89 -2.10 17.29 -15.85
CA GLY A 89 -2.40 18.68 -16.16
C GLY A 89 -3.53 18.81 -17.16
N GLY A 90 -4.03 17.67 -17.61
CA GLY A 90 -5.13 17.66 -18.55
C GLY A 90 -6.43 17.31 -17.87
N GLY A 91 -7.03 18.29 -17.21
CA GLY A 91 -8.28 18.07 -16.53
C GLY A 91 -9.47 18.35 -17.43
N PRO A 92 -10.41 17.40 -17.54
CA PRO A 92 -11.61 17.58 -18.35
C PRO A 92 -12.72 18.29 -17.59
N ARG A 93 -13.17 19.42 -18.13
CA ARG A 93 -14.23 20.18 -17.51
C ARG A 93 -15.59 19.68 -18.01
N THR A 94 -16.44 19.24 -17.09
CA THR A 94 -17.73 18.69 -17.45
C THR A 94 -18.67 19.77 -17.99
N GLY A 95 -18.58 20.98 -17.42
CA GLY A 95 -19.41 22.08 -17.89
C GLY A 95 -20.74 22.15 -17.19
N LEU A 96 -20.85 23.04 -16.21
CA LEU A 96 -22.10 23.25 -15.50
C LEU A 96 -22.66 24.63 -15.83
N GLU A 97 -23.96 24.74 -15.88
CA GLU A 97 -24.64 26.01 -16.10
C GLU A 97 -25.58 26.27 -14.93
N GLY A 98 -25.68 27.53 -14.52
CA GLY A 98 -26.47 27.84 -13.33
C GLY A 98 -27.22 29.14 -13.45
N ALA A 99 -27.67 29.48 -14.64
CA ALA A 99 -28.46 30.68 -14.85
C ALA A 99 -29.95 30.35 -14.84
N GLY A 100 -30.71 31.06 -14.01
CA GLY A 100 -32.13 30.81 -13.93
C GLY A 100 -32.95 32.00 -14.37
N MET A 101 -34.26 31.83 -14.45
CA MET A 101 -35.16 32.92 -14.83
C MET A 101 -36.01 33.36 -13.64
N ALA A 102 -35.73 34.56 -13.15
CA ALA A 102 -36.45 35.11 -12.02
C ALA A 102 -36.51 36.63 -12.12
N GLY A 103 -37.70 37.18 -11.96
CA GLY A 103 -37.88 38.62 -12.02
C GLY A 103 -39.32 38.98 -12.29
N GLY A 104 -39.57 40.26 -12.58
CA GLY A 104 -40.91 40.72 -12.83
C GLY A 104 -41.28 41.90 -11.94
N SER A 105 -41.65 43.01 -12.56
CA SER A 105 -41.95 44.22 -11.83
C SER A 105 -43.42 44.26 -11.39
N GLY A 106 -44.24 43.39 -11.98
CA GLY A 106 -45.64 43.34 -11.61
C GLY A 106 -46.43 44.48 -12.23
N GLN A 107 -46.23 44.67 -13.53
CA GLN A 107 -46.88 45.76 -14.27
C GLN A 107 -48.41 45.62 -14.24
N GLN A 108 -48.87 44.41 -13.99
CA GLN A 108 -50.30 44.11 -13.98
C GLN A 108 -51.00 44.76 -12.78
N LYS A 109 -50.24 45.07 -11.73
CA LYS A 109 -50.83 45.61 -10.52
C LYS A 109 -50.94 47.13 -10.62
N ARG A 110 -52.16 47.62 -10.56
CA ARG A 110 -52.43 49.05 -10.71
C ARG A 110 -53.04 49.64 -9.44
N VAL A 111 -52.89 50.94 -9.29
CA VAL A 111 -53.52 51.68 -8.22
C VAL A 111 -54.36 52.80 -8.83
N PHE A 112 -55.39 53.23 -8.11
CA PHE A 112 -56.29 54.25 -8.62
C PHE A 112 -55.85 55.66 -8.20
N ASP A 113 -55.25 56.38 -9.14
CA ASP A 113 -54.85 57.76 -8.89
C ASP A 113 -56.02 58.69 -9.18
N GLY A 114 -56.69 58.46 -10.30
CA GLY A 114 -57.80 59.31 -10.71
C GLY A 114 -59.09 58.99 -9.99
N GLN A 115 -59.02 58.83 -8.68
CA GLN A 115 -60.19 58.59 -7.85
C GLN A 115 -60.00 59.24 -6.49
N SER A 116 -60.53 60.44 -6.36
CA SER A 116 -60.41 61.20 -5.12
C SER A 116 -61.76 61.26 -4.40
N GLY A 117 -61.78 61.95 -3.26
CA GLY A 117 -63.01 62.04 -2.50
C GLY A 117 -63.84 63.26 -2.89
N PRO A 118 -65.00 63.47 -2.25
CA PRO A 118 -65.84 64.63 -2.51
C PRO A 118 -65.37 65.85 -1.74
N GLN A 119 -66.15 66.92 -1.74
CA GLN A 119 -65.83 68.08 -0.93
C GLN A 119 -66.27 67.83 0.51
N ASP A 120 -65.30 67.65 1.39
CA ASP A 120 -65.60 67.40 2.79
C ASP A 120 -65.00 68.50 3.65
N LEU A 121 -65.80 69.00 4.58
CA LEU A 121 -65.31 70.00 5.51
C LEU A 121 -65.05 69.34 6.87
N GLY A 122 -66.10 68.80 7.47
CA GLY A 122 -65.99 68.23 8.79
C GLY A 122 -65.70 66.73 8.81
N GLU A 123 -65.63 66.11 7.64
CA GLU A 123 -65.54 64.65 7.56
C GLU A 123 -64.12 64.16 7.82
N ALA A 124 -63.14 64.94 7.39
CA ALA A 124 -61.74 64.57 7.58
C ALA A 124 -61.25 64.87 8.99
N TYR A 125 -62.14 65.32 9.86
CA TYR A 125 -61.75 65.69 11.22
C TYR A 125 -62.39 64.75 12.23
N ARG A 126 -62.44 63.48 11.88
CA ARG A 126 -62.88 62.46 12.82
C ARG A 126 -61.69 62.00 13.66
N PRO A 127 -61.91 61.27 14.76
CA PRO A 127 -60.82 60.74 15.57
C PRO A 127 -60.16 59.52 14.94
N LEU A 128 -58.97 59.71 14.39
CA LEU A 128 -58.23 58.61 13.80
C LEU A 128 -57.29 58.00 14.84
N ASN A 129 -57.79 57.00 15.54
CA ASN A 129 -56.98 56.29 16.53
C ASN A 129 -56.33 55.07 15.91
N HIS A 130 -55.02 55.11 15.81
CA HIS A 130 -54.25 54.02 15.23
C HIS A 130 -54.10 52.89 16.23
N ASP A 131 -54.19 51.66 15.76
CA ASP A 131 -53.96 50.51 16.63
C ASP A 131 -52.49 50.12 16.57
N GLY A 132 -51.91 49.91 17.75
CA GLY A 132 -50.50 49.56 17.83
C GLY A 132 -49.96 49.65 19.24
N GLY A 133 -50.71 49.09 20.19
CA GLY A 133 -50.27 49.08 21.57
C GLY A 133 -49.84 47.71 22.00
N ASP A 134 -48.54 47.48 22.01
CA ASP A 134 -47.99 46.13 22.23
C ASP A 134 -48.17 45.67 23.67
N GLY A 135 -47.90 46.56 24.62
CA GLY A 135 -47.92 46.19 26.03
C GLY A 135 -47.07 44.97 26.33
N GLY A 136 -46.06 44.71 25.49
CA GLY A 136 -45.28 43.50 25.60
C GLY A 136 -43.95 43.71 26.27
N ASN A 137 -43.69 44.94 26.68
CA ASN A 137 -42.44 45.26 27.34
C ASN A 137 -42.50 44.94 28.84
N ARG A 138 -43.57 44.27 29.24
CA ARG A 138 -43.74 43.86 30.64
C ARG A 138 -44.10 42.38 30.72
N TYR A 139 -43.13 41.59 31.13
CA TYR A 139 -43.30 40.14 31.25
C TYR A 139 -43.87 39.77 32.62
N SER A 140 -44.64 40.69 33.19
CA SER A 140 -45.13 40.54 34.55
C SER A 140 -46.39 39.66 34.62
N VAL A 141 -46.58 38.83 33.61
CA VAL A 141 -47.74 37.95 33.55
C VAL A 141 -47.31 36.49 33.77
N ILE A 142 -46.36 36.32 34.68
CA ILE A 142 -45.84 34.98 34.99
C ILE A 142 -46.78 34.22 35.91
N ASP A 143 -47.97 34.78 36.12
CA ASP A 143 -48.97 34.20 37.02
C ASP A 143 -49.32 32.77 36.61
N ARG A 144 -49.53 32.58 35.32
CA ARG A 144 -49.93 31.28 34.78
C ARG A 144 -48.79 30.27 34.89
N ILE A 145 -47.57 30.77 34.99
CA ILE A 145 -46.38 29.92 34.98
C ILE A 145 -46.05 29.46 36.40
N GLN A 146 -46.48 30.23 37.38
CA GLN A 146 -46.17 29.95 38.78
C GLN A 146 -47.23 29.04 39.39
N GLU A 147 -48.41 29.04 38.80
CA GLU A 147 -49.51 28.27 39.36
C GLU A 147 -49.42 26.80 38.98
N GLN A 148 -48.69 26.50 37.92
CA GLN A 148 -48.59 25.13 37.45
C GLN A 148 -47.57 24.37 38.27
N ARG A 149 -48.08 23.68 39.26
CA ARG A 149 -47.27 22.89 40.18
C ARG A 149 -47.36 21.41 39.82
N ASP A 150 -48.50 21.01 39.32
CA ASP A 150 -48.77 19.62 38.95
C ASP A 150 -47.85 19.20 37.81
N MET A 151 -47.47 20.17 36.98
CA MET A 151 -46.73 19.90 35.75
C MET A 151 -45.31 19.39 36.03
N ASN A 152 -44.58 20.08 36.90
CA ASN A 152 -43.18 19.73 37.14
C ASN A 152 -43.05 18.45 37.96
N GLU A 153 -44.16 17.97 38.49
CA GLU A 153 -44.16 16.76 39.28
C GLU A 153 -44.43 15.53 38.41
N ALA A 154 -44.78 15.80 37.16
CA ALA A 154 -45.11 14.74 36.21
C ALA A 154 -43.87 14.26 35.47
N GLU A 155 -42.82 15.05 35.51
CA GLU A 155 -41.61 14.76 34.75
C GLU A 155 -40.76 13.69 35.44
N ALA A 156 -40.14 14.08 36.55
CA ALA A 156 -39.19 13.23 37.25
C ALA A 156 -38.72 13.91 38.51
N PHE A 157 -37.49 13.62 38.88
CA PHE A 157 -36.93 14.09 40.13
C PHE A 157 -36.49 15.54 40.08
N ASP A 158 -36.38 16.11 41.27
CA ASP A 158 -36.01 17.50 41.43
C ASP A 158 -34.50 17.68 41.38
N VAL A 159 -33.77 16.61 41.62
CA VAL A 159 -32.31 16.66 41.63
C VAL A 159 -31.76 17.14 40.30
N ASN A 160 -32.11 16.45 39.23
CA ASN A 160 -31.63 16.80 37.88
C ASN A 160 -32.24 18.12 37.42
N ALA A 161 -33.40 18.45 37.97
CA ALA A 161 -34.05 19.71 37.63
C ALA A 161 -33.33 20.89 38.31
N ALA A 162 -32.90 20.68 39.55
CA ALA A 162 -32.25 21.72 40.32
C ALA A 162 -30.94 22.16 39.69
N ILE A 163 -30.18 21.21 39.15
CA ILE A 163 -28.87 21.52 38.57
C ILE A 163 -29.03 22.29 37.27
N HIS A 164 -30.22 22.23 36.68
CA HIS A 164 -30.51 23.01 35.47
C HIS A 164 -31.20 24.32 35.84
N GLY A 165 -31.56 24.46 37.11
CA GLY A 165 -32.19 25.68 37.58
C GLY A 165 -33.71 25.57 37.67
N ASN A 166 -34.19 24.41 38.12
CA ASN A 166 -35.62 24.15 38.31
C ASN A 166 -36.35 24.03 36.97
N TRP A 167 -35.59 23.94 35.90
CA TRP A 167 -36.18 23.85 34.58
C TRP A 167 -36.63 22.43 34.26
N THR A 168 -37.93 22.20 34.41
CA THR A 168 -38.52 20.93 34.05
C THR A 168 -39.06 20.99 32.63
N ILE A 169 -39.41 19.84 32.07
CA ILE A 169 -39.69 19.72 30.65
C ILE A 169 -40.89 20.57 30.20
N GLU A 170 -42.09 20.23 30.67
CA GLU A 170 -43.28 20.89 30.15
C GLU A 170 -43.52 22.24 30.85
N ASN A 171 -42.70 22.52 31.85
CA ASN A 171 -42.66 23.85 32.43
C ASN A 171 -41.86 24.78 31.52
N ALA A 172 -40.76 24.23 30.99
CA ALA A 172 -39.96 24.96 30.01
C ALA A 172 -40.75 25.13 28.73
N LYS A 173 -41.57 24.14 28.43
CA LYS A 173 -42.48 24.19 27.29
C LYS A 173 -43.41 25.39 27.39
N GLU A 174 -43.90 25.65 28.60
CA GLU A 174 -44.80 26.77 28.85
C GLU A 174 -44.05 28.10 28.77
N ARG A 175 -42.85 28.14 29.36
CA ARG A 175 -42.05 29.36 29.39
C ARG A 175 -41.60 29.75 27.98
N LEU A 176 -41.44 28.76 27.11
CA LEU A 176 -41.08 29.01 25.71
C LEU A 176 -42.07 29.96 25.06
N ASN A 177 -43.32 29.83 25.46
CA ASN A 177 -44.40 30.65 24.92
C ASN A 177 -44.09 32.14 25.07
N ILE A 178 -43.41 32.49 26.15
CA ILE A 178 -43.08 33.88 26.43
C ILE A 178 -41.90 34.34 25.57
N TYR A 179 -40.90 33.46 25.40
CA TYR A 179 -39.70 33.82 24.65
C TYR A 179 -40.04 34.25 23.23
N LYS A 180 -40.80 33.43 22.53
CA LYS A 180 -41.15 33.73 21.15
C LYS A 180 -42.14 34.88 21.05
N GLN A 181 -42.88 35.10 22.13
CA GLN A 181 -43.87 36.17 22.19
C GLN A 181 -43.20 37.51 22.38
N THR A 182 -42.28 37.61 23.34
CA THR A 182 -41.63 38.86 23.66
C THR A 182 -40.68 39.29 22.54
N ASN A 183 -40.36 38.36 21.66
CA ASN A 183 -39.52 38.66 20.49
C ASN A 183 -40.36 38.84 19.24
N ASN A 184 -41.67 38.58 19.36
CA ASN A 184 -42.61 38.71 18.24
C ASN A 184 -42.21 37.84 17.06
N ILE A 185 -41.66 36.65 17.34
CA ILE A 185 -41.23 35.75 16.28
C ILE A 185 -42.27 34.67 16.04
N ARG A 186 -42.18 34.02 14.89
CA ARG A 186 -43.07 32.93 14.53
C ARG A 186 -42.38 31.59 14.79
N ASP A 187 -43.00 30.79 15.65
CA ASP A 187 -42.48 29.48 16.00
C ASP A 187 -43.52 28.39 15.78
N ASP A 188 -43.06 27.16 15.65
CA ASP A 188 -43.95 26.01 15.60
C ASP A 188 -43.15 24.73 15.87
N TYR A 189 -43.72 23.87 16.70
CA TYR A 189 -43.16 22.55 16.88
C TYR A 189 -43.36 21.75 15.61
N LYS A 190 -42.28 21.47 14.90
CA LYS A 190 -42.37 20.74 13.67
C LYS A 190 -42.49 19.26 13.96
N TYR A 191 -43.71 18.76 13.96
CA TYR A 191 -43.95 17.36 14.21
C TYR A 191 -43.67 16.55 12.95
N THR A 192 -42.51 15.92 12.92
CA THR A 192 -42.09 15.14 11.77
C THR A 192 -42.50 13.68 11.95
N PRO A 193 -43.48 13.23 11.14
CA PRO A 193 -44.01 11.87 11.21
C PRO A 193 -43.11 10.87 10.50
N VAL A 194 -42.84 9.75 11.16
CA VAL A 194 -42.10 8.67 10.56
C VAL A 194 -43.10 7.71 9.91
N GLY A 195 -42.61 6.73 9.17
CA GLY A 195 -43.48 5.75 8.52
C GLY A 195 -44.43 5.04 9.47
N PRO A 196 -45.22 4.09 8.94
CA PRO A 196 -46.26 3.37 9.71
C PRO A 196 -45.70 2.74 10.99
N GLU A 197 -46.59 2.17 11.80
CA GLU A 197 -46.21 1.65 13.11
C GLU A 197 -45.27 0.44 13.01
N HIS A 198 -45.00 0.01 11.77
CA HIS A 198 -43.91 -0.93 11.49
C HIS A 198 -42.58 -0.30 11.93
N ALA A 199 -42.54 1.01 11.83
CA ALA A 199 -41.38 1.78 12.25
C ALA A 199 -41.84 2.86 13.22
N ARG A 200 -42.75 2.48 14.11
CA ARG A 200 -43.39 3.38 15.07
C ARG A 200 -42.37 4.25 15.80
N SER A 201 -42.24 5.48 15.37
CA SER A 201 -41.41 6.47 16.01
C SER A 201 -41.87 7.84 15.59
N PHE A 202 -41.37 8.87 16.25
CA PHE A 202 -41.78 10.22 15.92
C PHE A 202 -40.70 11.21 16.32
N LEU A 203 -40.46 12.21 15.48
CA LEU A 203 -39.44 13.19 15.74
C LEU A 203 -40.06 14.59 15.74
N ALA A 204 -40.00 15.25 16.88
CA ALA A 204 -40.51 16.59 16.99
C ALA A 204 -39.36 17.57 17.06
N GLU A 205 -39.24 18.43 16.06
CA GLU A 205 -38.15 19.39 16.02
C GLU A 205 -38.69 20.80 16.22
N LEU A 206 -38.00 21.57 17.05
CA LEU A 206 -38.41 22.94 17.31
C LEU A 206 -37.26 23.89 17.02
N SER A 207 -37.56 24.93 16.28
CA SER A 207 -36.57 25.92 15.94
C SER A 207 -37.04 27.30 16.36
N ILE A 208 -36.12 28.10 16.88
CA ILE A 208 -36.42 29.45 17.25
C ILE A 208 -36.00 30.39 16.13
N TYR A 209 -36.91 31.25 15.71
CA TYR A 209 -36.64 32.20 14.65
C TYR A 209 -35.79 33.33 15.21
N VAL A 210 -34.99 33.94 14.34
CA VAL A 210 -34.01 34.96 14.74
C VAL A 210 -34.64 36.01 15.64
N PRO A 211 -34.32 35.97 16.95
CA PRO A 211 -34.85 36.91 17.93
C PRO A 211 -34.19 38.29 17.80
N ALA A 212 -34.47 39.17 18.76
CA ALA A 212 -33.88 40.50 18.77
C ALA A 212 -32.37 40.42 18.97
N LEU A 213 -31.87 39.23 19.29
CA LEU A 213 -30.46 39.02 19.53
C LEU A 213 -29.74 38.63 18.23
N ASN A 214 -30.52 38.46 17.16
CA ASN A 214 -29.97 38.15 15.82
C ASN A 214 -29.29 36.77 15.78
N ARG A 215 -29.54 35.95 16.78
CA ARG A 215 -28.98 34.60 16.80
C ARG A 215 -29.99 33.59 16.29
N THR A 216 -29.65 32.32 16.34
CA THR A 216 -30.57 31.27 15.94
C THR A 216 -30.47 30.07 16.88
N VAL A 217 -31.59 29.41 17.11
CA VAL A 217 -31.63 28.24 17.98
C VAL A 217 -32.45 27.14 17.32
N THR A 218 -31.95 25.92 17.36
CA THR A 218 -32.70 24.79 16.82
C THR A 218 -32.33 23.52 17.57
N ALA A 219 -33.27 22.59 17.67
CA ALA A 219 -33.03 21.31 18.32
C ALA A 219 -33.92 20.22 17.71
N ARG A 220 -33.36 19.04 17.54
CA ARG A 220 -34.12 17.90 17.06
C ARG A 220 -33.92 16.71 17.98
N GLU A 221 -35.03 16.17 18.45
CA GLU A 221 -35.00 14.99 19.29
C GLU A 221 -36.00 13.97 18.78
N SER A 222 -35.68 12.70 18.94
CA SER A 222 -36.47 11.62 18.37
C SER A 222 -36.95 10.66 19.45
N GLY A 223 -38.23 10.34 19.41
CA GLY A 223 -38.79 9.42 20.38
C GLY A 223 -39.67 8.38 19.72
N SER A 224 -40.18 7.45 20.52
CA SER A 224 -41.08 6.42 20.00
C SER A 224 -42.52 6.90 20.04
N ASN A 225 -42.74 8.02 20.73
CA ASN A 225 -44.06 8.59 20.88
C ASN A 225 -43.99 10.10 20.64
N LYS A 226 -45.11 10.71 20.22
CA LYS A 226 -45.13 12.15 19.94
C LYS A 226 -44.74 12.95 21.17
N LYS A 227 -45.41 12.68 22.29
CA LYS A 227 -45.14 13.39 23.53
C LYS A 227 -43.68 13.26 23.95
N SER A 228 -43.13 12.05 23.90
CA SER A 228 -41.75 11.84 24.30
C SER A 228 -40.78 12.70 23.48
N ALA A 229 -41.09 12.86 22.20
CA ALA A 229 -40.24 13.67 21.32
C ALA A 229 -40.38 15.15 21.66
N SER A 230 -41.62 15.61 21.84
CA SER A 230 -41.87 17.01 22.15
C SER A 230 -41.32 17.41 23.52
N LYS A 231 -41.39 16.49 24.48
CA LYS A 231 -40.89 16.75 25.82
C LYS A 231 -39.38 16.96 25.81
N SER A 232 -38.67 16.03 25.17
CA SER A 232 -37.22 16.13 25.07
C SER A 232 -36.82 17.35 24.25
N CYS A 233 -37.62 17.64 23.22
CA CYS A 233 -37.36 18.77 22.35
C CYS A 233 -37.39 20.08 23.15
N ALA A 234 -38.46 20.26 23.92
CA ALA A 234 -38.63 21.49 24.70
C ALA A 234 -37.43 21.76 25.61
N LEU A 235 -36.98 20.73 26.30
CA LEU A 235 -35.84 20.85 27.20
C LEU A 235 -34.55 21.07 26.41
N SER A 236 -34.48 20.49 25.22
CA SER A 236 -33.30 20.61 24.38
C SER A 236 -33.12 22.06 23.93
N LEU A 237 -34.22 22.74 23.63
CA LEU A 237 -34.18 24.15 23.25
C LEU A 237 -33.63 24.99 24.39
N VAL A 238 -33.97 24.63 25.63
CA VAL A 238 -33.47 25.33 26.80
C VAL A 238 -31.95 25.23 26.85
N ARG A 239 -31.42 24.06 26.53
CA ARG A 239 -29.98 23.84 26.50
C ARG A 239 -29.33 24.74 25.46
N GLN A 240 -29.88 24.73 24.25
CA GLN A 240 -29.34 25.52 23.16
C GLN A 240 -29.51 27.02 23.42
N LEU A 241 -30.58 27.38 24.09
CA LEU A 241 -30.84 28.79 24.42
C LEU A 241 -29.88 29.25 25.50
N PHE A 242 -29.43 28.31 26.33
CA PHE A 242 -28.46 28.61 27.37
C PHE A 242 -27.09 28.87 26.76
N HIS A 243 -26.90 28.41 25.52
CA HIS A 243 -25.68 28.71 24.77
C HIS A 243 -25.63 30.17 24.39
N LEU A 244 -26.81 30.79 24.23
CA LEU A 244 -26.88 32.23 24.00
C LEU A 244 -26.72 32.96 25.31
N ASN A 245 -26.94 32.23 26.41
CA ASN A 245 -26.78 32.72 27.77
C ASN A 245 -27.97 33.59 28.12
N VAL A 246 -29.10 33.21 27.57
CA VAL A 246 -30.34 33.96 27.73
C VAL A 246 -31.45 33.09 28.30
N ILE A 247 -31.65 33.18 29.60
CA ILE A 247 -32.71 32.43 30.28
C ILE A 247 -32.62 32.71 31.78
N GLU A 248 -33.74 33.12 32.36
CA GLU A 248 -33.79 33.43 33.78
C GLU A 248 -33.96 32.17 34.60
N PRO A 249 -33.07 31.93 35.57
CA PRO A 249 -33.13 30.73 36.43
C PRO A 249 -34.50 30.58 37.09
N PHE A 250 -35.11 29.41 36.91
CA PHE A 250 -36.48 29.20 37.35
C PHE A 250 -36.52 28.78 38.83
N SER A 251 -37.71 28.77 39.40
CA SER A 251 -37.92 28.30 40.75
C SER A 251 -39.22 27.52 40.82
N GLY A 252 -39.11 26.19 40.85
CA GLY A 252 -40.28 25.34 40.82
C GLY A 252 -40.75 24.95 42.20
N THR A 253 -41.80 24.14 42.27
CA THR A 253 -42.34 23.71 43.54
C THR A 253 -42.71 22.22 43.50
N LEU A 254 -42.06 21.44 44.37
CA LEU A 254 -42.37 20.03 44.50
C LEU A 254 -43.16 19.82 45.79
N LYS A 255 -44.37 19.30 45.66
CA LYS A 255 -45.25 19.12 46.81
C LYS A 255 -45.46 17.65 47.10
N LYS A 256 -45.90 16.91 46.09
CA LYS A 256 -46.20 15.49 46.25
C LYS A 256 -46.28 14.83 44.88
N LYS A 257 -45.46 13.79 44.68
CA LYS A 257 -45.45 13.08 43.39
C LYS A 257 -46.86 12.58 43.04
N LYS A 258 -47.36 13.04 41.90
CA LYS A 258 -48.72 12.77 41.48
C LYS A 258 -48.86 11.34 40.97
N ASP A 259 -49.31 10.46 41.86
CA ASP A 259 -49.52 9.05 41.53
C ASP A 259 -51.00 8.74 41.42
N GLY A 1 6.80 14.42 -45.41
CA GLY A 1 5.48 14.97 -45.11
C GLY A 1 4.60 13.95 -44.41
N ALA A 2 3.65 14.43 -43.62
CA ALA A 2 2.75 13.57 -42.88
C ALA A 2 1.42 14.26 -42.63
N MET A 3 0.51 13.56 -41.96
CA MET A 3 -0.78 14.13 -41.60
C MET A 3 -0.94 14.19 -40.09
N ASP A 4 -1.77 15.09 -39.61
CA ASP A 4 -2.04 15.21 -38.19
C ASP A 4 -3.40 14.61 -37.88
N ILE A 5 -3.70 14.39 -36.62
CA ILE A 5 -4.98 13.78 -36.25
C ILE A 5 -6.14 14.71 -36.62
N LYS A 6 -5.85 16.02 -36.71
CA LYS A 6 -6.83 16.99 -37.18
C LYS A 6 -7.21 16.69 -38.63
N SER A 7 -6.21 16.47 -39.47
CA SER A 7 -6.43 16.22 -40.89
C SER A 7 -6.95 14.81 -41.13
N PHE A 8 -6.75 13.90 -40.17
CA PHE A 8 -7.35 12.58 -40.24
C PHE A 8 -8.86 12.68 -40.10
N LEU A 9 -9.31 13.63 -39.27
CA LEU A 9 -10.73 13.90 -39.14
C LEU A 9 -11.29 14.45 -40.44
N TYR A 10 -10.46 15.20 -41.15
CA TYR A 10 -10.83 15.72 -42.47
C TYR A 10 -11.02 14.57 -43.45
N GLN A 11 -10.12 13.59 -43.38
CA GLN A 11 -10.21 12.41 -44.23
C GLN A 11 -11.49 11.65 -43.95
N PHE A 12 -11.80 11.48 -42.66
CA PHE A 12 -13.01 10.80 -42.23
C PHE A 12 -14.25 11.48 -42.79
N CYS A 13 -14.24 12.80 -42.80
CA CYS A 13 -15.39 13.58 -43.24
C CYS A 13 -15.45 13.68 -44.77
N ALA A 14 -14.33 13.45 -45.41
CA ALA A 14 -14.23 13.57 -46.86
C ALA A 14 -15.15 12.57 -47.59
N LYS A 15 -15.64 11.58 -46.86
CA LYS A 15 -16.61 10.62 -47.40
C LYS A 15 -17.92 11.33 -47.76
N SER A 16 -18.26 12.34 -46.97
CA SER A 16 -19.46 13.14 -47.22
C SER A 16 -19.08 14.55 -47.69
N GLN A 17 -17.77 14.75 -47.88
CA GLN A 17 -17.22 15.99 -48.45
C GLN A 17 -17.43 17.18 -47.52
N ILE A 18 -17.32 16.93 -46.23
CA ILE A 18 -17.36 17.99 -45.23
C ILE A 18 -16.09 17.94 -44.39
N GLU A 19 -16.05 18.70 -43.31
CA GLU A 19 -14.89 18.74 -42.46
C GLU A 19 -15.31 18.95 -41.00
N PRO A 20 -14.43 18.57 -40.05
CA PRO A 20 -14.66 18.81 -38.63
C PRO A 20 -14.63 20.30 -38.29
N LYS A 21 -15.72 20.82 -37.74
CA LYS A 21 -15.81 22.22 -37.39
C LYS A 21 -15.01 22.49 -36.13
N PHE A 22 -13.87 23.15 -36.27
CA PHE A 22 -13.05 23.50 -35.12
C PHE A 22 -13.48 24.84 -34.56
N ASP A 23 -13.44 24.97 -33.25
CA ASP A 23 -13.92 26.17 -32.59
C ASP A 23 -13.10 26.42 -31.33
N ILE A 24 -12.12 27.29 -31.45
CA ILE A 24 -11.26 27.63 -30.33
C ILE A 24 -11.92 28.68 -29.44
N ARG A 25 -12.45 28.25 -28.31
CA ARG A 25 -13.07 29.17 -27.38
C ARG A 25 -12.11 29.45 -26.21
N GLN A 26 -11.69 30.70 -26.09
CA GLN A 26 -10.79 31.08 -25.01
C GLN A 26 -11.59 31.37 -23.74
N THR A 27 -11.60 30.41 -22.83
CA THR A 27 -12.25 30.59 -21.55
C THR A 27 -11.20 30.97 -20.50
N GLY A 28 -11.11 32.25 -20.20
CA GLY A 28 -10.03 32.75 -19.39
C GLY A 28 -10.37 32.88 -17.92
N PRO A 29 -9.64 32.17 -17.05
CA PRO A 29 -9.72 32.37 -15.61
C PRO A 29 -9.05 33.67 -15.19
N LYS A 30 -8.94 33.88 -13.88
CA LYS A 30 -8.38 35.13 -13.35
C LYS A 30 -6.87 35.19 -13.51
N ASN A 31 -6.21 34.03 -13.45
CA ASN A 31 -4.75 34.01 -13.44
C ASN A 31 -4.16 33.88 -14.85
N ARG A 32 -4.87 33.19 -15.74
CA ARG A 32 -4.42 33.01 -17.11
C ARG A 32 -5.64 32.83 -18.00
N GLN A 33 -5.50 31.99 -19.01
CA GLN A 33 -6.60 31.67 -19.89
C GLN A 33 -6.59 30.19 -20.21
N ARG A 34 -7.74 29.65 -20.54
CA ARG A 34 -7.83 28.29 -21.02
C ARG A 34 -8.32 28.30 -22.45
N PHE A 35 -7.87 27.35 -23.23
CA PHE A 35 -8.33 27.22 -24.59
C PHE A 35 -9.16 25.95 -24.74
N LEU A 36 -10.44 26.15 -24.98
CA LEU A 36 -11.35 25.04 -25.22
C LEU A 36 -11.62 24.91 -26.70
N CYS A 37 -11.00 23.92 -27.32
CA CYS A 37 -11.23 23.65 -28.72
C CYS A 37 -12.44 22.73 -28.84
N GLU A 38 -13.52 23.27 -29.38
CA GLU A 38 -14.75 22.52 -29.54
C GLU A 38 -14.86 22.06 -31.00
N VAL A 39 -14.52 20.81 -31.25
CA VAL A 39 -14.53 20.31 -32.61
C VAL A 39 -15.78 19.51 -32.89
N ARG A 40 -16.56 19.98 -33.86
CA ARG A 40 -17.76 19.29 -34.21
C ARG A 40 -17.67 18.70 -35.61
N VAL A 41 -17.31 17.43 -35.63
CA VAL A 41 -17.54 16.54 -36.76
C VAL A 41 -18.70 15.69 -36.31
N GLU A 42 -19.54 15.18 -37.20
CA GLU A 42 -20.81 14.67 -36.76
C GLU A 42 -20.84 13.18 -36.45
N PRO A 43 -20.77 12.83 -35.16
CA PRO A 43 -21.62 11.87 -34.54
C PRO A 43 -22.45 12.61 -33.49
N ASN A 44 -23.73 12.86 -33.77
CA ASN A 44 -24.51 13.88 -33.03
C ASN A 44 -24.64 13.62 -31.53
N THR A 45 -23.98 12.60 -31.01
CA THR A 45 -23.99 12.32 -29.59
C THR A 45 -22.73 12.84 -28.88
N TYR A 46 -21.62 13.00 -29.62
CA TYR A 46 -20.34 13.36 -29.00
C TYR A 46 -19.63 14.47 -29.77
N ILE A 47 -19.23 15.51 -29.05
CA ILE A 47 -18.45 16.61 -29.59
C ILE A 47 -17.04 16.58 -28.99
N GLY A 48 -16.02 16.91 -29.79
CA GLY A 48 -14.65 16.83 -29.28
C GLY A 48 -14.26 18.06 -28.50
N VAL A 49 -14.19 17.92 -27.19
CA VAL A 49 -13.81 19.03 -26.34
C VAL A 49 -12.36 18.89 -25.87
N GLY A 50 -11.51 19.80 -26.32
CA GLY A 50 -10.13 19.77 -25.93
C GLY A 50 -9.73 21.01 -25.17
N ASN A 51 -9.49 20.86 -23.88
CA ASN A 51 -9.08 21.98 -23.05
C ASN A 51 -7.60 21.89 -22.76
N SER A 52 -6.90 22.99 -22.95
CA SER A 52 -5.47 23.07 -22.66
C SER A 52 -5.08 24.51 -22.34
N THR A 53 -3.79 24.74 -22.08
CA THR A 53 -3.33 26.05 -21.67
C THR A 53 -3.05 26.96 -22.87
N ASN A 54 -2.47 26.40 -23.91
CA ASN A 54 -2.14 27.16 -25.09
C ASN A 54 -3.04 26.71 -26.24
N LYS A 55 -3.18 27.55 -27.26
CA LYS A 55 -4.02 27.20 -28.40
C LYS A 55 -3.53 25.92 -29.07
N LYS A 56 -2.21 25.80 -29.19
CA LYS A 56 -1.59 24.71 -29.91
C LYS A 56 -1.96 23.35 -29.31
N ASP A 57 -1.89 23.24 -28.00
CA ASP A 57 -2.25 22.01 -27.31
C ASP A 57 -3.76 21.81 -27.26
N ALA A 58 -4.48 22.90 -27.14
CA ALA A 58 -5.95 22.88 -27.08
C ALA A 58 -6.56 22.25 -28.33
N GLU A 59 -6.20 22.77 -29.50
CA GLU A 59 -6.76 22.27 -30.76
C GLU A 59 -6.38 20.81 -30.97
N LYS A 60 -5.21 20.43 -30.46
CA LYS A 60 -4.74 19.07 -30.59
C LYS A 60 -5.52 18.16 -29.65
N ASN A 61 -5.74 18.63 -28.42
CA ASN A 61 -6.51 17.88 -27.44
C ASN A 61 -7.90 17.57 -27.97
N ALA A 62 -8.54 18.55 -28.59
CA ALA A 62 -9.89 18.39 -29.12
C ALA A 62 -9.99 17.18 -30.04
N CYS A 63 -9.14 17.16 -31.04
CA CYS A 63 -9.18 16.13 -32.06
C CYS A 63 -8.67 14.78 -31.54
N ARG A 64 -7.56 14.79 -30.81
CA ARG A 64 -6.96 13.55 -30.34
C ARG A 64 -7.80 12.90 -29.24
N ASP A 65 -8.68 13.68 -28.62
CA ASP A 65 -9.60 13.14 -27.62
C ASP A 65 -10.78 12.45 -28.31
N PHE A 66 -11.32 13.15 -29.32
CA PHE A 66 -12.49 12.68 -30.06
C PHE A 66 -12.28 11.29 -30.66
N VAL A 67 -11.10 11.07 -31.23
CA VAL A 67 -10.78 9.80 -31.90
C VAL A 67 -10.84 8.61 -30.94
N ASN A 68 -10.66 8.86 -29.64
CA ASN A 68 -10.72 7.77 -28.64
C ASN A 68 -12.08 7.08 -28.69
N TYR A 69 -13.12 7.86 -28.89
CA TYR A 69 -14.47 7.32 -29.02
C TYR A 69 -14.59 6.51 -30.30
N LEU A 70 -13.99 7.04 -31.37
CA LEU A 70 -14.03 6.42 -32.68
C LEU A 70 -13.35 5.06 -32.68
N VAL A 71 -12.21 4.97 -32.01
CA VAL A 71 -11.46 3.72 -31.95
C VAL A 71 -12.13 2.73 -30.99
N ARG A 72 -12.72 3.25 -29.92
CA ARG A 72 -13.34 2.39 -28.92
C ARG A 72 -14.62 1.74 -29.48
N VAL A 73 -15.23 2.38 -30.47
CA VAL A 73 -16.38 1.78 -31.14
C VAL A 73 -15.95 1.07 -32.42
N GLY A 74 -14.64 1.02 -32.66
CA GLY A 74 -14.08 0.29 -33.77
C GLY A 74 -14.39 0.90 -35.12
N LYS A 75 -14.48 2.21 -35.21
CA LYS A 75 -14.75 2.87 -36.48
C LYS A 75 -13.46 3.47 -37.05
N LEU A 76 -12.42 3.51 -36.23
CA LEU A 76 -11.11 3.99 -36.67
C LEU A 76 -10.01 3.13 -36.06
N ASN A 77 -8.81 3.21 -36.63
CA ASN A 77 -7.69 2.41 -36.18
C ASN A 77 -6.96 3.07 -35.02
N THR A 78 -6.40 2.25 -34.15
CA THR A 78 -5.72 2.74 -32.96
C THR A 78 -4.35 3.36 -33.31
N ASN A 79 -3.83 3.02 -34.48
CA ASN A 79 -2.50 3.50 -34.89
C ASN A 79 -2.53 4.97 -35.28
N ASP A 80 -3.71 5.45 -35.63
CA ASP A 80 -3.87 6.82 -36.09
C ASP A 80 -3.97 7.77 -34.91
N VAL A 81 -4.38 7.23 -33.76
CA VAL A 81 -4.39 8.00 -32.53
C VAL A 81 -2.97 8.35 -32.12
N PRO A 82 -2.65 9.64 -31.97
CA PRO A 82 -1.31 10.08 -31.62
C PRO A 82 -0.86 9.59 -30.25
N ALA A 83 0.02 8.59 -30.24
CA ALA A 83 0.62 8.12 -29.01
C ALA A 83 1.90 8.87 -28.75
N ASP A 84 2.39 9.52 -29.81
CA ASP A 84 3.58 10.37 -29.77
C ASP A 84 4.80 9.59 -29.30
N ALA A 85 5.44 8.89 -30.24
CA ALA A 85 6.65 8.13 -29.93
C ALA A 85 7.87 8.80 -30.56
N GLY A 86 7.69 10.03 -31.02
CA GLY A 86 8.76 10.75 -31.69
C GLY A 86 9.77 11.37 -30.72
N ALA A 87 9.69 10.96 -29.45
CA ALA A 87 10.60 11.49 -28.44
C ALA A 87 11.91 10.72 -28.41
N SER A 88 13.01 11.44 -28.22
CA SER A 88 14.31 10.81 -28.10
C SER A 88 14.83 10.93 -26.67
N GLY A 89 16.03 10.41 -26.43
CA GLY A 89 16.60 10.47 -25.11
C GLY A 89 16.26 9.24 -24.28
N GLY A 90 15.96 8.14 -24.94
CA GLY A 90 15.63 6.91 -24.25
C GLY A 90 16.82 5.97 -24.18
N GLY A 91 17.91 6.45 -23.59
CA GLY A 91 19.11 5.64 -23.49
C GLY A 91 19.05 4.63 -22.37
N PRO A 92 20.11 3.84 -22.18
CA PRO A 92 20.16 2.81 -21.13
C PRO A 92 20.50 3.38 -19.75
N ARG A 93 20.00 2.74 -18.71
CA ARG A 93 20.29 3.16 -17.35
C ARG A 93 21.23 2.14 -16.69
N THR A 94 22.41 2.59 -16.31
CA THR A 94 23.43 1.72 -15.75
C THR A 94 23.20 1.49 -14.26
N GLY A 95 22.50 2.42 -13.63
CA GLY A 95 22.21 2.30 -12.20
C GLY A 95 23.21 3.05 -11.35
N LEU A 96 22.72 3.69 -10.30
CA LEU A 96 23.57 4.42 -9.38
C LEU A 96 23.65 3.69 -8.05
N GLU A 97 24.69 3.94 -7.27
CA GLU A 97 24.84 3.31 -5.98
C GLU A 97 25.57 4.23 -4.99
N GLY A 98 25.32 4.02 -3.70
CA GLY A 98 25.92 4.85 -2.68
C GLY A 98 24.89 5.72 -1.99
N ALA A 99 24.01 6.32 -2.77
CA ALA A 99 22.98 7.20 -2.23
C ALA A 99 21.75 6.41 -1.79
N GLY A 100 21.43 6.51 -0.51
CA GLY A 100 20.27 5.82 0.01
C GLY A 100 20.07 6.08 1.49
N MET A 101 19.29 7.11 1.81
CA MET A 101 18.98 7.43 3.21
C MET A 101 17.50 7.18 3.48
N ALA A 102 17.17 6.93 4.74
CA ALA A 102 15.78 6.72 5.15
C ALA A 102 15.20 7.99 5.76
N GLY A 103 13.90 8.18 5.61
CA GLY A 103 13.26 9.38 6.15
C GLY A 103 11.87 9.56 5.59
N GLY A 104 11.48 10.81 5.37
CA GLY A 104 10.17 11.09 4.82
C GLY A 104 9.24 11.73 5.83
N SER A 105 8.01 11.21 5.91
CA SER A 105 7.01 11.69 6.84
C SER A 105 7.52 11.60 8.29
N GLY A 106 8.28 10.55 8.58
CA GLY A 106 8.90 10.41 9.89
C GLY A 106 8.33 9.26 10.69
N GLN A 107 7.01 9.15 10.70
CA GLN A 107 6.30 8.17 11.54
C GLN A 107 6.80 6.74 11.30
N GLN A 108 6.64 6.25 10.08
CA GLN A 108 6.83 4.83 9.79
C GLN A 108 8.31 4.43 9.79
N LYS A 109 9.20 5.39 9.48
CA LYS A 109 10.64 5.12 9.39
C LYS A 109 10.93 4.04 8.33
N ARG A 110 10.01 3.88 7.40
CA ARG A 110 10.08 2.79 6.45
C ARG A 110 11.23 2.97 5.46
N VAL A 111 11.89 1.86 5.16
CA VAL A 111 12.88 1.80 4.11
C VAL A 111 12.80 0.45 3.42
N PHE A 112 12.36 0.45 2.19
CA PHE A 112 12.20 -0.77 1.43
C PHE A 112 13.53 -1.23 0.88
N ASP A 113 14.06 -2.31 1.43
CA ASP A 113 15.34 -2.85 0.98
C ASP A 113 15.21 -3.37 -0.45
N GLY A 114 14.34 -4.34 -0.63
CA GLY A 114 14.10 -4.90 -1.95
C GLY A 114 15.21 -5.83 -2.42
N GLN A 115 16.38 -5.67 -1.84
CA GLN A 115 17.56 -6.43 -2.22
C GLN A 115 17.74 -7.63 -1.29
N SER A 116 17.29 -8.79 -1.72
CA SER A 116 17.44 -10.00 -0.95
C SER A 116 18.61 -10.83 -1.46
N GLY A 117 19.67 -10.90 -0.66
CA GLY A 117 20.82 -11.67 -1.04
C GLY A 117 20.86 -13.02 -0.38
N PRO A 118 21.08 -14.10 -1.15
CA PRO A 118 21.14 -15.46 -0.62
C PRO A 118 22.41 -15.73 0.17
N GLN A 119 22.50 -15.13 1.35
CA GLN A 119 23.62 -15.35 2.23
C GLN A 119 23.26 -16.35 3.31
N ASP A 120 24.22 -17.17 3.74
CA ASP A 120 23.93 -18.23 4.69
C ASP A 120 24.78 -18.10 5.95
N LEU A 121 25.39 -16.94 6.14
CA LEU A 121 26.28 -16.73 7.28
C LEU A 121 25.51 -16.81 8.61
N GLY A 122 24.23 -16.48 8.55
CA GLY A 122 23.41 -16.51 9.76
C GLY A 122 23.06 -17.92 10.18
N GLU A 123 22.92 -18.81 9.21
CA GLU A 123 22.52 -20.18 9.49
C GLU A 123 23.66 -20.96 10.17
N ALA A 124 24.87 -20.40 10.10
CA ALA A 124 26.04 -21.02 10.71
C ALA A 124 25.94 -20.99 12.23
N TYR A 125 25.21 -20.02 12.76
CA TYR A 125 25.12 -19.84 14.21
C TYR A 125 23.88 -20.53 14.77
N ARG A 126 23.45 -21.57 14.10
CA ARG A 126 22.22 -22.25 14.48
C ARG A 126 22.49 -23.27 15.59
N PRO A 127 21.55 -23.39 16.54
CA PRO A 127 21.64 -24.38 17.63
C PRO A 127 21.47 -25.80 17.13
N LEU A 128 21.92 -26.76 17.94
CA LEU A 128 21.84 -28.17 17.58
C LEU A 128 20.42 -28.69 17.74
N ASN A 129 19.62 -28.55 16.70
CA ASN A 129 18.23 -29.00 16.74
C ASN A 129 17.99 -30.18 15.80
N HIS A 130 16.94 -30.94 16.07
CA HIS A 130 16.65 -32.14 15.28
C HIS A 130 15.98 -31.78 13.96
N ASP A 131 16.20 -32.62 12.97
CA ASP A 131 15.69 -32.40 11.61
C ASP A 131 14.19 -32.67 11.54
N GLY A 132 13.63 -32.51 10.36
CA GLY A 132 12.24 -32.84 10.12
C GLY A 132 12.12 -33.85 8.98
N GLY A 133 11.15 -34.75 9.07
CA GLY A 133 11.00 -35.77 8.06
C GLY A 133 9.58 -35.88 7.54
N ASP A 134 9.43 -35.98 6.23
CA ASP A 134 8.11 -36.16 5.62
C ASP A 134 7.77 -37.65 5.49
N GLY A 135 8.76 -38.45 5.15
CA GLY A 135 8.52 -39.87 4.95
C GLY A 135 7.71 -40.11 3.68
N GLY A 136 8.42 -40.27 2.56
CA GLY A 136 7.78 -40.41 1.26
C GLY A 136 6.77 -41.53 1.17
N ASN A 137 6.90 -42.51 2.05
CA ASN A 137 5.96 -43.63 2.09
C ASN A 137 4.56 -43.15 2.50
N ARG A 138 4.52 -42.06 3.27
CA ARG A 138 3.27 -41.41 3.67
C ARG A 138 2.27 -42.40 4.28
N TYR A 139 2.78 -43.26 5.16
CA TYR A 139 1.97 -44.33 5.73
C TYR A 139 1.30 -43.89 7.04
N SER A 140 1.25 -42.59 7.25
CA SER A 140 0.67 -42.03 8.47
C SER A 140 -0.84 -41.87 8.33
N VAL A 141 -1.46 -42.73 7.54
CA VAL A 141 -2.89 -42.66 7.29
C VAL A 141 -3.69 -43.26 8.45
N ILE A 142 -3.06 -44.23 9.11
CA ILE A 142 -3.69 -44.93 10.23
C ILE A 142 -2.72 -45.01 11.39
N ASP A 143 -2.85 -44.09 12.35
CA ASP A 143 -2.00 -44.15 13.52
C ASP A 143 -2.79 -44.42 14.80
N ARG A 144 -3.57 -43.43 15.24
CA ARG A 144 -4.24 -43.51 16.53
C ARG A 144 -5.69 -43.95 16.39
N ILE A 145 -6.57 -43.09 15.85
CA ILE A 145 -7.97 -43.48 15.75
C ILE A 145 -8.26 -44.02 14.36
N GLN A 146 -8.58 -43.15 13.38
CA GLN A 146 -8.47 -43.56 12.00
C GLN A 146 -7.47 -42.72 11.23
N GLU A 147 -7.93 -41.53 10.82
CA GLU A 147 -7.17 -40.63 9.96
C GLU A 147 -6.83 -39.36 10.70
N GLN A 148 -7.09 -39.41 11.99
CA GLN A 148 -7.02 -38.26 12.89
C GLN A 148 -5.75 -37.42 12.72
N ARG A 149 -5.89 -36.33 12.00
CA ARG A 149 -4.83 -35.33 11.91
C ARG A 149 -5.16 -34.20 12.88
N ASP A 150 -6.36 -34.30 13.40
CA ASP A 150 -6.89 -33.37 14.38
C ASP A 150 -6.42 -33.77 15.78
N MET A 151 -6.86 -34.95 16.21
CA MET A 151 -6.40 -35.58 17.47
C MET A 151 -4.96 -36.10 17.32
N ASN A 152 -4.29 -35.61 16.29
CA ASN A 152 -3.06 -36.20 15.75
C ASN A 152 -2.12 -36.76 16.83
N GLU A 153 -1.69 -35.94 17.79
CA GLU A 153 -0.91 -36.47 18.89
C GLU A 153 -1.73 -36.58 20.17
N ALA A 154 -1.94 -35.45 20.82
CA ALA A 154 -2.80 -35.38 21.99
C ALA A 154 -4.10 -34.65 21.67
N GLU A 155 -3.97 -33.33 21.50
CA GLU A 155 -5.12 -32.47 21.26
C GLU A 155 -5.24 -32.12 19.78
N ALA A 156 -4.18 -31.53 19.24
CA ALA A 156 -4.20 -31.03 17.86
C ALA A 156 -2.79 -31.00 17.28
N PHE A 157 -2.65 -30.37 16.12
CA PHE A 157 -1.36 -30.21 15.46
C PHE A 157 -0.69 -28.90 15.86
N ASP A 158 0.61 -28.82 15.64
CA ASP A 158 1.41 -27.67 16.06
C ASP A 158 1.65 -26.70 14.91
N VAL A 159 1.12 -27.02 13.73
CA VAL A 159 1.36 -26.20 12.53
C VAL A 159 0.70 -24.81 12.67
N ASN A 160 -0.20 -24.66 13.62
CA ASN A 160 -0.82 -23.36 13.89
C ASN A 160 0.21 -22.40 14.49
N ALA A 161 1.21 -22.98 15.14
CA ALA A 161 2.27 -22.18 15.76
C ALA A 161 3.27 -21.71 14.69
N ALA A 162 3.24 -22.35 13.54
CA ALA A 162 4.16 -22.03 12.45
C ALA A 162 3.99 -20.60 11.96
N ILE A 163 2.77 -20.05 12.10
CA ILE A 163 2.51 -18.67 11.68
C ILE A 163 3.14 -17.69 12.66
N HIS A 164 3.47 -18.18 13.86
CA HIS A 164 4.18 -17.38 14.85
C HIS A 164 5.68 -17.59 14.73
N GLY A 165 6.09 -18.26 13.66
CA GLY A 165 7.49 -18.55 13.46
C GLY A 165 7.86 -19.94 13.93
N ASN A 166 6.84 -20.71 14.35
CA ASN A 166 7.02 -22.05 14.91
C ASN A 166 7.63 -21.93 16.30
N TRP A 167 7.63 -20.70 16.79
CA TRP A 167 8.22 -20.39 18.07
C TRP A 167 7.19 -20.53 19.18
N THR A 168 7.35 -21.58 19.96
CA THR A 168 6.53 -21.76 21.13
C THR A 168 7.14 -21.00 22.29
N ILE A 169 6.31 -20.21 22.98
CA ILE A 169 6.78 -19.27 23.99
C ILE A 169 7.65 -19.92 25.07
N GLU A 170 7.49 -21.22 25.28
CA GLU A 170 8.26 -21.91 26.30
C GLU A 170 9.72 -22.08 25.86
N ASN A 171 9.93 -22.25 24.56
CA ASN A 171 11.27 -22.37 24.01
C ASN A 171 11.79 -21.00 23.61
N ALA A 172 10.87 -20.13 23.22
CA ALA A 172 11.21 -18.80 22.73
C ALA A 172 11.57 -17.84 23.86
N LYS A 173 11.17 -18.19 25.09
CA LYS A 173 11.35 -17.29 26.23
C LYS A 173 12.83 -16.99 26.50
N GLU A 174 13.68 -18.00 26.36
CA GLU A 174 15.10 -17.84 26.63
C GLU A 174 15.77 -17.03 25.52
N ARG A 175 15.22 -17.11 24.32
CA ARG A 175 15.83 -16.46 23.16
C ARG A 175 15.75 -14.95 23.30
N LEU A 176 14.74 -14.49 24.03
CA LEU A 176 14.57 -13.06 24.27
C LEU A 176 15.55 -12.59 25.34
N ASN A 177 16.00 -13.52 26.17
CA ASN A 177 16.97 -13.20 27.21
C ASN A 177 18.33 -12.89 26.60
N ILE A 178 18.64 -13.53 25.48
CA ILE A 178 19.87 -13.22 24.74
C ILE A 178 19.80 -11.81 24.18
N TYR A 179 18.61 -11.42 23.74
CA TYR A 179 18.39 -10.07 23.24
C TYR A 179 18.62 -9.06 24.36
N LYS A 180 18.10 -9.40 25.54
CA LYS A 180 18.33 -8.60 26.75
C LYS A 180 19.82 -8.56 27.10
N GLN A 181 20.47 -9.72 26.97
CA GLN A 181 21.91 -9.85 27.24
C GLN A 181 22.72 -8.95 26.31
N THR A 182 22.59 -9.19 25.01
CA THR A 182 23.47 -8.55 24.03
C THR A 182 23.28 -7.03 23.98
N ASN A 183 22.10 -6.55 24.30
CA ASN A 183 21.84 -5.10 24.27
C ASN A 183 21.79 -4.50 25.67
N ASN A 184 22.14 -5.31 26.68
CA ASN A 184 22.13 -4.88 28.07
C ASN A 184 20.81 -4.20 28.44
N ILE A 185 19.72 -4.80 28.00
CA ILE A 185 18.39 -4.21 28.18
C ILE A 185 17.97 -4.23 29.64
N ARG A 186 18.00 -3.05 30.25
CA ARG A 186 17.42 -2.86 31.57
C ARG A 186 16.01 -2.30 31.43
N ASP A 187 15.04 -3.19 31.50
CA ASP A 187 13.64 -2.85 31.35
C ASP A 187 12.80 -4.07 31.66
N ASP A 188 11.57 -3.85 32.10
CA ASP A 188 10.69 -4.95 32.46
C ASP A 188 9.28 -4.72 31.93
N TYR A 189 8.42 -5.72 32.13
CA TYR A 189 7.05 -5.67 31.64
C TYR A 189 6.26 -4.63 32.44
N LYS A 190 5.79 -3.60 31.77
CA LYS A 190 4.93 -2.62 32.41
C LYS A 190 3.56 -3.22 32.63
N TYR A 191 3.38 -3.82 33.80
CA TYR A 191 2.12 -4.41 34.17
C TYR A 191 1.07 -3.33 34.40
N THR A 192 0.10 -3.28 33.51
CA THR A 192 -0.93 -2.27 33.55
C THR A 192 -2.29 -2.89 33.89
N PRO A 193 -2.80 -2.60 35.08
CA PRO A 193 -4.09 -3.14 35.54
C PRO A 193 -5.26 -2.65 34.68
N VAL A 194 -6.04 -3.61 34.20
CA VAL A 194 -7.28 -3.31 33.48
C VAL A 194 -8.37 -3.02 34.51
N GLY A 195 -9.51 -2.53 34.05
CA GLY A 195 -10.63 -2.24 34.94
C GLY A 195 -10.96 -3.39 35.89
N PRO A 196 -11.67 -3.09 36.99
CA PRO A 196 -11.98 -4.08 38.05
C PRO A 196 -12.83 -5.25 37.56
N GLU A 197 -13.43 -5.97 38.50
CA GLU A 197 -14.13 -7.24 38.22
C GLU A 197 -15.11 -7.15 37.05
N HIS A 198 -15.70 -5.98 36.81
CA HIS A 198 -16.63 -5.79 35.70
C HIS A 198 -15.93 -6.04 34.36
N ALA A 199 -14.64 -5.78 34.29
CA ALA A 199 -13.86 -5.96 33.08
C ALA A 199 -12.56 -6.68 33.40
N ARG A 200 -12.65 -7.59 34.37
CA ARG A 200 -11.51 -8.28 34.93
C ARG A 200 -10.58 -8.89 33.87
N SER A 201 -9.42 -8.26 33.73
CA SER A 201 -8.36 -8.72 32.87
C SER A 201 -7.06 -8.04 33.31
N PHE A 202 -5.96 -8.37 32.68
CA PHE A 202 -4.70 -7.75 33.02
C PHE A 202 -3.92 -7.45 31.74
N LEU A 203 -3.14 -6.40 31.76
CA LEU A 203 -2.40 -5.98 30.58
C LEU A 203 -0.91 -5.84 30.91
N ALA A 204 -0.06 -6.14 29.96
CA ALA A 204 1.37 -6.01 30.14
C ALA A 204 2.04 -5.59 28.85
N GLU A 205 2.76 -4.48 28.88
CA GLU A 205 3.53 -4.04 27.74
C GLU A 205 5.03 -4.19 28.00
N LEU A 206 5.70 -4.88 27.11
CA LEU A 206 7.15 -5.01 27.18
C LEU A 206 7.76 -4.21 26.04
N SER A 207 8.77 -3.43 26.37
CA SER A 207 9.42 -2.60 25.38
C SER A 207 10.85 -3.06 25.16
N ILE A 208 11.32 -2.94 23.94
CA ILE A 208 12.65 -3.34 23.59
C ILE A 208 13.57 -2.13 23.55
N TYR A 209 14.79 -2.32 24.05
CA TYR A 209 15.77 -1.25 24.08
C TYR A 209 16.34 -1.07 22.69
N VAL A 210 16.42 0.18 22.23
CA VAL A 210 16.75 0.50 20.84
C VAL A 210 18.02 -0.21 20.35
N PRO A 211 17.83 -1.18 19.43
CA PRO A 211 18.94 -1.89 18.80
C PRO A 211 19.66 -1.04 17.77
N ALA A 212 20.53 -1.69 16.99
CA ALA A 212 21.31 -1.01 15.97
C ALA A 212 20.42 -0.36 14.92
N LEU A 213 19.18 -0.84 14.82
CA LEU A 213 18.23 -0.32 13.86
C LEU A 213 17.69 1.04 14.28
N ASN A 214 17.94 1.41 15.53
CA ASN A 214 17.46 2.69 16.08
C ASN A 214 15.94 2.75 16.08
N ARG A 215 15.31 1.58 16.09
CA ARG A 215 13.86 1.51 16.16
C ARG A 215 13.48 0.81 17.44
N THR A 216 12.25 0.98 17.88
CA THR A 216 11.79 0.32 19.09
C THR A 216 10.43 -0.32 18.84
N VAL A 217 10.25 -1.52 19.39
CA VAL A 217 8.98 -2.20 19.34
C VAL A 217 8.52 -2.54 20.74
N THR A 218 7.23 -2.42 20.97
CA THR A 218 6.66 -2.73 22.26
C THR A 218 5.46 -3.64 22.09
N ALA A 219 5.38 -4.68 22.91
CA ALA A 219 4.27 -5.61 22.82
C ALA A 219 3.28 -5.35 23.94
N ARG A 220 2.13 -4.83 23.57
CA ARG A 220 1.04 -4.63 24.51
C ARG A 220 0.08 -5.79 24.42
N GLU A 221 0.19 -6.72 25.36
CA GLU A 221 -0.61 -7.92 25.32
C GLU A 221 -1.41 -8.09 26.61
N SER A 222 -2.58 -8.71 26.49
CA SER A 222 -3.49 -8.87 27.61
C SER A 222 -3.51 -10.32 28.09
N GLY A 223 -3.77 -10.49 29.37
CA GLY A 223 -3.88 -11.81 29.94
C GLY A 223 -4.84 -11.82 31.11
N SER A 224 -5.34 -12.99 31.47
CA SER A 224 -6.24 -13.10 32.60
C SER A 224 -5.46 -13.27 33.91
N ASN A 225 -4.14 -13.39 33.77
CA ASN A 225 -3.28 -13.61 34.92
C ASN A 225 -1.99 -12.79 34.80
N LYS A 226 -1.41 -12.45 35.94
CA LYS A 226 -0.18 -11.67 36.01
C LYS A 226 0.93 -12.32 35.18
N LYS A 227 1.10 -13.63 35.34
CA LYS A 227 2.15 -14.37 34.64
C LYS A 227 1.77 -14.59 33.17
N SER A 228 0.50 -14.85 32.93
CA SER A 228 0.02 -15.13 31.58
C SER A 228 0.16 -13.91 30.68
N ALA A 229 0.01 -12.73 31.27
CA ALA A 229 0.13 -11.48 30.54
C ALA A 229 1.54 -11.31 29.97
N SER A 230 2.54 -11.44 30.83
CA SER A 230 3.92 -11.26 30.41
C SER A 230 4.39 -12.42 29.53
N LYS A 231 3.89 -13.62 29.83
CA LYS A 231 4.19 -14.79 29.01
C LYS A 231 3.74 -14.57 27.57
N SER A 232 2.52 -14.06 27.40
CA SER A 232 1.97 -13.83 26.07
C SER A 232 2.67 -12.64 25.41
N CYS A 233 3.00 -11.63 26.23
CA CYS A 233 3.65 -10.43 25.75
C CYS A 233 4.95 -10.75 25.01
N ALA A 234 5.76 -11.63 25.59
CA ALA A 234 7.03 -12.01 25.00
C ALA A 234 6.84 -12.74 23.67
N LEU A 235 5.79 -13.54 23.58
CA LEU A 235 5.49 -14.29 22.38
C LEU A 235 5.15 -13.34 21.23
N SER A 236 4.31 -12.35 21.52
CA SER A 236 3.90 -11.38 20.52
C SER A 236 5.08 -10.48 20.11
N LEU A 237 6.07 -10.38 20.99
CA LEU A 237 7.25 -9.58 20.72
C LEU A 237 8.07 -10.14 19.56
N VAL A 238 8.24 -11.46 19.50
CA VAL A 238 9.07 -12.09 18.47
C VAL A 238 8.60 -11.72 17.06
N ARG A 239 7.29 -11.49 16.92
CA ARG A 239 6.69 -11.15 15.64
C ARG A 239 7.01 -9.71 15.24
N GLN A 240 6.95 -8.79 16.21
CA GLN A 240 7.21 -7.37 15.94
C GLN A 240 8.70 -7.09 15.95
N LEU A 241 9.42 -7.82 16.78
CA LEU A 241 10.86 -7.65 16.95
C LEU A 241 11.59 -8.01 15.66
N PHE A 242 10.90 -8.73 14.78
CA PHE A 242 11.46 -9.12 13.47
C PHE A 242 12.04 -7.91 12.73
N HIS A 243 11.41 -6.75 12.89
CA HIS A 243 11.85 -5.53 12.22
C HIS A 243 13.18 -5.02 12.78
N LEU A 244 13.60 -5.58 13.91
CA LEU A 244 14.81 -5.13 14.58
C LEU A 244 15.92 -6.18 14.52
N ASN A 245 15.89 -7.06 13.52
CA ASN A 245 16.87 -8.16 13.42
C ASN A 245 16.66 -9.14 14.56
N VAL A 246 15.49 -9.76 14.56
CA VAL A 246 15.04 -10.58 15.67
C VAL A 246 15.76 -11.95 15.71
N ILE A 247 15.37 -12.76 16.68
CA ILE A 247 15.86 -14.12 16.85
C ILE A 247 15.59 -14.95 15.60
N GLU A 248 16.45 -15.92 15.34
CA GLU A 248 16.38 -16.71 14.12
C GLU A 248 15.00 -17.39 13.95
N PRO A 249 14.50 -17.45 12.70
CA PRO A 249 13.29 -18.21 12.40
C PRO A 249 13.47 -19.68 12.75
N PHE A 250 12.47 -20.27 13.38
CA PHE A 250 12.57 -21.64 13.86
C PHE A 250 12.69 -22.61 12.69
N SER A 251 13.79 -23.35 12.67
CA SER A 251 14.04 -24.34 11.65
C SER A 251 14.97 -25.41 12.21
N GLY A 252 14.50 -26.64 12.19
CA GLY A 252 15.26 -27.73 12.79
C GLY A 252 15.93 -28.61 11.76
N THR A 253 17.26 -28.68 11.83
CA THR A 253 18.06 -29.56 10.99
C THR A 253 19.54 -29.39 11.30
N LEU A 254 20.01 -30.17 12.26
CA LEU A 254 21.42 -30.13 12.68
C LEU A 254 21.68 -31.18 13.77
N LYS A 255 22.00 -32.39 13.36
CA LYS A 255 22.33 -33.44 14.31
C LYS A 255 23.82 -33.45 14.59
N LYS A 256 24.51 -32.49 14.00
CA LYS A 256 25.94 -32.31 14.20
C LYS A 256 26.22 -31.92 15.65
N LYS A 257 26.84 -32.81 16.40
CA LYS A 257 27.22 -32.53 17.78
C LYS A 257 28.52 -31.74 17.83
N LYS A 258 28.91 -31.31 19.01
CA LYS A 258 30.10 -30.48 19.19
C LYS A 258 31.35 -31.24 18.76
N ASP A 259 32.26 -30.53 18.09
CA ASP A 259 33.54 -31.11 17.67
C ASP A 259 34.48 -31.27 18.85
N GLY A 1 6.47 14.19 -43.07
CA GLY A 1 6.69 12.76 -42.96
C GLY A 1 5.66 12.09 -42.08
N ALA A 2 4.56 12.79 -41.83
CA ALA A 2 3.46 12.26 -41.03
C ALA A 2 2.25 13.19 -41.13
N MET A 3 1.07 12.61 -41.06
CA MET A 3 -0.15 13.39 -41.07
C MET A 3 -0.63 13.63 -39.65
N ASP A 4 -1.28 14.76 -39.43
CA ASP A 4 -1.77 15.14 -38.12
C ASP A 4 -3.06 14.38 -37.82
N ILE A 5 -3.35 14.17 -36.53
CA ILE A 5 -4.56 13.49 -36.12
C ILE A 5 -5.81 14.25 -36.61
N LYS A 6 -5.71 15.57 -36.64
CA LYS A 6 -6.81 16.38 -37.12
C LYS A 6 -6.82 16.40 -38.64
N SER A 7 -5.65 16.25 -39.23
CA SER A 7 -5.53 16.16 -40.69
C SER A 7 -6.31 14.94 -41.19
N PHE A 8 -6.17 13.82 -40.50
CA PHE A 8 -6.96 12.63 -40.80
C PHE A 8 -8.45 12.90 -40.58
N LEU A 9 -8.76 13.65 -39.52
CA LEU A 9 -10.13 14.00 -39.21
C LEU A 9 -10.76 14.82 -40.33
N TYR A 10 -9.99 15.74 -40.90
CA TYR A 10 -10.41 16.50 -42.07
C TYR A 10 -10.83 15.57 -43.20
N GLN A 11 -9.96 14.61 -43.51
CA GLN A 11 -10.20 13.68 -44.61
C GLN A 11 -11.33 12.70 -44.27
N PHE A 12 -11.41 12.30 -43.01
CA PHE A 12 -12.48 11.41 -42.55
C PHE A 12 -13.84 12.07 -42.77
N CYS A 13 -13.91 13.37 -42.51
CA CYS A 13 -15.14 14.12 -42.72
C CYS A 13 -15.40 14.37 -44.20
N ALA A 14 -14.33 14.56 -44.95
CA ALA A 14 -14.42 14.79 -46.39
C ALA A 14 -15.06 13.60 -47.10
N LYS A 15 -14.97 12.43 -46.49
CA LYS A 15 -15.59 11.23 -47.02
C LYS A 15 -17.11 11.32 -46.92
N SER A 16 -17.59 12.19 -46.05
CA SER A 16 -19.02 12.47 -45.92
C SER A 16 -19.34 13.82 -46.57
N GLN A 17 -18.32 14.41 -47.20
CA GLN A 17 -18.41 15.72 -47.84
C GLN A 17 -18.75 16.81 -46.83
N ILE A 18 -18.25 16.66 -45.62
CA ILE A 18 -18.42 17.67 -44.58
C ILE A 18 -17.06 18.11 -44.05
N GLU A 19 -17.05 19.14 -43.21
CA GLU A 19 -15.81 19.64 -42.66
C GLU A 19 -15.82 19.52 -41.15
N PRO A 20 -14.65 19.24 -40.56
CA PRO A 20 -14.48 19.23 -39.10
C PRO A 20 -14.77 20.60 -38.51
N LYS A 21 -15.93 20.75 -37.90
CA LYS A 21 -16.30 22.02 -37.29
C LYS A 21 -15.50 22.23 -36.02
N PHE A 22 -14.46 23.03 -36.11
CA PHE A 22 -13.65 23.35 -34.95
C PHE A 22 -14.17 24.60 -34.28
N ASP A 23 -14.64 24.44 -33.06
CA ASP A 23 -15.15 25.55 -32.29
C ASP A 23 -14.08 25.89 -31.28
N ILE A 24 -13.29 26.87 -31.63
CA ILE A 24 -12.17 27.25 -30.82
C ILE A 24 -12.61 28.35 -29.88
N ARG A 25 -12.93 27.96 -28.66
CA ARG A 25 -13.49 28.86 -27.69
C ARG A 25 -12.46 29.25 -26.65
N GLN A 26 -12.03 30.49 -26.73
CA GLN A 26 -11.01 31.00 -25.82
C GLN A 26 -11.67 31.66 -24.62
N THR A 27 -11.69 30.95 -23.52
CA THR A 27 -12.16 31.50 -22.28
C THR A 27 -10.97 31.82 -21.38
N GLY A 28 -10.70 33.10 -21.22
CA GLY A 28 -9.53 33.52 -20.48
C GLY A 28 -9.84 33.96 -19.06
N PRO A 29 -9.59 33.10 -18.07
CA PRO A 29 -9.68 33.49 -16.67
C PRO A 29 -8.53 34.42 -16.32
N LYS A 30 -8.69 35.16 -15.24
CA LYS A 30 -7.69 36.15 -14.84
C LYS A 30 -6.42 35.49 -14.31
N ASN A 31 -6.52 34.23 -13.93
CA ASN A 31 -5.36 33.52 -13.39
C ASN A 31 -4.49 32.94 -14.50
N ARG A 32 -5.13 32.53 -15.59
CA ARG A 32 -4.44 31.90 -16.70
C ARG A 32 -5.44 31.46 -17.74
N GLN A 33 -5.16 31.81 -18.98
CA GLN A 33 -6.02 31.47 -20.11
C GLN A 33 -6.13 29.95 -20.28
N ARG A 34 -7.26 29.50 -20.81
CA ARG A 34 -7.42 28.11 -21.17
C ARG A 34 -8.25 28.01 -22.45
N PHE A 35 -7.66 27.41 -23.47
CA PHE A 35 -8.31 27.24 -24.75
C PHE A 35 -9.16 25.98 -24.78
N LEU A 36 -10.41 26.13 -25.17
CA LEU A 36 -11.31 25.00 -25.33
C LEU A 36 -11.64 24.81 -26.80
N CYS A 37 -11.21 23.69 -27.34
CA CYS A 37 -11.44 23.38 -28.74
C CYS A 37 -12.48 22.29 -28.84
N GLU A 38 -13.72 22.67 -29.10
CA GLU A 38 -14.79 21.72 -29.24
C GLU A 38 -14.96 21.36 -30.72
N VAL A 39 -14.69 20.11 -31.05
CA VAL A 39 -14.71 19.66 -32.44
C VAL A 39 -16.02 18.94 -32.77
N ARG A 40 -16.72 19.44 -33.77
CA ARG A 40 -17.99 18.86 -34.20
C ARG A 40 -17.88 18.30 -35.61
N VAL A 41 -17.73 16.99 -35.67
CA VAL A 41 -17.71 16.22 -36.91
C VAL A 41 -18.71 15.09 -36.74
N GLU A 42 -19.19 14.43 -37.81
CA GLU A 42 -20.27 13.49 -37.59
C GLU A 42 -19.85 12.04 -37.39
N PRO A 43 -19.69 11.65 -36.13
CA PRO A 43 -20.35 10.55 -35.52
C PRO A 43 -21.28 11.18 -34.49
N ASN A 44 -22.44 11.61 -34.96
CA ASN A 44 -23.17 12.77 -34.40
C ASN A 44 -23.69 12.58 -32.97
N THR A 45 -23.27 11.54 -32.30
CA THR A 45 -23.67 11.31 -30.92
C THR A 45 -22.63 11.84 -29.93
N TYR A 46 -21.53 12.39 -30.45
CA TYR A 46 -20.43 12.82 -29.58
C TYR A 46 -19.79 14.13 -30.05
N ILE A 47 -19.28 14.90 -29.10
CA ILE A 47 -18.51 16.12 -29.39
C ILE A 47 -17.20 16.07 -28.60
N GLY A 48 -16.08 16.33 -29.27
CA GLY A 48 -14.79 16.27 -28.61
C GLY A 48 -14.41 17.60 -27.99
N VAL A 49 -13.95 17.57 -26.75
CA VAL A 49 -13.62 18.80 -26.03
C VAL A 49 -12.17 18.79 -25.58
N GLY A 50 -11.37 19.67 -26.16
CA GLY A 50 -9.98 19.77 -25.77
C GLY A 50 -9.71 21.03 -24.98
N ASN A 51 -8.93 20.93 -23.90
CA ASN A 51 -8.66 22.08 -23.04
C ASN A 51 -7.21 22.08 -22.55
N SER A 52 -6.46 23.06 -23.03
CA SER A 52 -5.08 23.27 -22.59
C SER A 52 -4.84 24.74 -22.30
N THR A 53 -3.61 25.07 -21.90
CA THR A 53 -3.26 26.44 -21.55
C THR A 53 -3.24 27.36 -22.78
N ASN A 54 -2.70 26.85 -23.90
CA ASN A 54 -2.66 27.65 -25.11
C ASN A 54 -3.30 26.91 -26.27
N LYS A 55 -3.34 27.58 -27.41
CA LYS A 55 -4.04 27.07 -28.59
C LYS A 55 -3.31 25.88 -29.21
N LYS A 56 -1.99 25.89 -29.15
CA LYS A 56 -1.18 24.87 -29.81
C LYS A 56 -1.44 23.48 -29.23
N ASP A 57 -1.42 23.35 -27.92
CA ASP A 57 -1.68 22.05 -27.28
C ASP A 57 -3.12 21.64 -27.52
N ALA A 58 -4.00 22.64 -27.48
CA ALA A 58 -5.42 22.42 -27.65
C ALA A 58 -5.76 21.83 -29.02
N GLU A 59 -4.96 22.15 -30.04
CA GLU A 59 -5.16 21.57 -31.36
C GLU A 59 -4.95 20.06 -31.32
N LYS A 60 -4.22 19.60 -30.31
CA LYS A 60 -3.95 18.18 -30.12
C LYS A 60 -5.03 17.54 -29.26
N ASN A 61 -5.25 18.11 -28.07
CA ASN A 61 -6.16 17.50 -27.09
C ASN A 61 -7.61 17.46 -27.57
N ALA A 62 -7.98 18.40 -28.41
CA ALA A 62 -9.34 18.45 -28.96
C ALA A 62 -9.63 17.20 -29.78
N CYS A 63 -8.76 16.92 -30.74
CA CYS A 63 -9.00 15.84 -31.67
C CYS A 63 -8.89 14.47 -30.99
N ARG A 64 -7.87 14.31 -30.15
CA ARG A 64 -7.64 13.02 -29.47
C ARG A 64 -8.77 12.72 -28.48
N ASP A 65 -9.46 13.76 -28.04
CA ASP A 65 -10.58 13.59 -27.10
C ASP A 65 -11.75 12.91 -27.81
N PHE A 66 -11.90 13.25 -29.09
CA PHE A 66 -12.97 12.67 -29.90
C PHE A 66 -12.59 11.25 -30.29
N VAL A 67 -11.36 11.09 -30.75
CA VAL A 67 -10.81 9.80 -31.18
C VAL A 67 -11.14 8.65 -30.23
N ASN A 68 -11.14 8.90 -28.92
CA ASN A 68 -11.41 7.84 -27.95
C ASN A 68 -12.73 7.14 -28.22
N TYR A 69 -13.75 7.92 -28.58
CA TYR A 69 -15.05 7.36 -28.95
C TYR A 69 -15.10 7.09 -30.45
N LEU A 70 -14.49 7.99 -31.20
CA LEU A 70 -14.48 7.92 -32.66
C LEU A 70 -13.88 6.62 -33.17
N VAL A 71 -12.76 6.19 -32.59
CA VAL A 71 -12.13 4.93 -32.98
C VAL A 71 -12.79 3.78 -32.24
N ARG A 72 -13.39 4.09 -31.09
CA ARG A 72 -14.03 3.09 -30.26
C ARG A 72 -15.21 2.45 -31.01
N VAL A 73 -15.90 3.24 -31.81
CA VAL A 73 -17.02 2.75 -32.59
C VAL A 73 -16.58 2.23 -33.95
N GLY A 74 -15.27 2.16 -34.15
CA GLY A 74 -14.73 1.56 -35.36
C GLY A 74 -14.97 2.38 -36.62
N LYS A 75 -15.14 3.69 -36.47
CA LYS A 75 -15.35 4.55 -37.63
C LYS A 75 -14.02 5.09 -38.15
N LEU A 76 -13.14 5.46 -37.24
CA LEU A 76 -11.81 5.93 -37.62
C LEU A 76 -10.79 4.84 -37.34
N ASN A 77 -9.67 4.86 -38.08
CA ASN A 77 -8.66 3.83 -37.97
C ASN A 77 -7.71 4.13 -36.80
N THR A 78 -7.22 3.07 -36.16
CA THR A 78 -6.35 3.21 -35.01
C THR A 78 -4.93 3.63 -35.41
N ASN A 79 -4.59 3.38 -36.65
CA ASN A 79 -3.25 3.73 -37.16
C ASN A 79 -3.19 5.21 -37.52
N ASP A 80 -4.36 5.80 -37.69
CA ASP A 80 -4.47 7.22 -38.02
C ASP A 80 -4.09 8.06 -36.80
N VAL A 81 -4.24 7.44 -35.62
CA VAL A 81 -3.97 8.11 -34.36
C VAL A 81 -2.48 8.13 -34.07
N PRO A 82 -1.91 9.33 -33.85
CA PRO A 82 -0.50 9.49 -33.47
C PRO A 82 -0.21 8.80 -32.14
N ALA A 83 0.33 7.60 -32.22
CA ALA A 83 0.57 6.76 -31.05
C ALA A 83 1.97 6.96 -30.50
N ASP A 84 2.67 7.97 -30.99
CA ASP A 84 4.03 8.25 -30.52
C ASP A 84 3.98 8.89 -29.14
N ALA A 85 4.73 8.31 -28.21
CA ALA A 85 4.71 8.75 -26.83
C ALA A 85 6.00 9.49 -26.46
N GLY A 86 6.70 9.97 -27.48
CA GLY A 86 7.94 10.70 -27.25
C GLY A 86 7.70 12.09 -26.70
N ALA A 87 6.51 12.62 -26.98
CA ALA A 87 6.15 13.95 -26.52
C ALA A 87 5.70 13.94 -25.07
N SER A 88 5.51 15.12 -24.51
CA SER A 88 5.01 15.24 -23.16
C SER A 88 3.47 15.19 -23.17
N GLY A 89 2.88 15.22 -21.99
CA GLY A 89 1.45 15.13 -21.86
C GLY A 89 0.98 13.70 -21.71
N GLY A 90 1.72 12.94 -20.92
CA GLY A 90 1.38 11.54 -20.68
C GLY A 90 1.75 11.11 -19.28
N GLY A 91 1.45 11.95 -18.31
CA GLY A 91 1.79 11.67 -16.93
C GLY A 91 0.78 10.74 -16.27
N PRO A 92 1.25 9.62 -15.70
CA PRO A 92 0.40 8.66 -15.02
C PRO A 92 0.27 8.96 -13.52
N ARG A 93 -0.96 9.09 -13.05
CA ARG A 93 -1.20 9.33 -11.63
C ARG A 93 -1.24 8.01 -10.87
N THR A 94 -0.32 7.85 -9.94
CA THR A 94 -0.22 6.63 -9.15
C THR A 94 -0.75 6.86 -7.74
N GLY A 95 -0.48 8.03 -7.18
CA GLY A 95 -0.92 8.34 -5.84
C GLY A 95 -0.10 7.64 -4.77
N LEU A 96 1.05 8.21 -4.45
CA LEU A 96 1.88 7.69 -3.38
C LEU A 96 1.46 8.32 -2.07
N GLU A 97 0.83 7.53 -1.20
CA GLU A 97 0.29 8.05 0.04
C GLU A 97 0.34 6.98 1.13
N GLY A 98 0.63 7.41 2.34
CA GLY A 98 0.74 6.52 3.47
C GLY A 98 1.14 7.26 4.73
N ALA A 99 0.81 8.55 4.76
CA ALA A 99 1.16 9.41 5.88
C ALA A 99 0.00 9.54 6.84
N GLY A 100 0.26 9.27 8.11
CA GLY A 100 -0.78 9.35 9.11
C GLY A 100 -0.32 8.84 10.46
N MET A 101 0.26 9.73 11.26
CA MET A 101 0.73 9.35 12.59
C MET A 101 -0.26 9.82 13.66
N ALA A 102 -0.70 8.88 14.47
CA ALA A 102 -1.65 9.16 15.53
C ALA A 102 -1.27 8.39 16.79
N GLY A 103 -1.69 8.89 17.94
CA GLY A 103 -1.36 8.26 19.19
C GLY A 103 -0.87 9.24 20.23
N GLY A 104 -0.08 8.75 21.16
CA GLY A 104 0.37 9.57 22.27
C GLY A 104 -0.75 9.81 23.26
N SER A 105 -1.46 8.74 23.58
CA SER A 105 -2.63 8.82 24.45
C SER A 105 -2.23 9.16 25.88
N GLY A 106 -1.07 8.67 26.31
CA GLY A 106 -0.61 8.91 27.66
C GLY A 106 -1.30 8.00 28.66
N GLN A 107 -0.71 6.85 28.92
CA GLN A 107 -1.32 5.86 29.80
C GLN A 107 -0.52 5.71 31.09
N GLN A 108 0.63 6.36 31.18
CA GLN A 108 1.49 6.26 32.35
C GLN A 108 0.93 7.03 33.55
N LYS A 109 -0.19 7.73 33.35
CA LYS A 109 -0.75 8.57 34.42
C LYS A 109 -1.36 7.74 35.54
N ARG A 110 -1.18 8.22 36.76
CA ARG A 110 -1.78 7.62 37.95
C ARG A 110 -2.17 8.74 38.89
N VAL A 111 -3.45 8.79 39.26
CA VAL A 111 -3.95 9.91 40.04
C VAL A 111 -4.43 9.47 41.42
N PHE A 112 -4.18 10.31 42.40
CA PHE A 112 -4.68 10.10 43.75
C PHE A 112 -5.09 11.45 44.34
N ASP A 113 -6.31 11.52 44.86
CA ASP A 113 -6.81 12.77 45.42
C ASP A 113 -6.32 12.97 46.84
N GLY A 114 -6.41 11.91 47.64
CA GLY A 114 -5.89 11.97 49.00
C GLY A 114 -6.86 12.57 49.98
N GLN A 115 -7.22 11.79 51.00
CA GLN A 115 -8.08 12.29 52.06
C GLN A 115 -7.34 12.24 53.39
N SER A 116 -7.24 13.39 54.05
CA SER A 116 -6.47 13.51 55.28
C SER A 116 -7.33 13.22 56.50
N GLY A 117 -7.08 12.10 57.15
CA GLY A 117 -7.79 11.76 58.36
C GLY A 117 -6.99 12.13 59.60
N PRO A 118 -7.45 13.15 60.35
CA PRO A 118 -6.77 13.62 61.55
C PRO A 118 -7.25 12.90 62.81
N GLN A 119 -6.33 12.67 63.74
CA GLN A 119 -6.66 12.10 65.02
C GLN A 119 -6.75 13.17 66.08
N ASP A 120 -7.96 13.40 66.58
CA ASP A 120 -8.20 14.38 67.62
C ASP A 120 -7.99 13.75 69.00
N LEU A 121 -7.16 12.71 69.03
CA LEU A 121 -6.91 11.95 70.25
C LEU A 121 -6.39 12.84 71.37
N GLY A 122 -5.35 13.61 71.08
CA GLY A 122 -4.75 14.47 72.08
C GLY A 122 -5.66 15.63 72.45
N GLU A 123 -6.45 16.07 71.49
CA GLU A 123 -7.36 17.21 71.69
C GLU A 123 -8.60 16.76 72.46
N ALA A 124 -8.79 15.45 72.59
CA ALA A 124 -9.90 14.91 73.36
C ALA A 124 -9.63 15.05 74.85
N TYR A 125 -8.37 14.90 75.22
CA TYR A 125 -7.96 15.00 76.62
C TYR A 125 -7.56 16.43 76.97
N ARG A 126 -8.34 17.38 76.46
CA ARG A 126 -8.08 18.80 76.68
C ARG A 126 -8.56 19.21 78.07
N PRO A 127 -7.86 20.15 78.73
CA PRO A 127 -8.22 20.63 80.05
C PRO A 127 -9.43 21.57 80.03
N LEU A 128 -10.14 21.63 81.14
CA LEU A 128 -11.32 22.47 81.26
C LEU A 128 -11.01 23.68 82.14
N ASN A 129 -11.81 24.72 82.01
CA ASN A 129 -11.66 25.92 82.83
C ASN A 129 -12.79 25.98 83.86
N HIS A 130 -12.42 25.83 85.12
CA HIS A 130 -13.42 25.82 86.18
C HIS A 130 -12.94 26.62 87.39
N ASP A 131 -13.78 27.54 87.86
CA ASP A 131 -13.53 28.23 89.12
C ASP A 131 -14.20 27.47 90.25
N GLY A 132 -13.55 27.43 91.40
CA GLY A 132 -14.10 26.69 92.53
C GLY A 132 -13.59 27.19 93.86
N GLY A 133 -13.10 28.41 93.87
CA GLY A 133 -12.65 29.02 95.10
C GLY A 133 -13.70 29.94 95.69
N ASP A 134 -14.26 29.54 96.83
CA ASP A 134 -15.31 30.33 97.47
C ASP A 134 -14.78 31.65 98.02
N GLY A 135 -13.50 31.66 98.39
CA GLY A 135 -12.88 32.88 98.85
C GLY A 135 -12.69 32.91 100.34
N GLY A 136 -12.29 31.77 100.90
CA GLY A 136 -12.03 31.70 102.33
C GLY A 136 -10.57 31.89 102.65
N ASN A 137 -9.78 32.08 101.60
CA ASN A 137 -8.34 32.23 101.74
C ASN A 137 -7.96 33.68 101.93
N ARG A 138 -8.96 34.55 101.97
CA ARG A 138 -8.71 35.98 102.10
C ARG A 138 -8.91 36.43 103.56
N TYR A 139 -8.74 35.49 104.47
CA TYR A 139 -8.97 35.76 105.88
C TYR A 139 -7.66 35.91 106.64
N SER A 140 -6.60 36.23 105.92
CA SER A 140 -5.29 36.43 106.51
C SER A 140 -5.16 37.85 107.09
N VAL A 141 -6.30 38.53 107.19
CA VAL A 141 -6.36 39.91 107.68
C VAL A 141 -5.51 40.83 106.79
N ILE A 142 -5.35 40.41 105.54
CA ILE A 142 -4.58 41.17 104.59
C ILE A 142 -5.45 42.15 103.83
N ASP A 143 -5.35 43.39 104.26
CA ASP A 143 -6.10 44.48 103.66
C ASP A 143 -5.24 45.22 102.64
N ARG A 144 -3.93 45.24 102.91
CA ARG A 144 -2.97 45.95 102.09
C ARG A 144 -2.99 45.44 100.65
N ILE A 145 -2.76 44.14 100.50
CA ILE A 145 -2.68 43.51 99.18
C ILE A 145 -4.07 43.40 98.52
N GLN A 146 -5.08 43.93 99.17
CA GLN A 146 -6.43 43.85 98.66
C GLN A 146 -6.81 45.11 97.90
N GLU A 147 -6.25 46.24 98.30
CA GLU A 147 -6.59 47.51 97.68
C GLU A 147 -5.84 47.70 96.36
N GLN A 148 -4.82 46.87 96.15
CA GLN A 148 -4.07 46.96 94.91
C GLN A 148 -4.68 46.07 93.83
N ARG A 149 -5.26 46.72 92.84
CA ARG A 149 -5.91 46.01 91.74
C ARG A 149 -4.96 45.90 90.56
N ASP A 150 -3.76 46.43 90.74
CA ASP A 150 -2.72 46.44 89.71
C ASP A 150 -2.15 45.04 89.49
N MET A 151 -2.69 44.07 90.22
CA MET A 151 -2.19 42.70 90.20
C MET A 151 -2.53 41.94 88.91
N ASN A 152 -3.03 42.66 87.91
CA ASN A 152 -3.39 42.04 86.64
C ASN A 152 -2.16 41.77 85.81
N GLU A 153 -1.09 42.51 86.10
CA GLU A 153 0.15 42.43 85.34
C GLU A 153 0.81 41.04 85.49
N ALA A 154 0.51 40.38 86.61
CA ALA A 154 1.11 39.09 86.91
C ALA A 154 0.66 38.02 85.91
N GLU A 155 -0.64 37.87 85.74
CA GLU A 155 -1.18 36.90 84.78
C GLU A 155 -1.22 37.51 83.38
N ALA A 156 -2.13 38.46 83.20
CA ALA A 156 -2.31 39.13 81.92
C ALA A 156 -3.34 40.24 82.07
N PHE A 157 -3.09 41.37 81.42
CA PHE A 157 -4.04 42.47 81.41
C PHE A 157 -4.90 42.40 80.15
N ASP A 158 -6.19 42.20 80.35
CA ASP A 158 -7.10 42.00 79.22
C ASP A 158 -7.78 43.30 78.85
N VAL A 159 -7.45 44.38 79.55
CA VAL A 159 -8.04 45.70 79.31
C VAL A 159 -7.93 46.11 77.84
N ASN A 160 -6.81 45.75 77.20
CA ASN A 160 -6.60 46.05 75.79
C ASN A 160 -7.64 45.37 74.91
N ALA A 161 -7.97 44.13 75.25
CA ALA A 161 -8.97 43.37 74.50
C ALA A 161 -10.36 43.78 74.94
N ALA A 162 -10.50 44.10 76.22
CA ALA A 162 -11.78 44.48 76.80
C ALA A 162 -12.41 45.67 76.07
N ILE A 163 -11.57 46.62 75.65
CA ILE A 163 -12.04 47.80 74.93
C ILE A 163 -12.31 47.46 73.47
N HIS A 164 -12.05 46.21 73.09
CA HIS A 164 -12.34 45.73 71.73
C HIS A 164 -13.44 44.69 71.75
N GLY A 165 -13.90 44.34 72.95
CA GLY A 165 -14.95 43.36 73.09
C GLY A 165 -14.44 42.02 73.60
N ASN A 166 -13.22 42.03 74.16
CA ASN A 166 -12.60 40.84 74.74
C ASN A 166 -12.44 39.71 73.72
N TRP A 167 -12.49 40.07 72.43
CA TRP A 167 -12.31 39.08 71.38
C TRP A 167 -10.83 38.90 71.09
N THR A 168 -10.25 37.85 71.65
CA THR A 168 -8.86 37.53 71.40
C THR A 168 -8.67 36.02 71.31
N ILE A 169 -8.62 35.51 70.08
CA ILE A 169 -8.45 34.08 69.81
C ILE A 169 -8.51 33.85 68.30
N GLU A 170 -8.12 32.67 67.86
CA GLU A 170 -8.10 32.33 66.43
C GLU A 170 -9.51 32.28 65.83
N ASN A 171 -10.50 31.94 66.64
CA ASN A 171 -11.87 31.79 66.16
C ASN A 171 -12.43 33.12 65.67
N ALA A 172 -11.91 34.21 66.21
CA ALA A 172 -12.35 35.55 65.81
C ALA A 172 -12.03 35.79 64.35
N LYS A 173 -10.87 35.30 63.93
CA LYS A 173 -10.43 35.44 62.55
C LYS A 173 -11.35 34.69 61.59
N GLU A 174 -11.75 33.49 62.02
CA GLU A 174 -12.57 32.63 61.19
C GLU A 174 -13.97 33.19 61.03
N ARG A 175 -14.42 33.95 62.02
CA ARG A 175 -15.78 34.48 62.01
C ARG A 175 -15.92 35.63 61.02
N LEU A 176 -14.80 36.25 60.66
CA LEU A 176 -14.78 37.28 59.64
C LEU A 176 -15.02 36.66 58.26
N ASN A 177 -14.62 35.40 58.12
CA ASN A 177 -14.77 34.66 56.87
C ASN A 177 -16.24 34.55 56.48
N ILE A 178 -17.09 34.25 57.47
CA ILE A 178 -18.53 34.13 57.23
C ILE A 178 -19.12 35.48 56.78
N TYR A 179 -18.65 36.56 57.41
CA TYR A 179 -19.14 37.90 57.10
C TYR A 179 -18.90 38.24 55.63
N LYS A 180 -17.66 38.06 55.21
CA LYS A 180 -17.26 38.27 53.82
C LYS A 180 -18.11 37.42 52.89
N GLN A 181 -18.20 36.14 53.23
CA GLN A 181 -18.89 35.15 52.42
C GLN A 181 -20.36 35.52 52.19
N THR A 182 -21.10 35.69 53.28
CA THR A 182 -22.54 35.87 53.20
C THR A 182 -22.93 37.20 52.56
N ASN A 183 -22.04 38.18 52.62
CA ASN A 183 -22.31 39.48 52.01
C ASN A 183 -21.86 39.51 50.56
N ASN A 184 -21.24 38.42 50.11
CA ASN A 184 -20.78 38.28 48.72
C ASN A 184 -19.78 39.37 48.37
N ILE A 185 -18.98 39.78 49.33
CA ILE A 185 -17.98 40.82 49.13
C ILE A 185 -16.58 40.22 49.10
N ARG A 186 -15.68 40.85 48.38
CA ARG A 186 -14.29 40.43 48.35
C ARG A 186 -13.37 41.61 48.65
N ASP A 187 -12.44 41.40 49.56
CA ASP A 187 -11.51 42.45 49.99
C ASP A 187 -10.13 41.86 50.22
N ASP A 188 -9.21 42.67 50.69
CA ASP A 188 -7.83 42.24 50.91
C ASP A 188 -7.12 43.12 51.93
N TYR A 189 -6.12 42.54 52.60
CA TYR A 189 -5.37 43.24 53.63
C TYR A 189 -4.42 44.29 53.04
N LYS A 190 -4.62 45.54 53.45
CA LYS A 190 -3.64 46.58 53.22
C LYS A 190 -2.59 46.53 54.33
N TYR A 191 -1.51 47.26 54.15
CA TYR A 191 -0.47 47.35 55.16
C TYR A 191 0.38 48.58 54.93
N THR A 192 0.93 49.11 56.00
CA THR A 192 1.79 50.27 55.94
C THR A 192 3.19 49.91 56.41
N PRO A 193 4.14 49.84 55.46
CA PRO A 193 5.53 49.50 55.77
C PRO A 193 6.22 50.59 56.58
N VAL A 194 6.50 50.27 57.84
CA VAL A 194 7.21 51.19 58.71
C VAL A 194 8.72 51.05 58.47
N GLY A 195 9.51 51.93 59.08
CA GLY A 195 10.95 51.93 58.90
C GLY A 195 11.59 50.55 58.98
N PRO A 196 12.73 50.34 58.28
CA PRO A 196 13.38 49.03 58.16
C PRO A 196 13.87 48.47 59.51
N GLU A 197 15.09 48.81 59.87
CA GLU A 197 15.68 48.29 61.09
C GLU A 197 15.47 49.22 62.28
N HIS A 198 15.80 50.50 62.11
CA HIS A 198 15.79 51.44 63.23
C HIS A 198 14.38 51.81 63.66
N ALA A 199 13.41 51.41 62.84
CA ALA A 199 12.01 51.63 63.13
C ALA A 199 11.20 50.39 62.80
N ARG A 200 11.80 49.23 63.07
CA ARG A 200 11.22 47.95 62.67
C ARG A 200 9.83 47.74 63.27
N SER A 201 8.83 47.93 62.44
CA SER A 201 7.45 47.67 62.79
C SER A 201 6.64 47.47 61.51
N PHE A 202 5.50 46.82 61.60
CA PHE A 202 4.65 46.65 60.45
C PHE A 202 3.18 46.85 60.82
N LEU A 203 2.52 47.76 60.14
CA LEU A 203 1.11 48.02 60.39
C LEU A 203 0.28 47.40 59.27
N ALA A 204 -0.82 46.79 59.62
CA ALA A 204 -1.71 46.22 58.63
C ALA A 204 -3.10 46.82 58.75
N GLU A 205 -3.79 46.98 57.62
CA GLU A 205 -5.12 47.56 57.62
C GLU A 205 -6.05 46.73 56.76
N LEU A 206 -6.97 46.05 57.40
CA LEU A 206 -7.99 45.33 56.67
C LEU A 206 -9.26 46.16 56.64
N SER A 207 -9.76 46.39 55.45
CA SER A 207 -10.93 47.20 55.27
C SER A 207 -12.13 46.31 55.03
N ILE A 208 -13.26 46.67 55.59
CA ILE A 208 -14.48 45.94 55.36
C ILE A 208 -15.29 46.63 54.29
N TYR A 209 -15.63 45.91 53.24
CA TYR A 209 -16.34 46.48 52.12
C TYR A 209 -17.80 46.65 52.49
N VAL A 210 -18.37 47.78 52.07
CA VAL A 210 -19.72 48.17 52.46
C VAL A 210 -20.73 47.05 52.28
N PRO A 211 -21.41 46.67 53.37
CA PRO A 211 -22.49 45.70 53.35
C PRO A 211 -23.75 46.30 52.72
N ALA A 212 -24.89 45.64 52.90
CA ALA A 212 -26.15 46.13 52.35
C ALA A 212 -26.54 47.49 52.96
N LEU A 213 -25.87 47.87 54.04
CA LEU A 213 -26.14 49.14 54.70
C LEU A 213 -25.24 50.25 54.15
N ASN A 214 -24.31 49.88 53.26
CA ASN A 214 -23.43 50.83 52.59
C ASN A 214 -22.55 51.61 53.57
N ARG A 215 -22.37 51.07 54.76
CA ARG A 215 -21.57 51.75 55.78
C ARG A 215 -20.16 51.17 55.82
N THR A 216 -19.18 52.03 56.09
CA THR A 216 -17.77 51.65 55.98
C THR A 216 -17.16 51.26 57.32
N VAL A 217 -16.27 50.27 57.28
CA VAL A 217 -15.54 49.82 58.47
C VAL A 217 -14.06 49.60 58.10
N THR A 218 -13.15 50.05 58.93
CA THR A 218 -11.72 49.89 58.67
C THR A 218 -10.95 49.69 59.98
N ALA A 219 -9.75 49.11 59.88
CA ALA A 219 -8.92 48.87 61.07
C ALA A 219 -7.45 48.88 60.71
N ARG A 220 -6.65 49.48 61.58
CA ARG A 220 -5.22 49.46 61.42
C ARG A 220 -4.56 48.88 62.66
N GLU A 221 -3.89 47.77 62.48
CA GLU A 221 -3.25 47.07 63.58
C GLU A 221 -1.74 47.07 63.40
N SER A 222 -1.02 47.21 64.50
CA SER A 222 0.43 47.29 64.45
C SER A 222 1.09 46.05 65.07
N GLY A 223 2.04 45.47 64.35
CA GLY A 223 2.74 44.31 64.85
C GLY A 223 4.21 44.37 64.54
N SER A 224 4.98 43.44 65.11
CA SER A 224 6.40 43.38 64.88
C SER A 224 6.70 42.52 63.64
N ASN A 225 5.68 41.85 63.16
CA ASN A 225 5.82 40.98 62.00
C ASN A 225 4.70 41.24 61.01
N LYS A 226 5.02 41.18 59.72
CA LYS A 226 4.05 41.43 58.64
C LYS A 226 2.82 40.52 58.76
N LYS A 227 3.05 39.26 59.11
CA LYS A 227 1.96 38.30 59.25
C LYS A 227 1.31 38.40 60.63
N SER A 228 2.05 38.99 61.57
CA SER A 228 1.54 39.16 62.92
C SER A 228 0.54 40.32 62.96
N ALA A 229 0.85 41.39 62.23
CA ALA A 229 -0.05 42.54 62.13
C ALA A 229 -1.38 42.12 61.53
N SER A 230 -1.30 41.40 60.42
CA SER A 230 -2.48 40.93 59.71
C SER A 230 -3.22 39.86 60.52
N LYS A 231 -2.51 39.26 61.47
CA LYS A 231 -3.08 38.23 62.31
C LYS A 231 -4.14 38.84 63.24
N SER A 232 -3.78 39.95 63.89
CA SER A 232 -4.63 40.57 64.90
C SER A 232 -5.62 41.56 64.29
N CYS A 233 -5.28 42.10 63.11
CA CYS A 233 -6.10 43.14 62.48
C CYS A 233 -7.57 42.73 62.32
N ALA A 234 -7.81 41.43 62.17
CA ALA A 234 -9.18 40.92 62.03
C ALA A 234 -9.94 41.01 63.35
N LEU A 235 -9.20 40.98 64.45
CA LEU A 235 -9.81 41.05 65.77
C LEU A 235 -10.08 42.51 66.13
N SER A 236 -9.19 43.39 65.68
CA SER A 236 -9.36 44.82 65.85
C SER A 236 -10.61 45.29 65.11
N LEU A 237 -10.95 44.56 64.04
CA LEU A 237 -12.12 44.87 63.22
C LEU A 237 -13.43 44.61 63.95
N VAL A 238 -13.45 43.58 64.80
CA VAL A 238 -14.69 43.14 65.45
C VAL A 238 -15.37 44.29 66.19
N ARG A 239 -14.57 45.14 66.85
CA ARG A 239 -15.13 46.27 67.60
C ARG A 239 -15.77 47.30 66.67
N GLN A 240 -15.11 47.54 65.54
CA GLN A 240 -15.60 48.51 64.58
C GLN A 240 -16.78 47.93 63.78
N LEU A 241 -16.70 46.63 63.55
CA LEU A 241 -17.71 45.92 62.79
C LEU A 241 -19.05 45.93 63.53
N PHE A 242 -18.97 45.90 64.86
CA PHE A 242 -20.16 45.91 65.72
C PHE A 242 -21.09 47.09 65.40
N HIS A 243 -20.51 48.16 64.83
CA HIS A 243 -21.27 49.38 64.54
C HIS A 243 -22.36 49.14 63.48
N LEU A 244 -22.33 47.97 62.85
CA LEU A 244 -23.29 47.65 61.78
C LEU A 244 -24.29 46.60 62.24
N ASN A 245 -24.49 46.48 63.55
CA ASN A 245 -25.36 45.45 64.13
C ASN A 245 -24.74 44.07 63.84
N VAL A 246 -23.54 43.90 64.37
CA VAL A 246 -22.74 42.71 64.15
C VAL A 246 -22.35 42.13 65.51
N ILE A 247 -21.44 41.15 65.52
CA ILE A 247 -21.14 40.35 66.70
C ILE A 247 -20.82 41.22 67.91
N GLU A 248 -21.58 40.97 68.98
CA GLU A 248 -21.52 41.76 70.20
C GLU A 248 -20.16 41.67 70.90
N PRO A 249 -19.81 42.70 71.68
CA PRO A 249 -18.63 42.68 72.53
C PRO A 249 -18.76 41.64 73.64
N PHE A 250 -17.83 40.71 73.68
CA PHE A 250 -17.85 39.63 74.65
C PHE A 250 -17.36 40.13 76.00
N SER A 251 -17.72 39.41 77.04
CA SER A 251 -17.27 39.73 78.39
C SER A 251 -17.28 38.49 79.26
N GLY A 252 -16.10 37.95 79.53
CA GLY A 252 -15.99 36.77 80.37
C GLY A 252 -14.87 36.92 81.37
N THR A 253 -15.14 36.57 82.62
CA THR A 253 -14.16 36.71 83.68
C THR A 253 -13.08 35.63 83.61
N LEU A 254 -12.02 35.91 82.87
CA LEU A 254 -10.86 35.04 82.81
C LEU A 254 -9.61 35.89 82.74
N LYS A 255 -8.72 35.71 83.69
CA LYS A 255 -7.55 36.55 83.81
C LYS A 255 -6.41 36.02 82.94
N LYS A 256 -6.00 34.80 83.24
CA LYS A 256 -4.90 34.18 82.54
C LYS A 256 -5.45 33.34 81.39
N LYS A 257 -5.05 33.68 80.17
CA LYS A 257 -5.63 33.06 78.99
C LYS A 257 -4.60 32.21 78.25
N LYS A 258 -5.09 31.34 77.39
CA LYS A 258 -4.23 30.49 76.58
C LYS A 258 -4.75 30.41 75.15
N ASP A 259 -4.06 31.08 74.23
CA ASP A 259 -4.44 31.06 72.81
C ASP A 259 -4.04 29.75 72.16
#